data_9EG4
#
_entry.id   9EG4
#
_cell.length_a   1.00
_cell.length_b   1.00
_cell.length_c   1.00
_cell.angle_alpha   90.00
_cell.angle_beta   90.00
_cell.angle_gamma   90.00
#
_symmetry.space_group_name_H-M   'P 1'
#
loop_
_entity.id
_entity.type
_entity.pdbx_description
1 polymer 'Phage major capsid protein'
2 polymer orf16
#
loop_
_entity_poly.entity_id
_entity_poly.type
_entity_poly.pdbx_seq_one_letter_code
_entity_poly.pdbx_strand_id
1 'polypeptide(L)'
;MSLALSQIEIQQFLSEAHAEFQSEGFLLQGAVRTKSGTKGSIVHFPVFGEGMANQKAPQDDITPMNVSNRDAEAVIEDWY
ASEYADRSFQNKLAVNAVEEYAKLCAWAIGRRADQINIDTIAGATYSATPNDQQGALVPVGTTGFTFEKLRQAHRWLRQR
SANRGKRTVIIDAIAEEQLLNVEQLTNSFYVNQKILDNDGLHGMTFLGMNFIVIPSMQEGGLPTTGGGTVGRAFFINEMA
VGYAQSERLGGDISWENIKTSYLINMWMEAGAVVIDPKGLVEVDYLLEP
;
A,C,E,D,F,B,G
2 'polypeptide(L)'
;MAFGINYMGRVSTSANNDTQKVWIYNGTATGSNETVATIAASGYFNAFMVNVALGKGPLGVGDLIIINGNDASAFYTVQT
ITPNVTVSVFAASGVVGTSNIQDGAVTANKLATDSVTTVKILDDNVTSDKIAASVLKYVAVPLTAANIIAMNGAPVQVLA
AGGANTVHLVEHACLMMTYGTTQFTGGGAIGLQYGNTAALAGEAASSTIAAANVQGAASTMDMVEGALSSGAFTAVANLG
LFISNNTAAFAAGDSDFVLHLWYRTVPTV
;
H,I,J,K,L,M,N
#
# COMPACT_ATOMS: atom_id res chain seq x y z
N SER A 2 21.67 62.30 -95.13
CA SER A 2 23.13 62.37 -95.09
C SER A 2 23.72 61.06 -94.61
N LEU A 3 24.93 60.75 -95.07
CA LEU A 3 25.58 59.50 -94.67
C LEU A 3 26.05 59.55 -93.23
N ALA A 4 25.99 60.71 -92.57
CA ALA A 4 26.37 60.81 -91.17
C ALA A 4 25.43 60.06 -90.25
N LEU A 5 24.28 59.59 -90.75
CA LEU A 5 23.37 58.81 -89.94
C LEU A 5 24.00 57.52 -89.45
N SER A 6 25.07 57.06 -90.08
CA SER A 6 25.74 55.85 -89.61
C SER A 6 26.41 56.05 -88.26
N GLN A 7 26.58 57.29 -87.82
CA GLN A 7 27.18 57.56 -86.53
C GLN A 7 26.25 57.23 -85.37
N ILE A 8 24.96 57.07 -85.61
CA ILE A 8 24.01 56.77 -84.54
C ILE A 8 23.30 55.46 -84.84
N GLU A 9 23.96 54.58 -85.58
CA GLU A 9 23.41 53.27 -85.87
C GLU A 9 23.29 52.45 -84.59
N ILE A 10 22.27 51.60 -84.52
CA ILE A 10 22.00 50.80 -83.34
C ILE A 10 22.45 49.37 -83.59
N GLN A 11 22.50 48.59 -82.51
CA GLN A 11 22.80 47.17 -82.56
C GLN A 11 21.73 46.42 -81.79
N GLN A 12 21.38 45.24 -82.29
CA GLN A 12 20.33 44.43 -81.69
C GLN A 12 20.92 43.22 -80.99
N PHE A 13 20.46 42.96 -79.78
CA PHE A 13 20.88 41.81 -78.99
C PHE A 13 19.71 40.85 -78.87
N LEU A 14 19.90 39.63 -79.36
CA LEU A 14 18.83 38.65 -79.41
C LEU A 14 18.57 38.07 -78.03
N SER A 15 17.33 37.62 -77.82
CA SER A 15 16.92 37.03 -76.55
C SER A 15 16.91 35.51 -76.57
N GLU A 16 16.97 34.89 -77.74
CA GLU A 16 17.07 33.44 -77.85
C GLU A 16 18.54 33.06 -77.85
N ALA A 17 18.98 32.41 -76.78
CA ALA A 17 20.39 32.09 -76.59
C ALA A 17 20.73 30.74 -77.19
N HIS A 18 21.92 30.67 -77.79
CA HIS A 18 22.45 29.41 -78.28
C HIS A 18 23.18 28.69 -77.15
N ALA A 19 22.90 27.41 -76.99
CA ALA A 19 23.59 26.58 -76.03
C ALA A 19 24.68 25.79 -76.74
N GLU A 20 25.88 25.80 -76.18
CA GLU A 20 26.99 25.06 -76.77
C GLU A 20 26.62 23.58 -76.87
N PHE A 21 26.99 22.97 -77.98
CA PHE A 21 26.51 21.63 -78.32
C PHE A 21 26.73 20.66 -77.17
N GLN A 22 25.62 20.08 -76.71
CA GLN A 22 25.64 19.19 -75.56
C GLN A 22 24.46 18.23 -75.69
N SER A 23 24.51 17.16 -74.90
CA SER A 23 23.43 16.20 -74.87
C SER A 23 22.29 16.73 -74.00
N GLU A 24 21.06 16.50 -74.46
CA GLU A 24 19.90 16.92 -73.69
C GLU A 24 19.58 15.97 -72.54
N GLY A 25 20.19 14.79 -72.53
CA GLY A 25 19.96 13.84 -71.46
C GLY A 25 18.74 12.98 -71.70
N PHE A 26 18.51 12.08 -70.75
CA PHE A 26 17.38 11.15 -70.79
C PHE A 26 17.39 10.30 -72.06
N LEU A 27 18.57 10.05 -72.61
CA LEU A 27 18.68 9.24 -73.81
C LEU A 27 18.30 7.79 -73.56
N LEU A 28 18.62 7.27 -72.37
CA LEU A 28 18.41 5.87 -72.07
C LEU A 28 17.07 5.59 -71.41
N GLN A 29 16.25 6.60 -71.19
CA GLN A 29 14.87 6.35 -70.78
C GLN A 29 14.14 5.65 -71.93
N GLY A 30 13.46 4.57 -71.60
CA GLY A 30 12.85 3.72 -72.60
C GLY A 30 13.73 2.57 -73.04
N ALA A 31 15.03 2.65 -72.80
CA ALA A 31 15.94 1.54 -73.03
C ALA A 31 16.06 0.64 -71.81
N VAL A 32 15.67 1.12 -70.64
CA VAL A 32 15.70 0.33 -69.42
C VAL A 32 14.30 0.30 -68.82
N ARG A 33 14.14 -0.38 -67.71
CA ARG A 33 12.85 -0.49 -67.02
C ARG A 33 12.80 0.60 -65.96
N THR A 34 12.07 1.68 -66.25
CA THR A 34 11.98 2.82 -65.36
C THR A 34 10.77 2.69 -64.45
N LYS A 35 10.94 3.07 -63.19
CA LYS A 35 9.86 3.08 -62.20
C LYS A 35 9.83 4.45 -61.56
N SER A 36 8.72 5.16 -61.74
CA SER A 36 8.61 6.52 -61.23
C SER A 36 7.96 6.56 -59.86
N GLY A 37 8.24 7.63 -59.13
CA GLY A 37 7.64 7.84 -57.82
C GLY A 37 8.03 6.83 -56.77
N THR A 38 9.29 6.41 -56.75
CA THR A 38 9.75 5.49 -55.73
C THR A 38 10.12 6.26 -54.46
N LYS A 39 10.32 5.51 -53.39
CA LYS A 39 10.65 6.07 -52.08
C LYS A 39 11.74 5.26 -51.44
N GLY A 40 12.39 5.87 -50.44
CA GLY A 40 13.39 5.19 -49.64
C GLY A 40 14.79 5.34 -50.22
N SER A 41 15.76 4.90 -49.42
CA SER A 41 17.16 4.94 -49.82
C SER A 41 17.54 3.76 -50.70
N ILE A 42 16.83 2.64 -50.59
CA ILE A 42 17.07 1.46 -51.40
C ILE A 42 15.74 0.98 -51.93
N VAL A 43 15.69 0.68 -53.23
CA VAL A 43 14.49 0.15 -53.88
C VAL A 43 14.75 -1.29 -54.28
N HIS A 44 13.84 -2.18 -53.91
CA HIS A 44 14.00 -3.61 -54.15
C HIS A 44 13.12 -4.03 -55.31
N PHE A 45 13.71 -4.75 -56.26
CA PHE A 45 12.99 -5.30 -57.40
C PHE A 45 12.79 -6.79 -57.20
N PRO A 46 11.59 -7.26 -56.92
CA PRO A 46 11.39 -8.71 -56.78
C PRO A 46 11.56 -9.41 -58.12
N VAL A 47 12.04 -10.66 -58.05
CA VAL A 47 12.29 -11.48 -59.22
C VAL A 47 11.67 -12.84 -59.01
N PHE A 48 10.95 -13.32 -60.02
CA PHE A 48 10.34 -14.64 -60.01
C PHE A 48 11.05 -15.55 -61.01
N GLY A 49 11.10 -16.84 -60.69
CA GLY A 49 11.79 -17.79 -61.54
C GLY A 49 10.95 -18.22 -62.71
N GLU A 50 10.88 -19.53 -62.96
CA GLU A 50 10.14 -20.03 -64.10
C GLU A 50 9.53 -21.38 -63.75
N GLY A 51 8.23 -21.52 -63.99
CA GLY A 51 7.54 -22.76 -63.72
C GLY A 51 7.54 -23.69 -64.91
N MET A 52 6.91 -24.84 -64.73
CA MET A 52 6.83 -25.85 -65.77
C MET A 52 5.59 -26.69 -65.57
N ALA A 53 4.95 -27.07 -66.67
CA ALA A 53 3.79 -27.95 -66.61
C ALA A 53 4.23 -29.40 -66.67
N ASN A 54 3.66 -30.23 -65.80
CA ASN A 54 3.94 -31.66 -65.78
C ASN A 54 2.64 -32.43 -65.91
N GLN A 55 2.73 -33.75 -65.78
CA GLN A 55 1.59 -34.64 -65.89
C GLN A 55 1.44 -35.44 -64.61
N LYS A 56 0.26 -36.02 -64.44
CA LYS A 56 -0.02 -36.84 -63.27
C LYS A 56 -1.16 -37.78 -63.59
N ALA A 57 -1.28 -38.83 -62.79
CA ALA A 57 -2.40 -39.73 -62.92
C ALA A 57 -3.69 -39.05 -62.46
N PRO A 58 -4.83 -39.43 -63.03
CA PRO A 58 -6.09 -38.89 -62.54
C PRO A 58 -6.30 -39.23 -61.06
N GLN A 59 -6.93 -38.31 -60.35
CA GLN A 59 -7.23 -38.41 -58.93
C GLN A 59 -5.99 -38.46 -58.05
N ASP A 60 -4.83 -38.13 -58.59
CA ASP A 60 -3.60 -38.09 -57.81
C ASP A 60 -3.31 -36.66 -57.39
N ASP A 61 -2.59 -36.52 -56.29
CA ASP A 61 -2.26 -35.20 -55.77
C ASP A 61 -1.40 -34.43 -56.75
N ILE A 62 -1.64 -33.12 -56.83
CA ILE A 62 -0.88 -32.26 -57.73
C ILE A 62 0.53 -32.09 -57.18
N THR A 63 1.51 -32.05 -58.09
CA THR A 63 2.91 -31.89 -57.71
C THR A 63 3.47 -30.64 -58.38
N PRO A 64 3.53 -29.52 -57.68
CA PRO A 64 4.00 -28.29 -58.30
C PRO A 64 5.48 -28.36 -58.63
N MET A 65 5.86 -27.64 -59.68
CA MET A 65 7.27 -27.44 -60.01
C MET A 65 7.74 -26.15 -59.35
N ASN A 66 8.83 -26.23 -58.60
CA ASN A 66 9.28 -25.12 -57.78
C ASN A 66 9.61 -23.91 -58.64
N VAL A 67 9.22 -22.73 -58.16
CA VAL A 67 9.54 -21.46 -58.79
C VAL A 67 10.45 -20.69 -57.83
N SER A 68 11.62 -20.29 -58.32
CA SER A 68 12.60 -19.62 -57.47
C SER A 68 12.27 -18.14 -57.32
N ASN A 69 12.97 -17.49 -56.40
CA ASN A 69 12.81 -16.07 -56.16
C ASN A 69 14.14 -15.46 -55.75
N ARG A 70 14.32 -14.19 -56.08
CA ARG A 70 15.50 -13.44 -55.69
C ARG A 70 15.15 -11.96 -55.72
N ASP A 71 16.06 -11.15 -55.20
CA ASP A 71 15.84 -9.72 -55.06
C ASP A 71 17.05 -8.94 -55.57
N ALA A 72 16.77 -7.77 -56.14
CA ALA A 72 17.82 -6.86 -56.62
C ALA A 72 17.59 -5.48 -56.02
N GLU A 73 18.64 -4.90 -55.46
CA GLU A 73 18.53 -3.65 -54.71
C GLU A 73 19.25 -2.53 -55.46
N ALA A 74 18.54 -1.43 -55.68
CA ALA A 74 19.10 -0.23 -56.28
C ALA A 74 19.29 0.82 -55.20
N VAL A 75 20.47 1.44 -55.17
CA VAL A 75 20.81 2.47 -54.19
C VAL A 75 20.54 3.84 -54.81
N ILE A 76 19.83 4.68 -54.08
CA ILE A 76 19.37 5.96 -54.59
C ILE A 76 20.40 7.04 -54.30
N GLU A 77 20.64 7.90 -55.29
CA GLU A 77 21.62 8.97 -55.19
C GLU A 77 20.95 10.31 -55.46
N ASP A 78 21.52 11.37 -54.89
CA ASP A 78 21.01 12.73 -55.04
C ASP A 78 22.03 13.56 -55.79
N TRP A 79 21.58 14.25 -56.84
CA TRP A 79 22.43 15.10 -57.65
C TRP A 79 21.80 16.46 -57.81
N TYR A 80 22.63 17.49 -57.87
CA TYR A 80 22.17 18.87 -57.93
C TYR A 80 22.84 19.59 -59.09
N ALA A 81 22.05 20.32 -59.87
CA ALA A 81 22.54 21.20 -60.90
C ALA A 81 22.03 22.60 -60.59
N SER A 82 22.94 23.52 -60.29
CA SER A 82 22.58 24.82 -59.77
C SER A 82 23.32 25.93 -60.50
N GLU A 83 22.77 27.13 -60.40
CA GLU A 83 23.40 28.32 -60.97
C GLU A 83 22.82 29.54 -60.25
N TYR A 84 23.55 30.65 -60.35
CA TYR A 84 23.13 31.91 -59.76
C TYR A 84 22.94 32.94 -60.86
N ALA A 85 21.99 33.84 -60.66
CA ALA A 85 21.74 34.95 -61.57
C ALA A 85 21.64 36.22 -60.75
N ASP A 86 22.69 37.04 -60.77
CA ASP A 86 22.69 38.27 -59.99
C ASP A 86 21.66 39.24 -60.54
N ARG A 87 21.05 40.01 -59.63
CA ARG A 87 20.07 41.00 -60.04
C ARG A 87 20.72 42.11 -60.88
N SER A 88 22.04 42.27 -60.79
CA SER A 88 22.72 43.25 -61.62
C SER A 88 22.58 42.95 -63.10
N PHE A 89 22.36 41.70 -63.47
CA PHE A 89 22.23 41.29 -64.85
C PHE A 89 20.79 41.22 -65.33
N GLN A 90 19.82 41.52 -64.46
CA GLN A 90 18.41 41.47 -64.87
C GLN A 90 18.12 42.49 -65.95
N ASN A 91 18.53 43.74 -65.73
CA ASN A 91 18.27 44.81 -66.68
C ASN A 91 19.35 44.95 -67.74
N LYS A 92 20.41 44.15 -67.66
CA LYS A 92 21.51 44.26 -68.60
C LYS A 92 21.54 43.15 -69.63
N LEU A 93 20.59 42.21 -69.59
CA LEU A 93 20.56 41.09 -70.50
C LEU A 93 19.24 41.09 -71.27
N ALA A 94 19.33 40.91 -72.59
CA ALA A 94 18.13 40.62 -73.35
C ALA A 94 17.68 39.18 -73.14
N VAL A 95 18.62 38.28 -72.88
CA VAL A 95 18.28 36.90 -72.53
C VAL A 95 17.78 36.85 -71.09
N ASN A 96 16.71 36.09 -70.87
CA ASN A 96 16.21 35.84 -69.53
C ASN A 96 17.08 34.78 -68.88
N ALA A 97 17.99 35.20 -68.01
CA ALA A 97 19.00 34.29 -67.46
C ALA A 97 18.37 33.21 -66.58
N VAL A 98 17.32 33.54 -65.84
CA VAL A 98 16.72 32.57 -64.94
C VAL A 98 16.12 31.41 -65.73
N GLU A 99 15.42 31.70 -66.81
CA GLU A 99 14.85 30.62 -67.61
C GLU A 99 15.91 29.87 -68.40
N GLU A 100 16.99 30.54 -68.79
CA GLU A 100 18.06 29.85 -69.51
C GLU A 100 18.80 28.89 -68.59
N TYR A 101 19.10 29.32 -67.37
CA TYR A 101 19.77 28.43 -66.43
C TYR A 101 18.88 27.26 -66.04
N ALA A 102 17.56 27.49 -65.95
CA ALA A 102 16.65 26.39 -65.64
C ALA A 102 16.68 25.34 -66.73
N LYS A 103 16.77 25.76 -67.99
CA LYS A 103 16.83 24.82 -69.09
C LYS A 103 18.18 24.10 -69.12
N LEU A 104 19.26 24.83 -68.92
CA LEU A 104 20.59 24.21 -68.93
C LEU A 104 20.75 23.24 -67.78
N CYS A 105 20.30 23.61 -66.58
CA CYS A 105 20.40 22.73 -65.43
C CYS A 105 19.55 21.48 -65.60
N ALA A 106 18.41 21.60 -66.30
CA ALA A 106 17.61 20.42 -66.57
C ALA A 106 18.34 19.46 -67.52
N TRP A 107 19.07 19.99 -68.48
CA TRP A 107 19.87 19.14 -69.36
C TRP A 107 20.99 18.45 -68.58
N ALA A 108 21.64 19.17 -67.67
CA ALA A 108 22.68 18.56 -66.86
C ALA A 108 22.13 17.45 -65.99
N ILE A 109 20.94 17.65 -65.42
CA ILE A 109 20.30 16.60 -64.64
C ILE A 109 19.99 15.40 -65.54
N GLY A 110 19.50 15.66 -66.75
CA GLY A 110 19.21 14.57 -67.67
C GLY A 110 20.43 13.78 -68.08
N ARG A 111 21.57 14.46 -68.24
CA ARG A 111 22.80 13.75 -68.58
C ARG A 111 23.26 12.86 -67.45
N ARG A 112 23.10 13.31 -66.20
CA ARG A 112 23.42 12.46 -65.07
C ARG A 112 22.54 11.23 -65.01
N ALA A 113 21.29 11.35 -65.44
CA ALA A 113 20.42 10.18 -65.51
C ALA A 113 20.98 9.15 -66.49
N ASP A 114 21.51 9.61 -67.63
CA ASP A 114 22.13 8.70 -68.57
C ASP A 114 23.39 8.07 -67.99
N GLN A 115 24.21 8.87 -67.30
CA GLN A 115 25.45 8.35 -66.74
C GLN A 115 25.20 7.29 -65.68
N ILE A 116 24.13 7.45 -64.89
CA ILE A 116 23.79 6.44 -63.90
C ILE A 116 23.45 5.12 -64.58
N ASN A 117 22.69 5.18 -65.67
CA ASN A 117 22.36 3.97 -66.41
C ASN A 117 23.59 3.35 -67.06
N ILE A 118 24.47 4.19 -67.62
CA ILE A 118 25.67 3.68 -68.28
C ILE A 118 26.59 2.99 -67.28
N ASP A 119 26.77 3.62 -66.11
CA ASP A 119 27.65 3.03 -65.10
C ASP A 119 27.11 1.69 -64.61
N THR A 120 25.80 1.57 -64.47
CA THR A 120 25.21 0.31 -64.03
C THR A 120 25.40 -0.78 -65.07
N ILE A 121 25.19 -0.45 -66.35
CA ILE A 121 25.34 -1.45 -67.40
C ILE A 121 26.80 -1.84 -67.56
N ALA A 122 27.69 -0.86 -67.62
CA ALA A 122 29.11 -1.14 -67.82
C ALA A 122 29.75 -1.74 -66.57
N GLY A 123 29.14 -1.58 -65.41
CA GLY A 123 29.69 -2.09 -64.17
C GLY A 123 29.44 -3.55 -63.92
N ALA A 124 28.67 -4.21 -64.78
CA ALA A 124 28.43 -5.63 -64.60
C ALA A 124 29.66 -6.43 -65.03
N THR A 125 29.62 -7.73 -64.76
CA THR A 125 30.72 -8.64 -65.12
C THR A 125 30.34 -9.37 -66.40
N TYR A 126 31.20 -9.26 -67.41
CA TYR A 126 30.95 -9.86 -68.71
C TYR A 126 31.98 -10.96 -68.96
N SER A 127 31.52 -12.09 -69.49
CA SER A 127 32.38 -13.20 -69.80
C SER A 127 31.96 -13.81 -71.13
N ALA A 128 32.92 -14.44 -71.82
CA ALA A 128 32.63 -15.12 -73.07
C ALA A 128 31.92 -16.45 -72.87
N THR A 129 31.94 -16.99 -71.66
CA THR A 129 31.18 -18.19 -71.30
C THR A 129 30.45 -17.92 -69.99
N PRO A 130 29.44 -17.05 -70.03
CA PRO A 130 28.88 -16.52 -68.78
C PRO A 130 28.03 -17.53 -68.04
N ASN A 131 27.97 -17.36 -66.72
CA ASN A 131 27.00 -18.06 -65.89
C ASN A 131 25.77 -17.18 -65.74
N ASP A 132 24.87 -17.56 -64.83
CA ASP A 132 23.61 -16.83 -64.70
C ASP A 132 23.79 -15.42 -64.14
N GLN A 133 24.93 -15.14 -63.49
CA GLN A 133 25.18 -13.84 -62.90
C GLN A 133 26.07 -12.96 -63.74
N GLN A 134 26.32 -13.34 -65.00
CA GLN A 134 27.23 -12.61 -65.86
C GLN A 134 26.57 -12.32 -67.20
N GLY A 135 26.93 -11.18 -67.78
CA GLY A 135 26.52 -10.89 -69.12
C GLY A 135 27.45 -11.52 -70.14
N ALA A 136 26.96 -11.62 -71.37
CA ALA A 136 27.73 -12.19 -72.45
C ALA A 136 28.72 -11.17 -72.99
N LEU A 137 29.86 -11.66 -73.46
CA LEU A 137 30.93 -10.82 -73.98
C LEU A 137 31.25 -11.23 -75.41
N VAL A 138 31.38 -10.25 -76.28
CA VAL A 138 31.90 -10.44 -77.63
C VAL A 138 33.31 -9.84 -77.67
N PRO A 139 34.35 -10.65 -77.74
CA PRO A 139 35.71 -10.13 -77.59
C PRO A 139 36.09 -9.20 -78.74
N VAL A 140 37.04 -8.31 -78.43
CA VAL A 140 37.46 -7.31 -79.41
C VAL A 140 38.07 -7.98 -80.64
N GLY A 141 38.82 -9.04 -80.44
CA GLY A 141 39.48 -9.68 -81.57
C GLY A 141 40.48 -8.72 -82.20
N THR A 142 40.34 -8.50 -83.50
CA THR A 142 41.24 -7.61 -84.22
C THR A 142 40.47 -6.73 -85.21
N THR A 143 39.20 -6.48 -84.94
CA THR A 143 38.35 -5.73 -85.85
C THR A 143 37.56 -4.70 -85.07
N GLY A 144 36.88 -3.82 -85.81
CA GLY A 144 35.96 -2.87 -85.25
C GLY A 144 34.60 -3.48 -85.06
N PHE A 145 33.60 -2.61 -84.88
CA PHE A 145 32.22 -3.06 -84.74
C PHE A 145 31.73 -3.47 -86.12
N THR A 146 31.74 -4.77 -86.39
CA THR A 146 31.31 -5.32 -87.67
C THR A 146 29.92 -5.93 -87.53
N PHE A 147 29.31 -6.21 -88.67
CA PHE A 147 28.01 -6.86 -88.66
C PHE A 147 28.08 -8.25 -88.05
N GLU A 148 29.24 -8.91 -88.13
CA GLU A 148 29.39 -10.21 -87.51
C GLU A 148 29.25 -10.14 -86.00
N LYS A 149 29.86 -9.14 -85.38
CA LYS A 149 29.74 -8.98 -83.94
C LYS A 149 28.31 -8.64 -83.54
N LEU A 150 27.63 -7.81 -84.34
CA LEU A 150 26.24 -7.48 -84.04
C LEU A 150 25.36 -8.72 -84.09
N ARG A 151 25.58 -9.58 -85.09
CA ARG A 151 24.80 -10.82 -85.16
C ARG A 151 25.09 -11.73 -83.98
N GLN A 152 26.35 -11.79 -83.55
CA GLN A 152 26.70 -12.63 -82.41
C GLN A 152 26.08 -12.10 -81.13
N ALA A 153 26.11 -10.78 -80.92
CA ALA A 153 25.50 -10.20 -79.74
C ALA A 153 24.00 -10.43 -79.74
N HIS A 154 23.36 -10.29 -80.90
CA HIS A 154 21.93 -10.57 -81.00
C HIS A 154 21.64 -12.03 -80.70
N ARG A 155 22.53 -12.93 -81.13
CA ARG A 155 22.34 -14.35 -80.83
C ARG A 155 22.44 -14.63 -79.35
N TRP A 156 23.35 -13.94 -78.65
CA TRP A 156 23.44 -14.10 -77.20
C TRP A 156 22.15 -13.68 -76.53
N LEU A 157 21.57 -12.56 -76.96
CA LEU A 157 20.32 -12.09 -76.36
C LEU A 157 19.17 -13.04 -76.66
N ARG A 158 19.12 -13.59 -77.87
CA ARG A 158 18.05 -14.51 -78.20
C ARG A 158 18.13 -15.78 -77.36
N GLN A 159 19.35 -16.26 -77.11
CA GLN A 159 19.51 -17.51 -76.37
C GLN A 159 19.21 -17.33 -74.89
N ARG A 160 19.52 -16.17 -74.32
CA ARG A 160 19.45 -15.98 -72.88
C ARG A 160 18.34 -15.02 -72.46
N SER A 161 17.61 -14.41 -73.39
CA SER A 161 16.55 -13.47 -73.04
C SER A 161 15.23 -13.80 -73.73
N ALA A 162 15.15 -14.91 -74.45
CA ALA A 162 13.91 -15.37 -75.10
C ALA A 162 13.47 -14.29 -76.09
N ASN A 163 12.17 -14.04 -76.23
CA ASN A 163 11.65 -13.12 -77.22
C ASN A 163 11.06 -11.85 -76.63
N ARG A 164 10.48 -11.91 -75.45
CA ARG A 164 9.81 -10.74 -74.87
C ARG A 164 10.84 -9.69 -74.48
N GLY A 165 10.47 -8.44 -74.69
CA GLY A 165 11.33 -7.32 -74.37
C GLY A 165 11.89 -6.65 -75.62
N LYS A 166 12.31 -5.40 -75.44
CA LYS A 166 12.88 -4.60 -76.52
C LYS A 166 14.40 -4.56 -76.36
N ARG A 167 15.10 -4.84 -77.45
CA ARG A 167 16.56 -4.88 -77.45
C ARG A 167 17.10 -3.60 -78.07
N THR A 168 18.06 -2.97 -77.40
CA THR A 168 18.63 -1.72 -77.85
C THR A 168 20.16 -1.80 -77.79
N VAL A 169 20.80 -1.19 -78.78
CA VAL A 169 22.25 -1.15 -78.88
C VAL A 169 22.71 0.24 -78.49
N ILE A 170 23.60 0.32 -77.51
CA ILE A 170 24.12 1.59 -77.02
C ILE A 170 25.57 1.69 -77.49
N ILE A 171 25.83 2.64 -78.38
CA ILE A 171 27.14 2.81 -79.01
C ILE A 171 27.56 4.25 -78.88
N ASP A 172 28.74 4.56 -79.39
CA ASP A 172 29.31 5.90 -79.37
C ASP A 172 29.55 6.37 -80.82
N ALA A 173 30.21 7.52 -80.94
CA ALA A 173 30.43 8.10 -82.27
C ALA A 173 31.31 7.21 -83.14
N ILE A 174 32.38 6.63 -82.56
CA ILE A 174 33.28 5.81 -83.35
C ILE A 174 32.58 4.56 -83.86
N ALA A 175 31.84 3.88 -82.99
CA ALA A 175 31.14 2.67 -83.40
C ALA A 175 30.08 2.97 -84.44
N GLU A 176 29.42 4.12 -84.35
CA GLU A 176 28.42 4.49 -85.34
C GLU A 176 29.05 4.64 -86.72
N GLU A 177 30.23 5.24 -86.79
CA GLU A 177 30.90 5.41 -88.07
C GLU A 177 31.24 4.07 -88.70
N GLN A 178 31.69 3.12 -87.90
CA GLN A 178 32.05 1.81 -88.44
C GLN A 178 30.80 1.02 -88.85
N LEU A 179 29.73 1.11 -88.07
CA LEU A 179 28.51 0.38 -88.42
C LEU A 179 27.82 0.98 -89.64
N LEU A 180 28.07 2.26 -89.92
CA LEU A 180 27.51 2.86 -91.12
C LEU A 180 28.12 2.26 -92.39
N ASN A 181 29.24 1.58 -92.28
CA ASN A 181 29.86 0.92 -93.42
C ASN A 181 29.14 -0.36 -93.82
N VAL A 182 28.27 -0.88 -92.97
CA VAL A 182 27.56 -2.13 -93.26
C VAL A 182 26.36 -1.79 -94.15
N GLU A 183 26.35 -2.33 -95.37
CA GLU A 183 25.26 -2.06 -96.30
C GLU A 183 23.95 -2.66 -95.80
N GLN A 184 24.01 -3.82 -95.15
CA GLN A 184 22.79 -4.46 -94.67
C GLN A 184 22.07 -3.58 -93.66
N LEU A 185 22.82 -2.93 -92.77
CA LEU A 185 22.20 -2.08 -91.76
C LEU A 185 21.53 -0.87 -92.39
N THR A 186 22.25 -0.14 -93.24
CA THR A 186 21.70 1.08 -93.81
C THR A 186 20.60 0.83 -94.83
N ASN A 187 20.43 -0.41 -95.28
CA ASN A 187 19.34 -0.72 -96.20
C ASN A 187 18.02 -0.95 -95.49
N SER A 188 18.03 -1.14 -94.18
CA SER A 188 16.82 -1.52 -93.46
C SER A 188 16.63 -0.69 -92.19
N PHE A 189 17.21 0.51 -92.15
CA PHE A 189 17.01 1.41 -91.03
C PHE A 189 15.73 2.21 -91.24
N TYR A 190 14.85 2.22 -90.24
CA TYR A 190 13.68 3.07 -90.27
C TYR A 190 13.56 3.83 -88.96
N VAL A 191 12.93 5.01 -89.03
CA VAL A 191 12.91 5.92 -87.91
C VAL A 191 12.09 5.35 -86.77
N ASN A 192 12.62 5.45 -85.56
CA ASN A 192 11.91 5.09 -84.33
C ASN A 192 11.24 6.35 -83.81
N GLN A 193 9.93 6.43 -83.93
CA GLN A 193 9.21 7.66 -83.64
C GLN A 193 9.18 7.99 -82.15
N LYS A 194 9.51 7.04 -81.28
CA LYS A 194 9.52 7.31 -79.85
C LYS A 194 10.73 8.13 -79.42
N ILE A 195 11.59 8.55 -80.35
CA ILE A 195 12.82 9.25 -80.03
C ILE A 195 12.95 10.45 -80.95
N LEU A 196 13.33 11.58 -80.40
CA LEU A 196 13.56 12.79 -81.19
C LEU A 196 14.98 12.82 -81.72
N ASP A 197 15.18 13.65 -82.75
CA ASP A 197 16.48 13.83 -83.40
C ASP A 197 17.01 12.51 -83.94
N ASN A 198 16.25 11.94 -84.88
CA ASN A 198 16.66 10.72 -85.55
C ASN A 198 17.64 11.08 -86.67
N ASP A 199 18.91 10.72 -86.48
CA ASP A 199 19.94 11.06 -87.46
C ASP A 199 21.04 10.00 -87.38
N GLY A 200 21.55 9.63 -88.55
CA GLY A 200 22.58 8.60 -88.61
C GLY A 200 22.07 7.27 -88.09
N LEU A 201 22.60 6.81 -86.96
CA LEU A 201 22.10 5.63 -86.30
C LEU A 201 21.26 5.94 -85.07
N HIS A 202 21.37 7.14 -84.52
CA HIS A 202 20.63 7.49 -83.31
C HIS A 202 19.15 7.58 -83.63
N GLY A 203 18.36 6.71 -83.00
CA GLY A 203 16.92 6.74 -83.20
C GLY A 203 16.41 5.91 -84.35
N MET A 204 17.19 4.98 -84.88
CA MET A 204 16.74 4.09 -85.93
C MET A 204 16.56 2.68 -85.37
N THR A 205 15.95 1.80 -86.17
CA THR A 205 15.46 0.55 -85.64
C THR A 205 16.18 -0.68 -86.20
N PHE A 206 16.16 -0.92 -87.50
CA PHE A 206 16.72 -2.15 -88.05
C PHE A 206 16.13 -3.41 -87.44
N LEU A 207 14.90 -3.77 -87.81
CA LEU A 207 14.34 -5.09 -87.52
C LEU A 207 13.99 -5.24 -86.04
N GLY A 208 13.40 -4.21 -85.45
CA GLY A 208 12.92 -4.28 -84.09
C GLY A 208 13.95 -3.94 -83.02
N MET A 209 15.23 -3.91 -83.37
CA MET A 209 16.22 -3.43 -82.43
C MET A 209 16.18 -1.91 -82.38
N ASN A 210 16.93 -1.33 -81.46
CA ASN A 210 17.01 0.12 -81.34
C ASN A 210 18.47 0.52 -81.22
N PHE A 211 18.77 1.73 -81.70
CA PHE A 211 20.14 2.23 -81.66
C PHE A 211 20.16 3.57 -80.95
N ILE A 212 20.99 3.68 -79.93
CA ILE A 212 21.21 4.92 -79.19
C ILE A 212 22.69 5.26 -79.30
N VAL A 213 22.98 6.43 -79.83
CA VAL A 213 24.36 6.92 -79.94
C VAL A 213 24.59 7.91 -78.82
N ILE A 214 25.46 7.55 -77.88
CA ILE A 214 25.82 8.44 -76.78
C ILE A 214 26.89 9.40 -77.27
N PRO A 215 26.62 10.70 -77.27
CA PRO A 215 27.64 11.65 -77.75
C PRO A 215 28.72 11.90 -76.71
N SER A 216 29.62 12.83 -77.01
CA SER A 216 30.69 13.17 -76.06
C SER A 216 30.09 13.84 -74.85
N MET A 217 30.16 13.16 -73.71
CA MET A 217 29.61 13.66 -72.45
C MET A 217 30.75 14.01 -71.50
N GLN A 218 30.70 15.22 -70.95
CA GLN A 218 31.70 15.60 -69.96
C GLN A 218 31.54 14.83 -68.67
N GLU A 219 30.40 14.17 -68.45
CA GLU A 219 30.23 13.29 -67.32
C GLU A 219 30.95 11.97 -67.49
N GLY A 220 31.40 11.66 -68.69
CA GLY A 220 32.14 10.44 -68.95
C GLY A 220 31.68 9.68 -70.17
N GLY A 221 30.38 9.67 -70.43
CA GLY A 221 29.88 8.93 -71.57
C GLY A 221 30.12 7.44 -71.45
N LEU A 222 30.18 6.79 -72.61
CA LEU A 222 30.50 5.37 -72.64
C LEU A 222 31.97 5.16 -72.29
N PRO A 223 32.29 4.17 -71.47
CA PRO A 223 33.68 3.94 -71.08
C PRO A 223 34.46 3.22 -72.16
N THR A 224 35.78 3.32 -72.05
CA THR A 224 36.71 2.63 -72.93
C THR A 224 37.61 1.72 -72.12
N THR A 225 38.28 0.81 -72.81
CA THR A 225 39.20 -0.14 -72.19
C THR A 225 40.41 -0.30 -73.09
N GLY A 226 41.39 -1.05 -72.61
CA GLY A 226 42.61 -1.25 -73.38
C GLY A 226 43.41 0.02 -73.58
N GLY A 227 43.51 0.84 -72.53
CA GLY A 227 44.28 2.07 -72.63
C GLY A 227 43.73 3.06 -73.63
N GLY A 228 42.41 3.14 -73.75
CA GLY A 228 41.80 4.08 -74.67
C GLY A 228 41.87 3.67 -76.12
N THR A 229 42.14 2.40 -76.41
CA THR A 229 42.19 1.91 -77.78
C THR A 229 41.07 0.95 -78.13
N VAL A 230 40.35 0.41 -77.15
CA VAL A 230 39.26 -0.51 -77.37
C VAL A 230 37.99 0.12 -76.83
N GLY A 231 37.00 0.28 -77.68
CA GLY A 231 35.72 0.80 -77.25
C GLY A 231 34.78 -0.29 -76.79
N ARG A 232 33.89 0.06 -75.87
CA ARG A 232 32.90 -0.86 -75.33
C ARG A 232 31.51 -0.40 -75.74
N ALA A 233 30.76 -1.29 -76.39
CA ALA A 233 29.37 -1.07 -76.72
C ALA A 233 28.53 -2.13 -76.04
N PHE A 234 27.23 -1.88 -75.95
CA PHE A 234 26.35 -2.77 -75.20
C PHE A 234 25.07 -3.04 -75.99
N PHE A 235 24.55 -4.25 -75.81
CA PHE A 235 23.33 -4.72 -76.44
C PHE A 235 22.48 -5.31 -75.32
N ILE A 236 21.45 -4.60 -74.89
CA ILE A 236 20.74 -4.94 -73.67
C ILE A 236 19.26 -5.18 -73.96
N ASN A 237 18.64 -5.97 -73.11
CA ASN A 237 17.19 -6.11 -73.07
C ASN A 237 16.63 -5.07 -72.12
N GLU A 238 15.49 -4.49 -72.49
CA GLU A 238 14.95 -3.38 -71.71
C GLU A 238 14.56 -3.81 -70.30
N MET A 239 14.27 -5.09 -70.10
CA MET A 239 13.90 -5.60 -68.79
C MET A 239 15.10 -5.98 -67.95
N ALA A 240 16.31 -5.90 -68.49
CA ALA A 240 17.49 -6.34 -67.77
C ALA A 240 17.95 -5.35 -66.71
N VAL A 241 17.67 -4.07 -66.87
CA VAL A 241 18.16 -3.03 -65.97
C VAL A 241 16.96 -2.36 -65.32
N GLY A 242 17.00 -2.24 -64.00
CA GLY A 242 15.94 -1.57 -63.27
C GLY A 242 16.36 -0.20 -62.77
N TYR A 243 15.70 0.83 -63.29
CA TYR A 243 16.02 2.22 -62.95
C TYR A 243 14.87 2.79 -62.14
N ALA A 244 15.16 3.20 -60.90
CA ALA A 244 14.16 3.71 -59.98
C ALA A 244 14.43 5.18 -59.73
N GLN A 245 13.53 6.05 -60.19
CA GLN A 245 13.68 7.49 -60.00
C GLN A 245 12.63 7.97 -59.01
N SER A 246 13.09 8.29 -57.79
CA SER A 246 12.20 8.93 -56.83
C SER A 246 11.78 10.31 -57.29
N GLU A 247 12.71 11.05 -57.91
CA GLU A 247 12.43 12.40 -58.39
C GLU A 247 13.16 12.58 -59.71
N ARG A 248 12.42 12.58 -60.82
CA ARG A 248 13.04 12.72 -62.13
C ARG A 248 13.66 14.09 -62.30
N LEU A 249 12.90 15.15 -62.01
CA LEU A 249 13.43 16.51 -62.13
C LEU A 249 12.67 17.40 -61.14
N GLY A 250 13.26 17.59 -59.96
CA GLY A 250 12.78 18.56 -59.01
C GLY A 250 13.51 19.89 -59.17
N GLY A 251 13.16 20.83 -58.31
CA GLY A 251 13.86 22.10 -58.35
C GLY A 251 13.13 23.16 -57.57
N ASP A 252 13.80 24.31 -57.45
CA ASP A 252 13.23 25.47 -56.78
C ASP A 252 14.05 26.69 -57.16
N ILE A 253 13.38 27.74 -57.61
CA ILE A 253 14.00 28.99 -57.97
C ILE A 253 13.66 30.00 -56.89
N SER A 254 14.68 30.55 -56.23
CA SER A 254 14.50 31.40 -55.07
C SER A 254 15.22 32.72 -55.25
N TRP A 255 14.75 33.73 -54.52
CA TRP A 255 15.44 34.99 -54.41
C TRP A 255 16.25 35.01 -53.13
N GLU A 256 17.55 35.20 -53.26
CA GLU A 256 18.45 35.26 -52.12
C GLU A 256 18.86 36.70 -51.90
N ASN A 257 18.31 37.30 -50.84
CA ASN A 257 18.57 38.73 -50.59
C ASN A 257 20.02 38.96 -50.19
N ILE A 258 20.61 38.03 -49.44
CA ILE A 258 21.98 38.23 -48.95
C ILE A 258 22.95 38.29 -50.11
N LYS A 259 22.79 37.41 -51.09
CA LYS A 259 23.64 37.39 -52.26
C LYS A 259 23.08 38.21 -53.41
N THR A 260 21.94 38.87 -53.22
CA THR A 260 21.31 39.73 -54.21
C THR A 260 21.20 39.05 -55.57
N SER A 261 20.82 37.77 -55.56
CA SER A 261 20.77 37.00 -56.79
C SER A 261 19.71 35.92 -56.67
N TYR A 262 19.24 35.46 -57.82
CA TYR A 262 18.35 34.31 -57.90
C TYR A 262 19.18 33.03 -57.92
N LEU A 263 18.70 32.02 -57.20
CA LEU A 263 19.33 30.71 -57.18
C LEU A 263 18.43 29.72 -57.90
N ILE A 264 18.89 29.24 -59.05
CA ILE A 264 18.20 28.18 -59.79
C ILE A 264 18.79 26.86 -59.35
N ASN A 265 17.97 26.00 -58.76
CA ASN A 265 18.47 24.82 -58.07
C ASN A 265 17.62 23.60 -58.48
N MET A 266 18.04 22.92 -59.54
CA MET A 266 17.40 21.68 -59.94
C MET A 266 18.10 20.50 -59.27
N TRP A 267 17.36 19.40 -59.16
CA TRP A 267 17.91 18.20 -58.53
C TRP A 267 17.20 16.97 -59.06
N MET A 268 17.81 15.82 -58.82
CA MET A 268 17.24 14.53 -59.16
C MET A 268 17.54 13.56 -58.05
N GLU A 269 16.83 12.43 -58.06
CA GLU A 269 16.97 11.43 -57.01
C GLU A 269 16.65 10.08 -57.64
N ALA A 270 17.68 9.32 -57.98
CA ALA A 270 17.46 8.07 -58.70
C ALA A 270 18.63 7.12 -58.47
N GLY A 271 18.39 5.86 -58.79
CA GLY A 271 19.42 4.84 -58.73
C GLY A 271 19.04 3.69 -59.64
N ALA A 272 20.05 2.92 -60.04
CA ALA A 272 19.86 1.84 -61.00
C ALA A 272 20.55 0.58 -60.51
N VAL A 273 20.02 -0.56 -60.95
CA VAL A 273 20.58 -1.87 -60.62
C VAL A 273 20.37 -2.78 -61.82
N VAL A 274 21.20 -3.82 -61.89
CA VAL A 274 21.04 -4.86 -62.91
C VAL A 274 20.14 -5.93 -62.36
N ILE A 275 18.96 -6.08 -62.95
CA ILE A 275 18.00 -7.08 -62.49
C ILE A 275 18.36 -8.46 -63.03
N ASP A 276 18.65 -8.57 -64.32
CA ASP A 276 18.98 -9.85 -64.91
C ASP A 276 20.21 -9.70 -65.80
N PRO A 277 21.37 -10.19 -65.38
CA PRO A 277 22.57 -10.10 -66.23
C PRO A 277 22.45 -10.88 -67.53
N LYS A 278 21.51 -11.83 -67.62
CA LYS A 278 21.33 -12.58 -68.85
C LYS A 278 20.91 -11.69 -70.01
N GLY A 279 20.37 -10.51 -69.73
CA GLY A 279 19.94 -9.58 -70.75
C GLY A 279 20.98 -8.58 -71.19
N LEU A 280 22.22 -8.69 -70.74
CA LEU A 280 23.29 -7.76 -71.09
C LEU A 280 24.33 -8.45 -71.94
N VAL A 281 24.75 -7.79 -73.01
CA VAL A 281 25.84 -8.25 -73.86
C VAL A 281 26.76 -7.06 -74.12
N GLU A 282 28.06 -7.26 -73.98
CA GLU A 282 29.05 -6.24 -74.28
C GLU A 282 29.80 -6.61 -75.54
N VAL A 283 29.91 -5.66 -76.46
CA VAL A 283 30.63 -5.84 -77.71
C VAL A 283 31.87 -4.96 -77.67
N ASP A 284 33.03 -5.56 -77.82
CA ASP A 284 34.29 -4.83 -77.80
C ASP A 284 34.82 -4.69 -79.22
N TYR A 285 35.39 -3.53 -79.52
CA TYR A 285 35.85 -3.24 -80.87
C TYR A 285 37.07 -2.32 -80.80
N LEU A 286 37.82 -2.30 -81.89
CA LEU A 286 38.99 -1.43 -81.99
C LEU A 286 38.58 -0.04 -82.45
N LEU A 287 39.02 0.98 -81.73
CA LEU A 287 38.70 2.35 -82.13
C LEU A 287 39.35 2.71 -83.45
N GLU A 288 40.54 2.20 -83.72
CA GLU A 288 41.26 2.43 -84.97
C GLU A 288 41.65 1.09 -85.55
N PRO A 289 40.74 0.42 -86.27
CA PRO A 289 41.01 -0.90 -86.83
C PRO A 289 42.02 -0.84 -87.97
N ALA B 2 38.59 5.95 -46.80
CA ALA B 2 38.51 6.68 -48.06
C ALA B 2 37.73 7.97 -47.88
N PHE B 3 37.53 8.68 -48.98
CA PHE B 3 36.81 9.94 -48.92
C PHE B 3 35.33 9.71 -48.66
N GLY B 4 34.76 10.49 -47.74
CA GLY B 4 33.35 10.46 -47.47
C GLY B 4 32.73 11.83 -47.66
N ILE B 5 31.72 11.93 -48.54
CA ILE B 5 31.15 13.23 -48.86
C ILE B 5 30.49 13.86 -47.65
N ASN B 6 30.05 13.03 -46.69
CA ASN B 6 29.41 13.56 -45.49
C ASN B 6 30.39 14.31 -44.59
N TYR B 7 31.69 14.17 -44.80
CA TYR B 7 32.68 14.84 -43.99
C TYR B 7 33.26 16.08 -44.64
N MET B 8 32.79 16.44 -45.83
CA MET B 8 33.26 17.63 -46.54
C MET B 8 32.20 18.71 -46.49
N GLY B 9 32.60 19.91 -46.13
CA GLY B 9 31.67 21.03 -46.06
C GLY B 9 32.31 22.31 -46.53
N ARG B 10 31.48 23.23 -47.00
CA ARG B 10 31.95 24.53 -47.46
C ARG B 10 32.26 25.43 -46.27
N VAL B 11 33.21 26.34 -46.47
CA VAL B 11 33.55 27.35 -45.49
C VAL B 11 33.28 28.75 -46.01
N SER B 12 33.68 29.03 -47.25
CA SER B 12 33.47 30.35 -47.83
C SER B 12 31.98 30.53 -48.13
N THR B 13 31.41 31.64 -47.67
CA THR B 13 29.99 31.87 -47.86
C THR B 13 29.67 32.44 -49.24
N SER B 14 30.63 33.12 -49.86
CA SER B 14 30.36 33.80 -51.11
C SER B 14 30.05 32.83 -52.23
N ALA B 15 29.13 33.23 -53.11
CA ALA B 15 28.81 32.49 -54.31
C ALA B 15 29.55 33.02 -55.54
N ASN B 16 30.43 33.99 -55.36
CA ASN B 16 31.24 34.53 -56.44
C ASN B 16 32.14 33.45 -57.03
N ASN B 17 31.90 33.09 -58.28
CA ASN B 17 32.65 32.03 -58.93
C ASN B 17 33.94 32.52 -59.56
N ASP B 18 34.23 33.82 -59.48
CA ASP B 18 35.48 34.38 -59.98
C ASP B 18 36.57 34.38 -58.93
N THR B 19 36.31 33.82 -57.74
CA THR B 19 37.28 33.71 -56.68
C THR B 19 37.25 32.28 -56.14
N GLN B 20 38.26 31.94 -55.35
CA GLN B 20 38.40 30.59 -54.85
C GLN B 20 37.46 30.33 -53.69
N LYS B 21 37.30 29.05 -53.36
CA LYS B 21 36.48 28.61 -52.25
C LYS B 21 37.33 27.98 -51.17
N VAL B 22 36.78 27.94 -49.97
CA VAL B 22 37.43 27.32 -48.82
C VAL B 22 36.58 26.15 -48.36
N TRP B 23 37.22 25.00 -48.13
CA TRP B 23 36.55 23.79 -47.69
C TRP B 23 37.11 23.36 -46.35
N ILE B 24 36.41 22.42 -45.71
CA ILE B 24 36.87 21.81 -44.47
C ILE B 24 36.55 20.33 -44.54
N TYR B 25 37.49 19.49 -44.11
CA TYR B 25 37.31 18.05 -44.12
C TYR B 25 37.49 17.50 -42.71
N ASN B 26 36.67 16.52 -42.36
CA ASN B 26 36.67 15.92 -41.03
C ASN B 26 37.24 14.51 -41.14
N GLY B 27 38.53 14.38 -40.89
CA GLY B 27 39.18 13.08 -40.86
C GLY B 27 39.54 12.66 -39.45
N THR B 28 38.93 13.30 -38.46
CA THR B 28 39.23 13.00 -37.06
C THR B 28 38.49 11.73 -36.65
N ALA B 29 38.47 11.46 -35.34
CA ALA B 29 37.84 10.23 -34.85
C ALA B 29 36.35 10.20 -35.14
N THR B 30 35.70 11.36 -35.16
CA THR B 30 34.28 11.42 -35.50
C THR B 30 34.04 11.44 -37.01
N GLY B 31 35.09 11.50 -37.82
CA GLY B 31 34.95 11.54 -39.26
C GLY B 31 35.57 10.35 -39.95
N SER B 32 36.50 10.61 -40.86
CA SER B 32 37.13 9.54 -41.62
C SER B 32 38.13 8.74 -40.81
N ASN B 33 38.65 9.29 -39.71
CA ASN B 33 39.60 8.62 -38.84
C ASN B 33 40.88 8.22 -39.60
N GLU B 34 41.46 9.19 -40.30
CA GLU B 34 42.70 8.98 -41.02
C GLU B 34 43.64 10.16 -40.76
N THR B 35 44.93 9.90 -40.95
CA THR B 35 45.93 10.91 -40.67
C THR B 35 45.92 12.00 -41.74
N VAL B 36 46.58 13.11 -41.41
CA VAL B 36 46.68 14.22 -42.37
C VAL B 36 47.45 13.78 -43.61
N ALA B 37 48.49 12.98 -43.42
CA ALA B 37 49.29 12.52 -44.55
C ALA B 37 48.46 11.66 -45.50
N THR B 38 47.62 10.78 -44.94
CA THR B 38 46.77 9.94 -45.77
C THR B 38 45.79 10.78 -46.58
N ILE B 39 45.17 11.77 -45.95
CA ILE B 39 44.21 12.63 -46.64
C ILE B 39 44.91 13.49 -47.68
N ALA B 40 46.12 13.97 -47.37
CA ALA B 40 46.85 14.82 -48.28
C ALA B 40 47.53 14.05 -49.41
N ALA B 41 47.39 12.73 -49.44
CA ALA B 41 47.98 11.94 -50.51
C ALA B 41 47.30 12.25 -51.84
N SER B 42 48.01 11.95 -52.92
CA SER B 42 47.51 12.25 -54.26
C SER B 42 46.29 11.41 -54.57
N GLY B 43 45.29 12.03 -55.19
CA GLY B 43 44.11 11.34 -55.64
C GLY B 43 43.13 10.96 -54.54
N TYR B 44 43.32 11.45 -53.32
CA TYR B 44 42.39 11.11 -52.24
C TYR B 44 41.03 11.72 -52.48
N PHE B 45 40.99 12.97 -52.94
CA PHE B 45 39.74 13.68 -53.19
C PHE B 45 39.19 13.43 -54.58
N ASN B 46 39.59 12.33 -55.23
CA ASN B 46 39.09 12.04 -56.56
C ASN B 46 37.60 11.71 -56.53
N ALA B 47 37.12 11.08 -55.47
CA ALA B 47 35.71 10.72 -55.38
C ALA B 47 34.81 11.94 -55.25
N PHE B 48 35.36 13.08 -54.85
CA PHE B 48 34.56 14.30 -54.74
C PHE B 48 34.25 14.89 -56.11
N MET B 49 35.16 14.75 -57.06
CA MET B 49 34.94 15.31 -58.39
C MET B 49 33.90 14.50 -59.16
N VAL B 50 33.29 15.15 -60.14
CA VAL B 50 32.33 14.46 -60.99
C VAL B 50 33.03 13.62 -62.04
N ASN B 51 34.01 14.21 -62.73
CA ASN B 51 34.83 13.51 -63.72
C ASN B 51 36.26 14.04 -63.55
N VAL B 52 37.06 13.32 -62.76
CA VAL B 52 38.41 13.78 -62.48
C VAL B 52 39.29 13.70 -63.72
N ALA B 53 38.96 12.83 -64.67
CA ALA B 53 39.75 12.73 -65.89
C ALA B 53 39.70 14.00 -66.71
N LEU B 54 38.65 14.80 -66.56
CA LEU B 54 38.53 16.06 -67.28
C LEU B 54 38.57 17.28 -66.35
N GLY B 55 38.84 17.09 -65.07
CA GLY B 55 38.88 18.19 -64.13
C GLY B 55 37.54 18.88 -63.94
N LYS B 56 36.47 18.08 -63.83
CA LYS B 56 35.13 18.59 -63.65
C LYS B 56 34.63 18.19 -62.27
N GLY B 57 34.44 19.18 -61.40
CA GLY B 57 33.97 18.90 -60.06
C GLY B 57 33.88 20.15 -59.21
N PRO B 58 33.39 19.99 -57.97
CA PRO B 58 33.27 21.15 -57.07
C PRO B 58 34.58 21.82 -56.77
N LEU B 59 35.67 21.08 -56.69
CA LEU B 59 36.96 21.65 -56.34
C LEU B 59 37.56 22.36 -57.55
N GLY B 60 38.18 23.51 -57.30
CA GLY B 60 38.92 24.23 -58.31
C GLY B 60 40.38 24.36 -57.92
N VAL B 61 41.18 24.79 -58.88
CA VAL B 61 42.61 24.97 -58.63
C VAL B 61 42.80 26.23 -57.79
N GLY B 62 43.49 26.09 -56.67
CA GLY B 62 43.67 27.19 -55.75
C GLY B 62 42.75 27.18 -54.55
N ASP B 63 41.76 26.29 -54.53
CA ASP B 63 40.86 26.21 -53.38
C ASP B 63 41.63 25.77 -52.14
N LEU B 64 41.28 26.37 -51.01
CA LEU B 64 41.93 26.07 -49.74
C LEU B 64 41.10 25.04 -48.99
N ILE B 65 41.74 23.98 -48.52
CA ILE B 65 41.07 22.92 -47.77
C ILE B 65 41.66 22.86 -46.38
N ILE B 66 40.79 22.92 -45.37
CA ILE B 66 41.20 22.79 -43.98
C ILE B 66 41.05 21.31 -43.62
N ILE B 67 42.17 20.61 -43.51
CA ILE B 67 42.15 19.18 -43.25
C ILE B 67 42.38 18.93 -41.78
N ASN B 68 41.45 18.23 -41.13
CA ASN B 68 41.57 17.83 -39.74
C ASN B 68 41.75 16.31 -39.69
N GLY B 69 43.00 15.87 -39.62
CA GLY B 69 43.29 14.47 -39.44
C GLY B 69 43.12 14.03 -37.99
N ASN B 70 43.29 12.73 -37.77
CA ASN B 70 43.18 12.21 -36.41
C ASN B 70 44.42 12.48 -35.57
N ASP B 71 45.47 13.07 -36.15
CA ASP B 71 46.67 13.41 -35.40
C ASP B 71 46.99 14.90 -35.37
N ALA B 72 46.55 15.68 -36.35
CA ALA B 72 46.86 17.10 -36.42
C ALA B 72 45.91 17.73 -37.44
N SER B 73 46.15 19.00 -37.74
CA SER B 73 45.36 19.72 -38.74
C SER B 73 46.27 20.71 -39.45
N ALA B 74 46.00 20.93 -40.74
CA ALA B 74 46.82 21.83 -41.54
C ALA B 74 45.99 22.40 -42.68
N PHE B 75 46.48 23.52 -43.22
CA PHE B 75 45.89 24.10 -44.41
C PHE B 75 46.54 23.51 -45.65
N TYR B 76 45.73 23.22 -46.65
CA TYR B 76 46.23 22.68 -47.92
C TYR B 76 45.57 23.41 -49.07
N THR B 77 46.27 23.44 -50.20
CA THR B 77 45.81 24.14 -51.39
C THR B 77 45.74 23.16 -52.55
N VAL B 78 44.66 23.21 -53.31
CA VAL B 78 44.52 22.35 -54.48
C VAL B 78 45.46 22.84 -55.57
N GLN B 79 46.31 21.94 -56.05
CA GLN B 79 47.25 22.26 -57.12
C GLN B 79 46.75 21.86 -58.49
N THR B 80 46.22 20.65 -58.62
CA THR B 80 45.66 20.17 -59.87
C THR B 80 44.33 19.47 -59.60
N ILE B 81 43.47 19.49 -60.61
CA ILE B 81 42.21 18.76 -60.56
C ILE B 81 42.12 17.67 -61.60
N THR B 82 43.13 17.54 -62.47
CA THR B 82 43.15 16.51 -63.49
C THR B 82 44.61 16.18 -63.80
N PRO B 83 44.95 14.91 -63.98
CA PRO B 83 44.07 13.72 -63.93
C PRO B 83 43.85 13.24 -62.50
N ASN B 84 44.45 13.92 -61.52
CA ASN B 84 44.25 13.59 -60.12
C ASN B 84 44.14 14.89 -59.33
N VAL B 85 43.47 14.81 -58.19
CA VAL B 85 43.37 15.93 -57.27
C VAL B 85 44.53 15.84 -56.30
N THR B 86 45.48 16.77 -56.40
CA THR B 86 46.66 16.79 -55.55
C THR B 86 46.70 18.10 -54.78
N VAL B 87 47.15 18.02 -53.54
CA VAL B 87 47.20 19.19 -52.65
C VAL B 87 48.59 19.32 -52.07
N SER B 88 48.91 20.54 -51.64
CA SER B 88 50.17 20.83 -50.97
C SER B 88 49.88 21.82 -49.85
N VAL B 89 50.79 21.86 -48.87
CA VAL B 89 50.57 22.72 -47.71
C VAL B 89 50.47 24.18 -48.12
N PHE B 90 49.83 24.96 -47.25
CA PHE B 90 49.55 26.37 -47.54
C PHE B 90 50.45 27.28 -46.71
N ALA C 2 45.57 47.70 -59.47
CA ALA C 2 44.70 46.98 -60.38
C ALA C 2 43.74 46.09 -59.63
N PHE C 3 43.19 46.60 -58.52
CA PHE C 3 42.21 45.85 -57.75
C PHE C 3 40.96 45.63 -58.59
N GLY C 4 40.45 44.40 -58.56
CA GLY C 4 39.22 44.09 -59.25
C GLY C 4 38.15 43.60 -58.29
N ILE C 5 37.02 44.30 -58.24
CA ILE C 5 35.97 43.94 -57.29
C ILE C 5 35.42 42.55 -57.60
N ASN C 6 35.48 42.14 -58.86
CA ASN C 6 34.97 40.82 -59.24
C ASN C 6 35.80 39.68 -58.68
N TYR C 7 36.99 39.95 -58.16
CA TYR C 7 37.86 38.91 -57.64
C TYR C 7 37.87 38.84 -56.12
N MET C 8 37.20 39.76 -55.44
CA MET C 8 37.09 39.73 -54.00
C MET C 8 35.83 38.98 -53.59
N GLY C 9 35.94 38.21 -52.52
CA GLY C 9 34.81 37.44 -52.04
C GLY C 9 34.83 37.31 -50.53
N ARG C 10 33.64 37.13 -49.96
CA ARG C 10 33.52 36.93 -48.53
C ARG C 10 33.72 35.47 -48.18
N VAL C 11 34.35 35.22 -47.04
CA VAL C 11 34.52 33.87 -46.52
C VAL C 11 33.66 33.67 -45.27
N SER C 12 33.75 34.58 -44.30
CA SER C 12 32.99 34.44 -43.08
C SER C 12 31.51 34.65 -43.36
N THR C 13 30.68 33.72 -42.89
CA THR C 13 29.25 33.79 -43.16
C THR C 13 28.51 34.69 -42.19
N SER C 14 29.11 35.03 -41.06
CA SER C 14 28.40 35.76 -40.02
C SER C 14 28.21 37.22 -40.42
N ALA C 15 27.05 37.76 -40.07
CA ALA C 15 26.78 39.18 -40.25
C ALA C 15 27.07 39.99 -38.98
N ASN C 16 27.58 39.34 -37.94
CA ASN C 16 27.92 40.03 -36.69
C ASN C 16 29.08 40.97 -36.94
N ASN C 17 28.82 42.27 -36.89
CA ASN C 17 29.82 43.29 -37.17
C ASN C 17 30.65 43.64 -35.94
N ASP C 18 30.40 43.00 -34.81
CA ASP C 18 31.21 43.18 -33.61
C ASP C 18 32.44 42.28 -33.61
N THR C 19 32.60 41.45 -34.63
CA THR C 19 33.78 40.61 -34.80
C THR C 19 34.34 40.85 -36.20
N GLN C 20 35.48 40.24 -36.49
CA GLN C 20 36.16 40.47 -37.75
C GLN C 20 35.62 39.56 -38.85
N LYS C 21 35.81 39.99 -40.09
CA LYS C 21 35.42 39.22 -41.26
C LYS C 21 36.65 38.59 -41.90
N VAL C 22 36.40 37.60 -42.75
CA VAL C 22 37.45 36.92 -43.51
C VAL C 22 37.12 37.07 -44.99
N TRP C 23 38.09 37.54 -45.76
CA TRP C 23 37.94 37.72 -47.20
C TRP C 23 38.92 36.81 -47.92
N ILE C 24 38.63 36.57 -49.20
CA ILE C 24 39.54 35.84 -50.08
C ILE C 24 39.65 36.63 -51.38
N TYR C 25 40.88 36.80 -51.86
CA TYR C 25 41.14 37.57 -53.06
C TYR C 25 41.87 36.72 -54.08
N ASN C 26 41.45 36.83 -55.34
CA ASN C 26 42.11 36.13 -56.43
C ASN C 26 43.37 36.88 -56.82
N GLY C 27 43.95 36.57 -57.98
CA GLY C 27 45.20 37.17 -58.35
C GLY C 27 46.05 36.19 -59.13
N THR C 28 45.53 34.98 -59.28
CA THR C 28 46.17 34.00 -60.13
C THR C 28 45.94 34.36 -61.59
N ALA C 29 46.33 33.46 -62.49
CA ALA C 29 46.16 33.71 -63.92
C ALA C 29 44.70 33.92 -64.29
N THR C 30 43.76 33.33 -63.53
CA THR C 30 42.34 33.51 -63.78
C THR C 30 41.76 34.73 -63.09
N GLY C 31 42.53 35.38 -62.21
CA GLY C 31 42.03 36.55 -61.51
C GLY C 31 42.64 37.83 -62.02
N SER C 32 43.23 38.62 -61.13
CA SER C 32 43.88 39.86 -61.52
C SER C 32 45.30 39.65 -62.03
N ASN C 33 45.87 38.45 -61.86
CA ASN C 33 47.17 38.10 -62.42
C ASN C 33 48.28 39.03 -61.91
N GLU C 34 48.46 39.03 -60.59
CA GLU C 34 49.50 39.82 -59.96
C GLU C 34 50.13 39.02 -58.83
N THR C 35 51.34 39.42 -58.46
CA THR C 35 52.08 38.74 -57.40
C THR C 35 51.53 39.12 -56.03
N VAL C 36 51.88 38.30 -55.04
CA VAL C 36 51.45 38.56 -53.67
C VAL C 36 52.05 39.87 -53.18
N ALA C 37 53.31 40.13 -53.51
CA ALA C 37 53.95 41.37 -53.07
C ALA C 37 53.25 42.59 -53.65
N THR C 38 52.82 42.51 -54.91
CA THR C 38 52.08 43.61 -55.51
C THR C 38 50.76 43.84 -54.79
N ILE C 39 50.02 42.77 -54.52
CA ILE C 39 48.72 42.90 -53.86
C ILE C 39 48.89 43.40 -52.43
N ALA C 40 49.94 42.99 -51.75
CA ALA C 40 50.17 43.38 -50.36
C ALA C 40 50.77 44.77 -50.22
N ALA C 41 51.00 45.47 -51.33
CA ALA C 41 51.56 46.81 -51.26
C ALA C 41 50.56 47.77 -50.64
N SER C 42 51.09 48.89 -50.13
CA SER C 42 50.25 49.87 -49.46
C SER C 42 49.24 50.49 -50.43
N GLY C 43 47.99 50.60 -49.98
CA GLY C 43 46.97 51.26 -50.75
C GLY C 43 46.44 50.47 -51.93
N TYR C 44 46.78 49.19 -52.05
CA TYR C 44 46.28 48.39 -53.16
C TYR C 44 44.77 48.23 -53.08
N PHE C 45 44.24 47.95 -51.89
CA PHE C 45 42.82 47.75 -51.68
C PHE C 45 42.06 49.05 -51.48
N ASN C 46 42.65 50.19 -51.85
CA ASN C 46 41.98 51.47 -51.67
C ASN C 46 40.72 51.56 -52.52
N ALA C 47 40.74 50.99 -53.72
CA ALA C 47 39.57 51.03 -54.60
C ALA C 47 38.40 50.24 -54.04
N PHE C 48 38.62 49.35 -53.07
CA PHE C 48 37.52 48.63 -52.45
C PHE C 48 36.71 49.53 -51.52
N MET C 49 37.36 50.44 -50.82
CA MET C 49 36.65 51.33 -49.91
C MET C 49 35.86 52.38 -50.67
N VAL C 50 34.72 52.76 -50.11
CA VAL C 50 33.89 53.79 -50.73
C VAL C 50 34.56 55.15 -50.62
N ASN C 51 35.13 55.45 -49.46
CA ASN C 51 35.82 56.72 -49.21
C ASN C 51 36.95 56.37 -48.25
N VAL C 52 38.14 56.17 -48.79
CA VAL C 52 39.27 55.73 -47.97
C VAL C 52 39.75 56.84 -47.04
N ALA C 53 39.48 58.09 -47.38
CA ALA C 53 39.95 59.20 -46.55
C ALA C 53 39.32 59.15 -45.16
N LEU C 54 38.03 58.84 -45.08
CA LEU C 54 37.34 58.71 -43.80
C LEU C 54 37.24 57.27 -43.33
N GLY C 55 37.83 56.33 -44.05
CA GLY C 55 37.75 54.93 -43.65
C GLY C 55 36.37 54.33 -43.74
N LYS C 56 35.63 54.64 -44.79
CA LYS C 56 34.29 54.12 -45.01
C LYS C 56 34.35 53.08 -46.13
N GLY C 57 33.98 51.84 -45.81
CA GLY C 57 34.00 50.79 -46.78
C GLY C 57 33.84 49.41 -46.17
N PRO C 58 33.78 48.39 -47.02
CA PRO C 58 33.56 47.03 -46.51
C PRO C 58 34.67 46.52 -45.62
N LEU C 59 35.91 46.92 -45.85
CA LEU C 59 37.03 46.40 -45.08
C LEU C 59 37.11 47.10 -43.72
N GLY C 60 37.41 46.32 -42.69
CA GLY C 60 37.60 46.86 -41.36
C GLY C 60 38.94 46.43 -40.77
N VAL C 61 39.41 47.14 -39.76
CA VAL C 61 40.71 46.82 -39.18
C VAL C 61 40.66 45.45 -38.51
N GLY C 62 41.64 44.61 -38.82
CA GLY C 62 41.72 43.29 -38.25
C GLY C 62 41.17 42.18 -39.11
N ASP C 63 40.56 42.50 -40.25
CA ASP C 63 40.04 41.46 -41.12
C ASP C 63 41.18 40.64 -41.71
N LEU C 64 40.88 39.38 -42.00
CA LEU C 64 41.85 38.44 -42.54
C LEU C 64 41.56 38.23 -44.02
N ILE C 65 42.55 38.48 -44.86
CA ILE C 65 42.42 38.35 -46.31
C ILE C 65 43.30 37.19 -46.76
N ILE C 66 42.70 36.22 -47.46
CA ILE C 66 43.44 35.10 -48.04
C ILE C 66 43.85 35.55 -49.44
N ILE C 67 45.07 36.03 -49.58
CA ILE C 67 45.56 36.54 -50.86
C ILE C 67 46.12 35.39 -51.67
N ASN C 68 45.64 35.27 -52.91
CA ASN C 68 46.04 34.20 -53.82
C ASN C 68 46.72 34.84 -55.02
N GLY C 69 48.03 35.07 -54.92
CA GLY C 69 48.78 35.63 -56.02
C GLY C 69 49.09 34.62 -57.08
N ASN C 70 49.68 35.10 -58.18
CA ASN C 70 50.04 34.22 -59.28
C ASN C 70 51.30 33.39 -59.00
N ASP C 71 52.03 33.69 -57.94
CA ASP C 71 53.21 32.91 -57.57
C ASP C 71 52.96 32.06 -56.33
N ALA C 72 52.45 32.66 -55.26
CA ALA C 72 52.20 31.98 -54.00
C ALA C 72 50.90 32.48 -53.40
N SER C 73 50.64 32.08 -52.15
CA SER C 73 49.46 32.51 -51.42
C SER C 73 49.82 32.60 -49.95
N ALA C 74 49.14 33.50 -49.24
CA ALA C 74 49.41 33.67 -47.81
C ALA C 74 48.23 34.37 -47.16
N PHE C 75 48.16 34.23 -45.84
CA PHE C 75 47.19 34.98 -45.05
C PHE C 75 47.72 36.37 -44.79
N TYR C 76 46.83 37.36 -44.83
CA TYR C 76 47.18 38.73 -44.51
C TYR C 76 46.11 39.33 -43.60
N THR C 77 46.52 40.32 -42.82
CA THR C 77 45.64 40.96 -41.85
C THR C 77 45.64 42.47 -42.10
N VAL C 78 44.45 43.05 -42.15
CA VAL C 78 44.35 44.49 -42.35
C VAL C 78 44.81 45.21 -41.09
N GLN C 79 45.73 46.15 -41.26
CA GLN C 79 46.25 46.94 -40.16
C GLN C 79 45.60 48.30 -40.04
N THR C 80 45.49 49.04 -41.13
CA THR C 80 44.81 50.33 -41.16
C THR C 80 43.90 50.37 -42.37
N ILE C 81 42.87 51.22 -42.29
CA ILE C 81 41.96 51.41 -43.42
C ILE C 81 41.99 52.87 -43.83
N THR C 82 42.62 53.72 -43.02
CA THR C 82 42.77 55.12 -43.34
C THR C 82 44.16 55.58 -42.93
N PRO C 83 44.80 56.45 -43.72
CA PRO C 83 44.35 57.03 -45.00
C PRO C 83 44.63 56.08 -46.16
N ASN C 84 45.23 54.93 -45.89
CA ASN C 84 45.43 53.89 -46.89
C ASN C 84 45.10 52.55 -46.26
N VAL C 85 44.78 51.59 -47.10
CA VAL C 85 44.53 50.22 -46.66
C VAL C 85 45.85 49.47 -46.71
N THR C 86 46.41 49.17 -45.54
CA THR C 86 47.69 48.48 -45.43
C THR C 86 47.47 47.12 -44.78
N VAL C 87 48.18 46.11 -45.27
CA VAL C 87 48.06 44.76 -44.76
C VAL C 87 49.44 44.25 -44.37
N SER C 88 49.45 43.28 -43.47
CA SER C 88 50.68 42.63 -43.04
C SER C 88 50.48 41.12 -43.08
N VAL C 89 51.57 40.39 -43.30
CA VAL C 89 51.48 38.95 -43.43
C VAL C 89 51.02 38.33 -42.11
N PHE C 90 50.49 37.12 -42.20
CA PHE C 90 49.98 36.41 -41.03
C PHE C 90 50.17 34.91 -41.17
N ALA D 2 36.56 38.33 -19.55
CA ALA D 2 35.88 37.06 -19.68
C ALA D 2 35.32 36.90 -21.09
N PHE D 3 34.77 35.72 -21.37
CA PHE D 3 34.21 35.47 -22.69
C PHE D 3 32.99 36.33 -22.92
N GLY D 4 32.91 36.93 -24.11
CA GLY D 4 31.76 37.72 -24.50
C GLY D 4 31.15 37.20 -25.79
N ILE D 5 29.90 36.75 -25.71
CA ILE D 5 29.27 36.10 -26.86
C ILE D 5 29.10 37.05 -28.03
N ASN D 6 29.01 38.36 -27.78
CA ASN D 6 28.85 39.31 -28.87
C ASN D 6 30.09 39.40 -29.75
N TYR D 7 31.24 38.97 -29.25
CA TYR D 7 32.48 38.99 -29.99
C TYR D 7 32.79 37.67 -30.68
N MET D 8 31.89 36.71 -30.58
CA MET D 8 32.08 35.40 -31.18
C MET D 8 31.25 35.31 -32.45
N GLY D 9 31.89 34.99 -33.57
CA GLY D 9 31.20 34.85 -34.84
C GLY D 9 31.56 33.53 -35.49
N ARG D 10 30.80 33.19 -36.52
CA ARG D 10 31.00 31.95 -37.26
C ARG D 10 31.47 32.26 -38.67
N VAL D 11 32.48 31.52 -39.11
CA VAL D 11 33.07 31.71 -40.44
C VAL D 11 32.52 30.69 -41.43
N SER D 12 32.47 29.42 -41.05
CA SER D 12 32.04 28.38 -41.97
C SER D 12 30.55 28.54 -42.26
N THR D 13 30.19 28.48 -43.55
CA THR D 13 28.81 28.66 -43.95
C THR D 13 28.02 27.36 -43.96
N SER D 14 28.69 26.21 -44.03
CA SER D 14 27.99 24.95 -44.15
C SER D 14 27.26 24.61 -42.86
N ALA D 15 26.04 24.11 -43.00
CA ALA D 15 25.27 23.61 -41.87
C ALA D 15 25.45 22.13 -41.64
N ASN D 16 26.30 21.48 -42.42
CA ASN D 16 26.56 20.06 -42.25
C ASN D 16 27.23 19.80 -40.91
N ASN D 17 26.57 19.04 -40.06
CA ASN D 17 27.03 18.80 -38.70
C ASN D 17 27.98 17.62 -38.58
N ASP D 18 28.20 16.88 -39.66
CA ASP D 18 29.15 15.79 -39.65
C ASP D 18 30.59 16.24 -39.89
N THR D 19 30.79 17.50 -40.23
CA THR D 19 32.10 18.10 -40.38
C THR D 19 32.29 19.16 -39.29
N GLN D 20 33.42 19.86 -39.35
CA GLN D 20 33.78 20.83 -38.31
C GLN D 20 33.33 22.22 -38.70
N LYS D 21 33.44 23.14 -37.75
CA LYS D 21 33.10 24.54 -37.95
C LYS D 21 34.31 25.42 -37.68
N VAL D 22 34.26 26.63 -38.23
CA VAL D 22 35.32 27.62 -38.07
C VAL D 22 34.71 28.83 -37.39
N TRP D 23 35.33 29.28 -36.31
CA TRP D 23 34.89 30.44 -35.56
C TRP D 23 35.95 31.53 -35.61
N ILE D 24 35.53 32.74 -35.28
CA ILE D 24 36.45 33.87 -35.17
C ILE D 24 36.06 34.65 -33.92
N TYR D 25 37.06 35.02 -33.12
CA TYR D 25 36.84 35.71 -31.85
C TYR D 25 37.55 37.04 -31.86
N ASN D 26 36.84 38.08 -31.41
CA ASN D 26 37.37 39.44 -31.37
C ASN D 26 37.79 39.75 -29.94
N GLY D 27 39.03 39.45 -29.62
CA GLY D 27 39.62 39.83 -28.35
C GLY D 27 40.48 41.07 -28.41
N THR D 28 40.40 41.86 -29.48
CA THR D 28 41.21 43.05 -29.63
C THR D 28 40.65 44.17 -28.77
N ALA D 29 41.17 45.38 -28.94
CA ALA D 29 40.74 46.51 -28.13
C ALA D 29 39.27 46.85 -28.35
N THR D 30 38.72 46.52 -29.51
CA THR D 30 37.30 46.75 -29.78
C THR D 30 36.43 45.57 -29.35
N GLY D 31 37.02 44.52 -28.79
CA GLY D 31 36.26 43.38 -28.32
C GLY D 31 36.47 43.12 -26.85
N SER D 32 36.94 41.92 -26.51
CA SER D 32 37.15 41.58 -25.11
C SER D 32 38.40 42.24 -24.53
N ASN D 33 39.33 42.67 -25.38
CA ASN D 33 40.55 43.35 -24.96
C ASN D 33 41.37 42.49 -24.00
N GLU D 34 41.71 41.30 -24.46
CA GLU D 34 42.54 40.38 -23.69
C GLU D 34 43.57 39.74 -24.62
N THR D 35 44.66 39.27 -24.02
CA THR D 35 45.75 38.69 -24.79
C THR D 35 45.36 37.32 -25.33
N VAL D 36 46.13 36.86 -26.32
CA VAL D 36 45.89 35.55 -26.91
C VAL D 36 46.09 34.46 -25.86
N ALA D 37 47.07 34.64 -24.97
CA ALA D 37 47.31 33.64 -23.93
C ALA D 37 46.12 33.53 -23.00
N THR D 38 45.51 34.66 -22.63
CA THR D 38 44.34 34.62 -21.76
C THR D 38 43.17 33.91 -22.43
N ILE D 39 42.93 34.21 -23.70
CA ILE D 39 41.82 33.58 -24.42
C ILE D 39 42.07 32.09 -24.61
N ALA D 40 43.32 31.69 -24.83
CA ALA D 40 43.66 30.30 -25.05
C ALA D 40 43.79 29.49 -23.78
N ALA D 41 43.62 30.12 -22.61
CA ALA D 41 43.71 29.40 -21.36
C ALA D 41 42.55 28.40 -21.23
N SER D 42 42.76 27.38 -20.41
CA SER D 42 41.77 26.34 -20.26
C SER D 42 40.49 26.88 -19.64
N GLY D 43 39.35 26.45 -20.17
CA GLY D 43 38.07 26.83 -19.62
C GLY D 43 37.60 28.22 -19.95
N TYR D 44 38.30 28.93 -20.84
CA TYR D 44 37.88 30.28 -21.18
C TYR D 44 36.57 30.29 -21.93
N PHE D 45 36.38 29.32 -22.85
CA PHE D 45 35.17 29.22 -23.65
C PHE D 45 34.10 28.39 -23.00
N ASN D 46 34.17 28.18 -21.68
CA ASN D 46 33.15 27.42 -20.99
C ASN D 46 31.79 28.11 -21.04
N ALA D 47 31.77 29.43 -20.97
CA ALA D 47 30.52 30.17 -21.02
C ALA D 47 29.80 30.02 -22.35
N PHE D 48 30.51 29.69 -23.42
CA PHE D 48 29.88 29.51 -24.72
C PHE D 48 29.11 28.20 -24.81
N MET D 49 29.41 27.23 -23.96
CA MET D 49 28.72 25.96 -23.98
C MET D 49 27.47 26.02 -23.12
N VAL D 50 26.52 25.14 -23.44
CA VAL D 50 25.27 25.10 -22.69
C VAL D 50 25.44 24.31 -21.40
N ASN D 51 25.96 23.09 -21.50
CA ASN D 51 26.27 22.25 -20.35
C ASN D 51 27.67 21.68 -20.58
N VAL D 52 28.69 22.40 -20.12
CA VAL D 52 30.06 21.97 -20.35
C VAL D 52 30.39 20.68 -19.61
N ALA D 53 29.65 20.37 -18.54
CA ALA D 53 29.90 19.13 -17.82
C ALA D 53 29.58 17.91 -18.68
N LEU D 54 28.55 18.00 -19.52
CA LEU D 54 28.17 16.91 -20.41
C LEU D 54 28.68 17.13 -21.84
N GLY D 55 29.47 18.16 -22.07
CA GLY D 55 29.96 18.42 -23.41
C GLY D 55 28.87 18.80 -24.40
N LYS D 56 27.89 19.58 -23.95
CA LYS D 56 26.79 20.01 -24.80
C LYS D 56 26.96 21.49 -25.10
N GLY D 57 27.06 21.82 -26.39
CA GLY D 57 27.22 23.20 -26.78
C GLY D 57 27.51 23.35 -28.26
N PRO D 58 27.70 24.59 -28.72
CA PRO D 58 27.94 24.81 -30.14
C PRO D 58 29.34 24.44 -30.61
N LEU D 59 30.31 24.34 -29.70
CA LEU D 59 31.67 24.00 -30.06
C LEU D 59 31.84 22.49 -30.14
N GLY D 60 32.57 22.04 -31.14
CA GLY D 60 32.86 20.63 -31.28
C GLY D 60 34.35 20.34 -31.28
N VAL D 61 34.73 19.10 -30.99
CA VAL D 61 36.13 18.74 -30.97
C VAL D 61 36.68 18.80 -32.39
N GLY D 62 37.80 19.50 -32.56
CA GLY D 62 38.39 19.71 -33.86
C GLY D 62 38.02 21.02 -34.50
N ASP D 63 37.14 21.80 -33.88
CA ASP D 63 36.72 23.08 -34.44
C ASP D 63 37.88 24.06 -34.43
N LEU D 64 37.95 24.87 -35.49
CA LEU D 64 39.03 25.83 -35.65
C LEU D 64 38.55 27.21 -35.22
N ILE D 65 39.30 27.85 -34.33
CA ILE D 65 38.97 29.18 -33.82
C ILE D 65 40.09 30.14 -34.20
N ILE D 66 39.72 31.23 -34.86
CA ILE D 66 40.66 32.29 -35.18
C ILE D 66 40.61 33.32 -34.06
N ILE D 67 41.64 33.33 -33.22
CA ILE D 67 41.67 34.18 -32.04
C ILE D 67 42.43 35.45 -32.38
N ASN D 68 41.76 36.59 -32.26
CA ASN D 68 42.37 37.90 -32.48
C ASN D 68 42.52 38.57 -31.12
N GLY D 69 43.65 38.32 -30.46
CA GLY D 69 43.92 38.97 -29.20
C GLY D 69 44.32 40.42 -29.38
N ASN D 70 44.46 41.12 -28.26
CA ASN D 70 44.84 42.52 -28.30
C ASN D 70 46.33 42.73 -28.56
N ASP D 71 47.12 41.65 -28.59
CA ASP D 71 48.54 41.75 -28.89
C ASP D 71 48.96 40.99 -30.14
N ALA D 72 48.22 39.98 -30.56
CA ALA D 72 48.57 39.17 -31.71
C ALA D 72 47.34 38.36 -32.13
N SER D 73 47.54 37.48 -33.10
CA SER D 73 46.48 36.59 -33.57
C SER D 73 47.07 35.22 -33.86
N ALA D 74 46.25 34.20 -33.69
CA ALA D 74 46.72 32.84 -33.93
C ALA D 74 45.53 31.93 -34.17
N PHE D 75 45.76 30.89 -34.99
CA PHE D 75 44.77 29.85 -35.18
C PHE D 75 44.86 28.83 -34.05
N TYR D 76 43.71 28.37 -33.58
CA TYR D 76 43.64 27.38 -32.52
C TYR D 76 42.62 26.32 -32.87
N THR D 77 42.72 25.18 -32.19
CA THR D 77 41.84 24.05 -32.44
C THR D 77 41.33 23.50 -31.12
N VAL D 78 40.03 23.24 -31.05
CA VAL D 78 39.41 22.69 -29.84
C VAL D 78 39.80 21.23 -29.71
N GLN D 79 40.25 20.84 -28.52
CA GLN D 79 40.55 19.45 -28.22
C GLN D 79 39.52 18.76 -27.33
N THR D 80 39.09 19.41 -26.26
CA THR D 80 38.09 18.84 -25.37
C THR D 80 36.96 19.83 -25.17
N ILE D 81 35.75 19.30 -25.05
CA ILE D 81 34.58 20.09 -24.70
C ILE D 81 34.01 19.70 -23.35
N THR D 82 34.57 18.68 -22.70
CA THR D 82 34.14 18.26 -21.38
C THR D 82 35.35 17.68 -20.66
N PRO D 83 35.53 17.98 -19.37
CA PRO D 83 34.70 18.83 -18.52
C PRO D 83 35.03 20.31 -18.69
N ASN D 84 36.00 20.61 -19.54
CA ASN D 84 36.39 21.98 -19.84
C ASN D 84 36.65 22.10 -21.33
N VAL D 85 36.60 23.34 -21.83
CA VAL D 85 36.91 23.62 -23.22
C VAL D 85 38.36 24.06 -23.29
N THR D 86 39.18 23.26 -23.96
CA THR D 86 40.62 23.53 -24.08
C THR D 86 40.99 23.60 -25.55
N VAL D 87 41.85 24.56 -25.88
CA VAL D 87 42.31 24.75 -27.25
C VAL D 87 43.82 24.59 -27.29
N SER D 88 44.34 24.36 -28.49
CA SER D 88 45.77 24.21 -28.69
C SER D 88 46.15 24.90 -30.00
N VAL D 89 47.44 25.22 -30.12
CA VAL D 89 47.92 25.89 -31.30
C VAL D 89 47.70 25.02 -32.54
N PHE D 90 47.20 25.66 -33.59
CA PHE D 90 46.93 25.00 -34.86
C PHE D 90 48.24 24.67 -35.58
N SER E 2 -37.87 -56.94 -8.79
CA SER E 2 -36.64 -57.64 -8.49
C SER E 2 -35.43 -56.74 -8.68
N LEU E 3 -34.26 -57.23 -8.30
CA LEU E 3 -33.04 -56.44 -8.46
C LEU E 3 -32.52 -56.46 -9.89
N ALA E 4 -33.15 -57.23 -10.78
CA ALA E 4 -32.78 -57.19 -12.18
C ALA E 4 -33.10 -55.85 -12.84
N LEU E 5 -33.86 -54.99 -12.16
CA LEU E 5 -34.14 -53.66 -12.69
C LEU E 5 -32.88 -52.84 -12.86
N SER E 6 -31.80 -53.21 -12.19
CA SER E 6 -30.54 -52.49 -12.36
C SER E 6 -29.96 -52.65 -13.75
N GLN E 7 -30.40 -53.65 -14.51
CA GLN E 7 -29.90 -53.85 -15.87
C GLN E 7 -30.47 -52.83 -16.85
N ILE E 8 -31.60 -52.21 -16.52
CA ILE E 8 -32.23 -51.26 -17.43
C ILE E 8 -32.20 -49.84 -16.86
N GLU E 9 -31.24 -49.56 -15.98
CA GLU E 9 -31.08 -48.21 -15.46
C GLU E 9 -30.61 -47.27 -16.57
N ILE E 10 -30.97 -46.00 -16.44
CA ILE E 10 -30.58 -45.00 -17.41
C ILE E 10 -29.48 -44.14 -16.82
N GLN E 11 -28.90 -43.28 -17.66
CA GLN E 11 -27.88 -42.35 -17.25
C GLN E 11 -28.18 -40.99 -17.85
N GLN E 12 -27.71 -39.95 -17.19
CA GLN E 12 -27.96 -38.57 -17.61
C GLN E 12 -26.67 -37.94 -18.10
N PHE E 13 -26.73 -37.32 -19.28
CA PHE E 13 -25.60 -36.63 -19.88
C PHE E 13 -25.92 -35.15 -19.99
N LEU E 14 -25.05 -34.32 -19.42
CA LEU E 14 -25.29 -32.89 -19.38
C LEU E 14 -24.80 -32.21 -20.64
N SER E 15 -25.50 -31.15 -21.03
CA SER E 15 -25.20 -30.44 -22.26
C SER E 15 -24.20 -29.31 -22.08
N GLU E 16 -23.96 -28.86 -20.84
CA GLU E 16 -23.05 -27.76 -20.59
C GLU E 16 -21.66 -28.32 -20.31
N ALA E 17 -20.72 -28.03 -21.21
CA ALA E 17 -19.38 -28.55 -21.12
C ALA E 17 -18.49 -27.61 -20.31
N HIS E 18 -17.62 -28.18 -19.49
CA HIS E 18 -16.67 -27.41 -18.71
C HIS E 18 -15.31 -27.41 -19.41
N ALA E 19 -14.81 -26.24 -19.74
CA ALA E 19 -13.46 -26.10 -20.24
C ALA E 19 -12.50 -25.98 -19.06
N GLU E 20 -11.38 -26.69 -19.14
CA GLU E 20 -10.42 -26.70 -18.04
C GLU E 20 -9.96 -25.29 -17.73
N PHE E 21 -9.63 -25.04 -16.47
CA PHE E 21 -9.23 -23.72 -16.03
C PHE E 21 -7.98 -23.28 -16.78
N GLN E 22 -8.12 -22.28 -17.65
CA GLN E 22 -7.01 -21.82 -18.46
C GLN E 22 -7.18 -20.33 -18.70
N SER E 23 -6.06 -19.66 -18.98
CA SER E 23 -6.11 -18.24 -19.29
C SER E 23 -6.74 -18.01 -20.65
N GLU E 24 -7.51 -16.94 -20.76
CA GLU E 24 -8.14 -16.59 -22.01
C GLU E 24 -7.26 -15.74 -22.91
N GLY E 25 -6.09 -15.33 -22.43
CA GLY E 25 -5.16 -14.59 -23.25
C GLY E 25 -5.54 -13.13 -23.41
N PHE E 26 -4.74 -12.44 -24.20
CA PHE E 26 -4.92 -11.01 -24.47
C PHE E 26 -4.92 -10.19 -23.19
N LEU E 27 -4.20 -10.66 -22.18
CA LEU E 27 -4.13 -9.93 -20.92
C LEU E 27 -3.36 -8.62 -21.07
N LEU E 28 -2.34 -8.60 -21.91
CA LEU E 28 -1.53 -7.42 -22.12
C LEU E 28 -2.01 -6.57 -23.28
N GLN E 29 -3.22 -6.85 -23.78
CA GLN E 29 -3.79 -6.04 -24.84
C GLN E 29 -4.02 -4.62 -24.34
N GLY E 30 -3.43 -3.65 -25.03
CA GLY E 30 -3.51 -2.27 -24.64
C GLY E 30 -2.49 -1.83 -23.62
N ALA E 31 -1.68 -2.75 -23.08
CA ALA E 31 -0.64 -2.37 -22.15
C ALA E 31 0.55 -1.74 -22.85
N VAL E 32 0.74 -2.04 -24.13
CA VAL E 32 1.85 -1.51 -24.90
C VAL E 32 1.30 -0.83 -26.15
N ARG E 33 2.16 -0.05 -26.80
CA ARG E 33 1.77 0.66 -28.01
C ARG E 33 1.59 -0.34 -29.14
N THR E 34 0.37 -0.45 -29.65
CA THR E 34 0.01 -1.45 -30.63
C THR E 34 -0.31 -0.79 -31.97
N LYS E 35 0.28 -1.31 -33.04
CA LYS E 35 -0.04 -0.89 -34.40
C LYS E 35 -0.71 -2.06 -35.10
N SER E 36 -1.89 -1.83 -35.64
CA SER E 36 -2.70 -2.87 -36.24
C SER E 36 -2.62 -2.81 -37.76
N GLY E 37 -2.82 -3.96 -38.39
CA GLY E 37 -2.78 -4.03 -39.84
C GLY E 37 -1.41 -3.75 -40.43
N THR E 38 -0.36 -4.21 -39.76
CA THR E 38 0.98 -4.02 -40.28
C THR E 38 1.28 -5.05 -41.37
N LYS E 39 2.33 -4.77 -42.14
CA LYS E 39 2.75 -5.64 -43.23
C LYS E 39 4.23 -5.92 -43.10
N GLY E 40 4.68 -6.94 -43.83
CA GLY E 40 6.10 -7.27 -43.90
C GLY E 40 6.55 -8.18 -42.79
N SER E 41 7.77 -8.69 -42.96
CA SER E 41 8.38 -9.58 -41.98
C SER E 41 9.04 -8.83 -40.83
N ILE E 42 9.41 -7.58 -41.03
CA ILE E 42 9.97 -6.73 -39.99
C ILE E 42 9.26 -5.39 -40.02
N VAL E 43 8.95 -4.85 -38.85
CA VAL E 43 8.33 -3.55 -38.72
C VAL E 43 9.27 -2.65 -37.92
N HIS E 44 9.52 -1.45 -38.45
CA HIS E 44 10.50 -0.53 -37.89
C HIS E 44 9.79 0.63 -37.21
N PHE E 45 10.22 0.95 -35.99
CA PHE E 45 9.68 2.07 -35.24
C PHE E 45 10.73 3.17 -35.16
N PRO E 46 10.54 4.31 -35.81
CA PRO E 46 11.54 5.39 -35.72
C PRO E 46 11.57 6.02 -34.34
N VAL E 47 12.74 6.52 -33.97
CA VAL E 47 12.97 7.14 -32.68
C VAL E 47 13.75 8.43 -32.87
N PHE E 48 13.33 9.48 -32.16
CA PHE E 48 14.03 10.75 -32.15
C PHE E 48 14.62 11.02 -30.78
N GLY E 49 15.67 11.83 -30.76
CA GLY E 49 16.33 12.22 -29.53
C GLY E 49 15.77 13.49 -28.95
N GLU E 50 16.62 14.23 -28.25
CA GLU E 50 16.23 15.50 -27.64
C GLU E 50 16.99 16.64 -28.28
N GLY E 51 16.28 17.75 -28.51
CA GLY E 51 16.91 18.98 -28.93
C GLY E 51 17.47 19.74 -27.74
N MET E 52 18.09 20.87 -28.06
CA MET E 52 18.71 21.68 -27.02
C MET E 52 18.76 23.12 -27.50
N ALA E 53 18.61 24.06 -26.56
CA ALA E 53 18.63 25.47 -26.88
C ALA E 53 19.97 26.07 -26.48
N ASN E 54 20.56 26.85 -27.38
CA ASN E 54 21.83 27.52 -27.13
C ASN E 54 21.66 29.01 -27.40
N GLN E 55 22.72 29.75 -27.16
CA GLN E 55 22.76 31.18 -27.41
C GLN E 55 23.71 31.50 -28.55
N LYS E 56 23.54 32.68 -29.12
CA LYS E 56 24.39 33.14 -30.20
C LYS E 56 24.41 34.66 -30.20
N ALA E 57 25.40 35.22 -30.87
CA ALA E 57 25.45 36.66 -31.02
C ALA E 57 24.36 37.12 -31.97
N PRO E 58 23.89 38.36 -31.82
CA PRO E 58 22.95 38.91 -32.80
C PRO E 58 23.56 38.93 -34.19
N GLN E 59 22.74 38.64 -35.19
CA GLN E 59 23.09 38.59 -36.61
C GLN E 59 24.10 37.50 -36.93
N ASP E 60 24.43 36.63 -35.97
CA ASP E 60 25.28 35.49 -36.24
C ASP E 60 24.47 34.35 -36.81
N ASP E 61 25.14 33.47 -37.55
CA ASP E 61 24.49 32.30 -38.10
C ASP E 61 24.07 31.35 -36.98
N ILE E 62 22.95 30.68 -37.18
CA ILE E 62 22.41 29.77 -36.19
C ILE E 62 23.23 28.49 -36.19
N THR E 63 23.46 27.93 -35.00
CA THR E 63 24.22 26.69 -34.86
C THR E 63 23.36 25.69 -34.11
N PRO E 64 22.64 24.81 -34.80
CA PRO E 64 21.72 23.89 -34.13
C PRO E 64 22.45 22.89 -33.25
N MET E 65 21.78 22.50 -32.18
CA MET E 65 22.21 21.36 -31.37
C MET E 65 21.59 20.11 -31.98
N ASN E 66 22.43 19.11 -32.22
CA ASN E 66 22.02 17.99 -33.05
C ASN E 66 21.13 17.02 -32.28
N VAL E 67 20.15 16.47 -33.00
CA VAL E 67 19.20 15.51 -32.46
C VAL E 67 19.54 14.14 -33.04
N SER E 68 19.70 13.15 -32.18
CA SER E 68 20.04 11.81 -32.61
C SER E 68 18.80 11.05 -33.05
N ASN E 69 19.04 10.00 -33.85
CA ASN E 69 17.98 9.12 -34.31
C ASN E 69 18.44 7.69 -34.22
N ARG E 70 17.47 6.78 -34.10
CA ARG E 70 17.76 5.35 -34.13
C ARG E 70 16.47 4.63 -34.53
N ASP E 71 16.56 3.32 -34.65
CA ASP E 71 15.46 2.52 -35.16
C ASP E 71 15.30 1.26 -34.32
N ALA E 72 14.07 0.76 -34.27
CA ALA E 72 13.76 -0.47 -33.55
C ALA E 72 13.02 -1.41 -34.48
N GLU E 73 13.38 -2.69 -34.44
CA GLU E 73 12.89 -3.67 -35.41
C GLU E 73 12.15 -4.79 -34.69
N ALA E 74 10.90 -5.02 -35.08
CA ALA E 74 10.10 -6.11 -34.56
C ALA E 74 9.98 -7.19 -35.63
N VAL E 75 10.23 -8.44 -35.24
CA VAL E 75 10.22 -9.57 -36.16
C VAL E 75 8.89 -10.29 -36.04
N ILE E 76 8.22 -10.49 -37.16
CA ILE E 76 6.87 -11.04 -37.19
C ILE E 76 6.94 -12.56 -37.24
N GLU E 77 6.10 -13.22 -36.46
CA GLU E 77 6.02 -14.67 -36.44
C GLU E 77 4.57 -15.10 -36.63
N ASP E 78 4.38 -16.37 -36.99
CA ASP E 78 3.07 -16.93 -37.27
C ASP E 78 2.82 -18.13 -36.37
N TRP E 79 1.62 -18.19 -35.80
CA TRP E 79 1.22 -19.30 -34.94
C TRP E 79 -0.18 -19.77 -35.33
N TYR E 80 -0.43 -21.06 -35.12
CA TYR E 80 -1.68 -21.69 -35.54
C TYR E 80 -2.26 -22.49 -34.38
N ALA E 81 -3.58 -22.40 -34.22
CA ALA E 81 -4.32 -23.23 -33.27
C ALA E 81 -5.48 -23.84 -34.03
N SER E 82 -5.43 -25.16 -34.22
CA SER E 82 -6.40 -25.84 -35.08
C SER E 82 -6.91 -27.10 -34.40
N GLU E 83 -8.06 -27.56 -34.86
CA GLU E 83 -8.68 -28.76 -34.33
C GLU E 83 -9.62 -29.33 -35.38
N TYR E 84 -9.93 -30.62 -35.24
CA TYR E 84 -10.85 -31.31 -36.14
C TYR E 84 -12.07 -31.77 -35.37
N ALA E 85 -13.20 -31.84 -36.07
CA ALA E 85 -14.45 -32.33 -35.49
C ALA E 85 -15.12 -33.22 -36.53
N ASP E 86 -15.03 -34.53 -36.34
CA ASP E 86 -15.61 -35.46 -37.30
C ASP E 86 -17.12 -35.38 -37.29
N ARG E 87 -17.73 -35.51 -38.47
CA ARG E 87 -19.18 -35.39 -38.59
C ARG E 87 -19.91 -36.52 -37.87
N SER E 88 -19.25 -37.65 -37.66
CA SER E 88 -19.90 -38.76 -36.97
C SER E 88 -20.15 -38.47 -35.50
N PHE E 89 -19.56 -37.40 -34.95
CA PHE E 89 -19.77 -37.03 -33.57
C PHE E 89 -20.88 -36.01 -33.39
N GLN E 90 -21.48 -35.53 -34.47
CA GLN E 90 -22.54 -34.53 -34.33
C GLN E 90 -23.76 -35.10 -33.61
N ASN E 91 -24.14 -36.32 -33.95
CA ASN E 91 -25.32 -36.95 -33.35
C ASN E 91 -25.01 -37.71 -32.09
N LYS E 92 -23.74 -37.86 -31.74
CA LYS E 92 -23.35 -38.66 -30.58
C LYS E 92 -22.96 -37.81 -29.38
N LEU E 93 -22.92 -36.50 -29.52
CA LEU E 93 -22.54 -35.62 -28.43
C LEU E 93 -23.71 -34.75 -27.99
N ALA E 94 -23.77 -34.46 -26.70
CA ALA E 94 -24.74 -33.51 -26.17
C ALA E 94 -24.26 -32.07 -26.27
N VAL E 95 -22.99 -31.86 -26.61
CA VAL E 95 -22.44 -30.52 -26.74
C VAL E 95 -22.14 -30.26 -28.21
N ASN E 96 -21.84 -29.01 -28.53
CA ASN E 96 -21.49 -28.61 -29.88
C ASN E 96 -19.97 -28.59 -29.97
N ALA E 97 -19.39 -29.62 -30.57
CA ALA E 97 -17.93 -29.75 -30.60
C ALA E 97 -17.29 -28.61 -31.37
N VAL E 98 -17.88 -28.21 -32.50
CA VAL E 98 -17.31 -27.13 -33.29
C VAL E 98 -17.31 -25.83 -32.50
N GLU E 99 -18.41 -25.55 -31.80
CA GLU E 99 -18.48 -24.33 -31.02
C GLU E 99 -17.48 -24.31 -29.87
N GLU E 100 -17.31 -25.43 -29.17
CA GLU E 100 -16.32 -25.47 -28.10
C GLU E 100 -14.90 -25.35 -28.65
N TYR E 101 -14.62 -26.02 -29.77
CA TYR E 101 -13.28 -25.96 -30.34
C TYR E 101 -12.93 -24.56 -30.81
N ALA E 102 -13.90 -23.85 -31.40
CA ALA E 102 -13.64 -22.48 -31.82
C ALA E 102 -13.30 -21.58 -30.63
N LYS E 103 -13.89 -21.87 -29.48
CA LYS E 103 -13.59 -21.08 -28.29
C LYS E 103 -12.21 -21.44 -27.73
N LEU E 104 -11.88 -22.73 -27.71
CA LEU E 104 -10.58 -23.15 -27.16
C LEU E 104 -9.44 -22.70 -28.05
N CYS E 105 -9.62 -22.73 -29.37
CA CYS E 105 -8.56 -22.29 -30.27
C CYS E 105 -8.29 -20.80 -30.11
N ALA E 106 -9.33 -19.99 -29.91
CA ALA E 106 -9.13 -18.56 -29.74
C ALA E 106 -8.38 -18.25 -28.45
N TRP E 107 -8.58 -19.06 -27.40
CA TRP E 107 -7.82 -18.85 -26.17
C TRP E 107 -6.36 -19.24 -26.36
N ALA E 108 -6.08 -20.28 -27.13
CA ALA E 108 -4.69 -20.65 -27.40
C ALA E 108 -3.97 -19.54 -28.15
N ILE E 109 -4.63 -18.93 -29.13
CA ILE E 109 -4.04 -17.81 -29.84
C ILE E 109 -3.81 -16.64 -28.91
N GLY E 110 -4.81 -16.34 -28.06
CA GLY E 110 -4.66 -15.22 -27.14
C GLY E 110 -3.54 -15.42 -26.14
N ARG E 111 -3.32 -16.65 -25.69
CA ARG E 111 -2.22 -16.92 -24.77
C ARG E 111 -0.87 -16.73 -25.44
N ARG E 112 -0.74 -17.11 -26.71
CA ARG E 112 0.50 -16.88 -27.42
C ARG E 112 0.76 -15.39 -27.63
N ALA E 113 -0.28 -14.60 -27.85
CA ALA E 113 -0.11 -13.16 -28.01
C ALA E 113 0.48 -12.54 -26.75
N ASP E 114 0.04 -13.00 -25.58
CA ASP E 114 0.63 -12.52 -24.33
C ASP E 114 2.08 -12.94 -24.22
N GLN E 115 2.39 -14.16 -24.64
CA GLN E 115 3.76 -14.67 -24.53
C GLN E 115 4.73 -13.83 -25.35
N ILE E 116 4.30 -13.37 -26.52
CA ILE E 116 5.17 -12.56 -27.36
C ILE E 116 5.50 -11.24 -26.67
N ASN E 117 4.50 -10.61 -26.06
CA ASN E 117 4.74 -9.38 -25.32
C ASN E 117 5.69 -9.62 -24.15
N ILE E 118 5.49 -10.72 -23.41
CA ILE E 118 6.32 -11.00 -22.25
C ILE E 118 7.76 -11.25 -22.66
N ASP E 119 7.97 -12.01 -23.73
CA ASP E 119 9.32 -12.35 -24.16
C ASP E 119 10.10 -11.10 -24.56
N THR E 120 9.46 -10.17 -25.26
CA THR E 120 10.14 -8.94 -25.64
C THR E 120 10.51 -8.11 -24.43
N ILE E 121 9.59 -7.95 -23.47
CA ILE E 121 9.85 -7.13 -22.31
C ILE E 121 10.93 -7.77 -21.44
N ALA E 122 10.81 -9.07 -21.20
CA ALA E 122 11.78 -9.75 -20.34
C ALA E 122 13.13 -9.91 -21.02
N GLY E 123 13.17 -9.86 -22.34
CA GLY E 123 14.40 -10.04 -23.08
C GLY E 123 15.27 -8.82 -23.21
N ALA E 124 14.82 -7.66 -22.72
CA ALA E 124 15.62 -6.46 -22.82
C ALA E 124 16.77 -6.51 -21.82
N THR E 125 17.71 -5.57 -21.99
CA THR E 125 18.88 -5.50 -21.12
C THR E 125 18.59 -4.56 -19.96
N TYR E 126 18.73 -5.06 -18.74
CA TYR E 126 18.48 -4.29 -17.54
C TYR E 126 19.76 -4.20 -16.72
N SER E 127 20.08 -3.00 -16.26
CA SER E 127 21.28 -2.76 -15.47
C SER E 127 20.94 -1.89 -14.28
N ALA E 128 21.63 -2.13 -13.17
CA ALA E 128 21.44 -1.30 -11.97
C ALA E 128 21.99 0.10 -12.13
N THR E 129 22.85 0.33 -13.12
CA THR E 129 23.37 1.66 -13.45
C THR E 129 23.21 1.86 -14.95
N PRO E 130 21.98 1.98 -15.43
CA PRO E 130 21.73 1.90 -16.87
C PRO E 130 22.18 3.15 -17.61
N ASN E 131 22.46 2.96 -18.88
CA ASN E 131 22.64 4.05 -19.83
C ASN E 131 21.36 4.21 -20.64
N ASP E 132 21.40 5.06 -21.66
CA ASP E 132 20.19 5.37 -22.42
C ASP E 132 19.65 4.19 -23.20
N GLN E 133 20.42 3.12 -23.37
CA GLN E 133 19.99 1.96 -24.13
C GLN E 133 19.63 0.78 -23.24
N GLN E 134 19.59 0.96 -21.93
CA GLN E 134 19.31 -0.11 -20.99
C GLN E 134 18.15 0.27 -20.09
N GLY E 135 17.30 -0.70 -19.78
CA GLY E 135 16.31 -0.51 -18.76
C GLY E 135 16.91 -0.55 -17.37
N ALA E 136 16.17 0.00 -16.41
CA ALA E 136 16.64 0.05 -15.04
C ALA E 136 16.36 -1.27 -14.33
N LEU E 137 17.26 -1.64 -13.44
CA LEU E 137 17.15 -2.87 -12.67
C LEU E 137 17.14 -2.55 -11.18
N VAL E 138 16.22 -3.18 -10.46
CA VAL E 138 16.20 -3.14 -9.00
C VAL E 138 16.67 -4.50 -8.52
N PRO E 139 17.90 -4.60 -7.99
CA PRO E 139 18.46 -5.92 -7.70
C PRO E 139 17.69 -6.65 -6.60
N VAL E 140 17.81 -7.97 -6.65
CA VAL E 140 17.04 -8.80 -5.72
C VAL E 140 17.45 -8.53 -4.28
N GLY E 141 18.73 -8.30 -4.03
CA GLY E 141 19.19 -8.13 -2.67
C GLY E 141 18.96 -9.41 -1.88
N THR E 142 18.30 -9.29 -0.74
CA THR E 142 18.01 -10.43 0.11
C THR E 142 16.54 -10.48 0.53
N THR E 143 15.67 -9.77 -0.16
CA THR E 143 14.27 -9.65 0.24
C THR E 143 13.36 -10.02 -0.91
N GLY E 144 12.07 -10.11 -0.59
CA GLY E 144 11.05 -10.32 -1.60
C GLY E 144 10.55 -9.00 -2.15
N PHE E 145 9.36 -9.04 -2.74
CA PHE E 145 8.74 -7.85 -3.30
C PHE E 145 8.21 -7.01 -2.15
N THR E 146 8.95 -5.98 -1.76
CA THR E 146 8.62 -5.13 -0.63
C THR E 146 8.18 -3.77 -1.12
N PHE E 147 7.77 -2.92 -0.17
CA PHE E 147 7.40 -1.56 -0.52
C PHE E 147 8.61 -0.75 -0.94
N GLU E 148 9.80 -1.10 -0.45
CA GLU E 148 11.01 -0.39 -0.84
C GLU E 148 11.27 -0.54 -2.33
N LYS E 149 11.11 -1.75 -2.87
CA LYS E 149 11.36 -1.97 -4.28
C LYS E 149 10.33 -1.28 -5.15
N LEU E 150 9.10 -1.12 -4.66
CA LEU E 150 8.11 -0.34 -5.39
C LEU E 150 8.53 1.12 -5.51
N ARG E 151 9.07 1.68 -4.43
CA ARG E 151 9.54 3.06 -4.47
C ARG E 151 10.71 3.22 -5.44
N GLN E 152 11.65 2.27 -5.43
CA GLN E 152 12.80 2.38 -6.31
C GLN E 152 12.40 2.24 -7.78
N ALA E 153 11.49 1.31 -8.08
CA ALA E 153 11.01 1.18 -9.44
C ALA E 153 10.28 2.44 -9.91
N HIS E 154 9.45 3.01 -9.04
CA HIS E 154 8.78 4.26 -9.37
C HIS E 154 9.77 5.39 -9.54
N ARG E 155 10.88 5.36 -8.80
CA ARG E 155 11.89 6.40 -8.93
C ARG E 155 12.49 6.43 -10.32
N TRP E 156 12.80 5.26 -10.87
CA TRP E 156 13.44 5.20 -12.18
C TRP E 156 12.52 5.76 -13.27
N LEU E 157 11.24 5.42 -13.20
CA LEU E 157 10.29 5.95 -14.18
C LEU E 157 10.19 7.46 -14.08
N ARG E 158 10.16 8.00 -12.85
CA ARG E 158 10.09 9.45 -12.68
C ARG E 158 11.37 10.13 -13.15
N GLN E 159 12.52 9.55 -12.84
CA GLN E 159 13.79 10.19 -13.16
C GLN E 159 13.98 10.33 -14.66
N ARG E 160 13.57 9.32 -15.43
CA ARG E 160 13.80 9.30 -16.86
C ARG E 160 12.60 9.80 -17.65
N SER E 161 11.73 10.57 -17.02
CA SER E 161 10.60 11.22 -17.70
C SER E 161 9.69 10.20 -18.38
N ALA E 162 9.55 9.03 -17.75
CA ALA E 162 8.69 7.98 -18.26
C ALA E 162 7.49 7.75 -17.33
N ASN E 163 7.09 8.77 -16.60
CA ASN E 163 6.03 8.65 -15.61
C ASN E 163 4.73 9.34 -16.05
N ARG E 164 4.56 9.56 -17.35
CA ARG E 164 3.36 10.16 -17.89
C ARG E 164 2.67 9.16 -18.81
N GLY E 165 1.34 9.27 -18.89
CA GLY E 165 0.58 8.35 -19.70
C GLY E 165 0.20 7.10 -18.92
N LYS E 166 0.05 6.00 -19.64
CA LYS E 166 -0.34 4.73 -19.03
C LYS E 166 0.89 3.92 -18.67
N ARG E 167 0.98 3.53 -17.41
CA ARG E 167 2.07 2.69 -16.91
C ARG E 167 1.47 1.42 -16.33
N THR E 168 2.06 0.28 -16.68
CA THR E 168 1.56 -1.02 -16.28
C THR E 168 2.66 -1.80 -15.57
N VAL E 169 2.27 -2.50 -14.51
CA VAL E 169 3.17 -3.38 -13.77
C VAL E 169 2.68 -4.80 -13.97
N ILE E 170 3.48 -5.62 -14.64
CA ILE E 170 3.15 -7.02 -14.87
C ILE E 170 3.89 -7.86 -13.84
N ILE E 171 3.14 -8.66 -13.09
CA ILE E 171 3.67 -9.51 -12.04
C ILE E 171 3.01 -10.88 -12.19
N ASP E 172 3.63 -11.89 -11.61
CA ASP E 172 3.05 -13.22 -11.60
C ASP E 172 2.39 -13.48 -10.25
N ALA E 173 1.87 -14.70 -10.08
CA ALA E 173 1.08 -15.01 -8.91
C ALA E 173 1.89 -14.89 -7.62
N ILE E 174 3.14 -15.33 -7.65
CA ILE E 174 3.97 -15.29 -6.44
C ILE E 174 4.25 -13.86 -6.03
N ALA E 175 4.48 -12.97 -7.00
CA ALA E 175 4.70 -11.57 -6.68
C ALA E 175 3.49 -10.96 -6.00
N GLU E 176 2.28 -11.29 -6.47
CA GLU E 176 1.07 -10.80 -5.84
C GLU E 176 0.97 -11.31 -4.41
N GLU E 177 1.31 -12.58 -4.19
CA GLU E 177 1.21 -13.16 -2.86
C GLU E 177 2.08 -12.41 -1.86
N GLN E 178 3.28 -12.00 -2.28
CA GLN E 178 4.14 -11.24 -1.39
C GLN E 178 3.66 -9.81 -1.24
N LEU E 179 3.15 -9.20 -2.31
CA LEU E 179 2.67 -7.83 -2.25
C LEU E 179 1.39 -7.69 -1.44
N LEU E 180 0.66 -8.79 -1.20
CA LEU E 180 -0.50 -8.73 -0.32
C LEU E 180 -0.12 -8.57 1.14
N ASN E 181 1.15 -8.74 1.49
CA ASN E 181 1.65 -8.54 2.84
C ASN E 181 2.20 -7.14 3.06
N VAL E 182 2.17 -6.28 2.06
CA VAL E 182 2.69 -4.92 2.18
C VAL E 182 1.59 -4.04 2.76
N GLU E 183 1.92 -3.33 3.85
CA GLU E 183 0.92 -2.50 4.51
C GLU E 183 0.46 -1.36 3.62
N GLN E 184 1.37 -0.75 2.88
CA GLN E 184 1.04 0.42 2.09
C GLN E 184 0.10 0.12 0.92
N LEU E 185 -0.13 -1.16 0.60
CA LEU E 185 -1.04 -1.53 -0.47
C LEU E 185 -2.39 -2.01 0.03
N THR E 186 -2.48 -2.49 1.27
CA THR E 186 -3.71 -3.08 1.78
C THR E 186 -4.37 -2.27 2.88
N ASN E 187 -3.63 -1.41 3.59
CA ASN E 187 -4.20 -0.60 4.64
C ASN E 187 -4.99 0.55 4.03
N SER E 188 -6.22 0.75 4.51
CA SER E 188 -7.09 1.76 3.94
C SER E 188 -6.67 3.18 4.29
N PHE E 189 -5.73 3.36 5.21
CA PHE E 189 -5.24 4.69 5.51
C PHE E 189 -4.07 5.10 4.63
N TYR E 190 -3.58 4.21 3.77
CA TYR E 190 -2.59 4.54 2.77
C TYR E 190 -3.18 4.67 1.37
N VAL E 191 -4.18 3.86 1.05
CA VAL E 191 -4.85 3.90 -0.24
C VAL E 191 -6.35 3.90 0.00
N ASN E 192 -7.08 4.48 -0.95
CA ASN E 192 -8.53 4.60 -0.82
C ASN E 192 -9.26 3.41 -1.44
N GLN E 193 -8.83 2.21 -1.06
CA GLN E 193 -9.50 0.98 -1.47
C GLN E 193 -9.08 -0.12 -0.51
N LYS E 194 -9.84 -1.21 -0.53
CA LYS E 194 -9.56 -2.38 0.29
C LYS E 194 -9.47 -3.55 -0.67
N ILE E 195 -8.28 -3.81 -1.20
CA ILE E 195 -8.11 -4.90 -2.16
C ILE E 195 -8.31 -6.25 -1.51
N LEU E 196 -8.21 -6.34 -0.18
CA LEU E 196 -8.48 -7.60 0.49
C LEU E 196 -9.96 -7.93 0.52
N ASP E 197 -10.83 -6.96 0.24
CA ASP E 197 -12.25 -7.21 0.04
C ASP E 197 -12.61 -7.43 -1.42
N ASN E 198 -11.61 -7.48 -2.30
CA ASN E 198 -11.81 -7.43 -3.73
C ASN E 198 -10.86 -8.37 -4.43
N ASP E 199 -10.62 -8.16 -5.72
CA ASP E 199 -9.83 -9.06 -6.55
C ASP E 199 -8.33 -8.96 -6.28
N GLY E 200 -7.92 -8.38 -5.16
CA GLY E 200 -6.50 -8.36 -4.84
C GLY E 200 -5.77 -7.34 -5.68
N LEU E 201 -4.56 -7.69 -6.11
CA LEU E 201 -3.77 -6.77 -6.91
C LEU E 201 -4.19 -6.70 -8.36
N HIS E 202 -5.01 -7.64 -8.82
CA HIS E 202 -5.43 -7.63 -10.22
C HIS E 202 -6.35 -6.43 -10.46
N GLY E 203 -5.91 -5.51 -11.31
CA GLY E 203 -6.65 -4.31 -11.60
C GLY E 203 -6.44 -3.16 -10.64
N MET E 204 -5.61 -3.34 -9.62
CA MET E 204 -5.36 -2.29 -8.66
C MET E 204 -4.47 -1.20 -9.26
N THR E 205 -4.73 0.04 -8.88
CA THR E 205 -3.93 1.18 -9.28
C THR E 205 -3.14 1.70 -8.09
N PHE E 206 -1.82 1.81 -8.26
CA PHE E 206 -0.94 2.27 -7.19
C PHE E 206 0.05 3.26 -7.79
N LEU E 207 0.06 4.48 -7.26
CA LEU E 207 0.93 5.54 -7.75
C LEU E 207 0.68 5.82 -9.24
N GLY E 208 -0.54 5.59 -9.70
CA GLY E 208 -0.88 5.81 -11.08
C GLY E 208 -0.53 4.68 -12.03
N MET E 209 -0.07 3.54 -11.51
CA MET E 209 0.28 2.39 -12.33
C MET E 209 -0.72 1.27 -12.10
N ASN E 210 -1.07 0.58 -13.18
CA ASN E 210 -2.06 -0.49 -13.13
C ASN E 210 -1.36 -1.84 -13.04
N PHE E 211 -1.78 -2.67 -12.11
CA PHE E 211 -1.20 -3.98 -11.92
C PHE E 211 -1.94 -5.03 -12.74
N ILE E 212 -1.19 -5.91 -13.37
CA ILE E 212 -1.73 -7.04 -14.12
C ILE E 212 -1.04 -8.30 -13.64
N VAL E 213 -1.82 -9.28 -13.21
CA VAL E 213 -1.27 -10.53 -12.71
C VAL E 213 -1.32 -11.58 -13.81
N ILE E 214 -0.16 -12.11 -14.17
CA ILE E 214 -0.04 -13.11 -15.23
C ILE E 214 -0.10 -14.50 -14.61
N PRO E 215 -1.01 -15.36 -15.02
CA PRO E 215 -1.08 -16.72 -14.50
C PRO E 215 0.05 -17.57 -15.10
N SER E 216 0.13 -18.80 -14.63
CA SER E 216 1.10 -19.75 -15.15
C SER E 216 0.58 -20.34 -16.46
N MET E 217 1.27 -20.03 -17.55
CA MET E 217 0.87 -20.48 -18.88
C MET E 217 1.84 -21.54 -19.36
N GLN E 218 1.31 -22.53 -20.09
CA GLN E 218 2.16 -23.51 -20.73
C GLN E 218 3.04 -22.87 -21.79
N GLU E 219 2.65 -21.70 -22.30
CA GLU E 219 3.48 -20.95 -23.22
C GLU E 219 4.75 -20.44 -22.57
N GLY E 220 4.78 -20.36 -21.24
CA GLY E 220 5.98 -19.98 -20.52
C GLY E 220 5.73 -19.02 -19.38
N GLY E 221 4.77 -18.12 -19.55
CA GLY E 221 4.50 -17.14 -18.50
C GLY E 221 5.67 -16.19 -18.30
N LEU E 222 5.73 -15.63 -17.11
CA LEU E 222 6.83 -14.73 -16.76
C LEU E 222 8.06 -15.54 -16.38
N PRO E 223 9.22 -15.28 -16.98
CA PRO E 223 10.40 -16.07 -16.67
C PRO E 223 10.98 -15.75 -15.30
N THR E 224 11.80 -16.66 -14.81
CA THR E 224 12.51 -16.50 -13.56
C THR E 224 14.02 -16.40 -13.84
N THR E 225 14.79 -16.33 -12.76
CA THR E 225 16.24 -16.22 -12.86
C THR E 225 16.84 -16.72 -11.56
N GLY E 226 18.17 -16.88 -11.56
CA GLY E 226 18.84 -17.39 -10.38
C GLY E 226 18.51 -18.83 -10.07
N GLY E 227 18.42 -19.67 -11.09
CA GLY E 227 18.09 -21.06 -10.89
C GLY E 227 16.69 -21.30 -10.38
N GLY E 228 15.73 -20.48 -10.81
CA GLY E 228 14.37 -20.65 -10.36
C GLY E 228 14.09 -20.22 -8.94
N THR E 229 14.94 -19.37 -8.37
CA THR E 229 14.73 -18.87 -7.02
C THR E 229 14.45 -17.38 -6.97
N VAL E 230 14.57 -16.66 -8.09
CA VAL E 230 14.36 -15.23 -8.14
C VAL E 230 13.29 -14.93 -9.18
N GLY E 231 12.26 -14.21 -8.78
CA GLY E 231 11.22 -13.79 -9.69
C GLY E 231 11.52 -12.43 -10.29
N ARG E 232 10.92 -12.17 -11.45
CA ARG E 232 11.12 -10.93 -12.17
C ARG E 232 9.78 -10.26 -12.44
N ALA E 233 9.69 -8.97 -12.13
CA ALA E 233 8.52 -8.16 -12.40
C ALA E 233 8.95 -6.95 -13.19
N PHE E 234 8.03 -6.42 -14.00
CA PHE E 234 8.39 -5.37 -14.95
C PHE E 234 7.41 -4.21 -14.86
N PHE E 235 7.97 -3.00 -14.90
CA PHE E 235 7.22 -1.76 -14.96
C PHE E 235 7.38 -1.17 -16.34
N ILE E 236 6.28 -1.05 -17.08
CA ILE E 236 6.31 -0.72 -18.50
C ILE E 236 5.49 0.55 -18.71
N ASN E 237 6.12 1.57 -19.28
CA ASN E 237 5.37 2.66 -19.87
C ASN E 237 4.82 2.19 -21.21
N GLU E 238 3.63 2.66 -21.56
CA GLU E 238 2.94 2.13 -22.74
C GLU E 238 3.74 2.38 -24.00
N MET E 239 4.33 3.57 -24.13
CA MET E 239 5.07 3.91 -25.33
C MET E 239 6.44 3.23 -25.39
N ALA E 240 6.86 2.56 -24.33
CA ALA E 240 8.20 1.97 -24.30
C ALA E 240 8.32 0.71 -25.15
N VAL E 241 7.21 0.03 -25.42
CA VAL E 241 7.25 -1.23 -26.16
C VAL E 241 6.28 -1.13 -27.33
N GLY E 242 6.75 -1.50 -28.52
CA GLY E 242 5.93 -1.51 -29.72
C GLY E 242 5.55 -2.93 -30.09
N TYR E 243 4.27 -3.10 -30.41
CA TYR E 243 3.70 -4.41 -30.72
C TYR E 243 3.03 -4.32 -32.09
N ALA E 244 3.65 -4.92 -33.10
CA ALA E 244 3.10 -4.93 -34.44
C ALA E 244 2.15 -6.10 -34.59
N GLN E 245 0.91 -5.81 -35.00
CA GLN E 245 -0.17 -6.78 -35.07
C GLN E 245 -0.63 -6.89 -36.51
N SER E 246 0.02 -7.77 -37.29
CA SER E 246 -0.40 -7.97 -38.67
C SER E 246 -1.75 -8.68 -38.73
N GLU E 247 -2.00 -9.62 -37.83
CA GLU E 247 -3.26 -10.34 -37.79
C GLU E 247 -3.52 -10.75 -36.34
N ARG E 248 -4.40 -10.03 -35.67
CA ARG E 248 -4.66 -10.30 -34.25
C ARG E 248 -5.26 -11.69 -34.08
N LEU E 249 -6.35 -11.98 -34.79
CA LEU E 249 -6.97 -13.30 -34.71
C LEU E 249 -7.70 -13.55 -36.04
N GLY E 250 -7.02 -14.24 -36.94
CA GLY E 250 -7.64 -14.71 -38.16
C GLY E 250 -8.04 -16.17 -38.03
N GLY E 251 -8.74 -16.66 -39.03
CA GLY E 251 -9.15 -18.05 -38.99
C GLY E 251 -10.04 -18.40 -40.15
N ASP E 252 -10.41 -19.68 -40.16
CA ASP E 252 -11.29 -20.25 -41.18
C ASP E 252 -11.84 -21.59 -40.69
N ILE E 253 -13.16 -21.71 -40.63
CA ILE E 253 -13.83 -22.96 -40.29
C ILE E 253 -14.43 -23.52 -41.57
N SER E 254 -13.93 -24.67 -42.01
CA SER E 254 -14.30 -25.22 -43.30
C SER E 254 -14.65 -26.69 -43.16
N TRP E 255 -15.52 -27.15 -44.05
CA TRP E 255 -15.87 -28.56 -44.13
C TRP E 255 -14.91 -29.26 -45.08
N GLU E 256 -14.23 -30.29 -44.58
CA GLU E 256 -13.29 -31.07 -45.36
C GLU E 256 -13.98 -32.38 -45.73
N ASN E 257 -14.42 -32.48 -46.98
CA ASN E 257 -15.15 -33.67 -47.41
C ASN E 257 -14.29 -34.91 -47.38
N ILE E 258 -13.00 -34.79 -47.69
CA ILE E 258 -12.12 -35.96 -47.73
C ILE E 258 -12.01 -36.59 -46.35
N LYS E 259 -11.83 -35.78 -45.33
CA LYS E 259 -11.73 -36.28 -43.97
C LYS E 259 -13.06 -36.31 -43.23
N THR E 260 -14.14 -35.90 -43.90
CA THR E 260 -15.49 -35.84 -43.32
C THR E 260 -15.47 -35.17 -41.94
N SER E 261 -14.79 -34.03 -41.87
CA SER E 261 -14.62 -33.34 -40.61
C SER E 261 -14.68 -31.84 -40.85
N TYR E 262 -15.00 -31.11 -39.78
CA TYR E 262 -14.86 -29.67 -39.75
C TYR E 262 -13.49 -29.31 -39.22
N LEU E 263 -12.77 -28.47 -39.94
CA LEU E 263 -11.45 -28.02 -39.53
C LEU E 263 -11.57 -26.61 -38.98
N ILE E 264 -11.45 -26.48 -37.66
CA ILE E 264 -11.45 -25.18 -37.00
C ILE E 264 -10.00 -24.73 -36.94
N ASN E 265 -9.64 -23.78 -37.80
CA ASN E 265 -8.25 -23.33 -37.95
C ASN E 265 -8.18 -21.85 -37.63
N MET E 266 -7.39 -21.48 -36.64
CA MET E 266 -7.17 -20.08 -36.27
C MET E 266 -5.69 -19.79 -36.27
N TRP E 267 -5.34 -18.52 -36.51
CA TRP E 267 -3.94 -18.15 -36.64
C TRP E 267 -3.76 -16.72 -36.20
N MET E 268 -2.51 -16.36 -35.93
CA MET E 268 -2.14 -15.01 -35.53
C MET E 268 -0.78 -14.69 -36.11
N GLU E 269 -0.47 -13.39 -36.19
CA GLU E 269 0.73 -12.92 -36.87
C GLU E 269 1.14 -11.60 -36.23
N ALA E 270 2.16 -11.63 -35.38
CA ALA E 270 2.55 -10.44 -34.65
C ALA E 270 3.98 -10.57 -34.17
N GLY E 271 4.54 -9.43 -33.75
CA GLY E 271 5.86 -9.37 -33.15
C GLY E 271 6.00 -8.11 -32.34
N ALA E 272 6.97 -8.11 -31.44
CA ALA E 272 7.15 -6.99 -30.52
C ALA E 272 8.63 -6.63 -30.43
N VAL E 273 8.87 -5.37 -30.06
CA VAL E 273 10.22 -4.85 -29.91
C VAL E 273 10.22 -3.77 -28.85
N VAL E 274 11.33 -3.67 -28.12
CA VAL E 274 11.51 -2.57 -27.18
C VAL E 274 11.89 -1.31 -27.94
N ILE E 275 11.09 -0.26 -27.79
CA ILE E 275 11.33 1.00 -28.47
C ILE E 275 12.23 1.92 -27.65
N ASP E 276 11.89 2.13 -26.38
CA ASP E 276 12.65 3.02 -25.51
C ASP E 276 12.88 2.31 -24.19
N PRO E 277 14.10 1.82 -23.93
CA PRO E 277 14.36 1.14 -22.66
C PRO E 277 14.21 2.05 -21.45
N LYS E 278 14.22 3.37 -21.63
CA LYS E 278 14.06 4.27 -20.50
C LYS E 278 12.69 4.14 -19.84
N GLY E 279 11.72 3.53 -20.52
CA GLY E 279 10.42 3.33 -19.95
C GLY E 279 10.22 1.92 -19.41
N LEU E 280 11.31 1.20 -19.17
CA LEU E 280 11.26 -0.17 -18.67
C LEU E 280 12.04 -0.27 -17.37
N VAL E 281 11.46 -0.95 -16.39
CA VAL E 281 12.11 -1.21 -15.11
C VAL E 281 11.86 -2.67 -14.76
N GLU E 282 12.87 -3.32 -14.20
CA GLU E 282 12.74 -4.70 -13.72
C GLU E 282 13.00 -4.75 -12.22
N VAL E 283 12.17 -5.49 -11.52
CA VAL E 283 12.29 -5.68 -10.08
C VAL E 283 12.51 -7.16 -9.81
N ASP E 284 13.55 -7.48 -9.05
CA ASP E 284 13.89 -8.84 -8.71
C ASP E 284 13.58 -9.09 -7.24
N TYR E 285 13.05 -10.27 -6.94
CA TYR E 285 12.66 -10.61 -5.58
C TYR E 285 12.87 -12.10 -5.37
N LEU E 286 13.02 -12.49 -4.11
CA LEU E 286 13.20 -13.89 -3.77
C LEU E 286 11.85 -14.59 -3.73
N LEU E 287 11.74 -15.73 -4.42
CA LEU E 287 10.50 -16.48 -4.40
C LEU E 287 10.17 -16.99 -3.01
N GLU E 288 11.20 -17.28 -2.21
CA GLU E 288 11.03 -17.68 -0.81
C GLU E 288 11.84 -16.72 0.05
N PRO E 289 11.28 -15.58 0.45
CA PRO E 289 11.98 -14.56 1.23
C PRO E 289 12.45 -15.08 2.58
N SER F 2 -16.36 29.09 80.07
CA SER F 2 -15.30 28.21 80.52
C SER F 2 -15.07 27.08 79.52
N LEU F 3 -13.86 26.52 79.54
CA LEU F 3 -13.56 25.38 78.67
C LEU F 3 -14.11 24.08 79.21
N ALA F 4 -14.70 24.08 80.41
CA ALA F 4 -15.29 22.88 80.95
C ALA F 4 -16.55 22.47 80.21
N LEU F 5 -17.06 23.30 79.31
CA LEU F 5 -18.23 22.93 78.52
C LEU F 5 -17.97 21.70 77.65
N SER F 6 -16.71 21.38 77.39
CA SER F 6 -16.39 20.18 76.62
C SER F 6 -16.77 18.91 77.37
N GLN F 7 -16.99 18.99 78.68
CA GLN F 7 -17.38 17.82 79.45
C GLN F 7 -18.81 17.38 79.16
N ILE F 8 -19.63 18.26 78.62
CA ILE F 8 -21.05 17.93 78.42
C ILE F 8 -21.41 18.05 76.94
N GLU F 9 -20.45 17.76 76.07
CA GLU F 9 -20.72 17.75 74.64
C GLU F 9 -21.54 16.52 74.26
N ILE F 10 -22.49 16.71 73.35
CA ILE F 10 -23.35 15.63 72.89
C ILE F 10 -22.74 14.97 71.67
N GLN F 11 -23.25 13.79 71.31
CA GLN F 11 -22.85 13.08 70.11
C GLN F 11 -24.09 12.74 69.30
N GLN F 12 -23.93 12.68 67.99
CA GLN F 12 -25.03 12.39 67.07
C GLN F 12 -24.86 11.00 66.48
N PHE F 13 -25.94 10.22 66.51
CA PHE F 13 -25.95 8.87 65.97
C PHE F 13 -26.93 8.84 64.79
N LEU F 14 -26.44 8.42 63.63
CA LEU F 14 -27.25 8.41 62.43
C LEU F 14 -28.06 7.12 62.34
N SER F 15 -29.27 7.24 61.82
CA SER F 15 -30.17 6.12 61.69
C SER F 15 -30.08 5.42 60.34
N GLU F 16 -29.28 5.94 59.41
CA GLU F 16 -29.14 5.34 58.08
C GLU F 16 -27.93 4.41 58.09
N ALA F 17 -28.19 3.11 58.17
CA ALA F 17 -27.13 2.13 58.21
C ALA F 17 -26.54 1.91 56.83
N HIS F 18 -25.25 1.59 56.80
CA HIS F 18 -24.55 1.28 55.57
C HIS F 18 -24.18 -0.20 55.59
N ALA F 19 -24.67 -0.94 54.60
CA ALA F 19 -24.29 -2.33 54.42
C ALA F 19 -22.99 -2.39 53.64
N GLU F 20 -22.07 -3.24 54.08
CA GLU F 20 -20.78 -3.36 53.42
C GLU F 20 -20.96 -3.69 51.95
N PHE F 21 -20.01 -3.25 51.14
CA PHE F 21 -20.07 -3.53 49.70
C PHE F 21 -20.09 -5.03 49.47
N GLN F 22 -21.17 -5.50 48.85
CA GLN F 22 -21.35 -6.93 48.64
C GLN F 22 -22.25 -7.13 47.43
N SER F 23 -22.19 -8.33 46.88
CA SER F 23 -23.03 -8.67 45.74
C SER F 23 -24.43 -9.00 46.21
N GLU F 24 -25.43 -8.51 45.47
CA GLU F 24 -26.81 -8.79 45.80
C GLU F 24 -27.29 -10.12 45.25
N GLY F 25 -26.46 -10.81 44.46
CA GLY F 25 -26.80 -12.12 43.97
C GLY F 25 -27.66 -12.08 42.73
N PHE F 26 -28.07 -13.28 42.30
CA PHE F 26 -28.91 -13.46 41.13
C PHE F 26 -28.27 -12.91 39.86
N LEU F 27 -26.95 -12.94 39.79
CA LEU F 27 -26.26 -12.48 38.58
C LEU F 27 -26.37 -13.47 37.43
N LEU F 28 -26.57 -14.74 37.72
CA LEU F 28 -26.62 -15.77 36.69
C LEU F 28 -28.05 -16.17 36.34
N GLN F 29 -29.03 -15.40 36.77
CA GLN F 29 -30.42 -15.69 36.42
C GLN F 29 -30.61 -15.58 34.91
N GLY F 30 -31.14 -16.63 34.31
CA GLY F 30 -31.36 -16.65 32.88
C GLY F 30 -30.16 -17.02 32.04
N ALA F 31 -29.01 -17.23 32.66
CA ALA F 31 -27.82 -17.63 31.91
C ALA F 31 -27.88 -19.09 31.48
N VAL F 32 -28.60 -19.92 32.21
CA VAL F 32 -28.73 -21.34 31.90
C VAL F 32 -30.21 -21.67 31.75
N ARG F 33 -30.47 -22.84 31.20
CA ARG F 33 -31.85 -23.31 31.04
C ARG F 33 -32.48 -23.51 32.41
N THR F 34 -33.65 -22.93 32.61
CA THR F 34 -34.27 -22.85 33.93
C THR F 34 -35.68 -23.41 33.89
N LYS F 35 -36.02 -24.19 34.90
CA LYS F 35 -37.39 -24.66 35.13
C LYS F 35 -37.83 -24.20 36.50
N SER F 36 -38.98 -23.54 36.57
CA SER F 36 -39.47 -22.95 37.80
C SER F 36 -40.64 -23.75 38.35
N GLY F 37 -40.88 -23.58 39.65
CA GLY F 37 -41.99 -24.25 40.30
C GLY F 37 -41.90 -25.76 40.30
N THR F 38 -40.70 -26.31 40.41
CA THR F 38 -40.53 -27.75 40.38
C THR F 38 -40.90 -28.37 41.71
N LYS F 39 -41.19 -29.66 41.68
CA LYS F 39 -41.50 -30.44 42.87
C LYS F 39 -40.67 -31.71 42.88
N GLY F 40 -40.34 -32.18 44.07
CA GLY F 40 -39.62 -33.42 44.23
C GLY F 40 -38.15 -33.21 44.52
N SER F 41 -37.50 -34.30 44.93
CA SER F 41 -36.10 -34.23 45.30
C SER F 41 -35.18 -34.20 44.08
N ILE F 42 -35.61 -34.76 42.95
CA ILE F 42 -34.80 -34.85 41.76
C ILE F 42 -35.63 -34.43 40.55
N VAL F 43 -35.02 -33.67 39.64
CA VAL F 43 -35.64 -33.27 38.40
C VAL F 43 -34.83 -33.86 37.25
N HIS F 44 -35.50 -34.53 36.33
CA HIS F 44 -34.85 -35.27 35.25
C HIS F 44 -34.99 -34.52 33.94
N PHE F 45 -33.88 -34.38 33.23
CA PHE F 45 -33.85 -33.78 31.90
C PHE F 45 -33.56 -34.85 30.87
N PRO F 46 -34.53 -35.24 30.04
CA PRO F 46 -34.24 -36.26 29.02
C PRO F 46 -33.29 -35.74 27.96
N VAL F 47 -32.47 -36.65 27.44
CA VAL F 47 -31.44 -36.33 26.46
C VAL F 47 -31.48 -37.36 25.34
N PHE F 48 -31.40 -36.88 24.11
CA PHE F 48 -31.34 -37.74 22.93
C PHE F 48 -29.97 -37.64 22.28
N GLY F 49 -29.55 -38.73 21.64
CA GLY F 49 -28.26 -38.81 21.00
C GLY F 49 -28.29 -38.38 19.55
N GLU F 50 -27.43 -39.00 18.75
CA GLU F 50 -27.32 -38.70 17.33
C GLU F 50 -27.77 -39.89 16.49
N GLY F 51 -28.41 -39.60 15.38
CA GLY F 51 -28.72 -40.60 14.38
C GLY F 51 -27.62 -40.69 13.33
N MET F 52 -27.79 -41.63 12.41
CA MET F 52 -26.83 -41.81 11.34
C MET F 52 -27.52 -42.49 10.17
N ALA F 53 -27.12 -42.11 8.96
CA ALA F 53 -27.65 -42.71 7.75
C ALA F 53 -26.71 -43.78 7.23
N ASN F 54 -27.26 -44.94 6.93
CA ASN F 54 -26.48 -46.05 6.38
C ASN F 54 -27.03 -46.41 5.00
N GLN F 55 -26.49 -47.49 4.44
CA GLN F 55 -26.89 -47.96 3.12
C GLN F 55 -27.36 -49.40 3.22
N LYS F 56 -28.18 -49.80 2.26
CA LYS F 56 -28.70 -51.17 2.21
C LYS F 56 -28.95 -51.54 0.77
N ALA F 57 -29.03 -52.84 0.52
CA ALA F 57 -29.39 -53.33 -0.79
C ALA F 57 -30.86 -53.03 -1.06
N PRO F 58 -31.24 -52.85 -2.32
CA PRO F 58 -32.67 -52.70 -2.64
C PRO F 58 -33.45 -53.93 -2.20
N GLN F 59 -34.67 -53.68 -1.72
CA GLN F 59 -35.61 -54.69 -1.23
C GLN F 59 -35.11 -55.42 0.01
N ASP F 60 -34.05 -54.92 0.64
CA ASP F 60 -33.58 -55.47 1.90
C ASP F 60 -34.23 -54.75 3.07
N ASP F 61 -34.32 -55.43 4.20
CA ASP F 61 -34.89 -54.84 5.40
C ASP F 61 -34.02 -53.69 5.89
N ILE F 62 -34.67 -52.67 6.43
CA ILE F 62 -33.99 -51.50 6.96
C ILE F 62 -33.27 -51.89 8.25
N THR F 63 -32.10 -51.29 8.47
CA THR F 63 -31.30 -51.54 9.66
C THR F 63 -30.97 -50.22 10.33
N PRO F 64 -31.78 -49.76 11.27
CA PRO F 64 -31.56 -48.43 11.84
C PRO F 64 -30.24 -48.33 12.59
N MET F 65 -29.64 -47.14 12.54
CA MET F 65 -28.51 -46.81 13.39
C MET F 65 -29.07 -46.29 14.70
N ASN F 66 -28.85 -47.04 15.78
CA ASN F 66 -29.53 -46.75 17.03
C ASN F 66 -28.99 -45.47 17.66
N VAL F 67 -29.90 -44.63 18.12
CA VAL F 67 -29.54 -43.41 18.84
C VAL F 67 -29.55 -43.72 20.32
N SER F 68 -28.75 -42.99 21.08
CA SER F 68 -28.61 -43.22 22.51
C SER F 68 -29.53 -42.28 23.29
N ASN F 69 -29.82 -42.67 24.53
CA ASN F 69 -30.60 -41.85 25.43
C ASN F 69 -29.97 -41.89 26.82
N ARG F 70 -30.12 -40.78 27.54
CA ARG F 70 -29.63 -40.71 28.91
C ARG F 70 -30.42 -39.63 29.63
N ASP F 71 -30.32 -39.64 30.96
CA ASP F 71 -31.05 -38.72 31.80
C ASP F 71 -30.08 -37.92 32.66
N ALA F 72 -30.31 -36.62 32.76
CA ALA F 72 -29.55 -35.75 33.63
C ALA F 72 -30.40 -35.40 34.84
N GLU F 73 -29.89 -35.67 36.04
CA GLU F 73 -30.66 -35.55 37.27
C GLU F 73 -30.13 -34.39 38.10
N ALA F 74 -31.00 -33.43 38.39
CA ALA F 74 -30.67 -32.30 39.24
C ALA F 74 -31.21 -32.57 40.64
N VAL F 75 -30.32 -32.57 41.63
CA VAL F 75 -30.69 -32.86 43.00
C VAL F 75 -30.98 -31.55 43.72
N ILE F 76 -32.16 -31.45 44.32
CA ILE F 76 -32.58 -30.22 44.99
C ILE F 76 -31.96 -30.15 46.37
N GLU F 77 -31.52 -28.95 46.76
CA GLU F 77 -30.92 -28.73 48.06
C GLU F 77 -31.55 -27.52 48.72
N ASP F 78 -31.46 -27.45 50.05
CA ASP F 78 -32.07 -26.41 50.84
C ASP F 78 -31.00 -25.60 51.55
N TRP F 79 -31.13 -24.28 51.49
CA TRP F 79 -30.18 -23.37 52.13
C TRP F 79 -30.94 -22.38 52.99
N TYR F 80 -30.34 -22.01 54.13
CA TYR F 80 -30.99 -21.14 55.10
C TYR F 80 -30.05 -19.99 55.44
N ALA F 81 -30.52 -18.77 55.29
CA ALA F 81 -29.83 -17.58 55.79
C ALA F 81 -30.62 -17.04 56.97
N SER F 82 -29.96 -16.94 58.13
CA SER F 82 -30.68 -16.65 59.37
C SER F 82 -29.89 -15.69 60.21
N GLU F 83 -30.60 -15.04 61.14
CA GLU F 83 -29.97 -14.18 62.14
C GLU F 83 -30.93 -14.01 63.30
N TYR F 84 -30.37 -13.58 64.43
CA TYR F 84 -31.13 -13.31 65.66
C TYR F 84 -31.02 -11.84 66.01
N ALA F 85 -32.12 -11.28 66.49
CA ALA F 85 -32.15 -9.89 66.97
C ALA F 85 -32.69 -9.90 68.39
N ASP F 86 -31.81 -9.76 69.36
CA ASP F 86 -32.21 -9.79 70.76
C ASP F 86 -33.05 -8.56 71.09
N ARG F 87 -34.05 -8.75 71.95
CA ARG F 87 -34.92 -7.65 72.33
C ARG F 87 -34.19 -6.58 73.13
N SER F 88 -33.07 -6.94 73.77
CA SER F 88 -32.34 -5.95 74.56
C SER F 88 -31.71 -4.86 73.69
N PHE F 89 -31.63 -5.07 72.38
CA PHE F 89 -31.09 -4.06 71.49
C PHE F 89 -32.17 -3.20 70.85
N GLN F 90 -33.44 -3.43 71.15
CA GLN F 90 -34.50 -2.66 70.50
C GLN F 90 -34.44 -1.19 70.88
N ASN F 91 -34.22 -0.90 72.16
CA ASN F 91 -34.18 0.48 72.64
C ASN F 91 -32.78 1.07 72.64
N LYS F 92 -31.79 0.35 72.15
CA LYS F 92 -30.41 0.81 72.17
C LYS F 92 -29.86 1.14 70.79
N LEU F 93 -30.59 0.86 69.73
CA LEU F 93 -30.14 1.11 68.37
C LEU F 93 -30.98 2.19 67.72
N ALA F 94 -30.33 3.00 66.89
CA ALA F 94 -31.03 3.98 66.07
C ALA F 94 -31.55 3.39 64.77
N VAL F 95 -31.20 2.14 64.47
CA VAL F 95 -31.66 1.47 63.26
C VAL F 95 -32.52 0.29 63.65
N ASN F 96 -33.29 -0.20 62.69
CA ASN F 96 -34.13 -1.37 62.89
C ASN F 96 -33.32 -2.62 62.55
N ALA F 97 -32.93 -3.37 63.57
CA ALA F 97 -32.08 -4.55 63.35
C ALA F 97 -32.81 -5.63 62.55
N VAL F 98 -34.10 -5.82 62.81
CA VAL F 98 -34.85 -6.85 62.10
C VAL F 98 -34.94 -6.50 60.61
N GLU F 99 -35.21 -5.24 60.30
CA GLU F 99 -35.28 -4.84 58.90
C GLU F 99 -33.94 -4.96 58.20
N GLU F 100 -32.86 -4.57 58.88
CA GLU F 100 -31.53 -4.70 58.28
C GLU F 100 -31.17 -6.16 58.06
N TYR F 101 -31.47 -7.02 59.04
CA TYR F 101 -31.15 -8.44 58.90
C TYR F 101 -31.96 -9.07 57.78
N ALA F 102 -33.23 -8.70 57.64
CA ALA F 102 -34.04 -9.26 56.56
C ALA F 102 -33.47 -8.89 55.20
N LYS F 103 -33.02 -7.65 55.05
CA LYS F 103 -32.41 -7.24 53.78
C LYS F 103 -31.12 -8.00 53.51
N LEU F 104 -30.28 -8.16 54.54
CA LEU F 104 -29.00 -8.84 54.35
C LEU F 104 -29.20 -10.33 54.07
N CYS F 105 -30.17 -10.95 54.74
CA CYS F 105 -30.41 -12.38 54.52
C CYS F 105 -30.94 -12.64 53.12
N ALA F 106 -31.72 -11.71 52.57
CA ALA F 106 -32.20 -11.88 51.20
C ALA F 106 -31.06 -11.82 50.20
N TRP F 107 -30.06 -10.97 50.43
CA TRP F 107 -28.90 -10.94 49.55
C TRP F 107 -28.09 -12.21 49.66
N ALA F 108 -27.99 -12.78 50.86
CA ALA F 108 -27.25 -14.02 51.03
C ALA F 108 -27.89 -15.15 50.25
N ILE F 109 -29.23 -15.20 50.24
CA ILE F 109 -29.93 -16.20 49.44
C ILE F 109 -29.64 -15.99 47.96
N GLY F 110 -29.65 -14.73 47.51
CA GLY F 110 -29.34 -14.45 46.13
C GLY F 110 -27.93 -14.86 45.74
N ARG F 111 -26.97 -14.68 46.64
CA ARG F 111 -25.61 -15.09 46.36
C ARG F 111 -25.48 -16.60 46.31
N ARG F 112 -26.23 -17.31 47.13
CA ARG F 112 -26.22 -18.77 47.07
C ARG F 112 -26.80 -19.28 45.76
N ALA F 113 -27.80 -18.59 45.21
CA ALA F 113 -28.35 -18.99 43.92
C ALA F 113 -27.28 -18.94 42.84
N ASP F 114 -26.43 -17.91 42.85
CA ASP F 114 -25.32 -17.86 41.92
C ASP F 114 -24.31 -18.96 42.18
N GLN F 115 -24.00 -19.21 43.46
CA GLN F 115 -22.99 -20.20 43.79
C GLN F 115 -23.42 -21.61 43.39
N ILE F 116 -24.73 -21.88 43.39
CA ILE F 116 -25.21 -23.18 42.94
C ILE F 116 -24.89 -23.38 41.47
N ASN F 117 -25.09 -22.35 40.65
CA ASN F 117 -24.75 -22.45 39.24
C ASN F 117 -23.25 -22.60 39.05
N ILE F 118 -22.45 -21.84 39.78
CA ILE F 118 -21.00 -21.90 39.62
C ILE F 118 -20.47 -23.27 40.03
N ASP F 119 -20.96 -23.81 41.14
CA ASP F 119 -20.48 -25.10 41.61
C ASP F 119 -20.81 -26.20 40.63
N THR F 120 -22.00 -26.17 40.04
CA THR F 120 -22.37 -27.18 39.06
C THR F 120 -21.51 -27.09 37.81
N ILE F 121 -21.27 -25.87 37.33
CA ILE F 121 -20.46 -25.69 36.12
C ILE F 121 -19.01 -26.09 36.39
N ALA F 122 -18.46 -25.62 37.50
CA ALA F 122 -17.06 -25.94 37.82
C ALA F 122 -16.89 -27.38 38.26
N GLY F 123 -17.95 -28.05 38.67
CA GLY F 123 -17.85 -29.42 39.14
C GLY F 123 -17.77 -30.46 38.06
N ALA F 124 -17.98 -30.07 36.80
CA ALA F 124 -17.86 -31.02 35.71
C ALA F 124 -16.40 -31.37 35.48
N THR F 125 -16.18 -32.47 34.77
CA THR F 125 -14.84 -32.94 34.45
C THR F 125 -14.38 -32.30 33.15
N TYR F 126 -13.24 -31.62 33.19
CA TYR F 126 -12.70 -30.93 32.04
C TYR F 126 -11.38 -31.59 31.63
N SER F 127 -11.22 -31.82 30.33
CA SER F 127 -10.02 -32.44 29.78
C SER F 127 -9.58 -31.68 28.54
N ALA F 128 -8.27 -31.66 28.32
CA ALA F 128 -7.73 -31.06 27.11
C ALA F 128 -7.99 -31.91 25.87
N THR F 129 -8.33 -33.19 26.04
CA THR F 129 -8.73 -34.07 24.95
C THR F 129 -10.02 -34.76 25.36
N PRO F 130 -11.12 -34.02 25.43
CA PRO F 130 -12.33 -34.55 26.06
C PRO F 130 -13.06 -35.55 25.19
N ASN F 131 -13.76 -36.46 25.85
CA ASN F 131 -14.71 -37.34 25.20
C ASN F 131 -16.11 -36.73 25.32
N ASP F 132 -17.14 -37.48 24.95
CA ASP F 132 -18.49 -36.94 24.91
C ASP F 132 -19.05 -36.61 26.29
N GLN F 133 -18.44 -37.11 27.36
CA GLN F 133 -18.92 -36.87 28.71
C GLN F 133 -18.09 -35.84 29.46
N GLN F 134 -17.23 -35.10 28.78
CA GLN F 134 -16.32 -34.18 29.44
C GLN F 134 -16.38 -32.81 28.77
N GLY F 135 -16.19 -31.78 29.58
CA GLY F 135 -16.01 -30.45 29.05
C GLY F 135 -14.61 -30.27 28.51
N ALA F 136 -14.44 -29.22 27.72
CA ALA F 136 -13.16 -28.92 27.09
C ALA F 136 -12.35 -28.02 27.99
N LEU F 137 -11.03 -28.27 28.03
CA LEU F 137 -10.12 -27.53 28.88
C LEU F 137 -9.09 -26.80 28.03
N VAL F 138 -8.88 -25.53 28.34
CA VAL F 138 -7.76 -24.77 27.79
C VAL F 138 -6.71 -24.64 28.89
N PRO F 139 -5.58 -25.33 28.79
CA PRO F 139 -4.65 -25.38 29.92
C PRO F 139 -4.02 -24.02 30.20
N VAL F 140 -3.55 -23.87 31.44
CA VAL F 140 -2.99 -22.60 31.87
C VAL F 140 -1.76 -22.23 31.06
N GLY F 141 -0.88 -23.19 30.81
CA GLY F 141 0.36 -22.87 30.13
C GLY F 141 1.23 -22.00 31.02
N THR F 142 1.69 -20.88 30.48
CA THR F 142 2.55 -19.96 31.21
C THR F 142 2.11 -18.51 31.02
N THR F 143 0.82 -18.28 30.77
CA THR F 143 0.32 -16.96 30.48
C THR F 143 -0.96 -16.70 31.27
N GLY F 144 -1.36 -15.44 31.29
CA GLY F 144 -2.64 -15.07 31.85
C GLY F 144 -3.74 -15.22 30.82
N PHE F 145 -4.86 -14.55 31.08
CA PHE F 145 -5.99 -14.57 30.16
C PHE F 145 -5.67 -13.67 28.98
N THR F 146 -5.38 -14.26 27.83
CA THR F 146 -4.97 -13.53 26.65
C THR F 146 -6.00 -13.71 25.54
N PHE F 147 -5.75 -13.04 24.42
CA PHE F 147 -6.62 -13.21 23.27
C PHE F 147 -6.51 -14.61 22.70
N GLU F 148 -5.35 -15.24 22.84
CA GLU F 148 -5.17 -16.60 22.34
C GLU F 148 -6.09 -17.58 23.08
N LYS F 149 -6.23 -17.41 24.39
CA LYS F 149 -7.11 -18.30 25.15
C LYS F 149 -8.57 -18.07 24.79
N LEU F 150 -8.93 -16.83 24.45
CA LEU F 150 -10.29 -16.57 23.97
C LEU F 150 -10.55 -17.32 22.67
N ARG F 151 -9.59 -17.31 21.76
CA ARG F 151 -9.76 -18.03 20.50
C ARG F 151 -9.87 -19.53 20.73
N GLN F 152 -9.06 -20.07 21.64
CA GLN F 152 -9.11 -21.50 21.89
C GLN F 152 -10.42 -21.91 22.53
N ALA F 153 -10.95 -21.10 23.44
CA ALA F 153 -12.24 -21.42 24.05
C ALA F 153 -13.36 -21.35 23.01
N HIS F 154 -13.33 -20.34 22.15
CA HIS F 154 -14.33 -20.24 21.09
C HIS F 154 -14.21 -21.39 20.10
N ARG F 155 -13.00 -21.93 19.94
CA ARG F 155 -12.81 -23.06 19.05
C ARG F 155 -13.59 -24.28 19.52
N TRP F 156 -13.55 -24.55 20.82
CA TRP F 156 -14.19 -25.74 21.35
C TRP F 156 -15.70 -25.68 21.22
N LEU F 157 -16.29 -24.50 21.43
CA LEU F 157 -17.73 -24.36 21.22
C LEU F 157 -18.10 -24.58 19.77
N ARG F 158 -17.31 -24.05 18.84
CA ARG F 158 -17.61 -24.22 17.42
C ARG F 158 -17.42 -25.67 16.99
N GLN F 159 -16.37 -26.32 17.49
CA GLN F 159 -16.05 -27.67 17.05
C GLN F 159 -17.14 -28.65 17.44
N ARG F 160 -17.70 -28.51 18.65
CA ARG F 160 -18.70 -29.44 19.15
C ARG F 160 -20.12 -28.95 18.93
N SER F 161 -20.32 -28.04 17.97
CA SER F 161 -21.65 -27.61 17.54
C SER F 161 -22.45 -27.02 18.70
N ALA F 162 -21.77 -26.32 19.60
CA ALA F 162 -22.40 -25.67 20.73
C ALA F 162 -22.22 -24.16 20.64
N ASN F 163 -22.21 -23.64 19.42
CA ASN F 163 -21.96 -22.23 19.17
C ASN F 163 -23.20 -21.49 18.72
N ARG F 164 -24.39 -22.06 18.93
CA ARG F 164 -25.64 -21.44 18.55
C ARG F 164 -26.47 -21.15 19.79
N GLY F 165 -27.23 -20.07 19.74
CA GLY F 165 -28.04 -19.68 20.87
C GLY F 165 -27.31 -18.74 21.82
N LYS F 166 -27.72 -18.73 23.09
CA LYS F 166 -27.09 -17.87 24.07
C LYS F 166 -25.83 -18.54 24.63
N ARG F 167 -24.74 -17.80 24.66
CA ARG F 167 -23.48 -18.26 25.21
C ARG F 167 -22.98 -17.22 26.20
N THR F 168 -22.60 -17.65 27.39
CA THR F 168 -22.19 -16.78 28.47
C THR F 168 -20.79 -17.15 28.94
N VAL F 169 -19.98 -16.13 29.21
CA VAL F 169 -18.64 -16.30 29.76
C VAL F 169 -18.65 -15.71 31.15
N ILE F 170 -18.30 -16.51 32.15
CA ILE F 170 -18.22 -16.04 33.53
C ILE F 170 -16.74 -15.95 33.90
N ILE F 171 -16.29 -14.74 34.22
CA ILE F 171 -14.90 -14.49 34.60
C ILE F 171 -14.91 -13.66 35.87
N ASP F 172 -13.79 -13.72 36.59
CA ASP F 172 -13.64 -12.94 37.80
C ASP F 172 -12.96 -11.61 37.50
N ALA F 173 -12.74 -10.81 38.54
CA ALA F 173 -12.21 -9.46 38.36
C ALA F 173 -10.80 -9.49 37.78
N ILE F 174 -9.96 -10.42 38.22
CA ILE F 174 -8.59 -10.48 37.73
C ILE F 174 -8.55 -10.80 36.25
N ALA F 175 -9.43 -11.71 35.80
CA ALA F 175 -9.49 -12.03 34.38
C ALA F 175 -9.88 -10.82 33.55
N GLU F 176 -10.83 -10.02 34.03
CA GLU F 176 -11.20 -8.80 33.32
C GLU F 176 -10.03 -7.84 33.25
N GLU F 177 -9.27 -7.71 34.34
CA GLU F 177 -8.15 -6.79 34.36
C GLU F 177 -7.11 -7.16 33.31
N GLN F 178 -6.85 -8.46 33.14
CA GLN F 178 -5.91 -8.89 32.11
C GLN F 178 -6.50 -8.73 30.72
N LEU F 179 -7.79 -9.00 30.55
CA LEU F 179 -8.42 -8.89 29.24
C LEU F 179 -8.60 -7.45 28.79
N LEU F 180 -8.57 -6.49 29.71
CA LEU F 180 -8.65 -5.09 29.32
C LEU F 180 -7.38 -4.60 28.65
N ASN F 181 -6.30 -5.38 28.68
CA ASN F 181 -5.08 -5.07 27.99
C ASN F 181 -5.04 -5.66 26.59
N VAL F 182 -6.06 -6.40 26.19
CA VAL F 182 -6.10 -7.03 24.88
C VAL F 182 -6.60 -6.01 23.87
N GLU F 183 -5.81 -5.79 22.81
CA GLU F 183 -6.18 -4.78 21.83
C GLU F 183 -7.43 -5.17 21.06
N GLN F 184 -7.67 -6.46 20.86
CA GLN F 184 -8.82 -6.90 20.09
C GLN F 184 -10.14 -6.66 20.81
N LEU F 185 -10.12 -6.36 22.10
CA LEU F 185 -11.34 -6.10 22.86
C LEU F 185 -11.60 -4.63 23.11
N THR F 186 -10.57 -3.78 23.08
CA THR F 186 -10.71 -2.39 23.45
C THR F 186 -10.54 -1.42 22.29
N ASN F 187 -10.02 -1.86 21.15
CA ASN F 187 -9.78 -0.99 20.02
C ASN F 187 -11.01 -0.96 19.14
N SER F 188 -11.47 0.24 18.80
CA SER F 188 -12.71 0.40 18.04
C SER F 188 -12.59 -0.06 16.60
N PHE F 189 -11.39 -0.33 16.11
CA PHE F 189 -11.22 -0.86 14.78
C PHE F 189 -11.28 -2.38 14.74
N TYR F 190 -11.39 -3.03 15.89
CA TYR F 190 -11.66 -4.46 15.98
C TYR F 190 -13.11 -4.76 16.35
N VAL F 191 -13.69 -3.95 17.23
CA VAL F 191 -15.07 -4.14 17.68
C VAL F 191 -15.79 -2.81 17.60
N ASN F 192 -17.12 -2.87 17.52
CA ASN F 192 -17.91 -1.65 17.40
C ASN F 192 -17.96 -0.87 18.71
N GLN F 193 -18.15 -1.56 19.83
CA GLN F 193 -18.26 -0.88 21.11
C GLN F 193 -16.92 -0.33 21.56
N LYS F 194 -16.97 0.59 22.51
CA LYS F 194 -15.78 1.12 23.17
C LYS F 194 -15.97 0.86 24.65
N ILE F 195 -15.50 -0.30 25.11
CA ILE F 195 -15.77 -0.74 26.47
C ILE F 195 -15.05 0.12 27.50
N LEU F 196 -14.01 0.85 27.09
CA LEU F 196 -13.35 1.75 28.03
C LEU F 196 -14.19 2.97 28.34
N ASP F 197 -15.24 3.22 27.57
CA ASP F 197 -16.21 4.26 27.86
C ASP F 197 -17.47 3.73 28.53
N ASN F 198 -17.42 2.50 29.03
CA ASN F 198 -18.58 1.80 29.53
C ASN F 198 -18.15 0.94 30.71
N ASP F 199 -18.97 -0.04 31.06
CA ASP F 199 -18.68 -0.88 32.22
C ASP F 199 -17.71 -2.01 31.89
N GLY F 200 -16.60 -1.67 31.26
CA GLY F 200 -15.54 -2.66 31.02
C GLY F 200 -16.04 -3.87 30.27
N LEU F 201 -15.65 -5.04 30.74
CA LEU F 201 -16.08 -6.29 30.12
C LEU F 201 -17.46 -6.74 30.59
N HIS F 202 -17.99 -6.14 31.67
CA HIS F 202 -19.28 -6.54 32.18
C HIS F 202 -20.37 -6.20 31.18
N GLY F 203 -21.09 -7.21 30.71
CA GLY F 203 -22.14 -7.02 29.74
C GLY F 203 -21.68 -6.89 28.31
N MET F 204 -20.38 -6.97 28.06
CA MET F 204 -19.88 -6.84 26.70
C MET F 204 -20.18 -8.11 25.90
N THR F 205 -20.54 -7.92 24.64
CA THR F 205 -20.77 -9.01 23.72
C THR F 205 -19.57 -9.14 22.78
N PHE F 206 -18.99 -10.33 22.70
CA PHE F 206 -17.82 -10.56 21.89
C PHE F 206 -17.96 -11.91 21.22
N LEU F 207 -17.89 -11.92 19.89
CA LEU F 207 -18.08 -13.14 19.10
C LEU F 207 -19.42 -13.81 19.40
N GLY F 208 -20.43 -13.01 19.71
CA GLY F 208 -21.75 -13.54 20.03
C GLY F 208 -21.90 -14.06 21.44
N MET F 209 -20.92 -13.85 22.30
CA MET F 209 -20.94 -14.34 23.67
C MET F 209 -21.01 -13.16 24.64
N ASN F 210 -21.82 -13.31 25.69
CA ASN F 210 -22.02 -12.27 26.68
C ASN F 210 -21.11 -12.54 27.88
N PHE F 211 -20.42 -11.50 28.33
CA PHE F 211 -19.49 -11.62 29.44
C PHE F 211 -20.16 -11.18 30.74
N ILE F 212 -19.93 -11.94 31.80
CA ILE F 212 -20.40 -11.62 33.14
C ILE F 212 -19.21 -11.66 34.08
N VAL F 213 -19.02 -10.59 34.84
CA VAL F 213 -17.90 -10.50 35.78
C VAL F 213 -18.43 -10.80 37.17
N ILE F 214 -17.99 -11.92 37.74
CA ILE F 214 -18.38 -12.32 39.09
C ILE F 214 -17.45 -11.65 40.09
N PRO F 215 -17.99 -10.86 41.03
CA PRO F 215 -17.13 -10.27 42.05
C PRO F 215 -16.68 -11.32 43.06
N SER F 216 -15.78 -10.90 43.94
CA SER F 216 -15.33 -11.77 45.01
C SER F 216 -16.49 -12.04 45.96
N MET F 217 -16.78 -13.32 46.18
CA MET F 217 -17.87 -13.73 47.03
C MET F 217 -17.33 -14.54 48.19
N GLN F 218 -17.78 -14.23 49.40
CA GLN F 218 -17.39 -15.03 50.56
C GLN F 218 -17.91 -16.45 50.48
N GLU F 219 -18.97 -16.67 49.69
CA GLU F 219 -19.45 -18.03 49.45
C GLU F 219 -18.49 -18.84 48.60
N GLY F 220 -17.51 -18.20 47.98
CA GLY F 220 -16.52 -18.90 47.17
C GLY F 220 -16.31 -18.27 45.82
N GLY F 221 -17.39 -17.80 45.20
CA GLY F 221 -17.27 -17.19 43.89
C GLY F 221 -16.74 -18.19 42.87
N LEU F 222 -15.99 -17.69 41.92
CA LEU F 222 -15.36 -18.55 40.93
C LEU F 222 -14.18 -19.28 41.56
N PRO F 223 -14.13 -20.61 41.47
CA PRO F 223 -13.07 -21.35 42.15
C PRO F 223 -11.71 -21.11 41.51
N THR F 224 -10.67 -21.30 42.32
CA THR F 224 -9.30 -21.18 41.89
C THR F 224 -8.62 -22.53 42.01
N THR F 225 -7.45 -22.65 41.37
CA THR F 225 -6.72 -23.91 41.37
C THR F 225 -5.23 -23.60 41.36
N GLY F 226 -4.41 -24.66 41.38
CA GLY F 226 -2.97 -24.49 41.37
C GLY F 226 -2.42 -23.82 42.61
N GLY F 227 -2.99 -24.12 43.78
CA GLY F 227 -2.52 -23.48 45.00
C GLY F 227 -2.87 -22.02 45.11
N GLY F 228 -3.92 -21.58 44.44
CA GLY F 228 -4.31 -20.18 44.49
C GLY F 228 -3.60 -19.28 43.52
N THR F 229 -2.89 -19.83 42.53
CA THR F 229 -2.19 -19.04 41.55
C THR F 229 -2.79 -19.12 40.15
N VAL F 230 -3.77 -19.99 39.94
CA VAL F 230 -4.39 -20.18 38.63
C VAL F 230 -5.88 -19.94 38.77
N GLY F 231 -6.39 -18.99 38.01
CA GLY F 231 -7.81 -18.74 37.97
C GLY F 231 -8.51 -19.59 36.93
N ARG F 232 -9.81 -19.76 37.10
CA ARG F 232 -10.62 -20.57 36.19
C ARG F 232 -11.79 -19.74 35.68
N ALA F 233 -11.99 -19.77 34.36
CA ALA F 233 -13.11 -19.10 33.72
C ALA F 233 -13.88 -20.13 32.90
N PHE F 234 -15.15 -19.87 32.65
CA PHE F 234 -16.01 -20.85 32.03
C PHE F 234 -16.85 -20.23 30.92
N PHE F 235 -16.98 -20.98 29.83
CA PHE F 235 -17.83 -20.63 28.70
C PHE F 235 -18.98 -21.62 28.68
N ILE F 236 -20.21 -21.11 28.78
CA ILE F 236 -21.40 -21.95 28.94
C ILE F 236 -22.36 -21.67 27.80
N ASN F 237 -22.81 -22.72 27.14
CA ASN F 237 -23.98 -22.63 26.29
C ASN F 237 -25.22 -22.75 27.16
N GLU F 238 -26.25 -21.97 26.83
CA GLU F 238 -27.42 -21.88 27.71
C GLU F 238 -28.07 -23.24 27.92
N MET F 239 -28.14 -24.05 26.87
CA MET F 239 -28.83 -25.33 26.96
C MET F 239 -27.99 -26.42 27.60
N ALA F 240 -26.73 -26.14 27.91
CA ALA F 240 -25.83 -27.16 28.45
C ALA F 240 -25.99 -27.38 29.95
N VAL F 241 -26.65 -26.47 30.67
CA VAL F 241 -26.81 -26.58 32.11
C VAL F 241 -28.28 -26.36 32.45
N GLY F 242 -28.83 -27.23 33.29
CA GLY F 242 -30.21 -27.12 33.72
C GLY F 242 -30.27 -26.71 35.18
N TYR F 243 -31.18 -25.78 35.48
CA TYR F 243 -31.35 -25.22 36.81
C TYR F 243 -32.81 -25.35 37.20
N ALA F 244 -33.08 -26.16 38.22
CA ALA F 244 -34.44 -26.38 38.70
C ALA F 244 -34.63 -25.63 39.99
N GLN F 245 -35.68 -24.80 40.05
CA GLN F 245 -35.95 -23.96 41.21
C GLN F 245 -37.30 -24.32 41.77
N SER F 246 -37.33 -24.77 43.03
CA SER F 246 -38.57 -25.09 43.69
C SER F 246 -39.07 -23.96 44.57
N GLU F 247 -38.18 -23.16 45.12
CA GLU F 247 -38.56 -22.06 46.00
C GLU F 247 -37.47 -21.00 45.89
N ARG F 248 -37.79 -19.90 45.21
CA ARG F 248 -36.78 -18.87 44.97
C ARG F 248 -36.37 -18.19 46.27
N LEU F 249 -37.35 -17.74 47.06
CA LEU F 249 -37.04 -17.06 48.31
C LEU F 249 -38.27 -17.16 49.22
N GLY F 250 -38.17 -18.00 50.24
CA GLY F 250 -39.15 -18.07 51.29
C GLY F 250 -38.55 -17.56 52.59
N GLY F 251 -39.39 -17.48 53.61
CA GLY F 251 -38.91 -17.00 54.89
C GLY F 251 -40.00 -16.96 55.94
N ASP F 252 -39.56 -16.61 57.14
CA ASP F 252 -40.44 -16.49 58.29
C ASP F 252 -39.69 -15.75 59.39
N ILE F 253 -40.33 -14.73 59.97
CA ILE F 253 -39.77 -13.98 61.09
C ILE F 253 -40.66 -14.23 62.28
N SER F 254 -40.08 -14.76 63.35
CA SER F 254 -40.85 -15.19 64.51
C SER F 254 -40.21 -14.68 65.79
N TRP F 255 -41.03 -14.52 66.81
CA TRP F 255 -40.55 -14.13 68.13
C TRP F 255 -40.31 -15.38 68.96
N GLU F 256 -39.08 -15.52 69.47
CA GLU F 256 -38.69 -16.67 70.27
C GLU F 256 -38.59 -16.21 71.72
N ASN F 257 -39.58 -16.59 72.53
CA ASN F 257 -39.61 -16.14 73.91
C ASN F 257 -38.46 -16.73 74.72
N ILE F 258 -38.07 -17.97 74.44
CA ILE F 258 -37.04 -18.62 75.24
C ILE F 258 -35.71 -17.90 75.09
N LYS F 259 -35.36 -17.52 73.86
CA LYS F 259 -34.13 -16.80 73.60
C LYS F 259 -34.31 -15.30 73.62
N THR F 260 -35.53 -14.82 73.88
CA THR F 260 -35.84 -13.39 73.93
C THR F 260 -35.32 -12.66 72.70
N SER F 261 -35.47 -13.29 71.54
CA SER F 261 -34.93 -12.75 70.30
C SER F 261 -35.93 -12.96 69.16
N TYR F 262 -35.76 -12.16 68.12
CA TYR F 262 -36.47 -12.38 66.87
C TYR F 262 -35.59 -13.22 65.96
N LEU F 263 -36.14 -14.28 65.41
CA LEU F 263 -35.42 -15.13 64.47
C LEU F 263 -35.86 -14.78 63.06
N ILE F 264 -34.93 -14.25 62.27
CA ILE F 264 -35.15 -13.99 60.86
C ILE F 264 -34.61 -15.16 60.08
N ASN F 265 -35.47 -15.86 59.35
CA ASN F 265 -35.12 -17.13 58.74
C ASN F 265 -35.59 -17.11 57.30
N MET F 266 -34.65 -17.06 56.36
CA MET F 266 -34.94 -17.09 54.94
C MET F 266 -34.35 -18.34 54.32
N TRP F 267 -35.02 -18.85 53.28
CA TRP F 267 -34.58 -20.12 52.69
C TRP F 267 -34.84 -20.12 51.20
N MET F 268 -34.14 -21.02 50.51
CA MET F 268 -34.34 -21.25 49.09
C MET F 268 -34.21 -22.74 48.83
N GLU F 269 -34.71 -23.17 47.67
CA GLU F 269 -34.73 -24.59 47.33
C GLU F 269 -34.49 -24.70 45.83
N ALA F 270 -33.31 -25.17 45.44
CA ALA F 270 -32.98 -25.26 44.03
C ALA F 270 -31.85 -26.27 43.85
N GLY F 271 -31.63 -26.66 42.59
CA GLY F 271 -30.55 -27.55 42.24
C GLY F 271 -30.23 -27.40 40.77
N ALA F 272 -29.04 -27.86 40.40
CA ALA F 272 -28.57 -27.72 39.02
C ALA F 272 -27.83 -28.97 38.61
N VAL F 273 -27.76 -29.18 37.29
CA VAL F 273 -27.08 -30.33 36.71
C VAL F 273 -26.55 -29.92 35.34
N VAL F 274 -25.54 -30.67 34.87
CA VAL F 274 -24.97 -30.45 33.55
C VAL F 274 -25.71 -31.34 32.56
N ILE F 275 -26.49 -30.72 31.68
CA ILE F 275 -27.22 -31.49 30.67
C ILE F 275 -26.26 -32.06 29.65
N ASP F 276 -25.34 -31.23 29.14
CA ASP F 276 -24.48 -31.63 28.05
C ASP F 276 -23.09 -31.04 28.22
N PRO F 277 -22.09 -31.85 28.58
CA PRO F 277 -20.74 -31.30 28.77
C PRO F 277 -20.13 -30.73 27.51
N LYS F 278 -20.65 -31.09 26.33
CA LYS F 278 -20.09 -30.57 25.09
C LYS F 278 -20.30 -29.07 24.94
N GLY F 279 -21.15 -28.47 25.76
CA GLY F 279 -21.36 -27.04 25.77
C GLY F 279 -20.61 -26.29 26.84
N LEU F 280 -19.62 -26.90 27.47
CA LEU F 280 -18.84 -26.28 28.55
C LEU F 280 -17.38 -26.22 28.16
N VAL F 281 -16.75 -25.08 28.39
CA VAL F 281 -15.32 -24.89 28.18
C VAL F 281 -14.74 -24.19 29.40
N GLU F 282 -13.58 -24.65 29.85
CA GLU F 282 -12.87 -24.02 30.95
C GLU F 282 -11.56 -23.45 30.46
N VAL F 283 -11.22 -22.25 30.94
CA VAL F 283 -9.99 -21.57 30.59
C VAL F 283 -9.20 -21.31 31.86
N ASP F 284 -7.95 -21.73 31.89
CA ASP F 284 -7.07 -21.52 33.03
C ASP F 284 -6.05 -20.45 32.70
N TYR F 285 -5.84 -19.53 33.64
CA TYR F 285 -4.92 -18.43 33.44
C TYR F 285 -4.17 -18.18 34.74
N LEU F 286 -2.99 -17.57 34.61
CA LEU F 286 -2.19 -17.22 35.77
C LEU F 286 -2.69 -15.92 36.38
N LEU F 287 -2.93 -15.93 37.68
CA LEU F 287 -3.35 -14.71 38.36
C LEU F 287 -2.27 -13.65 38.36
N GLU F 288 -1.00 -14.04 38.31
CA GLU F 288 0.13 -13.12 38.24
C GLU F 288 1.02 -13.55 37.08
N PRO F 289 0.65 -13.17 35.85
CA PRO F 289 1.37 -13.57 34.64
C PRO F 289 2.84 -13.16 34.65
N ALA G 2 -44.65 -87.58 2.13
CA ALA G 2 -44.24 -86.76 0.99
C ALA G 2 -44.16 -85.30 1.39
N PHE G 3 -43.79 -84.45 0.45
CA PHE G 3 -43.66 -83.02 0.72
C PHE G 3 -45.02 -82.40 1.00
N GLY G 4 -45.09 -81.60 2.05
CA GLY G 4 -46.29 -80.86 2.36
C GLY G 4 -46.00 -79.37 2.42
N ILE G 5 -46.68 -78.58 1.59
CA ILE G 5 -46.38 -77.16 1.51
C ILE G 5 -46.68 -76.46 2.82
N ASN G 6 -47.59 -77.00 3.62
CA ASN G 6 -47.94 -76.37 4.89
C ASN G 6 -46.82 -76.49 5.91
N TYR G 7 -45.83 -77.34 5.68
CA TYR G 7 -44.74 -77.54 6.62
C TYR G 7 -43.47 -76.82 6.23
N MET G 8 -43.50 -76.00 5.18
CA MET G 8 -42.32 -75.27 4.72
C MET G 8 -42.57 -73.78 4.90
N GLY G 9 -41.59 -73.09 5.50
CA GLY G 9 -41.72 -71.67 5.74
C GLY G 9 -40.39 -70.97 5.52
N ARG G 10 -40.49 -69.67 5.24
CA ARG G 10 -39.31 -68.84 5.04
C ARG G 10 -38.67 -68.48 6.37
N VAL G 11 -37.37 -68.26 6.33
CA VAL G 11 -36.61 -67.81 7.49
C VAL G 11 -36.03 -66.42 7.24
N SER G 12 -35.38 -66.22 6.11
CA SER G 12 -34.77 -64.94 5.81
C SER G 12 -35.85 -63.89 5.54
N THR G 13 -35.74 -62.75 6.20
CA THR G 13 -36.74 -61.70 6.04
C THR G 13 -36.55 -60.90 4.77
N SER G 14 -35.33 -60.88 4.23
CA SER G 14 -35.02 -60.01 3.11
C SER G 14 -35.73 -60.43 1.84
N ALA G 15 -36.17 -59.45 1.07
CA ALA G 15 -36.73 -59.67 -0.25
C ALA G 15 -35.69 -59.52 -1.35
N ASN G 16 -34.44 -59.23 -1.00
CA ASN G 16 -33.35 -59.13 -1.96
C ASN G 16 -33.14 -60.46 -2.65
N ASN G 17 -33.43 -60.54 -3.93
CA ASN G 17 -33.31 -61.78 -4.68
C ASN G 17 -31.93 -61.95 -5.30
N ASP G 18 -31.02 -61.03 -5.06
CA ASP G 18 -29.64 -61.16 -5.49
C ASP G 18 -28.79 -61.96 -4.51
N THR G 19 -29.37 -62.39 -3.40
CA THR G 19 -28.71 -63.21 -2.40
C THR G 19 -29.53 -64.47 -2.16
N GLN G 20 -29.00 -65.38 -1.36
CA GLN G 20 -29.66 -66.65 -1.10
C GLN G 20 -30.78 -66.48 -0.07
N LYS G 21 -31.60 -67.51 0.03
CA LYS G 21 -32.71 -67.55 0.96
C LYS G 21 -32.55 -68.70 1.93
N VAL G 22 -33.14 -68.55 3.11
CA VAL G 22 -33.12 -69.58 4.15
C VAL G 22 -34.54 -70.06 4.37
N TRP G 23 -34.72 -71.37 4.37
CA TRP G 23 -36.00 -72.02 4.59
C TRP G 23 -35.92 -72.92 5.82
N ILE G 24 -37.09 -73.37 6.26
CA ILE G 24 -37.19 -74.34 7.35
C ILE G 24 -38.31 -75.30 7.03
N TYR G 25 -38.07 -76.59 7.22
CA TYR G 25 -39.05 -77.62 6.93
C TYR G 25 -39.33 -78.43 8.18
N ASN G 26 -40.60 -78.73 8.42
CA ASN G 26 -41.04 -79.45 9.61
C ASN G 26 -41.36 -80.88 9.21
N GLY G 27 -40.38 -81.77 9.35
CA GLY G 27 -40.57 -83.19 9.14
C GLY G 27 -40.72 -83.99 10.41
N THR G 28 -40.92 -83.34 11.56
CA THR G 28 -41.04 -84.03 12.83
C THR G 28 -42.42 -84.67 12.95
N ALA G 29 -42.74 -85.18 14.14
CA ALA G 29 -44.01 -85.86 14.34
C ALA G 29 -45.20 -84.93 14.12
N THR G 30 -45.02 -83.63 14.35
CA THR G 30 -46.07 -82.65 14.12
C THR G 30 -46.12 -82.18 12.67
N GLY G 31 -45.19 -82.64 11.83
CA GLY G 31 -45.19 -82.25 10.43
C GLY G 31 -45.41 -83.43 9.51
N SER G 32 -44.51 -83.61 8.53
CA SER G 32 -44.66 -84.73 7.61
C SER G 32 -44.26 -86.06 8.22
N ASN G 33 -43.55 -86.04 9.35
CA ASN G 33 -43.20 -87.25 10.10
C ASN G 33 -42.37 -88.20 9.24
N GLU G 34 -41.23 -87.72 8.80
CA GLU G 34 -40.30 -88.54 8.03
C GLU G 34 -38.88 -88.26 8.50
N THR G 35 -37.98 -89.19 8.16
CA THR G 35 -36.59 -89.08 8.57
C THR G 35 -35.89 -88.00 7.77
N VAL G 36 -34.75 -87.55 8.29
CA VAL G 36 -33.93 -86.58 7.57
C VAL G 36 -33.43 -87.16 6.26
N ALA G 37 -33.08 -88.44 6.26
CA ALA G 37 -32.61 -89.09 5.04
C ALA G 37 -33.69 -89.11 3.98
N THR G 38 -34.94 -89.38 4.38
CA THR G 38 -36.03 -89.38 3.41
C THR G 38 -36.24 -88.00 2.82
N ILE G 39 -36.20 -86.96 3.66
CA ILE G 39 -36.39 -85.60 3.17
C ILE G 39 -35.24 -85.16 2.30
N ALA G 40 -34.01 -85.57 2.64
CA ALA G 40 -32.82 -85.20 1.89
C ALA G 40 -32.66 -86.00 0.61
N ALA G 41 -33.51 -86.99 0.37
CA ALA G 41 -33.41 -87.79 -0.84
C ALA G 41 -33.70 -86.92 -2.06
N SER G 42 -33.11 -87.31 -3.20
CA SER G 42 -33.24 -86.52 -4.41
C SER G 42 -34.68 -86.47 -4.87
N GLY G 43 -35.10 -85.30 -5.34
CA GLY G 43 -36.43 -85.13 -5.88
C GLY G 43 -37.52 -84.98 -4.85
N TYR G 44 -37.19 -84.94 -3.56
CA TYR G 44 -38.21 -84.82 -2.54
C TYR G 44 -38.94 -83.49 -2.63
N PHE G 45 -38.20 -82.40 -2.84
CA PHE G 45 -38.78 -81.06 -2.91
C PHE G 45 -39.25 -80.70 -4.32
N ASN G 46 -39.45 -81.69 -5.19
CA ASN G 46 -39.93 -81.39 -6.53
C ASN G 46 -41.32 -80.79 -6.51
N ALA G 47 -42.17 -81.24 -5.59
CA ALA G 47 -43.53 -80.73 -5.50
C ALA G 47 -43.58 -79.26 -5.11
N PHE G 48 -42.53 -78.72 -4.51
CA PHE G 48 -42.48 -77.31 -4.17
C PHE G 48 -42.26 -76.42 -5.38
N MET G 49 -41.71 -76.97 -6.46
CA MET G 49 -41.42 -76.19 -7.65
C MET G 49 -42.64 -76.12 -8.56
N VAL G 50 -42.80 -74.98 -9.22
CA VAL G 50 -43.89 -74.82 -10.17
C VAL G 50 -43.67 -75.69 -11.40
N ASN G 51 -42.44 -75.69 -11.93
CA ASN G 51 -42.08 -76.51 -13.07
C ASN G 51 -40.64 -76.96 -12.86
N VAL G 52 -40.47 -78.14 -12.28
CA VAL G 52 -39.13 -78.61 -11.94
C VAL G 52 -38.34 -78.94 -13.20
N ALA G 53 -39.02 -79.26 -14.30
CA ALA G 53 -38.33 -79.56 -15.54
C ALA G 53 -37.55 -78.34 -16.04
N LEU G 54 -38.14 -77.17 -15.94
CA LEU G 54 -37.48 -75.93 -16.36
C LEU G 54 -36.79 -75.22 -15.20
N GLY G 55 -36.82 -75.80 -14.01
CA GLY G 55 -36.21 -75.16 -12.85
C GLY G 55 -36.87 -73.88 -12.42
N LYS G 56 -38.20 -73.85 -12.40
CA LYS G 56 -38.97 -72.69 -12.00
C LYS G 56 -39.66 -72.99 -10.67
N GLY G 57 -39.41 -72.15 -9.67
CA GLY G 57 -40.03 -72.34 -8.38
C GLY G 57 -39.42 -71.44 -7.32
N PRO G 58 -39.97 -71.50 -6.11
CA PRO G 58 -39.43 -70.66 -5.03
C PRO G 58 -37.99 -70.96 -4.67
N LEU G 59 -37.58 -72.21 -4.76
CA LEU G 59 -36.23 -72.60 -4.35
C LEU G 59 -35.20 -72.16 -5.39
N GLY G 60 -34.03 -71.76 -4.91
CA GLY G 60 -32.94 -71.39 -5.79
C GLY G 60 -31.66 -72.11 -5.42
N VAL G 61 -30.70 -72.16 -6.33
CA VAL G 61 -29.45 -72.86 -6.06
C VAL G 61 -28.67 -72.09 -4.99
N GLY G 62 -28.23 -72.81 -3.97
CA GLY G 62 -27.52 -72.22 -2.86
C GLY G 62 -28.39 -71.90 -1.66
N ASP G 63 -29.71 -72.06 -1.78
CA ASP G 63 -30.59 -71.79 -0.65
C ASP G 63 -30.32 -72.75 0.49
N LEU G 64 -30.39 -72.23 1.71
CA LEU G 64 -30.15 -73.04 2.90
C LEU G 64 -31.49 -73.49 3.46
N ILE G 65 -31.63 -74.79 3.69
CA ILE G 65 -32.85 -75.37 4.22
C ILE G 65 -32.54 -76.00 5.56
N ILE G 66 -33.28 -75.60 6.59
CA ILE G 66 -33.17 -76.21 7.92
C ILE G 66 -34.19 -77.34 7.97
N ILE G 67 -33.71 -78.57 7.96
CA ILE G 67 -34.57 -79.75 7.90
C ILE G 67 -34.66 -80.34 9.29
N ASN G 68 -35.87 -80.40 9.84
CA ASN G 68 -36.13 -81.01 11.14
C ASN G 68 -36.85 -82.33 10.91
N GLY G 69 -36.09 -83.40 10.78
CA GLY G 69 -36.68 -84.71 10.66
C GLY G 69 -37.19 -85.23 11.99
N ASN G 70 -37.88 -86.37 11.93
CA ASN G 70 -38.43 -86.96 13.15
C ASN G 70 -37.37 -87.64 13.99
N ASP G 71 -36.13 -87.76 13.52
CA ASP G 71 -35.07 -88.36 14.29
C ASP G 71 -33.91 -87.41 14.59
N ALA G 72 -33.69 -86.41 13.75
CA ALA G 72 -32.57 -85.49 13.92
C ALA G 72 -32.86 -84.22 13.11
N SER G 73 -31.88 -83.34 13.04
CA SER G 73 -32.01 -82.11 12.27
C SER G 73 -30.64 -81.68 11.78
N ALA G 74 -30.62 -81.07 10.61
CA ALA G 74 -29.36 -80.63 10.03
C ALA G 74 -29.62 -79.53 9.01
N PHE G 75 -28.58 -78.77 8.71
CA PHE G 75 -28.63 -77.79 7.64
C PHE G 75 -28.38 -78.49 6.31
N TYR G 76 -29.07 -78.04 5.27
CA TYR G 76 -28.87 -78.55 3.92
C TYR G 76 -28.83 -77.39 2.95
N THR G 77 -28.14 -77.60 1.84
CA THR G 77 -27.98 -76.58 0.82
C THR G 77 -28.44 -77.14 -0.52
N VAL G 78 -29.24 -76.34 -1.23
CA VAL G 78 -29.74 -76.76 -2.54
C VAL G 78 -28.59 -76.77 -3.54
N GLN G 79 -28.39 -77.90 -4.21
CA GLN G 79 -27.36 -78.04 -5.22
C GLN G 79 -27.88 -77.82 -6.63
N THR G 80 -28.98 -78.47 -6.99
CA THR G 80 -29.60 -78.29 -8.29
C THR G 80 -31.09 -78.13 -8.12
N ILE G 81 -31.72 -77.43 -9.07
CA ILE G 81 -33.16 -77.29 -9.10
C ILE G 81 -33.77 -77.87 -10.36
N THR G 82 -32.97 -78.42 -11.26
CA THR G 82 -33.46 -79.06 -12.46
C THR G 82 -32.47 -80.14 -12.87
N PRO G 83 -32.94 -81.31 -13.32
CA PRO G 83 -34.34 -81.71 -13.47
C PRO G 83 -34.94 -82.19 -12.16
N ASN G 84 -34.16 -82.21 -11.09
CA ASN G 84 -34.64 -82.57 -9.78
C ASN G 84 -34.03 -81.62 -8.75
N VAL G 85 -34.72 -81.46 -7.64
CA VAL G 85 -34.21 -80.66 -6.53
C VAL G 85 -33.40 -81.58 -5.63
N THR G 86 -32.08 -81.38 -5.61
CA THR G 86 -31.17 -82.18 -4.82
C THR G 86 -30.50 -81.30 -3.78
N VAL G 87 -30.28 -81.84 -2.59
CA VAL G 87 -29.67 -81.10 -1.50
C VAL G 87 -28.51 -81.91 -0.95
N SER G 88 -27.59 -81.22 -0.29
CA SER G 88 -26.44 -81.83 0.36
C SER G 88 -26.32 -81.25 1.76
N VAL G 89 -25.75 -82.04 2.67
CA VAL G 89 -25.65 -81.60 4.05
C VAL G 89 -24.72 -80.40 4.15
N PHE G 90 -24.82 -79.68 5.26
CA PHE G 90 -24.04 -78.48 5.48
C PHE G 90 -23.87 -78.20 6.97
N ALA H 2 -13.78 -57.35 -3.08
CA ALA H 2 -14.67 -56.25 -3.41
C ALA H 2 -16.06 -56.51 -2.87
N PHE H 3 -16.38 -55.89 -1.74
CA PHE H 3 -17.71 -56.05 -1.16
C PHE H 3 -18.77 -55.43 -2.05
N GLY H 4 -19.82 -56.18 -2.33
CA GLY H 4 -20.93 -55.67 -3.09
C GLY H 4 -22.20 -55.61 -2.26
N ILE H 5 -22.73 -54.42 -2.03
CA ILE H 5 -23.86 -54.29 -1.12
C ILE H 5 -25.09 -55.00 -1.65
N ASN H 6 -25.20 -55.14 -2.97
CA ASN H 6 -26.35 -55.82 -3.55
C ASN H 6 -26.37 -57.31 -3.22
N TYR H 7 -25.27 -57.87 -2.74
CA TYR H 7 -25.18 -59.28 -2.42
C TYR H 7 -25.33 -59.56 -0.93
N MET H 8 -25.57 -58.52 -0.13
CA MET H 8 -25.81 -58.67 1.30
C MET H 8 -27.29 -58.55 1.60
N GLY H 9 -27.77 -59.41 2.49
CA GLY H 9 -29.18 -59.39 2.85
C GLY H 9 -29.36 -59.77 4.30
N ARG H 10 -30.45 -59.28 4.88
CA ARG H 10 -30.79 -59.61 6.25
C ARG H 10 -31.51 -60.95 6.32
N VAL H 11 -31.25 -61.69 7.39
CA VAL H 11 -31.95 -62.94 7.66
C VAL H 11 -32.88 -62.81 8.85
N SER H 12 -32.39 -62.24 9.95
CA SER H 12 -33.21 -62.07 11.14
C SER H 12 -34.27 -61.02 10.89
N THR H 13 -35.52 -61.36 11.23
CA THR H 13 -36.62 -60.43 10.99
C THR H 13 -36.78 -59.40 12.10
N SER H 14 -36.29 -59.70 13.30
CA SER H 14 -36.54 -58.83 14.44
C SER H 14 -35.79 -57.51 14.30
N ALA H 15 -36.43 -56.44 14.75
CA ALA H 15 -35.83 -55.12 14.81
C ALA H 15 -35.27 -54.79 16.18
N ASN H 16 -35.33 -55.73 17.12
CA ASN H 16 -34.77 -55.53 18.44
C ASN H 16 -33.26 -55.37 18.34
N ASN H 17 -32.76 -54.20 18.72
CA ASN H 17 -31.35 -53.89 18.60
C ASN H 17 -30.53 -54.31 19.81
N ASP H 18 -31.16 -54.85 20.84
CA ASP H 18 -30.45 -55.37 21.99
C ASP H 18 -30.00 -56.82 21.79
N THR H 19 -30.31 -57.41 20.64
CA THR H 19 -29.85 -58.74 20.28
C THR H 19 -29.12 -58.64 18.94
N GLN H 20 -28.43 -59.72 18.59
CA GLN H 20 -27.61 -59.72 17.40
C GLN H 20 -28.46 -59.93 16.15
N LYS H 21 -27.85 -59.69 15.00
CA LYS H 21 -28.48 -59.86 13.70
C LYS H 21 -27.84 -61.01 12.95
N VAL H 22 -28.57 -61.54 11.98
CA VAL H 22 -28.09 -62.60 11.11
C VAL H 22 -28.12 -62.10 9.68
N TRP H 23 -27.00 -62.22 8.98
CA TRP H 23 -26.86 -61.77 7.61
C TRP H 23 -26.52 -62.95 6.72
N ILE H 24 -26.80 -62.79 5.43
CA ILE H 24 -26.40 -63.76 4.42
C ILE H 24 -25.71 -62.99 3.30
N TYR H 25 -24.56 -63.49 2.86
CA TYR H 25 -23.78 -62.83 1.83
C TYR H 25 -23.55 -63.78 0.67
N ASN H 26 -23.69 -63.25 -0.55
CA ASN H 26 -23.42 -64.02 -1.75
C ASN H 26 -21.91 -64.08 -1.99
N GLY H 27 -21.51 -64.52 -3.17
CA GLY H 27 -20.10 -64.70 -3.44
C GLY H 27 -19.88 -65.86 -4.35
N THR H 28 -20.98 -66.50 -4.73
CA THR H 28 -20.96 -67.56 -5.73
C THR H 28 -20.77 -66.93 -7.10
N ALA H 29 -20.87 -67.75 -8.15
CA ALA H 29 -20.69 -67.23 -9.50
C ALA H 29 -21.74 -66.18 -9.85
N THR H 30 -22.90 -66.23 -9.20
CA THR H 30 -23.97 -65.27 -9.44
C THR H 30 -23.88 -64.05 -8.53
N GLY H 31 -22.91 -64.03 -7.61
CA GLY H 31 -22.76 -62.90 -6.71
C GLY H 31 -21.44 -62.19 -6.91
N SER H 32 -20.71 -61.96 -5.82
CA SER H 32 -19.42 -61.30 -5.90
C SER H 32 -18.32 -62.16 -6.48
N ASN H 33 -18.52 -63.49 -6.55
CA ASN H 33 -17.58 -64.42 -7.18
C ASN H 33 -16.21 -64.36 -6.53
N GLU H 34 -16.17 -64.71 -5.25
CA GLU H 34 -14.92 -64.77 -4.51
C GLU H 34 -14.94 -65.98 -3.57
N THR H 35 -13.76 -66.38 -3.14
CA THR H 35 -13.63 -67.52 -2.25
C THR H 35 -14.06 -67.14 -0.84
N VAL H 36 -14.33 -68.18 -0.03
CA VAL H 36 -14.68 -67.95 1.37
C VAL H 36 -13.52 -67.31 2.11
N ALA H 37 -12.30 -67.72 1.80
CA ALA H 37 -11.13 -67.16 2.46
C ALA H 37 -10.99 -65.67 2.15
N THR H 38 -11.25 -65.28 0.90
CA THR H 38 -11.16 -63.87 0.54
C THR H 38 -12.20 -63.05 1.30
N ILE H 39 -13.44 -63.54 1.37
CA ILE H 39 -14.48 -62.81 2.08
C ILE H 39 -14.20 -62.76 3.57
N ALA H 40 -13.64 -63.82 4.13
CA ALA H 40 -13.35 -63.88 5.56
C ALA H 40 -12.07 -63.15 5.94
N ALA H 41 -11.36 -62.58 4.97
CA ALA H 41 -10.15 -61.82 5.28
C ALA H 41 -10.52 -60.55 6.05
N SER H 42 -9.54 -60.04 6.78
CA SER H 42 -9.77 -58.88 7.62
C SER H 42 -10.05 -57.64 6.78
N GLY H 43 -11.04 -56.86 7.21
CA GLY H 43 -11.37 -55.61 6.55
C GLY H 43 -12.17 -55.74 5.28
N TYR H 44 -12.63 -56.95 4.93
CA TYR H 44 -13.40 -57.11 3.71
C TYR H 44 -14.73 -56.37 3.78
N PHE H 45 -15.41 -56.43 4.92
CA PHE H 45 -16.70 -55.80 5.09
C PHE H 45 -16.59 -54.36 5.56
N ASN H 46 -15.43 -53.73 5.39
CA ASN H 46 -15.28 -52.33 5.80
C ASN H 46 -16.18 -51.41 4.99
N ALA H 47 -16.39 -51.72 3.71
CA ALA H 47 -17.24 -50.87 2.88
C ALA H 47 -18.69 -50.89 3.31
N PHE H 48 -19.11 -51.91 4.05
CA PHE H 48 -20.48 -51.97 4.54
C PHE H 48 -20.73 -51.01 5.70
N MET H 49 -19.70 -50.65 6.44
CA MET H 49 -19.86 -49.74 7.56
C MET H 49 -19.90 -48.30 7.07
N VAL H 50 -20.44 -47.43 7.93
CA VAL H 50 -20.51 -46.01 7.63
C VAL H 50 -19.21 -45.30 8.01
N ASN H 51 -18.74 -45.54 9.23
CA ASN H 51 -17.45 -45.01 9.71
C ASN H 51 -16.78 -46.14 10.48
N VAL H 52 -15.98 -46.94 9.77
CA VAL H 52 -15.34 -48.09 10.40
C VAL H 52 -14.32 -47.67 11.45
N ALA H 53 -13.76 -46.46 11.32
CA ALA H 53 -12.81 -45.99 12.33
C ALA H 53 -13.48 -45.75 13.67
N LEU H 54 -14.76 -45.39 13.67
CA LEU H 54 -15.50 -45.18 14.91
C LEU H 54 -16.42 -46.34 15.25
N GLY H 55 -16.42 -47.40 14.44
CA GLY H 55 -17.29 -48.54 14.70
C GLY H 55 -18.76 -48.23 14.53
N LYS H 56 -19.12 -47.47 13.50
CA LYS H 56 -20.50 -47.13 13.22
C LYS H 56 -20.92 -47.78 11.90
N GLY H 57 -21.95 -48.61 11.95
CA GLY H 57 -22.44 -49.28 10.77
C GLY H 57 -23.51 -50.30 11.10
N PRO H 58 -24.07 -50.90 10.05
CA PRO H 58 -25.12 -51.91 10.28
C PRO H 58 -24.63 -53.12 11.07
N LEU H 59 -23.38 -53.53 10.88
CA LEU H 59 -22.87 -54.72 11.54
C LEU H 59 -22.56 -54.44 13.01
N GLY H 60 -22.83 -55.43 13.85
CA GLY H 60 -22.50 -55.37 15.26
C GLY H 60 -21.67 -56.57 15.67
N VAL H 61 -21.00 -56.45 16.81
CA VAL H 61 -20.16 -57.52 17.30
C VAL H 61 -21.03 -58.70 17.71
N GLY H 62 -20.73 -59.87 17.18
CA GLY H 62 -21.51 -61.05 17.42
C GLY H 62 -22.50 -61.40 16.34
N ASP H 63 -22.64 -60.56 15.32
CA ASP H 63 -23.56 -60.86 14.23
C ASP H 63 -23.10 -62.09 13.47
N LEU H 64 -24.05 -62.96 13.15
CA LEU H 64 -23.76 -64.17 12.40
C LEU H 64 -23.94 -63.90 10.92
N ILE H 65 -22.92 -64.21 10.13
CA ILE H 65 -22.94 -64.01 8.68
C ILE H 65 -22.82 -65.36 8.01
N ILE H 66 -23.74 -65.65 7.10
CA ILE H 66 -23.71 -66.88 6.31
C ILE H 66 -23.00 -66.55 5.00
N ILE H 67 -21.73 -66.92 4.91
CA ILE H 67 -20.91 -66.60 3.74
C ILE H 67 -21.04 -67.73 2.73
N ASN H 68 -21.42 -67.37 1.51
CA ASN H 68 -21.53 -68.32 0.39
C ASN H 68 -20.49 -67.94 -0.65
N GLY H 69 -19.30 -68.52 -0.54
CA GLY H 69 -18.26 -68.29 -1.51
C GLY H 69 -18.47 -69.12 -2.76
N ASN H 70 -17.58 -68.91 -3.72
CA ASN H 70 -17.66 -69.64 -4.97
C ASN H 70 -17.07 -71.04 -4.88
N ASP H 71 -16.48 -71.40 -3.73
CA ASP H 71 -15.95 -72.74 -3.54
C ASP H 71 -16.61 -73.51 -2.39
N ALA H 72 -17.17 -72.82 -1.41
CA ALA H 72 -17.78 -73.47 -0.26
C ALA H 72 -18.64 -72.44 0.47
N SER H 73 -19.17 -72.84 1.62
CA SER H 73 -19.95 -71.95 2.48
C SER H 73 -19.61 -72.25 3.93
N ALA H 74 -19.79 -71.23 4.77
CA ALA H 74 -19.48 -71.39 6.19
C ALA H 74 -20.18 -70.31 6.98
N PHE H 75 -20.45 -70.63 8.25
CA PHE H 75 -20.97 -69.65 9.18
C PHE H 75 -19.81 -68.88 9.82
N TYR H 76 -19.97 -67.57 9.93
CA TYR H 76 -18.96 -66.71 10.52
C TYR H 76 -19.62 -65.77 11.51
N THR H 77 -18.82 -65.26 12.43
CA THR H 77 -19.29 -64.34 13.46
C THR H 77 -18.39 -63.11 13.47
N VAL H 78 -19.01 -61.95 13.59
CA VAL H 78 -18.26 -60.70 13.62
C VAL H 78 -17.54 -60.58 14.95
N GLN H 79 -16.23 -60.38 14.89
CA GLN H 79 -15.40 -60.26 16.10
C GLN H 79 -15.24 -58.81 16.53
N THR H 80 -14.75 -57.96 15.64
CA THR H 80 -14.58 -56.55 15.93
C THR H 80 -15.17 -55.74 14.78
N ILE H 81 -15.64 -54.55 15.10
CA ILE H 81 -16.13 -53.62 14.09
C ILE H 81 -15.23 -52.41 13.92
N THR H 82 -14.27 -52.18 14.83
CA THR H 82 -13.32 -51.09 14.70
C THR H 82 -11.96 -51.60 15.14
N PRO H 83 -10.88 -51.16 14.49
CA PRO H 83 -10.82 -50.25 13.33
C PRO H 83 -11.07 -50.99 12.02
N ASN H 84 -11.19 -52.31 12.09
CA ASN H 84 -11.51 -53.13 10.92
C ASN H 84 -12.60 -54.12 11.30
N VAL H 85 -13.35 -54.56 10.30
CA VAL H 85 -14.37 -55.58 10.49
C VAL H 85 -13.70 -56.94 10.26
N THR H 86 -13.53 -57.70 11.32
CA THR H 86 -12.90 -59.01 11.26
C THR H 86 -13.92 -60.06 11.68
N VAL H 87 -13.89 -61.21 11.00
CA VAL H 87 -14.82 -62.29 11.28
C VAL H 87 -14.02 -63.54 11.63
N SER H 88 -14.68 -64.45 12.35
CA SER H 88 -14.08 -65.72 12.73
C SER H 88 -15.09 -66.82 12.54
N VAL H 89 -14.59 -68.05 12.38
CA VAL H 89 -15.49 -69.18 12.14
C VAL H 89 -16.41 -69.37 13.33
N PHE H 90 -17.57 -69.97 13.07
CA PHE H 90 -18.61 -70.10 14.06
C PHE H 90 -18.36 -71.27 15.00
N ALA I 2 -29.40 -64.39 34.47
CA ALA I 2 -30.66 -65.05 34.18
C ALA I 2 -31.20 -64.59 32.84
N PHE I 3 -32.29 -65.21 32.39
CA PHE I 3 -32.87 -64.87 31.10
C PHE I 3 -33.43 -63.46 31.13
N GLY I 4 -33.09 -62.68 30.11
CA GLY I 4 -33.67 -61.36 29.94
C GLY I 4 -34.37 -61.25 28.61
N ILE I 5 -35.66 -60.90 28.63
CA ILE I 5 -36.46 -60.91 27.40
C ILE I 5 -35.94 -59.90 26.38
N ASN I 6 -35.26 -58.85 26.83
CA ASN I 6 -34.76 -57.86 25.89
C ASN I 6 -33.61 -58.38 25.04
N TYR I 7 -32.99 -59.49 25.43
CA TYR I 7 -31.91 -60.08 24.66
C TYR I 7 -32.37 -61.19 23.75
N MET I 8 -33.67 -61.48 23.72
CA MET I 8 -34.22 -62.54 22.88
C MET I 8 -34.92 -61.92 21.70
N GLY I 9 -34.58 -62.37 20.50
CA GLY I 9 -35.21 -61.88 19.28
C GLY I 9 -35.53 -63.03 18.36
N ARG I 10 -36.35 -62.74 17.35
CA ARG I 10 -36.78 -63.75 16.41
C ARG I 10 -36.05 -63.59 15.09
N VAL I 11 -35.65 -64.71 14.50
CA VAL I 11 -34.92 -64.72 13.23
C VAL I 11 -35.83 -65.08 12.08
N SER I 12 -36.61 -66.15 12.22
CA SER I 12 -37.46 -66.58 11.13
C SER I 12 -38.59 -65.59 10.91
N THR I 13 -38.84 -65.23 9.65
CA THR I 13 -39.84 -64.22 9.35
C THR I 13 -41.22 -64.80 9.17
N SER I 14 -41.32 -66.08 8.82
CA SER I 14 -42.61 -66.66 8.46
C SER I 14 -43.53 -66.76 9.67
N ALA I 15 -44.80 -66.44 9.45
CA ALA I 15 -45.82 -66.58 10.47
C ALA I 15 -46.51 -67.93 10.43
N ASN I 16 -46.10 -68.81 9.52
CA ASN I 16 -46.69 -70.14 9.44
C ASN I 16 -46.40 -70.91 10.71
N ASN I 17 -47.45 -71.23 11.45
CA ASN I 17 -47.31 -71.89 12.75
C ASN I 17 -47.20 -73.40 12.63
N ASP I 18 -47.34 -73.95 11.43
CA ASP I 18 -47.19 -75.38 11.22
C ASP I 18 -45.72 -75.80 11.07
N THR I 19 -44.81 -74.84 11.07
CA THR I 19 -43.39 -75.11 11.01
C THR I 19 -42.71 -74.48 12.24
N GLN I 20 -41.41 -74.71 12.36
CA GLN I 20 -40.68 -74.25 13.54
C GLN I 20 -40.19 -72.82 13.35
N LYS I 21 -39.69 -72.24 14.43
CA LYS I 21 -39.17 -70.89 14.43
C LYS I 21 -37.69 -70.90 14.78
N VAL I 22 -37.01 -69.80 14.45
CA VAL I 22 -35.60 -69.61 14.74
C VAL I 22 -35.47 -68.38 15.63
N TRP I 23 -34.75 -68.54 16.73
CA TRP I 23 -34.54 -67.47 17.69
C TRP I 23 -33.05 -67.17 17.81
N ILE I 24 -32.74 -66.02 18.39
CA ILE I 24 -31.36 -65.64 18.68
C ILE I 24 -31.33 -65.00 20.06
N TYR I 25 -30.33 -65.37 20.86
CA TYR I 25 -30.20 -64.87 22.22
C TYR I 25 -28.84 -64.20 22.38
N ASN I 26 -28.83 -63.02 22.98
CA ASN I 26 -27.62 -62.24 23.18
C ASN I 26 -27.14 -62.44 24.61
N GLY I 27 -26.27 -63.42 24.80
CA GLY I 27 -25.62 -63.65 26.08
C GLY I 27 -24.21 -63.10 26.17
N THR I 28 -23.79 -62.26 25.22
CA THR I 28 -22.43 -61.74 25.20
C THR I 28 -22.31 -60.62 26.24
N ALA I 29 -21.18 -59.91 26.20
CA ALA I 29 -20.95 -58.83 27.17
C ALA I 29 -21.98 -57.72 27.03
N THR I 30 -22.51 -57.51 25.83
CA THR I 30 -23.56 -56.51 25.65
C THR I 30 -24.93 -57.04 26.03
N GLY I 31 -25.06 -58.34 26.26
CA GLY I 31 -26.33 -58.91 26.65
C GLY I 31 -26.38 -59.33 28.10
N SER I 32 -26.73 -60.59 28.35
CA SER I 32 -26.81 -61.09 29.72
C SER I 32 -25.45 -61.47 30.30
N ASN I 33 -24.42 -61.56 29.47
CA ASN I 33 -23.05 -61.81 29.92
C ASN I 33 -22.95 -63.13 30.70
N GLU I 34 -23.32 -64.22 30.03
CA GLU I 34 -23.17 -65.55 30.58
C GLU I 34 -22.63 -66.48 29.50
N THR I 35 -22.01 -67.57 29.93
CA THR I 35 -21.41 -68.50 29.00
C THR I 35 -22.48 -69.37 28.34
N VAL I 36 -22.09 -70.06 27.27
CA VAL I 36 -23.01 -70.92 26.56
C VAL I 36 -23.48 -72.05 27.45
N ALA I 37 -22.61 -72.55 28.32
CA ALA I 37 -22.97 -73.67 29.18
C ALA I 37 -24.11 -73.30 30.13
N THR I 38 -24.06 -72.11 30.72
CA THR I 38 -25.11 -71.72 31.65
C THR I 38 -26.41 -71.41 30.92
N ILE I 39 -26.32 -70.80 29.73
CA ILE I 39 -27.53 -70.52 28.96
C ILE I 39 -28.18 -71.81 28.48
N ALA I 40 -27.37 -72.81 28.13
CA ALA I 40 -27.89 -74.08 27.66
C ALA I 40 -28.31 -75.01 28.79
N ALA I 41 -28.10 -74.60 30.04
CA ALA I 41 -28.53 -75.42 31.16
C ALA I 41 -30.04 -75.55 31.18
N SER I 42 -30.51 -76.63 31.79
CA SER I 42 -31.93 -76.92 31.79
C SER I 42 -32.71 -75.87 32.57
N GLY I 43 -33.85 -75.47 32.03
CA GLY I 43 -34.72 -74.53 32.69
C GLY I 43 -34.31 -73.09 32.60
N TYR I 44 -33.29 -72.76 31.80
CA TYR I 44 -32.85 -71.38 31.70
C TYR I 44 -33.89 -70.51 30.98
N PHE I 45 -34.56 -71.05 29.97
CA PHE I 45 -35.54 -70.32 29.20
C PHE I 45 -36.95 -70.47 29.74
N ASN I 46 -37.09 -70.91 30.99
CA ASN I 46 -38.43 -71.06 31.57
C ASN I 46 -39.14 -69.72 31.67
N ALA I 47 -38.39 -68.64 31.93
CA ALA I 47 -39.02 -67.33 32.09
C ALA I 47 -39.60 -66.80 30.80
N PHE I 48 -39.18 -67.34 29.65
CA PHE I 48 -39.72 -66.91 28.37
C PHE I 48 -41.10 -67.48 28.10
N MET I 49 -41.48 -68.54 28.79
CA MET I 49 -42.75 -69.21 28.52
C MET I 49 -43.83 -68.66 29.45
N VAL I 50 -45.06 -68.65 28.94
CA VAL I 50 -46.19 -68.15 29.72
C VAL I 50 -46.49 -69.10 30.88
N ASN I 51 -46.54 -70.39 30.59
CA ASN I 51 -46.80 -71.41 31.61
C ASN I 51 -45.99 -72.64 31.24
N VAL I 52 -44.79 -72.75 31.81
CA VAL I 52 -43.89 -73.84 31.45
C VAL I 52 -44.43 -75.18 31.95
N ALA I 53 -45.28 -75.16 32.97
CA ALA I 53 -45.85 -76.41 33.47
C ALA I 53 -46.73 -77.08 32.42
N LEU I 54 -47.50 -76.31 31.67
CA LEU I 54 -48.34 -76.84 30.61
C LEU I 54 -47.70 -76.74 29.24
N GLY I 55 -46.46 -76.27 29.16
CA GLY I 55 -45.80 -76.11 27.88
C GLY I 55 -46.43 -75.05 26.99
N LYS I 56 -46.82 -73.92 27.57
CA LYS I 56 -47.43 -72.82 26.83
C LYS I 56 -46.45 -71.67 26.76
N GLY I 57 -46.15 -71.22 25.55
CA GLY I 57 -45.24 -70.12 25.36
C GLY I 57 -44.79 -69.98 23.92
N PRO I 58 -43.99 -68.96 23.64
CA PRO I 58 -43.51 -68.73 22.27
C PRO I 58 -42.63 -69.85 21.74
N LEU I 59 -41.90 -70.56 22.60
CA LEU I 59 -41.00 -71.61 22.16
C LEU I 59 -41.79 -72.88 21.87
N GLY I 60 -41.36 -73.60 20.83
CA GLY I 60 -41.92 -74.89 20.49
C GLY I 60 -40.84 -75.94 20.38
N VAL I 61 -41.26 -77.20 20.39
CA VAL I 61 -40.32 -78.30 20.28
C VAL I 61 -39.76 -78.33 18.87
N GLY I 62 -38.44 -78.37 18.75
CA GLY I 62 -37.77 -78.31 17.48
C GLY I 62 -37.34 -76.94 17.05
N ASP I 63 -37.62 -75.91 17.84
CA ASP I 63 -37.18 -74.57 17.50
C ASP I 63 -35.66 -74.46 17.61
N LEU I 64 -35.07 -73.73 16.68
CA LEU I 64 -33.63 -73.52 16.67
C LEU I 64 -33.30 -72.20 17.35
N ILE I 65 -32.36 -72.23 18.28
CA ILE I 65 -31.93 -71.05 19.02
C ILE I 65 -30.45 -70.84 18.74
N ILE I 66 -30.10 -69.65 18.28
CA ILE I 66 -28.71 -69.27 18.08
C ILE I 66 -28.24 -68.58 19.35
N ILE I 67 -27.51 -69.32 20.18
CA ILE I 67 -27.04 -68.80 21.45
C ILE I 67 -25.68 -68.16 21.25
N ASN I 68 -25.55 -66.91 21.70
CA ASN I 68 -24.30 -66.15 21.62
C ASN I 68 -23.82 -65.91 23.03
N GLY I 69 -23.04 -66.85 23.57
CA GLY I 69 -22.47 -66.67 24.88
C GLY I 69 -21.31 -65.69 24.85
N ASN I 70 -20.81 -65.38 26.04
CA ASN I 70 -19.69 -64.45 26.15
C ASN I 70 -18.36 -65.10 25.80
N ASP I 71 -18.33 -66.41 25.57
CA ASP I 71 -17.10 -67.10 25.18
C ASP I 71 -17.17 -67.80 23.84
N ALA I 72 -18.37 -68.10 23.32
CA ALA I 72 -18.52 -68.79 22.06
C ALA I 72 -19.98 -68.68 21.62
N SER I 73 -20.26 -69.26 20.46
CA SER I 73 -21.62 -69.32 19.94
C SER I 73 -21.91 -70.72 19.44
N ALA I 74 -23.16 -71.14 19.56
CA ALA I 74 -23.53 -72.48 19.13
C ALA I 74 -25.01 -72.50 18.75
N PHE I 75 -25.37 -73.50 17.96
CA PHE I 75 -26.76 -73.74 17.60
C PHE I 75 -27.35 -74.76 18.55
N TYR I 76 -28.55 -74.49 19.04
CA TYR I 76 -29.24 -75.38 19.94
C TYR I 76 -30.67 -75.60 19.47
N THR I 77 -31.23 -76.74 19.83
CA THR I 77 -32.59 -77.11 19.45
C THR I 77 -33.40 -77.40 20.70
N VAL I 78 -34.60 -76.84 20.77
CA VAL I 78 -35.48 -77.09 21.91
C VAL I 78 -35.93 -78.55 21.87
N GLN I 79 -35.64 -79.27 22.94
CA GLN I 79 -36.03 -80.67 23.06
C GLN I 79 -37.38 -80.85 23.73
N THR I 80 -37.56 -80.28 24.92
CA THR I 80 -38.83 -80.31 25.62
C THR I 80 -39.19 -78.91 26.07
N ILE I 81 -40.49 -78.65 26.17
CA ILE I 81 -40.99 -77.38 26.69
C ILE I 81 -41.71 -77.53 28.01
N THR I 82 -42.00 -78.75 28.45
CA THR I 82 -42.62 -78.99 29.74
C THR I 82 -41.99 -80.24 30.35
N PRO I 83 -41.75 -80.25 31.67
CA PRO I 83 -42.00 -79.18 32.64
C PRO I 83 -40.88 -78.16 32.68
N ASN I 84 -39.82 -78.37 31.90
CA ASN I 84 -38.73 -77.43 31.78
C ASN I 84 -38.36 -77.29 30.31
N VAL I 85 -37.79 -76.14 29.97
CA VAL I 85 -37.30 -75.90 28.62
C VAL I 85 -35.86 -76.38 28.56
N THR I 86 -35.63 -77.48 27.86
CA THR I 86 -34.31 -78.07 27.72
C THR I 86 -33.88 -78.00 26.27
N VAL I 87 -32.60 -77.73 26.05
CA VAL I 87 -32.04 -77.60 24.72
C VAL I 87 -30.87 -78.57 24.57
N SER I 88 -30.57 -78.90 23.32
CA SER I 88 -29.45 -79.77 23.00
C SER I 88 -28.74 -79.23 21.77
N VAL I 89 -27.48 -79.63 21.61
CA VAL I 89 -26.68 -79.13 20.51
C VAL I 89 -27.29 -79.56 19.19
N PHE I 90 -27.34 -78.62 18.24
CA PHE I 90 -27.94 -78.86 16.94
C PHE I 90 -26.97 -79.58 16.01
N SER J 2 -38.75 -39.34 61.60
CA SER J 2 -39.38 -38.27 60.83
C SER J 2 -38.49 -37.86 59.68
N LEU J 3 -37.19 -38.14 59.79
CA LEU J 3 -36.31 -38.01 58.63
C LEU J 3 -36.52 -39.14 57.64
N ALA J 4 -37.31 -40.16 57.99
CA ALA J 4 -37.64 -41.23 57.06
C ALA J 4 -38.56 -40.78 55.96
N LEU J 5 -39.06 -39.54 56.01
CA LEU J 5 -39.90 -39.02 54.93
C LEU J 5 -39.16 -39.00 53.61
N SER J 6 -37.82 -39.01 53.62
CA SER J 6 -37.06 -39.05 52.38
C SER J 6 -37.27 -40.35 51.62
N GLN J 7 -37.80 -41.39 52.27
CA GLN J 7 -38.06 -42.65 51.59
C GLN J 7 -39.23 -42.56 50.62
N ILE J 8 -40.12 -41.58 50.79
CA ILE J 8 -41.29 -41.47 49.95
C ILE J 8 -41.25 -40.15 49.18
N GLU J 9 -40.05 -39.66 48.90
CA GLU J 9 -39.91 -38.46 48.10
C GLU J 9 -40.26 -38.75 46.65
N ILE J 10 -40.79 -37.74 45.98
CA ILE J 10 -41.19 -37.87 44.59
C ILE J 10 -40.11 -37.27 43.69
N GLN J 11 -40.22 -37.53 42.40
CA GLN J 11 -39.30 -36.99 41.41
C GLN J 11 -40.11 -36.42 40.25
N GLN J 12 -39.51 -35.44 39.56
CA GLN J 12 -40.18 -34.75 38.48
C GLN J 12 -39.45 -35.04 37.17
N PHE J 13 -40.21 -35.35 36.12
CA PHE J 13 -39.67 -35.65 34.81
C PHE J 13 -40.16 -34.61 33.82
N LEU J 14 -39.23 -34.00 33.09
CA LEU J 14 -39.57 -32.94 32.16
C LEU J 14 -39.90 -33.51 30.79
N SER J 15 -40.77 -32.80 30.08
CA SER J 15 -41.23 -33.24 28.76
C SER J 15 -40.45 -32.64 27.61
N GLU J 16 -39.63 -31.62 27.87
CA GLU J 16 -38.84 -31.01 26.81
C GLU J 16 -37.49 -31.73 26.71
N ALA J 17 -37.28 -32.44 25.62
CA ALA J 17 -36.07 -33.23 25.44
C ALA J 17 -34.97 -32.38 24.83
N HIS J 18 -33.74 -32.66 25.23
CA HIS J 18 -32.57 -31.99 24.68
C HIS J 18 -31.84 -32.95 23.75
N ALA J 19 -31.62 -32.51 22.52
CA ALA J 19 -30.82 -33.26 21.56
C ALA J 19 -29.37 -32.84 21.71
N GLU J 20 -28.47 -33.83 21.81
CA GLU J 20 -27.07 -33.54 22.01
C GLU J 20 -26.54 -32.64 20.90
N PHE J 21 -25.64 -31.74 21.26
CA PHE J 21 -25.12 -30.76 20.32
C PHE J 21 -24.54 -31.45 19.10
N GLN J 22 -25.18 -31.23 17.95
CA GLN J 22 -24.80 -31.90 16.72
C GLN J 22 -25.07 -30.95 15.56
N SER J 23 -24.41 -31.21 14.44
CA SER J 23 -24.63 -30.43 13.24
C SER J 23 -25.96 -30.81 12.60
N GLU J 24 -26.63 -29.81 12.04
CA GLU J 24 -27.87 -30.06 11.32
C GLU J 24 -27.65 -30.34 9.84
N GLY J 25 -26.42 -30.29 9.37
CA GLY J 25 -26.12 -30.65 8.01
C GLY J 25 -26.46 -29.55 7.01
N PHE J 26 -26.31 -29.92 5.73
CA PHE J 26 -26.57 -29.02 4.61
C PHE J 26 -25.74 -27.76 4.69
N LEU J 27 -24.51 -27.88 5.20
CA LEU J 27 -23.63 -26.72 5.28
C LEU J 27 -23.05 -26.35 3.92
N LEU J 28 -22.84 -27.33 3.06
CA LEU J 28 -22.22 -27.12 1.75
C LEU J 28 -23.24 -27.04 0.64
N GLN J 29 -24.52 -26.84 0.95
CA GLN J 29 -25.52 -26.71 -0.08
C GLN J 29 -25.24 -25.50 -0.95
N GLY J 30 -25.14 -25.73 -2.26
CA GLY J 30 -24.90 -24.67 -3.20
C GLY J 30 -23.46 -24.21 -3.29
N ALA J 31 -22.54 -24.82 -2.56
CA ALA J 31 -21.14 -24.41 -2.61
C ALA J 31 -20.46 -24.82 -3.90
N VAL J 32 -20.94 -25.89 -4.53
CA VAL J 32 -20.34 -26.40 -5.76
C VAL J 32 -21.41 -26.41 -6.85
N ARG J 33 -20.98 -26.72 -8.06
CA ARG J 33 -21.89 -26.77 -9.20
C ARG J 33 -22.90 -27.89 -8.99
N THR J 34 -24.17 -27.53 -8.88
CA THR J 34 -25.22 -28.46 -8.48
C THR J 34 -26.24 -28.62 -9.58
N LYS J 35 -26.65 -29.87 -9.81
CA LYS J 35 -27.76 -30.20 -10.69
C LYS J 35 -28.85 -30.87 -9.87
N SER J 36 -30.07 -30.35 -9.95
CA SER J 36 -31.20 -30.85 -9.19
C SER J 36 -32.16 -31.59 -10.11
N GLY J 37 -32.89 -32.54 -9.52
CA GLY J 37 -33.84 -33.31 -10.30
C GLY J 37 -33.21 -34.27 -11.28
N THR J 38 -31.99 -34.71 -11.04
CA THR J 38 -31.33 -35.62 -11.95
C THR J 38 -31.99 -36.98 -11.92
N LYS J 39 -31.94 -37.67 -13.06
CA LYS J 39 -32.48 -39.01 -13.20
C LYS J 39 -31.40 -39.92 -13.75
N GLY J 40 -31.30 -41.12 -13.19
CA GLY J 40 -30.35 -42.11 -13.63
C GLY J 40 -29.34 -42.47 -12.55
N SER J 41 -28.63 -43.56 -12.81
CA SER J 41 -27.63 -44.03 -11.86
C SER J 41 -26.35 -43.22 -11.90
N ILE J 42 -26.02 -42.62 -13.04
CA ILE J 42 -24.80 -41.85 -13.21
C ILE J 42 -25.12 -40.57 -13.97
N VAL J 43 -24.52 -39.46 -13.54
CA VAL J 43 -24.62 -38.18 -14.23
C VAL J 43 -23.24 -37.81 -14.73
N HIS J 44 -23.14 -37.48 -16.02
CA HIS J 44 -21.87 -37.26 -16.68
C HIS J 44 -21.66 -35.77 -16.93
N PHE J 45 -20.49 -35.27 -16.55
CA PHE J 45 -20.10 -33.89 -16.82
C PHE J 45 -19.02 -33.88 -17.88
N PRO J 46 -19.29 -33.45 -19.11
CA PRO J 46 -18.24 -33.41 -20.13
C PRO J 46 -17.20 -32.34 -19.81
N VAL J 47 -15.95 -32.65 -20.12
CA VAL J 47 -14.82 -31.75 -19.85
C VAL J 47 -13.97 -31.64 -21.11
N PHE J 48 -13.55 -30.42 -21.43
CA PHE J 48 -12.60 -30.15 -22.51
C PHE J 48 -11.29 -29.65 -21.91
N GLY J 49 -10.18 -30.13 -22.47
CA GLY J 49 -8.87 -29.68 -22.06
C GLY J 49 -8.45 -28.41 -22.77
N GLU J 50 -7.19 -28.06 -22.62
CA GLU J 50 -6.63 -26.90 -23.29
C GLU J 50 -5.55 -27.33 -24.28
N GLY J 51 -5.36 -26.50 -25.31
CA GLY J 51 -4.39 -26.80 -26.34
C GLY J 51 -3.36 -25.70 -26.53
N MET J 52 -2.24 -26.02 -27.14
CA MET J 52 -1.16 -25.09 -27.37
C MET J 52 -1.08 -24.75 -28.86
N ALA J 53 -1.07 -23.46 -29.17
CA ALA J 53 -0.81 -23.05 -30.54
C ALA J 53 0.63 -23.38 -30.92
N ASN J 54 0.82 -23.91 -32.12
CA ASN J 54 2.12 -24.34 -32.58
C ASN J 54 2.46 -23.67 -33.90
N GLN J 55 3.65 -23.95 -34.40
CA GLN J 55 4.12 -23.40 -35.66
C GLN J 55 4.29 -24.54 -36.67
N LYS J 56 4.36 -24.15 -37.94
CA LYS J 56 4.46 -25.13 -39.01
C LYS J 56 5.24 -24.52 -40.15
N ALA J 57 5.76 -25.39 -41.01
CA ALA J 57 6.38 -24.94 -42.24
C ALA J 57 5.28 -24.49 -43.21
N PRO J 58 5.57 -23.48 -44.04
CA PRO J 58 4.59 -23.09 -45.06
C PRO J 58 4.29 -24.24 -46.00
N GLN J 59 3.02 -24.32 -46.42
CA GLN J 59 2.48 -25.32 -47.33
C GLN J 59 2.50 -26.73 -46.75
N ASP J 60 2.90 -26.90 -45.50
CA ASP J 60 2.80 -28.19 -44.84
C ASP J 60 1.39 -28.40 -44.32
N ASP J 61 1.03 -29.66 -44.09
CA ASP J 61 -0.26 -29.96 -43.50
C ASP J 61 -0.31 -29.51 -42.04
N ILE J 62 -1.46 -28.98 -41.63
CA ILE J 62 -1.60 -28.49 -40.27
C ILE J 62 -1.77 -29.67 -39.31
N THR J 63 -1.19 -29.54 -38.12
CA THR J 63 -1.32 -30.55 -37.09
C THR J 63 -2.17 -30.00 -35.96
N PRO J 64 -3.28 -30.64 -35.61
CA PRO J 64 -4.17 -30.09 -34.58
C PRO J 64 -3.53 -30.15 -33.20
N MET J 65 -4.10 -29.33 -32.30
CA MET J 65 -3.59 -29.26 -30.94
C MET J 65 -3.85 -30.52 -30.14
N ASN J 66 -4.77 -31.38 -30.59
CA ASN J 66 -5.17 -32.58 -29.87
C ASN J 66 -5.66 -32.24 -28.48
N VAL J 67 -6.76 -31.49 -28.44
CA VAL J 67 -7.39 -31.12 -27.17
C VAL J 67 -7.97 -32.37 -26.54
N SER J 68 -7.63 -32.60 -25.28
CA SER J 68 -8.08 -33.79 -24.59
C SER J 68 -9.53 -33.62 -24.12
N ASN J 69 -10.19 -34.75 -23.92
CA ASN J 69 -11.54 -34.79 -23.38
C ASN J 69 -11.61 -35.86 -22.30
N ARG J 70 -12.46 -35.65 -21.32
CA ARG J 70 -12.71 -36.66 -20.31
C ARG J 70 -14.10 -36.44 -19.73
N ASP J 71 -14.61 -37.48 -19.09
CA ASP J 71 -15.98 -37.52 -18.62
C ASP J 71 -16.00 -37.77 -17.13
N ALA J 72 -16.39 -36.76 -16.35
CA ALA J 72 -16.51 -36.91 -14.92
C ALA J 72 -17.87 -37.51 -14.59
N GLU J 73 -17.86 -38.65 -13.91
CA GLU J 73 -19.07 -39.41 -13.64
C GLU J 73 -19.40 -39.36 -12.16
N ALA J 74 -20.57 -38.82 -11.84
CA ALA J 74 -21.06 -38.80 -10.47
C ALA J 74 -22.02 -39.96 -10.27
N VAL J 75 -21.65 -40.91 -9.41
CA VAL J 75 -22.45 -42.09 -9.17
C VAL J 75 -23.44 -41.79 -8.05
N ILE J 76 -24.72 -41.96 -8.33
CA ILE J 76 -25.77 -41.64 -7.37
C ILE J 76 -25.81 -42.72 -6.29
N GLU J 77 -25.91 -42.30 -5.04
CA GLU J 77 -25.99 -43.19 -3.90
C GLU J 77 -27.27 -42.94 -3.12
N ASP J 78 -27.77 -43.98 -2.48
CA ASP J 78 -28.97 -43.91 -1.67
C ASP J 78 -28.60 -44.12 -0.20
N TRP J 79 -29.08 -43.24 0.66
CA TRP J 79 -28.82 -43.32 2.09
C TRP J 79 -30.12 -43.25 2.86
N TYR J 80 -30.19 -43.98 3.96
CA TYR J 80 -31.39 -44.07 4.77
C TYR J 80 -31.06 -43.80 6.22
N ALA J 81 -31.80 -42.89 6.85
CA ALA J 81 -31.76 -42.68 8.29
C ALA J 81 -33.08 -43.12 8.87
N SER J 82 -33.04 -44.08 9.80
CA SER J 82 -34.27 -44.71 10.26
C SER J 82 -34.20 -44.95 11.76
N GLU J 83 -35.38 -45.11 12.35
CA GLU J 83 -35.49 -45.46 13.76
C GLU J 83 -36.83 -46.12 14.01
N TYR J 84 -36.90 -46.85 15.11
CA TYR J 84 -38.12 -47.51 15.55
C TYR J 84 -38.58 -46.91 16.86
N ALA J 85 -39.89 -46.84 17.05
CA ALA J 85 -40.49 -46.35 18.29
C ALA J 85 -41.57 -47.34 18.71
N ASP J 86 -41.24 -48.20 19.66
CA ASP J 86 -42.18 -49.22 20.12
C ASP J 86 -43.35 -48.59 20.85
N ARG J 87 -44.54 -49.13 20.62
CA ARG J 87 -45.74 -48.57 21.25
C ARG J 87 -45.71 -48.71 22.76
N SER J 88 -44.93 -49.64 23.30
CA SER J 88 -44.85 -49.82 24.74
C SER J 88 -44.18 -48.65 25.44
N PHE J 89 -43.51 -47.77 24.69
CA PHE J 89 -42.89 -46.60 25.27
C PHE J 89 -43.76 -45.35 25.23
N GLN J 90 -44.96 -45.44 24.63
CA GLN J 90 -45.79 -44.25 24.51
C GLN J 90 -46.25 -43.75 25.87
N ASN J 91 -46.72 -44.64 26.73
CA ASN J 91 -47.20 -44.24 28.04
C ASN J 91 -46.07 -44.09 29.05
N LYS J 92 -44.88 -44.61 28.76
CA LYS J 92 -43.78 -44.57 29.70
C LYS J 92 -42.87 -43.37 29.52
N LEU J 93 -43.07 -42.56 28.48
CA LEU J 93 -42.23 -41.41 28.19
C LEU J 93 -43.02 -40.12 28.33
N ALA J 94 -42.36 -39.09 28.85
CA ALA J 94 -42.92 -37.76 28.87
C ALA J 94 -42.72 -37.01 27.56
N VAL J 95 -41.84 -37.50 26.69
CA VAL J 95 -41.58 -36.88 25.43
C VAL J 95 -42.24 -37.69 24.33
N ASN J 96 -42.30 -37.12 23.13
CA ASN J 96 -42.83 -37.81 21.96
C ASN J 96 -41.65 -38.39 21.18
N ALA J 97 -41.50 -39.72 21.26
CA ALA J 97 -40.35 -40.35 20.62
C ALA J 97 -40.39 -40.21 19.11
N VAL J 98 -41.59 -40.32 18.51
CA VAL J 98 -41.70 -40.23 17.06
C VAL J 98 -41.26 -38.86 16.58
N GLU J 99 -41.69 -37.80 17.25
CA GLU J 99 -41.31 -36.45 16.83
C GLU J 99 -39.81 -36.22 16.99
N GLU J 100 -39.23 -36.72 18.08
CA GLU J 100 -37.79 -36.56 18.26
C GLU J 100 -37.01 -37.33 17.21
N TYR J 101 -37.44 -38.55 16.90
CA TYR J 101 -36.74 -39.36 15.91
C TYR J 101 -36.83 -38.73 14.53
N ALA J 102 -37.99 -38.17 14.19
CA ALA J 102 -38.13 -37.50 12.89
C ALA J 102 -37.18 -36.32 12.77
N LYS J 103 -37.04 -35.55 13.85
CA LYS J 103 -36.11 -34.43 13.83
C LYS J 103 -34.67 -34.90 13.72
N LEU J 104 -34.30 -35.94 14.45
CA LEU J 104 -32.93 -36.43 14.42
C LEU J 104 -32.59 -37.04 13.07
N CYS J 105 -33.51 -37.79 12.48
CA CYS J 105 -33.24 -38.44 11.21
C CYS J 105 -33.04 -37.44 10.09
N ALA J 106 -33.78 -36.32 10.12
CA ALA J 106 -33.57 -35.28 9.12
C ALA J 106 -32.18 -34.67 9.22
N TRP J 107 -31.67 -34.50 10.44
CA TRP J 107 -30.31 -34.00 10.60
C TRP J 107 -29.27 -35.01 10.14
N ALA J 108 -29.52 -36.30 10.36
CA ALA J 108 -28.59 -37.33 9.91
C ALA J 108 -28.47 -37.32 8.39
N ILE J 109 -29.58 -37.12 7.69
CA ILE J 109 -29.54 -37.03 6.23
C ILE J 109 -28.76 -35.79 5.81
N GLY J 110 -28.98 -34.67 6.48
CA GLY J 110 -28.27 -33.45 6.14
C GLY J 110 -26.77 -33.56 6.33
N ARG J 111 -26.33 -34.29 7.36
CA ARG J 111 -24.91 -34.47 7.58
C ARG J 111 -24.28 -35.38 6.53
N ARG J 112 -25.02 -36.38 6.05
CA ARG J 112 -24.52 -37.21 4.98
C ARG J 112 -24.38 -36.42 3.68
N ALA J 113 -25.29 -35.46 3.44
CA ALA J 113 -25.16 -34.62 2.25
C ALA J 113 -23.86 -33.83 2.29
N ASP J 114 -23.45 -33.37 3.48
CA ASP J 114 -22.18 -32.69 3.60
C ASP J 114 -21.01 -33.65 3.44
N GLN J 115 -21.11 -34.84 4.01
CA GLN J 115 -20.01 -35.79 3.95
C GLN J 115 -19.73 -36.22 2.51
N ILE J 116 -20.75 -36.25 1.66
CA ILE J 116 -20.54 -36.59 0.27
C ILE J 116 -19.66 -35.55 -0.42
N ASN J 117 -19.93 -34.27 -0.17
CA ASN J 117 -19.09 -33.22 -0.74
C ASN J 117 -17.68 -33.27 -0.17
N ILE J 118 -17.56 -33.47 1.15
CA ILE J 118 -16.24 -33.47 1.77
C ILE J 118 -15.40 -34.64 1.27
N ASP J 119 -16.01 -35.82 1.17
CA ASP J 119 -15.27 -37.00 0.72
C ASP J 119 -14.78 -36.83 -0.72
N THR J 120 -15.62 -36.25 -1.58
CA THR J 120 -15.21 -36.03 -2.96
C THR J 120 -14.07 -35.04 -3.05
N ILE J 121 -14.15 -33.94 -2.30
CA ILE J 121 -13.11 -32.92 -2.37
C ILE J 121 -11.81 -33.43 -1.76
N ALA J 122 -11.90 -34.06 -0.60
CA ALA J 122 -10.70 -34.56 0.06
C ALA J 122 -10.13 -35.81 -0.60
N GLY J 123 -10.90 -36.46 -1.47
CA GLY J 123 -10.44 -37.65 -2.14
C GLY J 123 -9.57 -37.41 -3.34
N ALA J 124 -9.42 -36.17 -3.77
CA ALA J 124 -8.55 -35.87 -4.89
C ALA J 124 -7.08 -35.98 -4.47
N THR J 125 -6.21 -36.03 -5.46
CA THR J 125 -4.77 -36.11 -5.22
C THR J 125 -4.17 -34.72 -5.27
N TYR J 126 -3.49 -34.33 -4.20
CA TYR J 126 -2.90 -33.01 -4.08
C TYR J 126 -1.38 -33.14 -4.03
N SER J 127 -0.71 -32.28 -4.79
CA SER J 127 0.74 -32.30 -4.86
C SER J 127 1.27 -30.86 -4.81
N ALA J 128 2.48 -30.72 -4.27
CA ALA J 128 3.14 -29.42 -4.25
C ALA J 128 3.65 -29.00 -5.62
N THR J 129 3.74 -29.93 -6.57
CA THR J 129 4.09 -29.63 -7.95
C THR J 129 3.07 -30.33 -8.85
N PRO J 130 1.83 -29.86 -8.84
CA PRO J 130 0.75 -30.63 -9.45
C PRO J 130 0.81 -30.65 -10.96
N ASN J 131 0.32 -31.74 -11.54
CA ASN J 131 0.10 -31.83 -12.96
C ASN J 131 -1.35 -31.44 -13.26
N ASP J 132 -1.80 -31.67 -14.49
CA ASP J 132 -3.14 -31.25 -14.88
C ASP J 132 -4.24 -32.01 -14.16
N GLN J 133 -3.93 -33.16 -13.57
CA GLN J 133 -4.93 -34.00 -12.93
C GLN J 133 -4.82 -33.99 -11.41
N GLN J 134 -4.09 -33.03 -10.84
CA GLN J 134 -3.89 -32.96 -9.40
C GLN J 134 -4.21 -31.57 -8.90
N GLY J 135 -4.64 -31.50 -7.65
CA GLY J 135 -4.82 -30.22 -7.01
C GLY J 135 -3.56 -29.72 -6.35
N ALA J 136 -3.51 -28.41 -6.15
CA ALA J 136 -2.34 -27.80 -5.54
C ALA J 136 -2.32 -28.07 -4.04
N LEU J 137 -1.13 -28.22 -3.49
CA LEU J 137 -0.95 -28.48 -2.07
C LEU J 137 -0.02 -27.45 -1.46
N VAL J 138 -0.41 -26.91 -0.31
CA VAL J 138 0.45 -26.07 0.51
C VAL J 138 0.95 -26.92 1.68
N PRO J 139 2.22 -27.32 1.69
CA PRO J 139 2.69 -28.27 2.70
C PRO J 139 2.64 -27.68 4.10
N VAL J 140 2.55 -28.58 5.08
CA VAL J 140 2.39 -28.16 6.47
C VAL J 140 3.58 -27.35 6.95
N GLY J 141 4.79 -27.77 6.57
CA GLY J 141 5.96 -27.10 7.11
C GLY J 141 6.06 -27.33 8.59
N THR J 142 6.20 -26.23 9.35
CA THR J 142 6.30 -26.32 10.80
C THR J 142 5.39 -25.30 11.49
N THR J 143 4.36 -24.82 10.81
CA THR J 143 3.50 -23.79 11.35
C THR J 143 2.05 -24.20 11.24
N GLY J 144 1.18 -23.41 11.87
CA GLY J 144 -0.24 -23.59 11.74
C GLY J 144 -0.77 -22.84 10.55
N PHE J 145 -2.09 -22.60 10.55
CA PHE J 145 -2.73 -21.84 9.49
C PHE J 145 -2.43 -20.37 9.71
N THR J 146 -1.43 -19.86 9.00
CA THR J 146 -1.00 -18.48 9.13
C THR J 146 -1.51 -17.66 7.96
N PHE J 147 -1.29 -16.35 8.03
CA PHE J 147 -1.65 -15.49 6.91
C PHE J 147 -0.84 -15.83 5.68
N GLU J 148 0.41 -16.27 5.86
CA GLU J 148 1.22 -16.66 4.71
C GLU J 148 0.61 -17.85 3.98
N LYS J 149 0.14 -18.85 4.72
CA LYS J 149 -0.48 -20.00 4.07
C LYS J 149 -1.76 -19.62 3.35
N LEU J 150 -2.55 -18.71 3.94
CA LEU J 150 -3.76 -18.25 3.27
C LEU J 150 -3.41 -17.52 1.97
N ARG J 151 -2.35 -16.71 1.98
CA ARG J 151 -1.92 -16.04 0.77
C ARG J 151 -1.41 -17.02 -0.27
N GLN J 152 -0.78 -18.10 0.16
CA GLN J 152 -0.29 -19.10 -0.80
C GLN J 152 -1.43 -19.86 -1.45
N ALA J 153 -2.47 -20.17 -0.69
CA ALA J 153 -3.64 -20.83 -1.27
C ALA J 153 -4.29 -19.95 -2.32
N HIS J 154 -4.43 -18.66 -2.03
CA HIS J 154 -4.96 -17.73 -3.03
C HIS J 154 -4.02 -17.61 -4.21
N ARG J 155 -2.71 -17.76 -3.97
CA ARG J 155 -1.75 -17.73 -5.07
C ARG J 155 -1.98 -18.90 -6.03
N TRP J 156 -2.26 -20.08 -5.49
CA TRP J 156 -2.41 -21.25 -6.35
C TRP J 156 -3.63 -21.14 -7.24
N LEU J 157 -4.74 -20.61 -6.71
CA LEU J 157 -5.92 -20.42 -7.53
C LEU J 157 -5.65 -19.40 -8.64
N ARG J 158 -4.98 -18.30 -8.30
CA ARG J 158 -4.65 -17.29 -9.30
C ARG J 158 -3.70 -17.84 -10.34
N GLN J 159 -2.70 -18.61 -9.91
CA GLN J 159 -1.68 -19.09 -10.83
C GLN J 159 -2.25 -20.07 -11.84
N ARG J 160 -3.21 -20.89 -11.43
CA ARG J 160 -3.82 -21.88 -12.30
C ARG J 160 -5.12 -21.39 -12.93
N SER J 161 -5.33 -20.08 -12.97
CA SER J 161 -6.46 -19.47 -13.67
C SER J 161 -7.80 -19.99 -13.18
N ALA J 162 -7.91 -20.19 -11.87
CA ALA J 162 -9.12 -20.67 -11.23
C ALA J 162 -9.57 -19.71 -10.15
N ASN J 163 -9.38 -18.41 -10.38
CA ASN J 163 -9.66 -17.39 -9.37
C ASN J 163 -10.81 -16.48 -9.79
N ARG J 164 -11.69 -16.94 -10.66
CA ARG J 164 -12.85 -16.17 -11.09
C ARG J 164 -14.12 -16.94 -10.75
N GLY J 165 -15.15 -16.21 -10.36
CA GLY J 165 -16.39 -16.82 -9.95
C GLY J 165 -16.45 -17.08 -8.46
N LYS J 166 -17.40 -17.93 -8.09
CA LYS J 166 -17.61 -18.23 -6.68
C LYS J 166 -16.55 -19.22 -6.18
N ARG J 167 -15.93 -18.88 -5.05
CA ARG J 167 -14.90 -19.72 -4.45
C ARG J 167 -15.24 -19.93 -2.99
N THR J 168 -15.06 -21.16 -2.52
CA THR J 168 -15.41 -21.54 -1.15
C THR J 168 -14.20 -22.12 -0.45
N VAL J 169 -14.08 -21.83 0.84
CA VAL J 169 -13.02 -22.38 1.69
C VAL J 169 -13.68 -23.13 2.82
N ILE J 170 -13.38 -24.43 2.93
CA ILE J 170 -13.90 -25.25 4.01
C ILE J 170 -12.77 -25.52 4.99
N ILE J 171 -12.98 -25.15 6.24
CA ILE J 171 -11.99 -25.30 7.30
C ILE J 171 -12.68 -25.87 8.52
N ASP J 172 -11.90 -26.44 9.42
CA ASP J 172 -12.44 -26.95 10.66
C ASP J 172 -12.29 -25.89 11.74
N ALA J 173 -12.66 -26.23 12.97
CA ALA J 173 -12.66 -25.24 14.04
C ALA J 173 -11.24 -24.79 14.39
N ILE J 174 -10.27 -25.71 14.36
CA ILE J 174 -8.91 -25.35 14.72
C ILE J 174 -8.33 -24.36 13.72
N ALA J 175 -8.64 -24.54 12.44
CA ALA J 175 -8.16 -23.61 11.43
C ALA J 175 -8.72 -22.21 11.67
N GLU J 176 -10.00 -22.11 12.03
CA GLU J 176 -10.58 -20.80 12.32
C GLU J 176 -9.90 -20.15 13.52
N GLU J 177 -9.60 -20.94 14.56
CA GLU J 177 -8.96 -20.38 15.74
C GLU J 177 -7.60 -19.78 15.40
N GLN J 178 -6.81 -20.48 14.58
CA GLN J 178 -5.50 -19.95 14.21
C GLN J 178 -5.63 -18.76 13.28
N LEU J 179 -6.61 -18.78 12.38
CA LEU J 179 -6.78 -17.68 11.44
C LEU J 179 -7.34 -16.43 12.10
N LEU J 180 -8.00 -16.56 13.25
CA LEU J 180 -8.52 -15.38 13.93
C LEU J 180 -7.41 -14.52 14.50
N ASN J 181 -6.18 -15.02 14.56
CA ASN J 181 -5.05 -14.22 15.01
C ASN J 181 -4.51 -13.31 13.93
N VAL J 182 -4.95 -13.46 12.69
CA VAL J 182 -4.45 -12.65 11.59
C VAL J 182 -5.06 -11.26 11.66
N GLU J 183 -4.20 -10.24 11.68
CA GLU J 183 -4.70 -8.87 11.80
C GLU J 183 -5.48 -8.45 10.56
N GLN J 184 -5.04 -8.90 9.39
CA GLN J 184 -5.68 -8.48 8.14
C GLN J 184 -7.09 -9.05 7.98
N LEU J 185 -7.49 -10.01 8.80
CA LEU J 185 -8.83 -10.55 8.73
C LEU J 185 -9.78 -9.91 9.74
N THR J 186 -9.25 -9.30 10.79
CA THR J 186 -10.07 -8.83 11.90
C THR J 186 -10.02 -7.33 12.11
N ASN J 187 -9.24 -6.60 11.33
CA ASN J 187 -9.05 -5.17 11.53
C ASN J 187 -9.76 -4.40 10.43
N SER J 188 -10.44 -3.33 10.81
CA SER J 188 -11.16 -2.50 9.85
C SER J 188 -10.22 -1.71 8.95
N PHE J 189 -8.93 -1.68 9.24
CA PHE J 189 -7.97 -1.09 8.31
C PHE J 189 -7.98 -1.82 6.98
N TYR J 190 -8.17 -3.14 7.02
CA TYR J 190 -8.01 -3.99 5.85
C TYR J 190 -9.30 -4.51 5.26
N VAL J 191 -10.32 -4.76 6.08
CA VAL J 191 -11.57 -5.32 5.60
C VAL J 191 -12.72 -4.46 6.11
N ASN J 192 -13.84 -4.49 5.37
CA ASN J 192 -15.00 -3.70 5.76
C ASN J 192 -15.73 -4.32 6.94
N GLN J 193 -15.92 -5.63 6.93
CA GLN J 193 -16.65 -6.28 8.00
C GLN J 193 -15.79 -6.39 9.26
N LYS J 194 -16.47 -6.52 10.39
CA LYS J 194 -15.83 -6.70 11.69
C LYS J 194 -16.28 -8.06 12.21
N ILE J 195 -15.51 -9.10 11.89
CA ILE J 195 -15.94 -10.46 12.17
C ILE J 195 -15.95 -10.78 13.66
N LEU J 196 -15.24 -9.99 14.48
CA LEU J 196 -15.28 -10.23 15.92
C LEU J 196 -16.59 -9.77 16.55
N ASP J 197 -17.39 -8.99 15.83
CA ASP J 197 -18.74 -8.63 16.26
C ASP J 197 -19.79 -9.51 15.63
N ASN J 198 -19.40 -10.66 15.11
CA ASN J 198 -20.25 -11.49 14.27
C ASN J 198 -19.88 -12.95 14.52
N ASP J 199 -20.22 -13.82 13.57
CA ASP J 199 -19.97 -15.24 13.70
C ASP J 199 -18.53 -15.62 13.37
N GLY J 200 -17.60 -14.68 13.44
CA GLY J 200 -16.21 -15.02 13.21
C GLY J 200 -15.97 -15.34 11.74
N LEU J 201 -15.16 -16.36 11.49
CA LEU J 201 -14.83 -16.73 10.12
C LEU J 201 -15.98 -17.39 9.39
N HIS J 202 -16.95 -17.95 10.11
CA HIS J 202 -18.06 -18.65 9.47
C HIS J 202 -18.93 -17.66 8.72
N GLY J 203 -18.95 -17.78 7.40
CA GLY J 203 -19.73 -16.90 6.56
C GLY J 203 -19.02 -15.64 6.11
N MET J 204 -17.79 -15.41 6.55
CA MET J 204 -17.07 -14.22 6.15
C MET J 204 -16.62 -14.34 4.70
N THR J 205 -16.37 -13.20 4.08
CA THR J 205 -15.86 -13.12 2.72
C THR J 205 -14.52 -12.41 2.73
N PHE J 206 -13.50 -13.07 2.19
CA PHE J 206 -12.15 -12.53 2.15
C PHE J 206 -11.56 -12.78 0.78
N LEU J 207 -11.13 -11.72 0.10
CA LEU J 207 -10.56 -11.80 -1.24
C LEU J 207 -11.53 -12.45 -2.22
N GLY J 208 -12.84 -12.27 -1.99
CA GLY J 208 -13.85 -12.85 -2.85
C GLY J 208 -14.19 -14.29 -2.55
N MET J 209 -13.62 -14.89 -1.52
CA MET J 209 -13.86 -16.28 -1.17
C MET J 209 -14.71 -16.36 0.09
N ASN J 210 -15.71 -17.22 0.07
CA ASN J 210 -16.59 -17.43 1.22
C ASN J 210 -16.03 -18.54 2.10
N PHE J 211 -16.06 -18.33 3.41
CA PHE J 211 -15.52 -19.29 4.37
C PHE J 211 -16.66 -20.05 5.03
N ILE J 212 -16.48 -21.37 5.14
CA ILE J 212 -17.43 -22.24 5.82
C ILE J 212 -16.66 -23.07 6.83
N VAL J 213 -17.13 -23.09 8.08
CA VAL J 213 -16.47 -23.82 9.15
C VAL J 213 -17.25 -25.10 9.42
N ILE J 214 -16.60 -26.23 9.20
CA ILE J 214 -17.21 -27.54 9.42
C ILE J 214 -16.93 -28.00 10.84
N PRO J 215 -17.96 -28.30 11.63
CA PRO J 215 -17.73 -28.81 12.99
C PRO J 215 -17.36 -30.29 12.94
N SER J 216 -17.07 -30.83 14.12
CA SER J 216 -16.77 -32.25 14.23
C SER J 216 -18.03 -33.06 13.93
N MET J 217 -17.88 -34.09 13.09
CA MET J 217 -19.01 -34.91 12.67
C MET J 217 -18.67 -36.38 12.90
N GLN J 218 -19.64 -37.14 13.39
CA GLN J 218 -19.46 -38.57 13.56
C GLN J 218 -19.35 -39.29 12.24
N GLU J 219 -19.84 -38.70 11.15
CA GLU J 219 -19.68 -39.26 9.82
C GLU J 219 -18.26 -39.13 9.30
N GLY J 220 -17.41 -38.36 9.98
CA GLY J 220 -16.03 -38.20 9.58
C GLY J 220 -15.58 -36.76 9.54
N GLY J 221 -16.45 -35.87 9.07
CA GLY J 221 -16.10 -34.46 9.01
C GLY J 221 -14.93 -34.22 8.06
N LEU J 222 -14.16 -33.20 8.37
CA LEU J 222 -12.96 -32.91 7.60
C LEU J 222 -11.83 -33.85 8.01
N PRO J 223 -11.23 -34.57 7.07
CA PRO J 223 -10.20 -35.54 7.44
C PRO J 223 -8.92 -34.86 7.91
N THR J 224 -8.14 -35.61 8.67
CA THR J 224 -6.84 -35.18 9.14
C THR J 224 -5.77 -36.05 8.50
N THR J 225 -4.51 -35.77 8.82
CA THR J 225 -3.38 -36.52 8.30
C THR J 225 -2.22 -36.39 9.27
N GLY J 226 -1.15 -37.14 9.00
CA GLY J 226 0.00 -37.13 9.87
C GLY J 226 -0.28 -37.71 11.24
N GLY J 227 -1.06 -38.78 11.31
CA GLY J 227 -1.36 -39.39 12.59
C GLY J 227 -2.27 -38.57 13.46
N GLY J 228 -3.11 -37.72 12.88
CA GLY J 228 -4.00 -36.87 13.64
C GLY J 228 -3.38 -35.61 14.19
N THR J 229 -2.23 -35.19 13.66
CA THR J 229 -1.58 -33.97 14.11
C THR J 229 -1.57 -32.87 13.06
N VAL J 230 -2.00 -33.15 11.83
CA VAL J 230 -2.00 -32.17 10.75
C VAL J 230 -3.42 -32.05 10.22
N GLY J 231 -3.93 -30.83 10.19
CA GLY J 231 -5.24 -30.59 9.63
C GLY J 231 -5.20 -30.30 8.15
N ARG J 232 -6.34 -30.45 7.50
CA ARG J 232 -6.47 -30.21 6.07
C ARG J 232 -7.62 -29.25 5.82
N ALA J 233 -7.34 -28.19 5.07
CA ALA J 233 -8.34 -27.23 4.64
C ALA J 233 -8.34 -27.18 3.12
N PHE J 234 -9.48 -26.83 2.54
CA PHE J 234 -9.64 -26.93 1.09
C PHE J 234 -10.21 -25.66 0.51
N PHE J 235 -9.67 -25.26 -0.64
CA PHE J 235 -10.14 -24.11 -1.41
C PHE J 235 -10.73 -24.65 -2.71
N ILE J 236 -12.01 -24.38 -2.94
CA ILE J 236 -12.74 -25.00 -4.04
C ILE J 236 -13.33 -23.90 -4.91
N ASN J 237 -12.96 -23.89 -6.19
CA ASN J 237 -13.72 -23.14 -7.17
C ASN J 237 -15.04 -23.85 -7.41
N GLU J 238 -16.10 -23.06 -7.61
CA GLU J 238 -17.43 -23.64 -7.67
C GLU J 238 -17.55 -24.65 -8.81
N MET J 239 -16.98 -24.32 -9.97
CA MET J 239 -17.07 -25.18 -11.14
C MET J 239 -16.15 -26.39 -11.07
N ALA J 240 -15.31 -26.50 -10.04
CA ALA J 240 -14.36 -27.60 -9.97
C ALA J 240 -14.96 -28.89 -9.45
N VAL J 241 -16.14 -28.83 -8.83
CA VAL J 241 -16.78 -30.00 -8.25
C VAL J 241 -18.23 -30.03 -8.67
N GLY J 242 -18.70 -31.21 -9.09
CA GLY J 242 -20.08 -31.36 -9.50
C GLY J 242 -20.90 -32.18 -8.52
N TYR J 243 -22.10 -31.72 -8.21
CA TYR J 243 -23.00 -32.38 -7.28
C TYR J 243 -24.32 -32.65 -7.97
N ALA J 244 -24.72 -33.92 -8.01
CA ALA J 244 -25.98 -34.32 -8.62
C ALA J 244 -26.94 -34.79 -7.53
N GLN J 245 -28.12 -34.19 -7.50
CA GLN J 245 -29.09 -34.45 -6.45
C GLN J 245 -30.39 -34.93 -7.08
N SER J 246 -30.76 -36.18 -6.82
CA SER J 246 -32.01 -36.74 -7.29
C SER J 246 -33.14 -36.57 -6.29
N GLU J 247 -32.86 -36.67 -5.00
CA GLU J 247 -33.87 -36.50 -3.97
C GLU J 247 -33.18 -35.90 -2.75
N ARG J 248 -33.50 -34.64 -2.44
CA ARG J 248 -32.84 -33.97 -1.33
C ARG J 248 -33.22 -34.61 0.01
N LEU J 249 -34.51 -34.78 0.26
CA LEU J 249 -34.95 -35.36 1.51
C LEU J 249 -36.35 -35.91 1.33
N GLY J 250 -36.48 -37.23 1.26
CA GLY J 250 -37.76 -37.91 1.27
C GLY J 250 -37.96 -38.61 2.60
N GLY J 251 -39.10 -39.28 2.71
CA GLY J 251 -39.36 -40.00 3.94
C GLY J 251 -40.76 -40.58 3.98
N ASP J 252 -40.99 -41.38 5.02
CA ASP J 252 -42.28 -41.98 5.28
C ASP J 252 -42.29 -42.51 6.71
N ILE J 253 -43.35 -42.21 7.45
CA ILE J 253 -43.54 -42.72 8.79
C ILE J 253 -44.75 -43.62 8.78
N SER J 254 -44.57 -44.87 9.20
CA SER J 254 -45.61 -45.88 9.10
C SER J 254 -45.74 -46.64 10.41
N TRP J 255 -46.92 -47.19 10.63
CA TRP J 255 -47.17 -48.05 11.78
C TRP J 255 -46.99 -49.50 11.35
N GLU J 256 -46.14 -50.23 12.07
CA GLU J 256 -45.88 -51.63 11.79
C GLU J 256 -46.52 -52.46 12.87
N ASN J 257 -47.62 -53.13 12.54
CA ASN J 257 -48.33 -53.94 13.54
C ASN J 257 -47.53 -55.16 13.95
N ILE J 258 -46.79 -55.76 13.02
CA ILE J 258 -46.04 -56.97 13.33
C ILE J 258 -44.98 -56.70 14.40
N LYS J 259 -44.27 -55.59 14.27
CA LYS J 259 -43.26 -55.20 15.24
C LYS J 259 -43.80 -54.28 16.32
N THR J 260 -45.09 -53.94 16.27
CA THR J 260 -45.74 -53.06 17.24
C THR J 260 -44.95 -51.78 17.46
N SER J 261 -44.43 -51.21 16.36
CA SER J 261 -43.57 -50.06 16.43
C SER J 261 -43.89 -49.11 15.29
N TYR J 262 -43.53 -47.85 15.49
CA TYR J 262 -43.53 -46.88 14.41
C TYR J 262 -42.17 -46.86 13.75
N LEU J 263 -42.15 -46.84 12.43
CA LEU J 263 -40.92 -46.80 11.66
C LEU J 263 -40.77 -45.43 11.03
N ILE J 264 -39.80 -44.67 11.52
CA ILE J 264 -39.44 -43.39 10.91
C ILE J 264 -38.34 -43.64 9.90
N ASN J 265 -38.58 -43.26 8.66
CA ASN J 265 -37.69 -43.63 7.55
C ASN J 265 -37.49 -42.41 6.66
N MET J 266 -36.29 -41.85 6.66
CA MET J 266 -35.94 -40.75 5.78
C MET J 266 -34.81 -41.18 4.86
N TRP J 267 -34.75 -40.59 3.67
CA TRP J 267 -33.77 -41.01 2.68
C TRP J 267 -33.35 -39.83 1.82
N MET J 268 -32.22 -40.01 1.14
CA MET J 268 -31.72 -39.04 0.19
C MET J 268 -31.08 -39.80 -0.97
N GLU J 269 -30.79 -39.08 -2.05
CA GLU J 269 -30.28 -39.72 -3.27
C GLU J 269 -29.43 -38.69 -3.99
N ALA J 270 -28.11 -38.83 -3.89
CA ALA J 270 -27.20 -37.85 -4.48
C ALA J 270 -25.82 -38.48 -4.69
N GLY J 271 -25.01 -37.80 -5.49
CA GLY J 271 -23.63 -38.21 -5.71
C GLY J 271 -22.83 -37.02 -6.20
N ALA J 272 -21.52 -37.12 -6.04
CA ALA J 272 -20.63 -36.02 -6.38
C ALA J 272 -19.40 -36.54 -7.10
N VAL J 273 -18.72 -35.64 -7.79
CA VAL J 273 -17.52 -35.98 -8.55
C VAL J 273 -16.67 -34.73 -8.69
N VAL J 274 -15.37 -34.92 -8.87
CA VAL J 274 -14.45 -33.83 -9.14
C VAL J 274 -14.38 -33.61 -10.64
N ILE J 275 -14.68 -32.40 -11.08
CA ILE J 275 -14.68 -32.08 -12.49
C ILE J 275 -13.32 -31.57 -12.95
N ASP J 276 -12.70 -30.71 -12.15
CA ASP J 276 -11.43 -30.08 -12.53
C ASP J 276 -10.55 -29.96 -11.30
N PRO J 277 -9.53 -30.80 -11.18
CA PRO J 277 -8.63 -30.70 -10.01
C PRO J 277 -7.86 -29.39 -9.94
N LYS J 278 -7.74 -28.66 -11.05
CA LYS J 278 -7.02 -27.39 -11.00
C LYS J 278 -7.73 -26.33 -10.18
N GLY J 279 -9.01 -26.52 -9.87
CA GLY J 279 -9.74 -25.62 -9.02
C GLY J 279 -9.71 -25.97 -7.55
N LEU J 280 -8.87 -26.92 -7.14
CA LEU J 280 -8.80 -27.39 -5.77
C LEU J 280 -7.43 -27.11 -5.21
N VAL J 281 -7.39 -26.57 -3.99
CA VAL J 281 -6.14 -26.33 -3.27
C VAL J 281 -6.31 -26.86 -1.86
N GLU J 282 -5.32 -27.60 -1.37
CA GLU J 282 -5.30 -28.08 -0.01
C GLU J 282 -4.23 -27.35 0.79
N VAL J 283 -4.57 -26.95 2.01
CA VAL J 283 -3.66 -26.28 2.91
C VAL J 283 -3.47 -27.17 4.13
N ASP J 284 -2.23 -27.43 4.50
CA ASP J 284 -1.90 -28.27 5.63
C ASP J 284 -1.32 -27.40 6.75
N TYR J 285 -1.71 -27.70 7.98
CA TYR J 285 -1.28 -26.92 9.12
C TYR J 285 -1.19 -27.83 10.34
N LEU J 286 -0.33 -27.45 11.27
CA LEU J 286 -0.20 -28.21 12.51
C LEU J 286 -1.40 -27.93 13.41
N LEU J 287 -2.03 -28.98 13.92
CA LEU J 287 -3.16 -28.79 14.82
C LEU J 287 -2.72 -28.16 16.13
N GLU J 288 -1.51 -28.45 16.59
CA GLU J 288 -0.96 -27.90 17.82
C GLU J 288 0.42 -27.34 17.50
N PRO J 289 0.49 -26.13 16.95
CA PRO J 289 1.73 -25.49 16.53
C PRO J 289 2.73 -25.32 17.66
N SER K 2 13.85 72.41 30.57
CA SER K 2 12.71 71.80 29.90
C SER K 2 12.73 70.29 30.08
N LEU K 3 13.93 69.72 30.11
CA LEU K 3 14.04 68.32 30.52
C LEU K 3 13.78 68.12 32.00
N ALA K 4 13.69 69.21 32.76
CA ALA K 4 13.36 69.14 34.17
C ALA K 4 11.92 68.70 34.42
N LEU K 5 11.09 68.63 33.37
CA LEU K 5 9.72 68.19 33.54
C LEU K 5 9.62 66.77 34.07
N SER K 6 10.69 65.99 33.95
CA SER K 6 10.70 64.64 34.51
C SER K 6 10.63 64.64 36.03
N GLN K 7 10.93 65.77 36.66
CA GLN K 7 10.85 65.87 38.11
C GLN K 7 9.42 65.92 38.63
N ILE K 8 8.44 66.23 37.78
CA ILE K 8 7.07 66.34 38.23
C ILE K 8 6.18 65.35 37.49
N GLU K 9 6.77 64.24 37.06
CA GLU K 9 6.00 63.18 36.45
C GLU K 9 5.09 62.52 37.48
N ILE K 10 3.95 62.01 37.02
CA ILE K 10 2.98 61.38 37.88
C ILE K 10 3.05 59.87 37.69
N GLN K 11 2.35 59.15 38.56
CA GLN K 11 2.25 57.70 38.49
C GLN K 11 0.79 57.31 38.62
N GLN K 12 0.44 56.18 38.02
CA GLN K 12 -0.94 55.69 38.01
C GLN K 12 -1.04 54.42 38.85
N PHE K 13 -2.04 54.37 39.71
CA PHE K 13 -2.29 53.21 40.56
C PHE K 13 -3.65 52.63 40.19
N LEU K 14 -3.68 51.33 39.90
CA LEU K 14 -4.89 50.68 39.45
C LEU K 14 -5.70 50.18 40.64
N SER K 15 -7.02 50.26 40.50
CA SER K 15 -7.93 49.86 41.58
C SER K 15 -8.33 48.40 41.50
N GLU K 16 -7.96 47.69 40.44
CA GLU K 16 -8.31 46.28 40.29
C GLU K 16 -7.16 45.43 40.81
N ALA K 17 -7.36 44.79 41.95
CA ALA K 17 -6.31 44.00 42.58
C ALA K 17 -6.32 42.58 42.03
N HIS K 18 -5.13 42.02 41.87
CA HIS K 18 -4.98 40.65 41.42
C HIS K 18 -4.66 39.76 42.61
N ALA K 19 -5.47 38.73 42.82
CA ALA K 19 -5.21 37.73 43.83
C ALA K 19 -4.31 36.65 43.23
N GLU K 20 -3.33 36.20 44.01
CA GLU K 20 -2.40 35.21 43.52
C GLU K 20 -3.14 33.94 43.11
N PHE K 21 -2.59 33.27 42.10
CA PHE K 21 -3.18 32.03 41.61
C PHE K 21 -3.28 31.02 42.75
N GLN K 22 -4.49 30.67 43.13
CA GLN K 22 -4.71 29.78 44.25
C GLN K 22 -6.01 29.02 44.05
N SER K 23 -6.12 27.88 44.72
CA SER K 23 -7.33 27.08 44.65
C SER K 23 -8.45 27.76 45.42
N GLU K 24 -9.65 27.71 44.87
CA GLU K 24 -10.82 28.28 45.53
C GLU K 24 -11.47 27.33 46.51
N GLY K 25 -11.00 26.10 46.60
CA GLY K 25 -11.51 25.16 47.57
C GLY K 25 -12.81 24.51 47.13
N PHE K 26 -13.34 23.69 48.03
CA PHE K 26 -14.59 22.97 47.82
C PHE K 26 -14.56 22.12 46.56
N LEU K 27 -13.39 21.54 46.26
CA LEU K 27 -13.25 20.70 45.08
C LEU K 27 -13.91 19.34 45.29
N LEU K 28 -13.84 18.79 46.50
CA LEU K 28 -14.35 17.47 46.79
C LEU K 28 -15.77 17.49 47.34
N GLN K 29 -16.46 18.62 47.20
CA GLN K 29 -17.84 18.71 47.65
C GLN K 29 -18.73 17.80 46.82
N GLY K 30 -19.50 16.95 47.49
CA GLY K 30 -20.38 16.03 46.82
C GLY K 30 -19.73 14.75 46.36
N ALA K 31 -18.42 14.60 46.54
CA ALA K 31 -17.73 13.39 46.13
C ALA K 31 -17.84 12.27 47.16
N VAL K 32 -18.31 12.56 48.37
CA VAL K 32 -18.46 11.56 49.42
C VAL K 32 -19.83 11.73 50.06
N ARG K 33 -20.22 10.70 50.82
CA ARG K 33 -21.48 10.73 51.55
C ARG K 33 -21.49 11.87 52.56
N THR K 34 -22.32 12.88 52.33
CA THR K 34 -22.32 14.08 53.15
C THR K 34 -23.59 14.17 53.98
N LYS K 35 -23.42 14.49 55.26
CA LYS K 35 -24.53 14.76 56.17
C LYS K 35 -24.40 16.19 56.66
N SER K 36 -25.42 17.01 56.41
CA SER K 36 -25.39 18.42 56.76
C SER K 36 -26.22 18.68 58.01
N GLY K 37 -25.92 19.80 58.66
CA GLY K 37 -26.67 20.18 59.84
C GLY K 37 -26.42 19.30 61.05
N THR K 38 -25.28 18.65 61.11
CA THR K 38 -24.99 17.77 62.23
C THR K 38 -24.74 18.59 63.50
N LYS K 39 -24.99 17.95 64.64
CA LYS K 39 -24.78 18.56 65.94
C LYS K 39 -24.00 17.60 66.82
N GLY K 40 -23.07 18.13 67.60
CA GLY K 40 -22.28 17.33 68.51
C GLY K 40 -20.83 17.28 68.11
N SER K 41 -20.03 16.68 68.99
CA SER K 41 -18.60 16.58 68.75
C SER K 41 -18.23 15.38 67.89
N ILE K 42 -19.04 14.33 67.89
CA ILE K 42 -18.78 13.14 67.10
C ILE K 42 -20.06 12.73 66.40
N VAL K 43 -19.95 12.27 65.17
CA VAL K 43 -21.08 11.74 64.41
C VAL K 43 -20.77 10.29 64.08
N HIS K 44 -21.72 9.41 64.37
CA HIS K 44 -21.51 7.97 64.24
C HIS K 44 -22.27 7.43 63.04
N PHE K 45 -21.58 6.66 62.21
CA PHE K 45 -22.18 6.00 61.06
C PHE K 45 -22.26 4.50 61.32
N PRO K 46 -23.45 3.91 61.44
CA PRO K 46 -23.53 2.46 61.64
C PRO K 46 -23.18 1.70 60.38
N VAL K 47 -22.58 0.52 60.55
CA VAL K 47 -22.16 -0.33 59.45
C VAL K 47 -22.58 -1.76 59.74
N PHE K 48 -23.10 -2.44 58.73
CA PHE K 48 -23.46 -3.84 58.82
C PHE K 48 -22.60 -4.67 57.89
N GLY K 49 -22.29 -5.88 58.31
CA GLY K 49 -21.51 -6.80 57.50
C GLY K 49 -22.36 -7.52 56.48
N GLU K 50 -22.10 -8.81 56.27
CA GLU K 50 -22.90 -9.61 55.36
C GLU K 50 -23.12 -10.98 55.95
N GLY K 51 -24.25 -11.59 55.58
CA GLY K 51 -24.61 -12.91 56.03
C GLY K 51 -24.21 -13.98 55.03
N MET K 52 -24.57 -15.21 55.37
CA MET K 52 -24.30 -16.37 54.53
C MET K 52 -25.44 -17.35 54.63
N ALA K 53 -25.63 -18.12 53.56
CA ALA K 53 -26.59 -19.21 53.57
C ALA K 53 -25.91 -20.49 54.03
N ASN K 54 -26.61 -21.26 54.85
CA ASN K 54 -26.10 -22.46 55.48
C ASN K 54 -26.89 -23.68 55.03
N GLN K 55 -26.40 -24.85 55.41
CA GLN K 55 -27.12 -26.09 55.24
C GLN K 55 -27.17 -26.82 56.58
N LYS K 56 -28.25 -27.54 56.80
CA LYS K 56 -28.42 -28.28 58.04
C LYS K 56 -29.28 -29.50 57.77
N ALA K 57 -29.17 -30.48 58.67
CA ALA K 57 -30.03 -31.65 58.57
C ALA K 57 -31.47 -31.26 58.89
N PRO K 58 -32.44 -31.94 58.31
CA PRO K 58 -33.83 -31.66 58.66
C PRO K 58 -34.07 -31.87 60.15
N GLN K 59 -34.90 -31.00 60.73
CA GLN K 59 -35.27 -30.98 62.14
C GLN K 59 -34.11 -30.60 63.05
N ASP K 60 -32.99 -30.15 62.50
CA ASP K 60 -31.91 -29.66 63.34
C ASP K 60 -32.09 -28.17 63.62
N ASP K 61 -31.48 -27.72 64.71
CA ASP K 61 -31.55 -26.31 65.07
C ASP K 61 -30.81 -25.46 64.05
N ILE K 62 -31.34 -24.27 63.80
CA ILE K 62 -30.70 -23.35 62.87
C ILE K 62 -29.43 -22.80 63.50
N THR K 63 -28.40 -22.59 62.67
CA THR K 63 -27.11 -22.07 63.12
C THR K 63 -26.76 -20.87 62.25
N PRO K 64 -27.17 -19.67 62.63
CA PRO K 64 -26.94 -18.51 61.76
C PRO K 64 -25.47 -18.20 61.59
N MET K 65 -25.12 -17.74 60.40
CA MET K 65 -23.80 -17.17 60.14
C MET K 65 -23.81 -15.73 60.61
N ASN K 66 -22.89 -15.41 61.53
CA ASN K 66 -22.95 -14.13 62.22
C ASN K 66 -22.63 -12.96 61.30
N VAL K 67 -23.37 -11.88 61.49
CA VAL K 67 -23.17 -10.63 60.74
C VAL K 67 -22.44 -9.65 61.62
N SER K 68 -21.32 -9.12 61.12
CA SER K 68 -20.50 -8.21 61.90
C SER K 68 -21.08 -6.81 61.89
N ASN K 69 -20.70 -6.02 62.89
CA ASN K 69 -21.08 -4.63 62.98
C ASN K 69 -19.88 -3.81 63.42
N ARG K 70 -19.86 -2.55 63.00
CA ARG K 70 -18.84 -1.62 63.46
C ARG K 70 -19.40 -0.21 63.33
N ASP K 71 -18.75 0.72 64.01
CA ASP K 71 -19.20 2.09 64.07
C ASP K 71 -18.07 3.02 63.62
N ALA K 72 -18.38 3.91 62.68
CA ALA K 72 -17.42 4.88 62.18
C ALA K 72 -17.70 6.22 62.82
N GLU K 73 -16.68 6.80 63.46
CA GLU K 73 -16.84 8.01 64.26
C GLU K 73 -16.10 9.16 63.57
N ALA K 74 -16.86 10.15 63.11
CA ALA K 74 -16.30 11.36 62.53
C ALA K 74 -16.18 12.42 63.61
N VAL K 75 -14.96 12.88 63.86
CA VAL K 75 -14.68 13.85 64.90
C VAL K 75 -14.73 15.25 64.28
N ILE K 76 -15.49 16.13 64.89
CA ILE K 76 -15.73 17.47 64.37
C ILE K 76 -14.61 18.40 64.85
N GLU K 77 -14.13 19.26 63.95
CA GLU K 77 -13.08 20.21 64.26
C GLU K 77 -13.47 21.59 63.74
N ASP K 78 -12.90 22.62 64.36
CA ASP K 78 -13.21 24.00 64.05
C ASP K 78 -11.97 24.69 63.47
N TRP K 79 -12.17 25.44 62.39
CA TRP K 79 -11.08 26.14 61.73
C TRP K 79 -11.49 27.59 61.51
N TYR K 80 -10.51 28.49 61.62
CA TYR K 80 -10.75 29.92 61.51
C TYR K 80 -9.79 30.53 60.50
N ALA K 81 -10.33 31.30 59.56
CA ALA K 81 -9.53 32.11 58.65
C ALA K 81 -9.83 33.57 58.95
N SER K 82 -8.80 34.32 59.34
CA SER K 82 -8.99 35.66 59.86
C SER K 82 -7.98 36.62 59.25
N GLU K 83 -8.30 37.90 59.30
CA GLU K 83 -7.41 38.95 58.83
C GLU K 83 -7.87 40.28 59.39
N TYR K 84 -6.91 41.17 59.62
CA TYR K 84 -7.16 42.50 60.15
C TYR K 84 -6.98 43.54 59.04
N ALA K 85 -7.72 44.64 59.13
CA ALA K 85 -7.62 45.73 58.18
C ALA K 85 -7.64 47.04 58.95
N ASP K 86 -6.48 47.64 59.15
CA ASP K 86 -6.39 48.87 59.93
C ASP K 86 -7.08 50.02 59.20
N ARG K 87 -7.69 50.91 59.97
CA ARG K 87 -8.39 52.05 59.38
C ARG K 87 -7.44 53.07 58.79
N SER K 88 -6.15 52.99 59.12
CA SER K 88 -5.20 53.93 58.55
C SER K 88 -4.92 53.66 57.08
N PHE K 89 -5.44 52.56 56.54
CA PHE K 89 -5.16 52.18 55.17
C PHE K 89 -6.30 52.49 54.20
N GLN K 90 -7.52 52.73 54.67
CA GLN K 90 -8.64 52.87 53.75
C GLN K 90 -8.52 54.14 52.92
N ASN K 91 -7.98 55.21 53.50
CA ASN K 91 -7.73 56.42 52.73
C ASN K 91 -6.46 56.34 51.91
N LYS K 92 -5.65 55.31 52.09
CA LYS K 92 -4.38 55.19 51.40
C LYS K 92 -4.37 54.11 50.33
N LEU K 93 -5.44 53.36 50.18
CA LEU K 93 -5.51 52.26 49.22
C LEU K 93 -6.50 52.57 48.12
N ALA K 94 -6.16 52.14 46.90
CA ALA K 94 -7.09 52.23 45.79
C ALA K 94 -8.07 51.07 45.77
N VAL K 95 -7.81 50.02 46.54
CA VAL K 95 -8.68 48.86 46.60
C VAL K 95 -9.37 48.85 47.96
N ASN K 96 -10.36 47.99 48.11
CA ASN K 96 -11.08 47.81 49.36
C ASN K 96 -10.48 46.62 50.08
N ALA K 97 -9.72 46.88 51.13
CA ALA K 97 -9.00 45.80 51.82
C ALA K 97 -9.96 44.82 52.48
N VAL K 98 -11.05 45.32 53.07
CA VAL K 98 -12.00 44.44 53.75
C VAL K 98 -12.65 43.49 52.76
N GLU K 99 -13.05 44.01 51.59
CA GLU K 99 -13.67 43.16 50.59
C GLU K 99 -12.70 42.10 50.07
N GLU K 100 -11.44 42.49 49.84
CA GLU K 100 -10.45 41.52 49.38
C GLU K 100 -10.19 40.45 50.44
N TYR K 101 -10.09 40.86 51.70
CA TYR K 101 -9.83 39.90 52.77
C TYR K 101 -10.99 38.94 52.94
N ALA K 102 -12.22 39.43 52.80
CA ALA K 102 -13.38 38.57 52.93
C ALA K 102 -13.38 37.49 51.86
N LYS K 103 -13.01 37.86 50.63
CA LYS K 103 -12.96 36.88 49.55
C LYS K 103 -11.83 35.87 49.75
N LEU K 104 -10.66 36.35 50.16
CA LEU K 104 -9.53 35.44 50.36
C LEU K 104 -9.77 34.49 51.51
N CYS K 105 -10.40 34.97 52.59
CA CYS K 105 -10.66 34.11 53.73
C CYS K 105 -11.68 33.03 53.39
N ALA K 106 -12.64 33.33 52.52
CA ALA K 106 -13.60 32.32 52.10
C ALA K 106 -12.92 31.19 51.34
N TRP K 107 -11.96 31.53 50.47
CA TRP K 107 -11.20 30.51 49.77
C TRP K 107 -10.34 29.69 50.72
N ALA K 108 -9.79 30.33 51.76
CA ALA K 108 -8.99 29.59 52.73
C ALA K 108 -9.85 28.57 53.46
N ILE K 109 -11.08 28.92 53.79
CA ILE K 109 -11.99 27.97 54.41
C ILE K 109 -12.31 26.85 53.44
N GLY K 110 -12.53 27.17 52.17
CA GLY K 110 -12.84 26.15 51.19
C GLY K 110 -11.71 25.16 50.99
N ARG K 111 -10.46 25.65 51.04
CA ARG K 111 -9.32 24.74 50.91
C ARG K 111 -9.19 23.84 52.12
N ARG K 112 -9.54 24.34 53.31
CA ARG K 112 -9.53 23.49 54.50
C ARG K 112 -10.55 22.37 54.38
N ALA K 113 -11.72 22.66 53.80
CA ALA K 113 -12.73 21.62 53.61
C ALA K 113 -12.19 20.50 52.73
N ASP K 114 -11.43 20.85 51.69
CA ASP K 114 -10.81 19.82 50.86
C ASP K 114 -9.77 19.04 51.63
N GLN K 115 -8.95 19.73 52.43
CA GLN K 115 -7.88 19.06 53.15
C GLN K 115 -8.42 18.06 54.16
N ILE K 116 -9.58 18.34 54.75
CA ILE K 116 -10.17 17.38 55.67
C ILE K 116 -10.54 16.10 54.96
N ASN K 117 -11.13 16.21 53.76
CA ASN K 117 -11.45 15.03 52.98
C ASN K 117 -10.21 14.27 52.57
N ILE K 118 -9.17 14.99 52.13
CA ILE K 118 -7.96 14.34 51.66
C ILE K 118 -7.26 13.61 52.82
N ASP K 119 -7.20 14.25 53.99
CA ASP K 119 -6.53 13.64 55.12
C ASP K 119 -7.22 12.36 55.56
N THR K 120 -8.55 12.35 55.54
CA THR K 120 -9.28 11.14 55.92
C THR K 120 -9.03 10.01 54.95
N ILE K 121 -9.10 10.30 53.65
CA ILE K 121 -8.90 9.26 52.64
C ILE K 121 -7.47 8.73 52.69
N ALA K 122 -6.49 9.63 52.75
CA ALA K 122 -5.11 9.22 52.79
C ALA K 122 -4.73 8.59 54.13
N GLY K 123 -5.51 8.82 55.17
CA GLY K 123 -5.22 8.29 56.48
C GLY K 123 -5.64 6.86 56.71
N ALA K 124 -6.34 6.25 55.75
CA ALA K 124 -6.76 4.87 55.91
C ALA K 124 -5.56 3.93 55.74
N THR K 125 -5.75 2.68 56.11
CA THR K 125 -4.72 1.66 56.01
C THR K 125 -4.91 0.91 54.70
N TYR K 126 -3.88 0.92 53.86
CA TYR K 126 -3.92 0.27 52.56
C TYR K 126 -2.93 -0.87 52.53
N SER K 127 -3.36 -2.01 52.01
CA SER K 127 -2.52 -3.19 51.91
C SER K 127 -2.72 -3.85 50.55
N ALA K 128 -1.66 -4.52 50.08
CA ALA K 128 -1.76 -5.25 48.83
C ALA K 128 -2.57 -6.53 48.96
N THR K 129 -2.81 -6.99 50.18
CA THR K 129 -3.70 -8.13 50.44
C THR K 129 -4.67 -7.73 51.55
N PRO K 130 -5.59 -6.83 51.25
CA PRO K 130 -6.38 -6.21 52.32
C PRO K 130 -7.41 -7.16 52.91
N ASN K 131 -7.75 -6.91 54.17
CA ASN K 131 -8.87 -7.54 54.82
C ASN K 131 -10.08 -6.61 54.71
N ASP K 132 -11.15 -6.93 55.43
CA ASP K 132 -12.38 -6.17 55.30
C ASP K 132 -12.26 -4.73 55.81
N GLN K 133 -11.20 -4.41 56.55
CA GLN K 133 -11.03 -3.08 57.11
C GLN K 133 -9.83 -2.35 56.55
N GLN K 134 -9.34 -2.77 55.38
CA GLN K 134 -8.22 -2.12 54.74
C GLN K 134 -8.55 -1.81 53.28
N GLY K 135 -8.10 -0.67 52.81
CA GLY K 135 -8.19 -0.37 51.41
C GLY K 135 -7.16 -1.14 50.60
N ALA K 136 -7.41 -1.25 49.30
CA ALA K 136 -6.53 -1.97 48.41
C ALA K 136 -5.37 -1.06 48.00
N LEU K 137 -4.18 -1.64 47.89
CA LEU K 137 -2.98 -0.91 47.52
C LEU K 137 -2.42 -1.46 46.21
N VAL K 138 -2.12 -0.56 45.29
CA VAL K 138 -1.37 -0.90 44.08
C VAL K 138 0.05 -0.41 44.29
N PRO K 139 1.01 -1.28 44.53
CA PRO K 139 2.35 -0.84 44.93
C PRO K 139 3.05 -0.07 43.81
N VAL K 140 4.02 0.74 44.22
CA VAL K 140 4.70 1.62 43.29
C VAL K 140 5.48 0.82 42.25
N GLY K 141 6.11 -0.27 42.67
CA GLY K 141 6.96 -1.01 41.75
C GLY K 141 8.14 -0.16 41.32
N THR K 142 8.32 -0.04 40.01
CA THR K 142 9.41 0.77 39.46
C THR K 142 8.93 1.64 38.32
N THR K 143 7.63 1.96 38.28
CA THR K 143 7.05 2.71 37.18
C THR K 143 6.23 3.87 37.73
N GLY K 144 5.83 4.75 36.82
CA GLY K 144 4.91 5.82 37.14
C GLY K 144 3.47 5.36 36.99
N PHE K 145 2.57 6.33 36.95
CA PHE K 145 1.15 6.04 36.76
C PHE K 145 0.94 5.58 35.32
N THR K 146 0.74 4.28 35.13
CA THR K 146 0.62 3.68 33.82
C THR K 146 -0.78 3.12 33.63
N PHE K 147 -1.05 2.63 32.42
CA PHE K 147 -2.33 2.00 32.16
C PHE K 147 -2.48 0.70 32.93
N GLU K 148 -1.37 0.01 33.21
CA GLU K 148 -1.44 -1.21 33.99
C GLU K 148 -1.93 -0.94 35.40
N LYS K 149 -1.44 0.13 36.02
CA LYS K 149 -1.91 0.48 37.37
C LYS K 149 -3.36 0.94 37.35
N LEU K 150 -3.79 1.59 36.28
CA LEU K 150 -5.19 1.97 36.16
C LEU K 150 -6.09 0.74 36.12
N ARG K 151 -5.67 -0.29 35.39
CA ARG K 151 -6.46 -1.52 35.32
C ARG K 151 -6.53 -2.20 36.68
N GLN K 152 -5.41 -2.23 37.41
CA GLN K 152 -5.41 -2.90 38.72
C GLN K 152 -6.30 -2.16 39.71
N ALA K 153 -6.29 -0.84 39.69
CA ALA K 153 -7.14 -0.07 40.59
C ALA K 153 -8.62 -0.34 40.28
N HIS K 154 -8.98 -0.37 39.01
CA HIS K 154 -10.35 -0.70 38.63
C HIS K 154 -10.68 -2.14 38.99
N ARG K 155 -9.69 -3.03 38.98
CA ARG K 155 -9.93 -4.42 39.36
C ARG K 155 -10.35 -4.54 40.81
N TRP K 156 -9.71 -3.78 41.70
CA TRP K 156 -10.01 -3.89 43.12
C TRP K 156 -11.43 -3.40 43.42
N LEU K 157 -11.86 -2.32 42.76
CA LEU K 157 -13.23 -1.85 42.95
C LEU K 157 -14.23 -2.87 42.44
N ARG K 158 -13.96 -3.47 41.28
CA ARG K 158 -14.86 -4.49 40.75
C ARG K 158 -14.88 -5.73 41.62
N GLN K 159 -13.72 -6.14 42.13
CA GLN K 159 -13.64 -7.37 42.91
C GLN K 159 -14.39 -7.26 44.22
N ARG K 160 -14.39 -6.08 44.84
CA ARG K 160 -14.97 -5.89 46.16
C ARG K 160 -16.36 -5.27 46.09
N SER K 161 -17.02 -5.34 44.92
CA SER K 161 -18.39 -4.90 44.76
C SER K 161 -18.57 -3.41 45.06
N ALA K 162 -17.52 -2.62 44.85
CA ALA K 162 -17.56 -1.18 45.04
C ALA K 162 -17.53 -0.44 43.72
N ASN K 163 -17.99 -1.08 42.65
CA ASN K 163 -17.95 -0.49 41.32
C ASN K 163 -19.28 0.12 40.90
N ARG K 164 -20.27 0.13 41.76
CA ARG K 164 -21.59 0.66 41.44
C ARG K 164 -21.80 1.98 42.18
N GLY K 165 -22.38 2.95 41.47
CA GLY K 165 -22.64 4.24 42.06
C GLY K 165 -21.71 5.31 41.52
N LYS K 166 -21.38 6.30 42.33
CA LYS K 166 -20.46 7.36 41.93
C LYS K 166 -19.07 7.01 42.41
N ARG K 167 -18.10 7.06 41.49
CA ARG K 167 -16.71 6.77 41.79
C ARG K 167 -15.86 7.94 41.35
N THR K 168 -14.97 8.38 42.24
CA THR K 168 -14.11 9.53 41.98
C THR K 168 -12.65 9.12 42.14
N VAL K 169 -11.80 9.67 41.28
CA VAL K 169 -10.37 9.47 41.35
C VAL K 169 -9.73 10.83 41.58
N ILE K 170 -9.01 10.96 42.70
CA ILE K 170 -8.33 12.21 43.02
C ILE K 170 -6.84 12.01 42.77
N ILE K 171 -6.28 12.80 41.86
CA ILE K 171 -4.88 12.72 41.48
C ILE K 171 -4.32 14.13 41.52
N ASP K 172 -3.01 14.22 41.72
CA ASP K 172 -2.37 15.53 41.70
C ASP K 172 -1.85 15.82 40.29
N ALA K 173 -1.18 16.97 40.15
CA ALA K 173 -0.77 17.41 38.82
C ALA K 173 0.23 16.46 38.19
N ILE K 174 1.17 15.94 38.98
CA ILE K 174 2.18 15.05 38.42
C ILE K 174 1.55 13.77 37.89
N ALA K 175 0.55 13.25 38.61
CA ALA K 175 -0.15 12.06 38.13
C ALA K 175 -0.84 12.33 36.80
N GLU K 176 -1.44 13.51 36.66
CA GLU K 176 -2.06 13.85 35.38
C GLU K 176 -1.03 13.92 34.27
N GLU K 177 0.14 14.48 34.56
CA GLU K 177 1.17 14.60 33.54
C GLU K 177 1.59 13.24 33.00
N GLN K 178 1.75 12.26 33.89
CA GLN K 178 2.12 10.93 33.46
C GLN K 178 0.97 10.20 32.77
N LEU K 179 -0.26 10.41 33.25
CA LEU K 179 -1.41 9.75 32.64
C LEU K 179 -1.74 10.32 31.27
N LEU K 180 -1.27 11.53 30.97
CA LEU K 180 -1.46 12.08 29.63
C LEU K 180 -0.60 11.39 28.59
N ASN K 181 0.34 10.55 29.02
CA ASN K 181 1.18 9.78 28.11
C ASN K 181 0.59 8.42 27.78
N VAL K 182 -0.53 8.04 28.41
CA VAL K 182 -1.15 6.76 28.19
C VAL K 182 -1.97 6.82 26.91
N GLU K 183 -1.71 5.89 25.99
CA GLU K 183 -2.40 5.90 24.72
C GLU K 183 -3.89 5.61 24.86
N GLN K 184 -4.26 4.70 25.76
CA GLN K 184 -5.65 4.33 25.91
C GLN K 184 -6.52 5.43 26.51
N LEU K 185 -5.91 6.47 27.08
CA LEU K 185 -6.68 7.60 27.59
C LEU K 185 -6.80 8.74 26.60
N THR K 186 -5.90 8.85 25.64
CA THR K 186 -5.84 10.00 24.77
C THR K 186 -6.11 9.71 23.31
N ASN K 187 -6.18 8.44 22.91
CA ASN K 187 -6.35 8.06 21.51
C ASN K 187 -7.79 7.66 21.26
N SER K 188 -8.37 8.17 20.18
CA SER K 188 -9.77 7.90 19.88
C SER K 188 -10.02 6.49 19.37
N PHE K 189 -8.98 5.65 19.29
CA PHE K 189 -9.22 4.23 19.10
C PHE K 189 -9.98 3.64 20.28
N TYR K 190 -9.67 4.10 21.49
CA TYR K 190 -10.15 3.49 22.72
C TYR K 190 -11.24 4.30 23.42
N VAL K 191 -11.21 5.62 23.30
CA VAL K 191 -12.18 6.48 23.99
C VAL K 191 -12.81 7.43 22.99
N ASN K 192 -13.98 7.92 23.35
CA ASN K 192 -14.74 8.80 22.46
C ASN K 192 -14.38 10.26 22.62
N GLN K 193 -13.87 10.65 23.78
CA GLN K 193 -13.47 12.03 24.00
C GLN K 193 -12.03 12.23 23.54
N LYS K 194 -11.66 13.49 23.33
CA LYS K 194 -10.31 13.87 22.97
C LYS K 194 -9.83 14.85 24.03
N ILE K 195 -9.24 14.33 25.11
CA ILE K 195 -8.88 15.15 26.24
C ILE K 195 -7.72 16.09 25.92
N LEU K 196 -6.96 15.81 24.86
CA LEU K 196 -5.91 16.73 24.46
C LEU K 196 -6.44 17.97 23.76
N ASP K 197 -7.73 18.00 23.41
CA ASP K 197 -8.40 19.17 22.89
C ASP K 197 -9.25 19.87 23.95
N ASN K 198 -9.05 19.52 25.21
CA ASN K 198 -9.95 19.92 26.28
C ASN K 198 -9.12 20.09 27.54
N ASP K 199 -9.77 20.05 28.70
CA ASP K 199 -9.12 20.26 29.97
C ASP K 199 -8.29 19.07 30.44
N GLY K 200 -7.95 18.14 29.55
CA GLY K 200 -7.09 17.05 29.95
C GLY K 200 -7.83 16.07 30.83
N LEU K 201 -7.19 15.64 31.91
CA LEU K 201 -7.80 14.67 32.81
C LEU K 201 -8.81 15.28 33.75
N HIS K 202 -8.86 16.61 33.89
CA HIS K 202 -9.80 17.23 34.81
C HIS K 202 -11.21 17.07 34.27
N GLY K 203 -12.07 16.44 35.06
CA GLY K 203 -13.44 16.21 34.64
C GLY K 203 -13.60 15.13 33.60
N MET K 204 -12.64 14.23 33.48
CA MET K 204 -12.69 13.16 32.49
C MET K 204 -13.31 11.91 33.09
N THR K 205 -14.17 11.24 32.34
CA THR K 205 -14.79 10.01 32.77
C THR K 205 -14.14 8.83 32.05
N PHE K 206 -13.65 7.87 32.83
CA PHE K 206 -12.98 6.70 32.26
C PHE K 206 -13.42 5.48 33.04
N LEU K 207 -14.02 4.52 32.32
CA LEU K 207 -14.56 3.30 32.94
C LEU K 207 -15.60 3.63 34.00
N GLY K 208 -16.32 4.73 33.83
CA GLY K 208 -17.35 5.12 34.76
C GLY K 208 -16.89 5.94 35.94
N MET K 209 -15.59 6.20 36.07
CA MET K 209 -15.04 6.96 37.18
C MET K 209 -14.66 8.36 36.72
N ASN K 210 -14.95 9.35 37.56
CA ASN K 210 -14.65 10.73 37.25
C ASN K 210 -13.33 11.14 37.90
N PHE K 211 -12.52 11.87 37.15
CA PHE K 211 -11.19 12.28 37.60
C PHE K 211 -11.23 13.71 38.10
N ILE K 212 -10.59 13.95 39.23
CA ILE K 212 -10.43 15.29 39.80
C ILE K 212 -8.95 15.51 40.03
N VAL K 213 -8.42 16.61 39.51
CA VAL K 213 -7.02 16.95 39.66
C VAL K 213 -6.88 17.99 40.75
N ILE K 214 -6.22 17.61 41.85
CA ILE K 214 -6.02 18.50 42.99
C ILE K 214 -4.75 19.32 42.76
N PRO K 215 -4.84 20.64 42.78
CA PRO K 215 -3.61 21.44 42.65
C PRO K 215 -2.79 21.38 43.93
N SER K 216 -1.58 21.92 43.89
CA SER K 216 -0.79 22.01 45.12
C SER K 216 -1.39 23.06 46.04
N MET K 217 -1.60 22.68 47.29
CA MET K 217 -2.18 23.57 48.28
C MET K 217 -1.21 23.73 49.44
N GLN K 218 -1.10 24.96 49.94
CA GLN K 218 -0.24 25.21 51.08
C GLN K 218 -0.72 24.46 52.32
N GLU K 219 -1.98 24.06 52.36
CA GLU K 219 -2.50 23.24 53.45
C GLU K 219 -1.97 21.82 53.41
N GLY K 220 -1.32 21.42 52.32
CA GLY K 220 -0.72 20.10 52.22
C GLY K 220 -1.05 19.38 50.92
N GLY K 221 -2.28 19.51 50.44
CA GLY K 221 -2.66 18.84 49.22
C GLY K 221 -2.62 17.32 49.36
N LEU K 222 -2.38 16.66 48.25
CA LEU K 222 -2.26 15.21 48.26
C LEU K 222 -0.90 14.80 48.82
N PRO K 223 -0.84 13.95 49.84
CA PRO K 223 0.45 13.62 50.44
C PRO K 223 1.29 12.73 49.56
N THR K 224 2.60 12.79 49.78
CA THR K 224 3.55 11.92 49.12
C THR K 224 4.15 10.96 50.13
N THR K 225 4.87 9.96 49.62
CA THR K 225 5.51 8.97 50.46
C THR K 225 6.86 8.63 49.85
N GLY K 226 7.60 7.75 50.51
CA GLY K 226 8.92 7.36 50.02
C GLY K 226 9.92 8.49 50.04
N GLY K 227 9.89 9.32 51.07
CA GLY K 227 10.81 10.45 51.13
C GLY K 227 10.60 11.47 50.04
N GLY K 228 9.35 11.71 49.67
CA GLY K 228 9.05 12.71 48.66
C GLY K 228 9.33 12.29 47.23
N THR K 229 9.43 10.99 46.97
CA THR K 229 9.68 10.52 45.62
C THR K 229 8.56 9.65 45.06
N VAL K 230 7.56 9.29 45.86
CA VAL K 230 6.46 8.45 45.41
C VAL K 230 5.15 9.20 45.65
N GLY K 231 4.36 9.36 44.59
CA GLY K 231 3.07 9.98 44.70
C GLY K 231 1.98 8.98 45.03
N ARG K 232 0.87 9.48 45.56
CA ARG K 232 -0.26 8.64 45.94
C ARG K 232 -1.53 9.19 45.31
N ALA K 233 -2.28 8.32 44.65
CA ALA K 233 -3.58 8.64 44.07
C ALA K 233 -4.63 7.73 44.68
N PHE K 234 -5.87 8.19 44.69
CA PHE K 234 -6.91 7.48 45.41
C PHE K 234 -8.16 7.32 44.57
N PHE K 235 -8.75 6.13 44.62
CA PHE K 235 -10.02 5.82 43.98
C PHE K 235 -11.05 5.64 45.09
N ILE K 236 -12.11 6.42 45.06
CA ILE K 236 -13.08 6.49 46.16
C ILE K 236 -14.47 6.21 45.61
N ASN K 237 -15.15 5.26 46.23
CA ASN K 237 -16.58 5.14 46.05
C ASN K 237 -17.28 6.14 46.95
N GLU K 238 -18.38 6.70 46.47
CA GLU K 238 -19.02 7.81 47.19
C GLU K 238 -19.45 7.39 48.59
N MET K 239 -19.99 6.18 48.72
CA MET K 239 -20.47 5.71 50.01
C MET K 239 -19.36 5.27 50.95
N ALA K 240 -18.11 5.25 50.48
CA ALA K 240 -17.03 4.72 51.31
C ALA K 240 -16.60 5.70 52.39
N VAL K 241 -16.79 7.00 52.19
CA VAL K 241 -16.31 8.01 53.13
C VAL K 241 -17.50 8.88 53.55
N GLY K 242 -17.59 9.15 54.85
CA GLY K 242 -18.63 10.00 55.37
C GLY K 242 -18.10 11.35 55.83
N TYR K 243 -18.77 12.42 55.41
CA TYR K 243 -18.38 13.78 55.73
C TYR K 243 -19.51 14.46 56.49
N ALA K 244 -19.26 14.79 57.76
CA ALA K 244 -20.24 15.45 58.60
C ALA K 244 -19.93 16.94 58.66
N GLN K 245 -20.91 17.76 58.30
CA GLN K 245 -20.73 19.20 58.19
C GLN K 245 -21.69 19.90 59.14
N SER K 246 -21.15 20.54 60.17
CA SER K 246 -21.97 21.29 61.10
C SER K 246 -22.15 22.75 60.69
N GLU K 247 -21.15 23.32 60.03
CA GLU K 247 -21.25 24.71 59.57
C GLU K 247 -20.31 24.86 58.38
N ARG K 248 -20.89 25.02 57.19
CA ARG K 248 -20.07 25.09 55.99
C ARG K 248 -19.21 26.35 55.97
N LEU K 249 -19.83 27.51 56.19
CA LEU K 249 -19.09 28.77 56.14
C LEU K 249 -19.86 29.81 56.96
N GLY K 250 -19.40 30.05 58.18
CA GLY K 250 -19.88 31.12 59.01
C GLY K 250 -18.86 32.26 59.05
N GLY K 251 -19.23 33.31 59.76
CA GLY K 251 -18.30 34.42 59.89
C GLY K 251 -18.95 35.64 60.49
N ASP K 252 -18.11 36.63 60.75
CA ASP K 252 -18.52 37.90 61.31
C ASP K 252 -17.44 38.94 61.06
N ILE K 253 -17.83 40.09 60.53
CA ILE K 253 -16.92 41.21 60.31
C ILE K 253 -17.29 42.29 61.30
N SER K 254 -16.35 42.67 62.16
CA SER K 254 -16.63 43.58 63.25
C SER K 254 -15.56 44.67 63.32
N TRP K 255 -15.94 45.80 63.88
CA TRP K 255 -15.02 46.91 64.08
C TRP K 255 -14.46 46.84 65.50
N GLU K 256 -13.14 46.82 65.61
CA GLU K 256 -12.47 46.75 66.90
C GLU K 256 -11.85 48.10 67.18
N ASN K 257 -12.46 48.84 68.11
CA ASN K 257 -11.98 50.19 68.40
C ASN K 257 -10.60 50.15 69.05
N ILE K 258 -10.36 49.18 69.93
CA ILE K 258 -9.09 49.14 70.66
C ILE K 258 -7.93 48.95 69.70
N LYS K 259 -8.07 48.01 68.77
CA LYS K 259 -7.04 47.76 67.77
C LYS K 259 -7.17 48.66 66.55
N THR K 260 -8.22 49.48 66.49
CA THR K 260 -8.45 50.45 65.44
C THR K 260 -8.49 49.80 64.06
N SER K 261 -9.03 48.59 63.97
CA SER K 261 -9.04 47.83 62.73
C SER K 261 -10.35 47.08 62.59
N TYR K 262 -10.59 46.57 61.39
CA TYR K 262 -11.68 45.66 61.12
C TYR K 262 -11.18 44.23 61.20
N LEU K 263 -11.93 43.36 61.85
CA LEU K 263 -11.58 41.96 61.98
C LEU K 263 -12.50 41.13 61.10
N ILE K 264 -11.95 40.55 60.05
CA ILE K 264 -12.66 39.65 59.16
C ILE K 264 -12.43 38.24 59.68
N ASN K 265 -13.47 37.62 60.21
CA ASN K 265 -13.35 36.34 60.89
C ASN K 265 -14.34 35.36 60.27
N MET K 266 -13.84 34.38 59.54
CA MET K 266 -14.66 33.32 58.97
C MET K 266 -14.27 31.99 59.57
N TRP K 267 -15.25 31.09 59.67
CA TRP K 267 -15.01 29.82 60.33
C TRP K 267 -15.80 28.72 59.65
N MET K 268 -15.37 27.48 59.90
CA MET K 268 -16.02 26.29 59.41
C MET K 268 -15.94 25.22 60.49
N GLU K 269 -16.80 24.22 60.39
CA GLU K 269 -16.92 23.21 61.44
C GLU K 269 -17.38 21.92 60.81
N ALA K 270 -16.47 20.95 60.67
CA ALA K 270 -16.79 19.70 60.01
C ALA K 270 -15.78 18.63 60.40
N GLY K 271 -16.06 17.40 59.97
CA GLY K 271 -15.16 16.29 60.18
C GLY K 271 -15.53 15.16 59.25
N ALA K 272 -14.61 14.23 59.07
CA ALA K 272 -14.80 13.13 58.12
C ALA K 272 -14.27 11.84 58.72
N VAL K 273 -14.75 10.73 58.17
CA VAL K 273 -14.37 9.40 58.63
C VAL K 273 -14.49 8.43 57.48
N VAL K 274 -13.70 7.36 57.53
CA VAL K 274 -13.79 6.28 56.56
C VAL K 274 -14.84 5.28 57.04
N ILE K 275 -15.86 5.08 56.21
CA ILE K 275 -16.96 4.18 56.57
C ILE K 275 -16.65 2.75 56.13
N ASP K 276 -16.30 2.57 54.87
CA ASP K 276 -16.05 1.24 54.31
C ASP K 276 -14.75 1.26 53.52
N PRO K 277 -13.67 0.70 54.06
CA PRO K 277 -12.40 0.68 53.33
C PRO K 277 -12.46 -0.12 52.04
N LYS K 278 -13.47 -0.97 51.86
CA LYS K 278 -13.57 -1.76 50.63
C LYS K 278 -13.75 -0.88 49.40
N GLY K 279 -14.21 0.35 49.57
CA GLY K 279 -14.40 1.24 48.44
C GLY K 279 -13.26 2.21 48.23
N LEU K 280 -12.11 1.92 48.82
CA LEU K 280 -10.93 2.78 48.72
C LEU K 280 -9.79 2.01 48.09
N VAL K 281 -9.16 2.59 47.08
CA VAL K 281 -7.98 2.03 46.44
C VAL K 281 -6.92 3.12 46.35
N GLU K 282 -5.68 2.76 46.64
CA GLU K 282 -4.55 3.67 46.53
C GLU K 282 -3.60 3.17 45.46
N VAL K 283 -3.14 4.09 44.60
CA VAL K 283 -2.18 3.78 43.55
C VAL K 283 -0.92 4.59 43.82
N ASP K 284 0.22 3.91 43.85
CA ASP K 284 1.50 4.55 44.07
C ASP K 284 2.30 4.58 42.77
N TYR K 285 3.04 5.66 42.58
CA TYR K 285 3.80 5.83 41.35
C TYR K 285 5.04 6.67 41.65
N LEU K 286 6.05 6.53 40.80
CA LEU K 286 7.26 7.31 40.95
C LEU K 286 7.04 8.71 40.41
N LEU K 287 7.45 9.72 41.19
CA LEU K 287 7.30 11.10 40.74
C LEU K 287 8.20 11.40 39.55
N GLU K 288 9.37 10.75 39.48
CA GLU K 288 10.28 10.88 38.35
C GLU K 288 10.61 9.47 37.86
N PRO K 289 9.73 8.87 37.06
CA PRO K 289 9.89 7.49 36.59
C PRO K 289 11.10 7.32 35.69
N SER L 2 5.51 -21.75 -53.51
CA SER L 2 6.88 -22.13 -53.18
C SER L 2 7.36 -21.44 -51.91
N LEU L 3 8.20 -22.14 -51.15
CA LEU L 3 8.80 -21.54 -49.97
C LEU L 3 9.85 -20.49 -50.31
N ALA L 4 10.22 -20.38 -51.59
CA ALA L 4 11.18 -19.38 -52.03
C ALA L 4 10.64 -17.96 -51.90
N LEU L 5 9.34 -17.80 -51.64
CA LEU L 5 8.78 -16.46 -51.48
C LEU L 5 9.40 -15.70 -50.32
N SER L 6 10.04 -16.40 -49.39
CA SER L 6 10.71 -15.72 -48.27
C SER L 6 11.88 -14.87 -48.75
N GLN L 7 12.35 -15.08 -49.98
CA GLN L 7 13.45 -14.28 -50.50
C GLN L 7 13.03 -12.88 -50.89
N ILE L 8 11.74 -12.63 -51.06
CA ILE L 8 11.27 -11.32 -51.49
C ILE L 8 10.33 -10.73 -50.45
N GLU L 9 10.52 -11.11 -49.18
CA GLU L 9 9.74 -10.53 -48.10
C GLU L 9 10.09 -9.06 -47.92
N ILE L 10 9.10 -8.28 -47.53
CA ILE L 10 9.24 -6.84 -47.45
C ILE L 10 9.35 -6.43 -45.98
N GLN L 11 9.67 -5.16 -45.76
CA GLN L 11 9.71 -4.57 -44.44
C GLN L 11 8.89 -3.29 -44.43
N GLN L 12 8.26 -3.00 -43.31
CA GLN L 12 7.40 -1.84 -43.17
C GLN L 12 8.02 -0.85 -42.19
N PHE L 13 8.02 0.42 -42.56
CA PHE L 13 8.52 1.50 -41.72
C PHE L 13 7.34 2.38 -41.33
N LEU L 14 7.14 2.56 -40.04
CA LEU L 14 5.96 3.27 -39.54
C LEU L 14 6.19 4.77 -39.58
N SER L 15 5.11 5.51 -39.89
CA SER L 15 5.18 6.96 -40.03
C SER L 15 5.09 7.69 -38.70
N GLU L 16 4.67 7.02 -37.62
CA GLU L 16 4.51 7.66 -36.32
C GLU L 16 5.80 7.53 -35.55
N ALA L 17 6.48 8.65 -35.32
CA ALA L 17 7.76 8.65 -34.64
C ALA L 17 7.57 8.76 -33.14
N HIS L 18 8.50 8.16 -32.40
CA HIS L 18 8.52 8.22 -30.95
C HIS L 18 9.70 9.10 -30.52
N ALA L 19 9.42 10.12 -29.73
CA ALA L 19 10.45 10.94 -29.13
C ALA L 19 10.88 10.32 -27.82
N GLU L 20 12.19 10.25 -27.59
CA GLU L 20 12.69 9.63 -26.37
C GLU L 20 12.14 10.35 -25.15
N PHE L 21 11.88 9.59 -24.09
CA PHE L 21 11.27 10.14 -22.90
C PHE L 21 12.06 11.33 -22.38
N GLN L 22 11.43 12.50 -22.42
CA GLN L 22 12.09 13.74 -22.04
C GLN L 22 11.06 14.66 -21.43
N SER L 23 11.54 15.63 -20.66
CA SER L 23 10.66 16.62 -20.05
C SER L 23 10.19 17.62 -21.08
N GLU L 24 8.92 18.01 -20.98
CA GLU L 24 8.37 19.02 -21.87
C GLU L 24 8.59 20.44 -21.37
N GLY L 25 9.16 20.60 -20.18
CA GLY L 25 9.49 21.91 -19.67
C GLY L 25 8.30 22.64 -19.10
N PHE L 26 8.54 23.91 -18.77
CA PHE L 26 7.53 24.80 -18.19
C PHE L 26 6.98 24.24 -16.88
N LEU L 27 7.79 23.48 -16.16
CA LEU L 27 7.34 22.93 -14.89
C LEU L 27 7.29 23.98 -13.80
N LEU L 28 8.12 25.01 -13.88
CA LEU L 28 8.19 26.06 -12.89
C LEU L 28 7.43 27.31 -13.30
N GLN L 29 6.50 27.18 -14.24
CA GLN L 29 5.70 28.32 -14.65
C GLN L 29 4.79 28.76 -13.51
N GLY L 30 4.89 30.04 -13.15
CA GLY L 30 4.09 30.60 -12.09
C GLY L 30 4.56 30.29 -10.69
N ALA L 31 5.68 29.58 -10.54
CA ALA L 31 6.19 29.27 -9.21
C ALA L 31 6.87 30.46 -8.54
N VAL L 32 7.23 31.49 -9.30
CA VAL L 32 7.88 32.67 -8.78
C VAL L 32 7.14 33.90 -9.27
N ARG L 33 7.48 35.04 -8.70
CA ARG L 33 6.87 36.30 -9.10
C ARG L 33 7.23 36.60 -10.54
N THR L 34 6.23 36.57 -11.42
CA THR L 34 6.43 36.66 -12.85
C THR L 34 5.88 37.97 -13.40
N LYS L 35 6.66 38.61 -14.27
CA LYS L 35 6.24 39.79 -15.00
C LYS L 35 6.22 39.45 -16.48
N SER L 36 5.07 39.56 -17.12
CA SER L 36 4.89 39.15 -18.50
C SER L 36 4.89 40.36 -19.42
N GLY L 37 5.26 40.11 -20.68
CA GLY L 37 5.27 41.16 -21.68
C GLY L 37 6.24 42.28 -21.39
N THR L 38 7.39 41.97 -20.80
CA THR L 38 8.36 43.01 -20.48
C THR L 38 9.14 43.44 -21.71
N LYS L 39 9.65 44.66 -21.66
CA LYS L 39 10.49 45.21 -22.71
C LYS L 39 11.77 45.75 -22.10
N GLY L 40 12.83 45.72 -22.89
CA GLY L 40 14.12 46.21 -22.44
C GLY L 40 15.09 45.10 -22.11
N SER L 41 16.36 45.49 -22.00
CA SER L 41 17.41 44.53 -21.72
C SER L 41 17.43 44.10 -20.26
N ILE L 42 17.03 44.98 -19.35
CA ILE L 42 17.05 44.70 -17.92
C ILE L 42 15.71 45.11 -17.32
N VAL L 43 15.20 44.29 -16.41
CA VAL L 43 13.99 44.61 -15.65
C VAL L 43 14.41 44.78 -14.19
N HIS L 44 14.00 45.88 -13.59
CA HIS L 44 14.44 46.25 -12.24
C HIS L 44 13.31 46.01 -11.25
N PHE L 45 13.64 45.35 -10.15
CA PHE L 45 12.70 45.11 -9.05
C PHE L 45 13.14 45.92 -7.85
N PRO L 46 12.45 47.01 -7.50
CA PRO L 46 12.85 47.78 -6.31
C PRO L 46 12.59 47.00 -5.03
N VAL L 47 13.47 47.19 -4.05
CA VAL L 47 13.41 46.48 -2.79
C VAL L 47 13.64 47.46 -1.65
N PHE L 48 12.85 47.32 -0.59
CA PHE L 48 13.00 48.12 0.62
C PHE L 48 13.42 47.22 1.77
N GLY L 49 14.29 47.75 2.64
CA GLY L 49 14.77 47.01 3.78
C GLY L 49 13.86 47.15 4.99
N GLU L 50 14.41 46.80 6.15
CA GLU L 50 13.67 46.90 7.40
C GLU L 50 13.99 48.20 8.12
N GLY L 51 12.97 48.77 8.76
CA GLY L 51 13.16 49.86 9.68
C GLY L 51 13.40 49.37 11.10
N MET L 52 13.59 50.32 12.00
CA MET L 52 13.81 49.98 13.39
C MET L 52 13.48 51.20 14.25
N ALA L 53 12.87 50.95 15.40
CA ALA L 53 12.60 52.01 16.34
C ALA L 53 13.74 52.15 17.33
N ASN L 54 14.14 53.39 17.61
CA ASN L 54 15.19 53.67 18.58
C ASN L 54 14.67 54.65 19.60
N GLN L 55 15.52 54.99 20.56
CA GLN L 55 15.20 55.94 21.61
C GLN L 55 16.10 57.17 21.50
N LYS L 56 15.62 58.28 22.05
CA LYS L 56 16.38 59.51 22.03
C LYS L 56 16.04 60.31 23.28
N ALA L 57 16.93 61.22 23.62
CA ALA L 57 16.66 62.14 24.71
C ALA L 57 15.55 63.11 24.30
N PRO L 58 14.74 63.56 25.26
CA PRO L 58 13.71 64.56 24.92
C PRO L 58 14.34 65.82 24.36
N GLN L 59 13.64 66.42 23.40
CA GLN L 59 14.04 67.64 22.70
C GLN L 59 15.25 67.47 21.80
N ASP L 60 15.82 66.27 21.72
CA ASP L 60 16.92 66.03 20.81
C ASP L 60 16.39 65.79 19.40
N ASP L 61 17.23 66.07 18.41
CA ASP L 61 16.84 65.85 17.02
C ASP L 61 16.64 64.36 16.75
N ILE L 62 15.66 64.05 15.92
CA ILE L 62 15.38 62.66 15.59
C ILE L 62 16.50 62.10 14.73
N THR L 63 16.85 60.85 14.98
CA THR L 63 17.89 60.16 14.23
C THR L 63 17.31 58.92 13.57
N PRO L 64 16.92 58.99 12.31
CA PRO L 64 16.27 57.83 11.67
C PRO L 64 17.21 56.63 11.61
N MET L 65 16.63 55.45 11.77
CA MET L 65 17.34 54.21 11.49
C MET L 65 17.18 53.93 9.99
N ASN L 66 18.26 54.07 9.25
CA ASN L 66 18.19 54.13 7.81
C ASN L 66 17.62 52.84 7.23
N VAL L 67 16.67 52.99 6.32
CA VAL L 67 16.07 51.85 5.62
C VAL L 67 16.83 51.65 4.33
N SER L 68 17.47 50.49 4.19
CA SER L 68 18.29 50.23 3.02
C SER L 68 17.40 49.99 1.80
N ASN L 69 17.96 50.28 0.63
CA ASN L 69 17.32 50.01 -0.63
C ASN L 69 18.31 49.30 -1.54
N ARG L 70 17.79 48.42 -2.39
CA ARG L 70 18.61 47.82 -3.43
C ARG L 70 17.72 47.46 -4.59
N ASP L 71 18.34 47.31 -5.75
CA ASP L 71 17.63 47.06 -7.00
C ASP L 71 18.04 45.69 -7.54
N ALA L 72 17.06 44.81 -7.68
CA ALA L 72 17.29 43.47 -8.22
C ALA L 72 17.08 43.52 -9.73
N GLU L 73 18.17 43.32 -10.48
CA GLU L 73 18.15 43.47 -11.93
C GLU L 73 18.10 42.10 -12.60
N ALA L 74 17.03 41.84 -13.33
CA ALA L 74 16.91 40.63 -14.12
C ALA L 74 17.37 40.91 -15.54
N VAL L 75 18.47 40.30 -15.94
CA VAL L 75 19.05 40.52 -17.26
C VAL L 75 18.40 39.57 -18.24
N ILE L 76 17.84 40.12 -19.32
CA ILE L 76 17.10 39.35 -20.29
C ILE L 76 18.07 38.68 -21.25
N GLU L 77 17.87 37.39 -21.51
CA GLU L 77 18.72 36.63 -22.42
C GLU L 77 17.86 35.92 -23.45
N ASP L 78 18.46 35.64 -24.61
CA ASP L 78 17.78 35.03 -25.74
C ASP L 78 18.33 33.63 -25.98
N TRP L 79 17.44 32.67 -26.15
CA TRP L 79 17.82 31.28 -26.40
C TRP L 79 17.12 30.77 -27.65
N TYR L 80 17.84 29.98 -28.44
CA TYR L 80 17.34 29.46 -29.70
C TYR L 80 17.47 27.95 -29.73
N ALA L 81 16.40 27.26 -30.11
CA ALA L 81 16.42 25.83 -30.39
C ALA L 81 16.13 25.64 -31.86
N SER L 82 17.04 25.00 -32.59
CA SER L 82 16.94 24.94 -34.03
C SER L 82 17.34 23.56 -34.52
N GLU L 83 16.90 23.24 -35.74
CA GLU L 83 17.33 22.03 -36.43
C GLU L 83 17.14 22.22 -37.92
N TYR L 84 17.79 21.35 -38.68
CA TYR L 84 17.70 21.36 -40.14
C TYR L 84 17.11 20.04 -40.62
N ALA L 85 16.40 20.10 -41.74
CA ALA L 85 15.81 18.91 -42.36
C ALA L 85 16.09 18.99 -43.85
N ASP L 86 17.14 18.29 -44.29
CA ASP L 86 17.53 18.34 -45.69
C ASP L 86 16.46 17.70 -46.57
N ARG L 87 16.27 18.26 -47.76
CA ARG L 87 15.24 17.76 -48.66
C ARG L 87 15.54 16.35 -49.17
N SER L 88 16.80 15.93 -49.14
CA SER L 88 17.13 14.59 -49.61
C SER L 88 16.53 13.52 -48.71
N PHE L 89 16.13 13.86 -47.49
CA PHE L 89 15.52 12.92 -46.58
C PHE L 89 14.00 12.90 -46.70
N GLN L 90 13.40 13.76 -47.53
CA GLN L 90 11.95 13.80 -47.63
C GLN L 90 11.39 12.50 -48.18
N ASN L 91 11.94 12.02 -49.29
CA ASN L 91 11.47 10.78 -49.89
C ASN L 91 12.05 9.54 -49.23
N LYS L 92 13.08 9.68 -48.39
CA LYS L 92 13.70 8.55 -47.74
C LYS L 92 13.20 8.32 -46.33
N LEU L 93 12.23 9.10 -45.87
CA LEU L 93 11.69 8.99 -44.53
C LEU L 93 10.19 8.75 -44.58
N ALA L 94 9.71 7.86 -43.72
CA ALA L 94 8.27 7.67 -43.57
C ALA L 94 7.65 8.68 -42.62
N VAL L 95 8.45 9.39 -41.84
CA VAL L 95 7.96 10.36 -40.90
C VAL L 95 8.10 11.75 -41.52
N ASN L 96 7.44 12.73 -40.90
CA ASN L 96 7.56 14.14 -41.29
C ASN L 96 8.61 14.76 -40.37
N ALA L 97 9.83 14.90 -40.89
CA ALA L 97 10.93 15.36 -40.04
C ALA L 97 10.71 16.79 -39.56
N VAL L 98 10.07 17.62 -40.38
CA VAL L 98 9.84 19.01 -39.99
C VAL L 98 8.87 19.06 -38.81
N GLU L 99 7.82 18.26 -38.85
CA GLU L 99 6.85 18.28 -37.75
C GLU L 99 7.46 17.75 -36.46
N GLU L 100 8.27 16.68 -36.55
CA GLU L 100 8.93 16.17 -35.35
C GLU L 100 9.93 17.16 -34.80
N TYR L 101 10.69 17.83 -35.67
CA TYR L 101 11.66 18.80 -35.21
C TYR L 101 10.98 19.99 -34.55
N ALA L 102 9.85 20.44 -35.11
CA ALA L 102 9.12 21.54 -34.50
C ALA L 102 8.63 21.17 -33.11
N LYS L 103 8.13 19.95 -32.95
CA LYS L 103 7.69 19.50 -31.63
C LYS L 103 8.84 19.39 -30.66
N LEU L 104 9.99 18.87 -31.11
CA LEU L 104 11.13 18.72 -30.22
C LEU L 104 11.72 20.05 -29.82
N CYS L 105 11.78 21.00 -30.75
CA CYS L 105 12.34 22.31 -30.44
C CYS L 105 11.48 23.08 -29.45
N ALA L 106 10.16 22.87 -29.48
CA ALA L 106 9.29 23.50 -28.50
C ALA L 106 9.58 22.99 -27.10
N TRP L 107 9.81 21.69 -26.95
CA TRP L 107 10.14 21.14 -25.64
C TRP L 107 11.51 21.63 -25.17
N ALA L 108 12.45 21.80 -26.08
CA ALA L 108 13.76 22.32 -25.70
C ALA L 108 13.66 23.72 -25.13
N ILE L 109 12.82 24.56 -25.73
CA ILE L 109 12.60 25.91 -25.21
C ILE L 109 11.96 25.83 -23.82
N GLY L 110 10.98 24.96 -23.66
CA GLY L 110 10.35 24.81 -22.36
C GLY L 110 11.29 24.33 -21.28
N ARG L 111 12.24 23.46 -21.65
CA ARG L 111 13.22 23.00 -20.68
C ARG L 111 14.21 24.10 -20.31
N ARG L 112 14.51 25.00 -21.25
CA ARG L 112 15.38 26.13 -20.95
C ARG L 112 14.69 27.10 -20.00
N ALA L 113 13.38 27.28 -20.13
CA ALA L 113 12.66 28.14 -19.21
C ALA L 113 12.75 27.64 -17.77
N ASP L 114 12.64 26.32 -17.59
CA ASP L 114 12.85 25.75 -16.27
C ASP L 114 14.29 25.93 -15.80
N GLN L 115 15.25 25.74 -16.71
CA GLN L 115 16.66 25.83 -16.32
C GLN L 115 17.03 27.23 -15.89
N ILE L 116 16.41 28.26 -16.48
CA ILE L 116 16.68 29.62 -16.07
C ILE L 116 16.26 29.83 -14.62
N ASN L 117 15.10 29.32 -14.24
CA ASN L 117 14.65 29.42 -12.86
C ASN L 117 15.57 28.65 -11.92
N ILE L 118 15.94 27.43 -12.29
CA ILE L 118 16.78 26.60 -11.42
C ILE L 118 18.14 27.24 -11.24
N ASP L 119 18.74 27.73 -12.32
CA ASP L 119 20.08 28.32 -12.22
C ASP L 119 20.06 29.55 -11.32
N THR L 120 19.03 30.39 -11.43
CA THR L 120 18.94 31.56 -10.58
C THR L 120 18.79 31.18 -9.11
N ILE L 121 17.95 30.18 -8.83
CA ILE L 121 17.72 29.77 -7.45
C ILE L 121 18.96 29.13 -6.86
N ALA L 122 19.58 28.21 -7.61
CA ALA L 122 20.77 27.53 -7.13
C ALA L 122 21.99 28.45 -7.12
N GLY L 123 21.95 29.56 -7.84
CA GLY L 123 23.06 30.46 -7.90
C GLY L 123 23.24 31.36 -6.70
N ALA L 124 22.27 31.39 -5.79
CA ALA L 124 22.42 32.19 -4.59
C ALA L 124 23.43 31.54 -3.65
N THR L 125 23.86 32.31 -2.65
CA THR L 125 24.81 31.83 -1.65
C THR L 125 24.02 31.34 -0.44
N TYR L 126 24.25 30.09 -0.07
CA TYR L 126 23.55 29.47 1.05
C TYR L 126 24.51 29.18 2.18
N SER L 127 24.09 29.49 3.40
CA SER L 127 24.91 29.28 4.58
C SER L 127 24.05 28.73 5.70
N ALA L 128 24.69 27.96 6.59
CA ALA L 128 24.00 27.46 7.77
C ALA L 128 23.79 28.55 8.81
N THR L 129 24.49 29.67 8.69
CA THR L 129 24.28 30.84 9.55
C THR L 129 24.16 32.06 8.66
N PRO L 130 23.07 32.16 7.90
CA PRO L 130 23.00 33.17 6.84
C PRO L 130 22.87 34.58 7.39
N ASN L 131 23.35 35.53 6.60
CA ASN L 131 23.08 36.94 6.82
C ASN L 131 21.94 37.37 5.91
N ASP L 132 21.66 38.67 5.86
CA ASP L 132 20.51 39.16 5.12
C ASP L 132 20.62 38.92 3.62
N GLN L 133 21.81 38.64 3.11
CA GLN L 133 22.02 38.45 1.67
C GLN L 133 22.28 37.01 1.29
N GLN L 134 22.03 36.06 2.20
CA GLN L 134 22.26 34.65 1.92
C GLN L 134 21.01 33.84 2.22
N GLY L 135 20.82 32.78 1.44
CA GLY L 135 19.80 31.82 1.76
C GLY L 135 20.23 30.88 2.86
N ALA L 136 19.27 30.18 3.43
CA ALA L 136 19.53 29.25 4.51
C ALA L 136 19.88 27.88 3.95
N LEU L 137 20.75 27.17 4.66
CA LEU L 137 21.24 25.87 4.22
C LEU L 137 20.99 24.83 5.32
N VAL L 138 20.48 23.68 4.91
CA VAL L 138 20.37 22.52 5.79
C VAL L 138 21.47 21.54 5.38
N PRO L 139 22.51 21.39 6.18
CA PRO L 139 23.67 20.60 5.74
C PRO L 139 23.32 19.14 5.54
N VAL L 140 24.12 18.49 4.69
CA VAL L 140 23.84 17.11 4.30
C VAL L 140 23.93 16.17 5.51
N GLY L 141 24.89 16.41 6.39
CA GLY L 141 25.09 15.48 7.49
C GLY L 141 25.49 14.12 6.98
N THR L 142 24.78 13.09 7.43
CA THR L 142 25.07 11.72 7.02
C THR L 142 23.80 10.96 6.66
N THR L 143 22.78 11.67 6.17
CA THR L 143 21.48 11.08 5.90
C THR L 143 20.97 11.56 4.56
N GLY L 144 19.91 10.93 4.09
CA GLY L 144 19.20 11.37 2.91
C GLY L 144 18.15 12.40 3.26
N PHE L 145 17.17 12.55 2.36
CA PHE L 145 16.07 13.47 2.57
C PHE L 145 15.09 12.83 3.54
N THR L 146 15.24 13.14 4.83
CA THR L 146 14.40 12.59 5.87
C THR L 146 13.29 13.58 6.22
N PHE L 147 12.37 13.12 7.07
CA PHE L 147 11.34 14.02 7.58
C PHE L 147 11.95 15.13 8.43
N GLU L 148 13.07 14.85 9.10
CA GLU L 148 13.72 15.87 9.91
C GLU L 148 14.21 17.03 9.04
N LYS L 149 14.80 16.72 7.89
CA LYS L 149 15.27 17.78 7.01
C LYS L 149 14.11 18.58 6.44
N LEU L 150 12.98 17.92 6.18
CA LEU L 150 11.79 18.64 5.73
C LEU L 150 11.33 19.64 6.79
N ARG L 151 11.35 19.23 8.06
CA ARG L 151 10.97 20.14 9.13
C ARG L 151 11.97 21.27 9.28
N GLN L 152 13.27 21.00 9.09
CA GLN L 152 14.27 22.04 9.25
C GLN L 152 14.15 23.09 8.15
N ALA L 153 13.86 22.67 6.92
CA ALA L 153 13.67 23.64 5.84
C ALA L 153 12.46 24.52 6.11
N HIS L 154 11.36 23.93 6.56
CA HIS L 154 10.20 24.72 6.92
C HIS L 154 10.49 25.63 8.11
N ARG L 155 11.43 25.23 8.96
CA ARG L 155 11.82 26.08 10.08
C ARG L 155 12.43 27.39 9.60
N TRP L 156 13.29 27.32 8.57
CA TRP L 156 13.99 28.52 8.12
C TRP L 156 13.02 29.51 7.49
N LEU L 157 12.04 29.02 6.74
CA LEU L 157 11.04 29.93 6.18
C LEU L 157 10.25 30.61 7.28
N ARG L 158 9.88 29.87 8.32
CA ARG L 158 9.16 30.47 9.43
C ARG L 158 10.02 31.47 10.20
N GLN L 159 11.29 31.12 10.42
CA GLN L 159 12.16 31.97 11.22
C GLN L 159 12.39 33.31 10.56
N ARG L 160 12.54 33.33 9.24
CA ARG L 160 12.87 34.55 8.52
C ARG L 160 11.65 35.21 7.91
N SER L 161 10.47 34.94 8.46
CA SER L 161 9.23 35.63 8.08
C SER L 161 8.94 35.49 6.59
N ALA L 162 9.23 34.32 6.05
CA ALA L 162 8.99 34.02 4.64
C ALA L 162 8.05 32.83 4.48
N ASN L 163 7.15 32.64 5.44
CA ASN L 163 6.26 31.48 5.46
C ASN L 163 4.83 31.83 5.09
N ARG L 164 4.61 33.02 4.53
CA ARG L 164 3.28 33.44 4.12
C ARG L 164 3.23 33.56 2.61
N GLY L 165 2.10 33.16 2.03
CA GLY L 165 1.94 33.17 0.61
C GLY L 165 2.15 31.80 -0.01
N LYS L 166 2.51 31.82 -1.28
CA LYS L 166 2.74 30.59 -2.02
C LYS L 166 4.21 30.17 -1.90
N ARG L 167 4.44 28.92 -1.55
CA ARG L 167 5.78 28.39 -1.36
C ARG L 167 5.93 27.11 -2.17
N THR L 168 7.06 26.95 -2.83
CA THR L 168 7.31 25.84 -3.73
C THR L 168 8.57 25.11 -3.32
N VAL L 169 8.56 23.79 -3.48
CA VAL L 169 9.70 22.93 -3.20
C VAL L 169 10.04 22.19 -4.47
N ILE L 170 11.29 22.27 -4.90
CA ILE L 170 11.76 21.55 -6.08
C ILE L 170 12.73 20.47 -5.63
N ILE L 171 12.41 19.22 -5.95
CA ILE L 171 13.22 18.07 -5.60
C ILE L 171 13.35 17.19 -6.84
N ASP L 172 14.34 16.31 -6.82
CA ASP L 172 14.52 15.38 -7.92
C ASP L 172 13.87 14.04 -7.59
N ALA L 173 14.04 13.07 -8.49
CA ALA L 173 13.37 11.78 -8.32
C ALA L 173 13.87 11.04 -7.09
N ILE L 174 15.17 11.09 -6.83
CA ILE L 174 15.72 10.36 -5.69
C ILE L 174 15.18 10.92 -4.39
N ALA L 175 15.06 12.25 -4.28
CA ALA L 175 14.51 12.85 -3.08
C ALA L 175 13.08 12.40 -2.84
N GLU L 176 12.28 12.31 -3.91
CA GLU L 176 10.92 11.83 -3.77
C GLU L 176 10.88 10.39 -3.28
N GLU L 177 11.78 9.56 -3.80
CA GLU L 177 11.79 8.15 -3.42
C GLU L 177 12.03 7.98 -1.93
N GLN L 178 12.97 8.75 -1.37
CA GLN L 178 13.25 8.65 0.05
C GLN L 178 12.12 9.27 0.88
N LEU L 179 11.50 10.33 0.38
CA LEU L 179 10.42 10.97 1.12
C LEU L 179 9.13 10.15 1.09
N LEU L 180 8.99 9.25 0.12
CA LEU L 180 7.81 8.41 0.07
C LEU L 180 7.77 7.38 1.19
N ASN L 181 8.87 7.20 1.91
CA ASN L 181 8.92 6.31 3.06
C ASN L 181 8.51 6.99 4.35
N VAL L 182 8.27 8.30 4.33
CA VAL L 182 7.90 9.03 5.53
C VAL L 182 6.41 8.81 5.81
N GLU L 183 6.10 8.36 7.02
CA GLU L 183 4.72 8.05 7.36
C GLU L 183 3.85 9.31 7.36
N GLN L 184 4.39 10.43 7.84
CA GLN L 184 3.60 11.65 7.95
C GLN L 184 3.21 12.23 6.59
N LEU L 185 3.81 11.78 5.51
CA LEU L 185 3.45 12.25 4.18
C LEU L 185 2.44 11.37 3.47
N THR L 186 2.36 10.09 3.84
CA THR L 186 1.55 9.13 3.09
C THR L 186 0.38 8.57 3.88
N ASN L 187 0.33 8.77 5.19
CA ASN L 187 -0.72 8.21 6.02
C ASN L 187 -1.79 9.26 6.27
N SER L 188 -3.05 8.87 6.12
CA SER L 188 -4.14 9.81 6.34
C SER L 188 -4.40 10.09 7.81
N PHE L 189 -3.61 9.50 8.71
CA PHE L 189 -3.60 9.97 10.09
C PHE L 189 -3.15 11.42 10.17
N TYR L 190 -2.24 11.82 9.29
CA TYR L 190 -1.58 13.12 9.36
C TYR L 190 -2.00 14.08 8.27
N VAL L 191 -2.39 13.59 7.10
CA VAL L 191 -2.72 14.43 5.96
C VAL L 191 -4.05 13.97 5.37
N ASN L 192 -4.66 14.85 4.58
CA ASN L 192 -5.94 14.56 3.97
C ASN L 192 -5.80 13.81 2.65
N GLN L 193 -4.99 14.33 1.73
CA GLN L 193 -4.78 13.66 0.46
C GLN L 193 -3.97 12.39 0.66
N LYS L 194 -4.29 11.38 -0.13
CA LYS L 194 -3.55 10.12 -0.15
C LYS L 194 -2.69 10.13 -1.41
N ILE L 195 -1.40 10.44 -1.25
CA ILE L 195 -0.54 10.63 -2.40
C ILE L 195 -0.20 9.31 -3.09
N LEU L 196 -0.44 8.18 -2.44
CA LEU L 196 -0.19 6.90 -3.09
C LEU L 196 -1.31 6.51 -4.05
N ASP L 197 -2.45 7.19 -4.01
CA ASP L 197 -3.48 7.07 -5.03
C ASP L 197 -3.37 8.16 -6.09
N ASN L 198 -2.25 8.85 -6.13
CA ASN L 198 -2.09 10.07 -6.91
C ASN L 198 -0.69 10.03 -7.53
N ASP L 199 -0.20 11.19 -7.95
CA ASP L 199 1.11 11.30 -8.56
C ASP L 199 2.23 11.41 -7.52
N GLY L 200 2.01 10.90 -6.32
CA GLY L 200 3.08 10.89 -5.34
C GLY L 200 3.36 12.28 -4.83
N LEU L 201 4.64 12.63 -4.73
CA LEU L 201 5.01 13.96 -4.26
C LEU L 201 4.82 15.03 -5.31
N HIS L 202 4.65 14.67 -6.57
CA HIS L 202 4.45 15.66 -7.61
C HIS L 202 3.08 16.29 -7.46
N GLY L 203 3.05 17.58 -7.13
CA GLY L 203 1.80 18.29 -6.94
C GLY L 203 1.20 18.18 -5.55
N MET L 204 1.83 17.44 -4.65
CA MET L 204 1.32 17.34 -3.29
C MET L 204 1.49 18.67 -2.56
N THR L 205 0.60 18.91 -1.61
CA THR L 205 0.68 20.10 -0.76
C THR L 205 0.88 19.67 0.68
N PHE L 206 1.97 20.14 1.29
CA PHE L 206 2.31 19.76 2.65
C PHE L 206 2.74 21.00 3.41
N LEU L 207 2.08 21.26 4.54
CA LEU L 207 2.36 22.43 5.36
C LEU L 207 2.19 23.72 4.56
N GLY L 208 1.33 23.69 3.55
CA GLY L 208 1.10 24.85 2.71
C GLY L 208 2.06 25.01 1.55
N MET L 209 3.00 24.09 1.35
CA MET L 209 4.00 24.19 0.31
C MET L 209 3.69 23.20 -0.80
N ASN L 210 3.83 23.65 -2.05
CA ASN L 210 3.60 22.82 -3.21
C ASN L 210 4.90 22.17 -3.66
N PHE L 211 4.85 20.88 -3.97
CA PHE L 211 6.03 20.11 -4.33
C PHE L 211 6.07 19.89 -5.83
N ILE L 212 7.24 20.08 -6.43
CA ILE L 212 7.46 19.83 -7.84
C ILE L 212 8.67 18.91 -7.97
N VAL L 213 8.53 17.85 -8.75
CA VAL L 213 9.59 16.88 -8.94
C VAL L 213 10.19 17.11 -10.32
N ILE L 214 11.45 17.54 -10.34
CA ILE L 214 12.17 17.80 -11.58
C ILE L 214 12.84 16.52 -12.02
N PRO L 215 12.59 16.02 -13.23
CA PRO L 215 13.27 14.82 -13.72
C PRO L 215 14.69 15.18 -14.14
N SER L 216 15.41 14.16 -14.61
CA SER L 216 16.75 14.38 -15.13
C SER L 216 16.69 15.16 -16.44
N MET L 217 17.58 16.13 -16.58
CA MET L 217 17.57 17.03 -17.73
C MET L 217 18.97 17.13 -18.30
N GLN L 218 19.08 17.10 -19.63
CA GLN L 218 20.38 17.29 -20.27
C GLN L 218 20.90 18.69 -20.06
N GLU L 219 20.00 19.67 -19.89
CA GLU L 219 20.40 21.04 -19.60
C GLU L 219 21.02 21.19 -18.22
N GLY L 220 20.89 20.19 -17.36
CA GLY L 220 21.48 20.23 -16.04
C GLY L 220 20.51 19.83 -14.95
N GLY L 221 19.26 20.26 -15.08
CA GLY L 221 18.28 19.95 -14.06
C GLY L 221 18.68 20.54 -12.72
N LEU L 222 18.31 19.84 -11.67
CA LEU L 222 18.71 20.25 -10.33
C LEU L 222 20.20 19.98 -10.14
N PRO L 223 20.99 20.96 -9.72
CA PRO L 223 22.42 20.75 -9.59
C PRO L 223 22.75 19.80 -8.45
N THR L 224 23.88 19.12 -8.58
CA THR L 224 24.38 18.22 -7.56
C THR L 224 25.70 18.75 -7.01
N THR L 225 26.10 18.23 -5.87
CA THR L 225 27.33 18.65 -5.21
C THR L 225 28.00 17.43 -4.58
N GLY L 226 29.17 17.66 -4.00
CA GLY L 226 29.91 16.57 -3.40
C GLY L 226 30.36 15.51 -4.38
N GLY L 227 30.77 15.93 -5.57
CA GLY L 227 31.17 14.98 -6.58
C GLY L 227 30.05 14.09 -7.08
N GLY L 228 28.83 14.63 -7.17
CA GLY L 228 27.71 13.85 -7.65
C GLY L 228 27.14 12.88 -6.67
N THR L 229 27.42 13.02 -5.37
CA THR L 229 26.87 12.14 -4.36
C THR L 229 25.86 12.82 -3.45
N VAL L 230 25.79 14.14 -3.47
CA VAL L 230 24.87 14.90 -2.62
C VAL L 230 23.91 15.66 -3.52
N GLY L 231 22.62 15.42 -3.35
CA GLY L 231 21.62 16.16 -4.09
C GLY L 231 21.23 17.44 -3.38
N ARG L 232 20.72 18.39 -4.15
CA ARG L 232 20.32 19.69 -3.64
C ARG L 232 18.86 19.93 -3.96
N ALA L 233 18.09 20.28 -2.92
CA ALA L 233 16.68 20.62 -3.05
C ALA L 233 16.47 22.03 -2.53
N PHE L 234 15.44 22.71 -3.05
CA PHE L 234 15.27 24.12 -2.76
C PHE L 234 13.84 24.43 -2.36
N PHE L 235 13.71 25.30 -1.37
CA PHE L 235 12.42 25.82 -0.90
C PHE L 235 12.37 27.29 -1.26
N ILE L 236 11.34 27.70 -1.99
CA ILE L 236 11.26 29.05 -2.54
C ILE L 236 9.94 29.69 -2.13
N ASN L 237 10.01 30.87 -1.55
CA ASN L 237 8.83 31.72 -1.44
C ASN L 237 8.63 32.43 -2.76
N GLU L 238 7.36 32.57 -3.17
CA GLU L 238 7.05 33.07 -4.49
C GLU L 238 7.64 34.46 -4.73
N MET L 239 7.64 35.32 -3.71
CA MET L 239 8.12 36.68 -3.87
C MET L 239 9.63 36.80 -3.77
N ALA L 240 10.34 35.71 -3.50
CA ALA L 240 11.78 35.77 -3.32
C ALA L 240 12.55 35.76 -4.65
N VAL L 241 11.90 35.38 -5.75
CA VAL L 241 12.54 35.29 -7.04
C VAL L 241 11.65 35.96 -8.08
N GLY L 242 12.25 36.79 -8.94
CA GLY L 242 11.55 37.47 -9.99
C GLY L 242 11.93 36.90 -11.35
N TYR L 243 10.92 36.70 -12.19
CA TYR L 243 11.09 36.13 -13.52
C TYR L 243 10.44 37.08 -14.53
N ALA L 244 11.25 37.69 -15.37
CA ALA L 244 10.78 38.62 -16.40
C ALA L 244 10.75 37.88 -17.73
N GLN L 245 9.60 37.87 -18.38
CA GLN L 245 9.40 37.13 -19.62
C GLN L 245 9.01 38.09 -20.72
N SER L 246 9.86 38.23 -21.72
CA SER L 246 9.56 39.09 -22.86
C SER L 246 8.91 38.32 -24.00
N GLU L 247 9.30 37.07 -24.22
CA GLU L 247 8.70 36.25 -25.26
C GLU L 247 8.73 34.81 -24.78
N ARG L 248 7.55 34.23 -24.57
CA ARG L 248 7.49 32.86 -24.06
C ARG L 248 7.95 31.85 -25.11
N LEU L 249 7.42 31.95 -26.33
CA LEU L 249 7.74 30.97 -27.37
C LEU L 249 7.45 31.59 -28.73
N GLY L 250 8.51 32.03 -29.42
CA GLY L 250 8.42 32.43 -30.80
C GLY L 250 9.03 31.37 -31.69
N GLY L 251 8.88 31.57 -32.99
CA GLY L 251 9.42 30.59 -33.93
C GLY L 251 9.18 30.99 -35.36
N ASP L 252 9.79 30.20 -36.25
CA ASP L 252 9.68 30.40 -37.69
C ASP L 252 10.27 29.17 -38.38
N ILE L 253 9.57 28.68 -39.40
CA ILE L 253 10.05 27.59 -40.23
C ILE L 253 10.17 28.10 -41.65
N SER L 254 11.35 27.95 -42.24
CA SER L 254 11.64 28.51 -43.54
C SER L 254 12.35 27.50 -44.41
N TRP L 255 12.22 27.68 -45.72
CA TRP L 255 12.95 26.87 -46.69
C TRP L 255 14.20 27.60 -47.11
N GLU L 256 15.35 26.97 -46.93
CA GLU L 256 16.64 27.53 -47.31
C GLU L 256 17.11 26.82 -48.56
N ASN L 257 17.00 27.50 -49.71
CA ASN L 257 17.38 26.88 -50.97
C ASN L 257 18.88 26.66 -51.06
N ILE L 258 19.68 27.55 -50.47
CA ILE L 258 21.13 27.41 -50.57
C ILE L 258 21.59 26.13 -49.91
N LYS L 259 21.05 25.82 -48.74
CA LYS L 259 21.38 24.58 -48.04
C LYS L 259 20.43 23.44 -48.36
N THR L 260 19.44 23.67 -49.23
CA THR L 260 18.44 22.67 -49.61
C THR L 260 17.83 22.00 -48.39
N SER L 261 17.55 22.79 -47.36
CA SER L 261 17.06 22.27 -46.10
C SER L 261 15.96 23.16 -45.55
N TYR L 262 15.14 22.59 -44.69
CA TYR L 262 14.18 23.35 -43.91
C TYR L 262 14.80 23.69 -42.57
N LEU L 263 14.75 24.96 -42.20
CA LEU L 263 15.26 25.41 -40.92
C LEU L 263 14.10 25.62 -39.96
N ILE L 264 14.04 24.79 -38.93
CA ILE L 264 13.07 24.93 -37.85
C ILE L 264 13.75 25.72 -36.75
N ASN L 265 13.18 26.86 -36.38
CA ASN L 265 13.85 27.80 -35.48
C ASN L 265 12.84 28.33 -34.48
N MET L 266 13.04 28.02 -33.21
CA MET L 266 12.18 28.53 -32.14
C MET L 266 13.03 29.21 -31.08
N TRP L 267 12.44 30.19 -30.40
CA TRP L 267 13.22 31.01 -29.49
C TRP L 267 12.37 31.43 -28.30
N MET L 268 13.06 31.83 -27.24
CA MET L 268 12.45 32.43 -26.06
C MET L 268 13.31 33.59 -25.62
N GLU L 269 12.77 34.41 -24.73
CA GLU L 269 13.46 35.62 -24.30
C GLU L 269 12.99 35.96 -22.89
N ALA L 270 13.83 35.69 -21.90
CA ALA L 270 13.45 35.89 -20.51
C ALA L 270 14.70 36.01 -19.66
N GLY L 271 14.49 36.38 -18.40
CA GLY L 271 15.56 36.47 -17.43
C GLY L 271 15.01 36.36 -16.03
N ALA L 272 15.90 36.10 -15.07
CA ALA L 272 15.48 35.89 -13.70
C ALA L 272 16.52 36.49 -12.76
N VAL L 273 16.09 36.75 -11.53
CA VAL L 273 16.94 37.34 -10.51
C VAL L 273 16.38 36.97 -9.15
N VAL L 274 17.22 37.06 -8.12
CA VAL L 274 16.81 36.78 -6.75
C VAL L 274 16.42 38.10 -6.11
N ILE L 275 15.13 38.27 -5.83
CA ILE L 275 14.65 39.49 -5.18
C ILE L 275 15.10 39.51 -3.71
N ASP L 276 14.95 38.38 -3.02
CA ASP L 276 15.21 38.35 -1.59
C ASP L 276 15.75 36.99 -1.18
N PRO L 277 17.02 36.89 -0.80
CA PRO L 277 17.57 35.59 -0.39
C PRO L 277 16.92 35.01 0.84
N LYS L 278 16.23 35.82 1.65
CA LYS L 278 15.60 35.33 2.86
C LYS L 278 14.49 34.33 2.60
N GLY L 279 13.98 34.24 1.37
CA GLY L 279 12.94 33.29 1.05
C GLY L 279 13.45 32.05 0.36
N LEU L 280 14.74 31.78 0.45
CA LEU L 280 15.36 30.64 -0.20
C LEU L 280 16.00 29.73 0.86
N VAL L 281 15.70 28.44 0.77
CA VAL L 281 16.28 27.43 1.65
C VAL L 281 16.80 26.30 0.78
N GLU L 282 17.99 25.80 1.10
CA GLU L 282 18.58 24.67 0.40
C GLU L 282 18.70 23.49 1.36
N VAL L 283 18.32 22.32 0.88
CA VAL L 283 18.44 21.07 1.64
C VAL L 283 19.39 20.16 0.90
N ASP L 284 20.37 19.63 1.62
CA ASP L 284 21.36 18.72 1.06
C ASP L 284 21.12 17.32 1.61
N TYR L 285 21.12 16.33 0.74
CA TYR L 285 20.87 14.96 1.14
C TYR L 285 21.78 14.02 0.37
N LEU L 286 22.06 12.87 0.96
CA LEU L 286 22.86 11.85 0.32
C LEU L 286 22.04 11.11 -0.72
N LEU L 287 22.56 11.00 -1.94
CA LEU L 287 21.84 10.28 -2.98
C LEU L 287 21.76 8.78 -2.68
N GLU L 288 22.75 8.23 -1.98
CA GLU L 288 22.73 6.83 -1.55
C GLU L 288 23.02 6.79 -0.05
N PRO L 289 22.01 7.08 0.78
CA PRO L 289 22.18 7.12 2.24
C PRO L 289 22.64 5.79 2.81
N SER M 2 22.73 46.42 -37.48
CA SER M 2 24.04 46.51 -36.84
C SER M 2 23.93 46.21 -35.36
N LEU M 3 25.01 45.71 -34.77
CA LEU M 3 25.03 45.45 -33.34
C LEU M 3 25.20 46.71 -32.51
N ALA M 4 25.36 47.86 -33.14
CA ALA M 4 25.38 49.12 -32.40
C ALA M 4 24.03 49.44 -31.79
N LEU M 5 22.97 48.73 -32.16
CA LEU M 5 21.66 48.95 -31.57
C LEU M 5 21.66 48.69 -30.07
N SER M 6 22.62 47.92 -29.56
CA SER M 6 22.66 47.65 -28.13
C SER M 6 22.96 48.90 -27.31
N GLN M 7 23.43 49.97 -27.94
CA GLN M 7 23.71 51.20 -27.22
C GLN M 7 22.47 52.04 -26.96
N ILE M 8 21.36 51.75 -27.64
CA ILE M 8 20.13 52.50 -27.41
C ILE M 8 19.07 51.57 -26.85
N GLU M 9 19.51 50.52 -26.15
CA GLU M 9 18.58 49.65 -25.46
C GLU M 9 17.92 50.37 -24.29
N ILE M 10 16.70 49.96 -23.98
CA ILE M 10 15.94 50.55 -22.90
C ILE M 10 15.90 49.58 -21.73
N GLN M 11 15.45 50.06 -20.58
CA GLN M 11 15.28 49.24 -19.39
C GLN M 11 13.91 49.52 -18.79
N GLN M 12 13.37 48.52 -18.09
CA GLN M 12 12.04 48.60 -17.52
C GLN M 12 12.14 48.60 -16.01
N PHE M 13 11.45 49.55 -15.38
CA PHE M 13 11.44 49.69 -13.94
C PHE M 13 10.02 49.42 -13.43
N LEU M 14 9.90 48.47 -12.51
CA LEU M 14 8.59 48.08 -11.99
C LEU M 14 8.20 49.00 -10.84
N SER M 15 6.92 49.40 -10.82
CA SER M 15 6.44 50.31 -9.80
C SER M 15 6.01 49.61 -8.52
N GLU M 16 5.92 48.29 -8.52
CA GLU M 16 5.53 47.55 -7.33
C GLU M 16 6.78 47.16 -6.55
N ALA M 17 6.93 47.74 -5.36
CA ALA M 17 8.11 47.51 -4.54
C ALA M 17 7.91 46.29 -3.65
N HIS M 18 9.02 45.66 -3.29
CA HIS M 18 9.03 44.52 -2.40
C HIS M 18 9.71 44.90 -1.10
N ALA M 19 9.00 44.74 0.01
CA ALA M 19 9.58 44.93 1.33
C ALA M 19 10.19 43.61 1.78
N GLU M 20 11.40 43.68 2.34
CA GLU M 20 12.09 42.48 2.77
C GLU M 20 11.26 41.71 3.78
N PHE M 21 11.35 40.39 3.73
CA PHE M 21 10.59 39.54 4.64
C PHE M 21 10.88 39.93 6.08
N GLN M 22 9.84 40.39 6.77
CA GLN M 22 9.98 40.88 8.13
C GLN M 22 8.66 40.69 8.84
N SER M 23 8.72 40.71 10.17
CA SER M 23 7.52 40.61 11.00
C SER M 23 6.80 41.94 11.03
N GLU M 24 5.47 41.90 11.00
CA GLU M 24 4.66 43.09 11.08
C GLU M 24 4.37 43.51 12.52
N GLY M 25 4.86 42.75 13.49
CA GLY M 25 4.71 43.13 14.87
C GLY M 25 3.31 42.88 15.41
N PHE M 26 3.12 43.31 16.66
CA PHE M 26 1.85 43.17 17.37
C PHE M 26 1.39 41.73 17.43
N LEU M 27 2.33 40.79 17.50
CA LEU M 27 1.97 39.38 17.60
C LEU M 27 1.43 39.03 18.97
N LEU M 28 1.88 39.71 20.02
CA LEU M 28 1.48 39.42 21.39
C LEU M 28 0.38 40.36 21.87
N GLN M 29 -0.26 41.08 20.95
CA GLN M 29 -1.36 41.96 21.34
C GLN M 29 -2.51 41.15 21.91
N GLY M 30 -2.94 41.51 23.12
CA GLY M 30 -4.03 40.83 23.77
C GLY M 30 -3.66 39.54 24.46
N ALA M 31 -2.40 39.11 24.39
CA ALA M 31 -1.99 37.87 25.04
C ALA M 31 -1.80 38.03 26.53
N VAL M 32 -1.67 39.27 27.02
CA VAL M 32 -1.49 39.54 28.44
C VAL M 32 -2.49 40.59 28.88
N ARG M 33 -2.57 40.81 30.18
CA ARG M 33 -3.49 41.78 30.75
C ARG M 33 -3.08 43.18 30.34
N THR M 34 -3.85 43.80 29.44
CA THR M 34 -3.51 45.09 28.86
C THR M 34 -4.38 46.19 29.46
N LYS M 35 -3.75 47.30 29.83
CA LYS M 35 -4.43 48.49 30.29
C LYS M 35 -4.14 49.61 29.30
N SER M 36 -5.18 50.09 28.63
CA SER M 36 -5.01 51.12 27.62
C SER M 36 -5.26 52.51 28.19
N GLY M 37 -4.72 53.51 27.50
CA GLY M 37 -4.92 54.89 27.92
C GLY M 37 -4.31 55.25 29.24
N THR M 38 -3.22 54.60 29.63
CA THR M 38 -2.60 54.89 30.91
C THR M 38 -1.92 56.25 30.87
N LYS M 39 -1.72 56.82 32.06
CA LYS M 39 -1.05 58.11 32.22
C LYS M 39 0.03 57.96 33.28
N GLY M 40 1.12 58.68 33.11
CA GLY M 40 2.20 58.67 34.06
C GLY M 40 3.37 57.81 33.62
N SER M 41 4.47 57.95 34.35
CA SER M 41 5.69 57.23 34.02
C SER M 41 5.71 55.81 34.53
N ILE M 42 4.92 55.50 35.56
CA ILE M 42 4.88 54.17 36.15
C ILE M 42 3.43 53.80 36.43
N VAL M 43 3.06 52.56 36.13
CA VAL M 43 1.74 52.03 36.42
C VAL M 43 1.87 50.89 37.40
N HIS M 44 1.11 50.94 38.49
CA HIS M 44 1.22 49.99 39.58
C HIS M 44 0.06 49.01 39.57
N PHE M 45 0.36 47.73 39.71
CA PHE M 45 -0.65 46.68 39.77
C PHE M 45 -0.64 46.06 41.16
N PRO M 46 -1.67 46.30 41.98
CA PRO M 46 -1.69 45.67 43.32
C PRO M 46 -1.88 44.18 43.25
N VAL M 47 -1.28 43.47 44.19
CA VAL M 47 -1.31 42.01 44.26
C VAL M 47 -1.60 41.59 45.69
N PHE M 48 -2.46 40.58 45.84
CA PHE M 48 -2.78 40.00 47.13
C PHE M 48 -2.32 38.55 47.18
N GLY M 49 -1.93 38.10 48.36
CA GLY M 49 -1.43 36.76 48.57
C GLY M 49 -2.52 35.77 48.92
N GLU M 50 -2.14 34.75 49.66
CA GLU M 50 -3.06 33.70 50.10
C GLU M 50 -3.26 33.76 51.60
N GLY M 51 -4.50 33.49 52.03
CA GLY M 51 -4.80 33.30 53.43
C GLY M 51 -4.68 31.84 53.84
N MET M 52 -4.98 31.59 55.10
CA MET M 52 -4.96 30.23 55.62
C MET M 52 -5.91 30.15 56.82
N ALA M 53 -6.43 28.96 57.05
CA ALA M 53 -7.23 28.69 58.23
C ALA M 53 -6.41 27.88 59.24
N ASN M 54 -6.37 28.37 60.47
CA ASN M 54 -5.69 27.67 61.55
C ASN M 54 -6.69 27.32 62.64
N GLN M 55 -6.18 26.81 63.75
CA GLN M 55 -6.98 26.40 64.88
C GLN M 55 -6.50 27.12 66.12
N LYS M 56 -7.39 27.22 67.11
CA LYS M 56 -7.07 27.87 68.37
C LYS M 56 -7.91 27.24 69.47
N ALA M 57 -7.43 27.39 70.69
CA ALA M 57 -8.21 26.95 71.83
C ALA M 57 -9.44 27.83 72.00
N PRO M 58 -10.53 27.28 72.53
CA PRO M 58 -11.71 28.13 72.80
C PRO M 58 -11.36 29.26 73.74
N GLN M 59 -11.99 30.41 73.51
CA GLN M 59 -11.83 31.64 74.28
C GLN M 59 -10.44 32.24 74.14
N ASP M 60 -9.62 31.77 73.21
CA ASP M 60 -8.32 32.36 72.99
C ASP M 60 -8.38 33.44 71.91
N ASP M 61 -7.44 34.37 71.97
CA ASP M 61 -7.39 35.42 70.96
C ASP M 61 -7.08 34.83 69.59
N ILE M 62 -7.71 35.40 68.56
CA ILE M 62 -7.50 34.91 67.20
C ILE M 62 -6.11 35.32 66.73
N THR M 63 -5.47 34.44 65.97
CA THR M 63 -4.13 34.69 65.43
C THR M 63 -4.20 34.57 63.92
N PRO M 64 -4.36 35.67 63.19
CA PRO M 64 -4.55 35.56 61.75
C PRO M 64 -3.33 35.02 61.03
N MET M 65 -3.57 34.27 59.96
CA MET M 65 -2.52 33.89 59.03
C MET M 65 -2.34 35.03 58.04
N ASN M 66 -1.17 35.68 58.10
CA ASN M 66 -0.99 36.94 57.40
C ASN M 66 -1.01 36.74 55.88
N VAL M 67 -1.66 37.67 55.19
CA VAL M 67 -1.75 37.67 53.74
C VAL M 67 -0.73 38.66 53.20
N SER M 68 0.17 38.18 52.35
CA SER M 68 1.21 39.04 51.80
C SER M 68 0.63 39.97 50.73
N ASN M 69 1.33 41.08 50.53
CA ASN M 69 0.98 42.02 49.48
C ASN M 69 2.25 42.45 48.77
N ARG M 70 2.12 42.79 47.49
CA ARG M 70 3.24 43.34 46.74
C ARG M 70 2.68 44.15 45.59
N ASP M 71 3.53 45.02 45.06
CA ASP M 71 3.13 45.94 44.01
C ASP M 71 4.06 45.75 42.81
N ALA M 72 3.48 45.44 41.65
CA ALA M 72 4.23 45.26 40.42
C ALA M 72 4.08 46.51 39.57
N GLU M 73 5.20 47.17 39.29
CA GLU M 73 5.18 48.46 38.61
C GLU M 73 5.83 48.36 37.24
N ALA M 74 5.12 48.86 36.24
CA ALA M 74 5.61 48.88 34.86
C ALA M 74 6.10 50.28 34.53
N VAL M 75 7.31 50.35 33.97
CA VAL M 75 7.93 51.63 33.61
C VAL M 75 7.69 51.88 32.13
N ILE M 76 7.19 53.07 31.82
CA ILE M 76 6.79 53.42 30.46
C ILE M 76 8.01 53.92 29.69
N GLU M 77 8.15 53.46 28.45
CA GLU M 77 9.25 53.87 27.58
C GLU M 77 8.71 54.45 26.29
N ASP M 78 9.53 55.28 25.65
CA ASP M 78 9.17 55.95 24.41
C ASP M 78 10.10 55.49 23.29
N TRP M 79 9.53 55.10 22.15
CA TRP M 79 10.29 54.62 21.02
C TRP M 79 9.83 55.34 19.76
N TYR M 80 10.77 55.65 18.87
CA TYR M 80 10.50 56.41 17.66
C TYR M 80 10.99 55.65 16.45
N ALA M 81 10.15 55.54 15.42
CA ALA M 81 10.55 55.03 14.12
C ALA M 81 10.36 56.15 13.10
N SER M 82 11.43 56.53 12.42
CA SER M 82 11.42 57.72 11.58
C SER M 82 12.18 57.48 10.29
N GLU M 83 11.85 58.26 9.28
CA GLU M 83 12.61 58.29 8.04
C GLU M 83 12.34 59.60 7.33
N TYR M 84 13.24 59.94 6.40
CA TYR M 84 13.12 61.13 5.58
C TYR M 84 12.88 60.73 4.13
N ALA M 85 12.20 61.61 3.39
CA ALA M 85 11.94 61.40 1.98
C ALA M 85 12.18 62.73 1.28
N ASP M 86 13.35 62.88 0.67
CA ASP M 86 13.70 64.12 0.00
C ASP M 86 12.78 64.36 -1.19
N ARG M 87 12.45 65.64 -1.43
CA ARG M 87 11.55 65.98 -2.53
C ARG M 87 12.19 65.74 -3.88
N SER M 88 13.51 65.67 -3.96
CA SER M 88 14.17 65.45 -5.24
C SER M 88 13.98 64.04 -5.77
N PHE M 89 13.49 63.12 -4.95
CA PHE M 89 13.22 61.76 -5.39
C PHE M 89 11.78 61.55 -5.84
N GLN M 90 10.94 62.58 -5.77
CA GLN M 90 9.54 62.40 -6.14
C GLN M 90 9.40 62.09 -7.63
N ASN M 91 10.09 62.85 -8.47
CA ASN M 91 10.03 62.62 -9.92
C ASN M 91 11.03 61.58 -10.38
N LYS M 92 11.86 61.05 -9.48
CA LYS M 92 12.91 60.12 -9.87
C LYS M 92 12.58 58.67 -9.55
N LEU M 93 11.51 58.41 -8.82
CA LEU M 93 11.15 57.06 -8.41
C LEU M 93 9.83 56.63 -9.03
N ALA M 94 9.71 55.33 -9.28
CA ALA M 94 8.46 54.75 -9.73
C ALA M 94 7.55 54.35 -8.58
N VAL M 95 8.06 54.36 -7.35
CA VAL M 95 7.27 54.05 -6.19
C VAL M 95 7.03 55.32 -5.39
N ASN M 96 6.15 55.24 -4.39
CA ASN M 96 5.89 56.36 -3.50
C ASN M 96 6.66 56.12 -2.20
N ALA M 97 7.74 56.88 -2.01
CA ALA M 97 8.61 56.64 -0.86
C ALA M 97 7.90 56.93 0.45
N VAL M 98 7.06 57.97 0.48
CA VAL M 98 6.39 58.32 1.73
C VAL M 98 5.45 57.21 2.18
N GLU M 99 4.70 56.63 1.25
CA GLU M 99 3.81 55.53 1.61
C GLU M 99 4.59 54.30 2.07
N GLU M 100 5.70 53.99 1.39
CA GLU M 100 6.51 52.85 1.80
C GLU M 100 7.09 53.06 3.18
N TYR M 101 7.60 54.26 3.46
CA TYR M 101 8.20 54.53 4.76
C TYR M 101 7.15 54.49 5.86
N ALA M 102 5.94 54.97 5.58
CA ALA M 102 4.87 54.92 6.57
C ALA M 102 4.54 53.48 6.92
N LYS M 103 4.50 52.60 5.93
CA LYS M 103 4.25 51.19 6.18
C LYS M 103 5.39 50.57 6.99
N LEU M 104 6.63 50.85 6.60
CA LEU M 104 7.76 50.23 7.27
C LEU M 104 7.92 50.73 8.70
N CYS M 105 7.68 52.02 8.93
CA CYS M 105 7.80 52.55 10.28
C CYS M 105 6.73 52.00 11.21
N ALA M 106 5.51 51.76 10.68
CA ALA M 106 4.47 51.15 11.51
C ALA M 106 4.86 49.73 11.92
N TRP M 107 5.47 48.98 11.02
CA TRP M 107 5.91 47.63 11.37
C TRP M 107 7.04 47.67 12.39
N ALA M 108 7.92 48.66 12.29
CA ALA M 108 9.00 48.78 13.26
C ALA M 108 8.46 49.04 14.65
N ILE M 109 7.44 49.90 14.76
CA ILE M 109 6.80 50.15 16.05
C ILE M 109 6.15 48.87 16.56
N GLY M 110 5.49 48.13 15.68
CA GLY M 110 4.84 46.90 16.10
C GLY M 110 5.81 45.86 16.62
N ARG M 111 6.97 45.75 15.99
CA ARG M 111 7.96 44.78 16.44
C ARG M 111 8.53 45.16 17.80
N ARG M 112 8.71 46.46 18.05
CA ARG M 112 9.17 46.91 19.36
C ARG M 112 8.12 46.60 20.43
N ALA M 113 6.84 46.74 20.10
CA ALA M 113 5.80 46.40 21.07
C ALA M 113 5.89 44.94 21.47
N ASP M 114 6.19 44.06 20.51
CA ASP M 114 6.39 42.65 20.83
C ASP M 114 7.63 42.45 21.71
N GLN M 115 8.70 43.18 21.42
CA GLN M 115 9.94 43.00 22.17
C GLN M 115 9.78 43.41 23.62
N ILE M 116 8.96 44.41 23.90
CA ILE M 116 8.73 44.81 25.29
C ILE M 116 8.07 43.68 26.06
N ASN M 117 7.09 43.01 25.44
CA ASN M 117 6.45 41.87 26.09
C ASN M 117 7.43 40.73 26.30
N ILE M 118 8.25 40.43 25.29
CA ILE M 118 9.17 39.29 25.37
C ILE M 118 10.21 39.54 26.45
N ASP M 119 10.75 40.76 26.52
CA ASP M 119 11.78 41.06 27.50
C ASP M 119 11.25 40.90 28.92
N THR M 120 10.02 41.34 29.16
CA THR M 120 9.43 41.21 30.50
C THR M 120 9.24 39.76 30.88
N ILE M 121 8.72 38.94 29.97
CA ILE M 121 8.47 37.54 30.27
C ILE M 121 9.78 36.79 30.47
N ALA M 122 10.74 37.00 29.57
CA ALA M 122 12.01 36.30 29.67
C ALA M 122 12.88 36.81 30.79
N GLY M 123 12.61 38.01 31.30
CA GLY M 123 13.40 38.57 32.36
C GLY M 123 13.07 38.11 33.75
N ALA M 124 12.02 37.31 33.90
CA ALA M 124 11.65 36.80 35.21
C ALA M 124 12.63 35.71 35.65
N THR M 125 12.57 35.36 36.92
CA THR M 125 13.43 34.34 37.51
C THR M 125 12.69 33.02 37.50
N TYR M 126 13.29 32.01 36.88
CA TYR M 126 12.69 30.68 36.76
C TYR M 126 13.54 29.68 37.52
N SER M 127 12.88 28.79 38.25
CA SER M 127 13.57 27.76 39.02
C SER M 127 12.82 26.45 38.91
N ALA M 128 13.56 25.35 39.04
CA ALA M 128 12.93 24.03 39.04
C ALA M 128 12.19 23.74 40.33
N THR M 129 12.43 24.51 41.38
CA THR M 129 11.70 24.42 42.64
C THR M 129 11.27 25.81 43.05
N PRO M 130 10.35 26.41 42.30
CA PRO M 130 10.08 27.84 42.46
C PRO M 130 9.36 28.16 43.77
N ASN M 131 9.61 29.36 44.26
CA ASN M 131 8.84 29.91 45.36
C ASN M 131 7.73 30.79 44.79
N ASP M 132 7.04 31.54 45.65
CA ASP M 132 5.89 32.31 45.19
C ASP M 132 6.27 33.41 44.21
N GLN M 133 7.52 33.83 44.20
CA GLN M 133 7.97 34.91 43.35
C GLN M 133 8.80 34.44 42.17
N GLN M 134 8.79 33.15 41.87
CA GLN M 134 9.57 32.59 40.77
C GLN M 134 8.68 31.79 39.86
N GLY M 135 8.93 31.88 38.55
CA GLY M 135 8.28 31.00 37.62
C GLY M 135 8.87 29.61 37.63
N ALA M 136 8.11 28.65 37.12
CA ALA M 136 8.56 27.28 37.07
C ALA M 136 9.44 27.05 35.85
N LEU M 137 10.43 26.17 36.00
CA LEU M 137 11.39 25.89 34.95
C LEU M 137 11.41 24.40 34.65
N VAL M 138 11.36 24.07 33.36
CA VAL M 138 11.59 22.71 32.90
C VAL M 138 13.01 22.68 32.35
N PRO M 139 13.94 22.01 33.04
CA PRO M 139 15.35 22.10 32.64
C PRO M 139 15.60 21.44 31.30
N VAL M 140 16.70 21.87 30.67
CA VAL M 140 17.01 21.42 29.32
C VAL M 140 17.27 19.92 29.29
N GLY M 141 17.95 19.40 30.30
CA GLY M 141 18.31 17.99 30.26
C GLY M 141 19.27 17.73 29.12
N THR M 142 18.94 16.75 28.29
CA THR M 142 19.75 16.37 27.14
C THR M 142 18.89 16.11 25.92
N THR M 143 17.75 16.80 25.83
CA THR M 143 16.81 16.57 24.75
C THR M 143 16.31 17.90 24.22
N GLY M 144 15.58 17.83 23.11
CA GLY M 144 14.91 18.98 22.56
C GLY M 144 13.52 19.14 23.15
N PHE M 145 12.69 19.88 22.42
CA PHE M 145 11.31 20.11 22.85
C PHE M 145 10.50 18.87 22.52
N THR M 146 10.38 17.97 23.48
CA THR M 146 9.67 16.72 23.29
C THR M 146 8.25 16.82 23.84
N PHE M 147 7.48 15.75 23.66
CA PHE M 147 6.16 15.69 24.27
C PHE M 147 6.25 15.65 25.78
N GLU M 148 7.31 15.05 26.33
CA GLU M 148 7.47 15.01 27.78
C GLU M 148 7.62 16.41 28.36
N LYS M 149 8.39 17.26 27.70
CA LYS M 149 8.54 18.62 28.18
C LYS M 149 7.26 19.42 28.04
N LEU M 150 6.49 19.16 26.99
CA LEU M 150 5.19 19.83 26.84
C LEU M 150 4.25 19.43 27.97
N ARG M 151 4.25 18.16 28.34
CA ARG M 151 3.39 17.72 29.44
C ARG M 151 3.84 18.32 30.76
N GLN M 152 5.16 18.44 30.97
CA GLN M 152 5.65 19.00 32.22
C GLN M 152 5.26 20.46 32.36
N ALA M 153 5.33 21.22 31.27
CA ALA M 153 4.93 22.62 31.33
C ALA M 153 3.46 22.76 31.67
N HIS M 154 2.61 21.91 31.08
CA HIS M 154 1.20 21.92 31.44
C HIS M 154 1.00 21.49 32.88
N ARG M 155 1.87 20.62 33.39
CA ARG M 155 1.76 20.21 34.78
C ARG M 155 1.98 21.38 35.72
N TRP M 156 2.96 22.23 35.42
CA TRP M 156 3.28 23.33 36.32
C TRP M 156 2.14 24.33 36.39
N LEU M 157 1.50 24.62 35.26
CA LEU M 157 0.34 25.51 35.28
C LEU M 157 -0.80 24.91 36.10
N ARG M 158 -1.06 23.62 35.92
CA ARG M 158 -2.10 22.96 36.68
C ARG M 158 -1.78 22.93 38.17
N GLN M 159 -0.53 22.64 38.51
CA GLN M 159 -0.16 22.48 39.91
C GLN M 159 -0.28 23.78 40.68
N ARG M 160 0.07 24.91 40.06
CA ARG M 160 0.05 26.20 40.72
C ARG M 160 -1.25 26.96 40.45
N SER M 161 -2.31 26.26 40.08
CA SER M 161 -3.65 26.83 39.93
C SER M 161 -3.67 27.99 38.94
N ALA M 162 -2.90 27.87 37.86
CA ALA M 162 -2.83 28.89 36.84
C ALA M 162 -3.27 28.34 35.49
N ASN M 163 -4.12 27.33 35.49
CA ASN M 163 -4.49 26.62 34.27
C ASN M 163 -5.90 26.93 33.80
N ARG M 164 -6.46 28.07 34.21
CA ARG M 164 -7.76 28.49 33.73
C ARG M 164 -7.70 29.92 33.25
N GLY M 165 -8.53 30.23 32.26
CA GLY M 165 -8.44 31.47 31.55
C GLY M 165 -7.75 31.30 30.22
N LYS M 166 -7.17 32.39 29.74
CA LYS M 166 -6.44 32.35 28.49
C LYS M 166 -4.97 32.05 28.74
N ARG M 167 -4.44 31.05 28.06
CA ARG M 167 -3.06 30.61 28.20
C ARG M 167 -2.38 30.63 26.85
N THR M 168 -1.20 31.23 26.79
CA THR M 168 -0.46 31.41 25.55
C THR M 168 0.91 30.77 25.67
N VAL M 169 1.38 30.18 24.58
CA VAL M 169 2.71 29.59 24.50
C VAL M 169 3.45 30.32 23.41
N ILE M 170 4.54 30.99 23.76
CA ILE M 170 5.38 31.67 22.77
C ILE M 170 6.63 30.83 22.56
N ILE M 171 6.85 30.41 21.32
CA ILE M 171 7.98 29.57 20.94
C ILE M 171 8.58 30.15 19.67
N ASP M 172 9.83 29.81 19.42
CA ASP M 172 10.50 30.24 18.21
C ASP M 172 10.42 29.13 17.17
N ALA M 173 11.03 29.37 16.01
CA ALA M 173 10.90 28.44 14.89
C ALA M 173 11.53 27.08 15.19
N ILE M 174 12.67 27.06 15.88
CA ILE M 174 13.31 25.79 16.18
C ILE M 174 12.44 24.94 17.09
N ALA M 175 11.78 25.58 18.06
CA ALA M 175 10.88 24.84 18.93
C ALA M 175 9.72 24.24 18.14
N GLU M 176 9.18 24.98 17.17
CA GLU M 176 8.12 24.44 16.34
C GLU M 176 8.61 23.28 15.49
N GLU M 177 9.83 23.37 14.98
CA GLU M 177 10.38 22.29 14.16
C GLU M 177 10.47 20.99 14.94
N GLN M 178 10.93 21.06 16.19
CA GLN M 178 11.04 19.85 16.99
C GLN M 178 9.69 19.33 17.44
N LEU M 179 8.76 20.24 17.77
CA LEU M 179 7.44 19.80 18.20
C LEU M 179 6.62 19.21 17.05
N LEU M 180 6.98 19.51 15.81
CA LEU M 180 6.28 18.91 14.68
C LEU M 180 6.56 17.43 14.55
N ASN M 181 7.55 16.91 15.26
CA ASN M 181 7.83 15.48 15.29
C ASN M 181 7.02 14.73 16.33
N VAL M 182 6.29 15.43 17.19
CA VAL M 182 5.50 14.79 18.22
C VAL M 182 4.23 14.21 17.60
N GLU M 183 4.00 12.92 17.83
CA GLU M 183 2.83 12.27 17.24
C GLU M 183 1.53 12.77 17.82
N GLN M 184 1.51 13.08 19.12
CA GLN M 184 0.29 13.51 19.77
C GLN M 184 -0.19 14.88 19.31
N LEU M 185 0.66 15.65 18.61
CA LEU M 185 0.25 16.94 18.09
C LEU M 185 -0.18 16.89 16.63
N THR M 186 0.25 15.88 15.88
CA THR M 186 0.01 15.82 14.45
C THR M 186 -0.92 14.70 14.03
N ASN M 187 -1.11 13.68 14.84
CA ASN M 187 -2.00 12.57 14.52
C ASN M 187 -3.44 12.97 14.79
N SER M 188 -4.31 12.79 13.80
CA SER M 188 -5.69 13.21 13.93
C SER M 188 -6.50 12.35 14.89
N PHE M 189 -5.96 11.25 15.37
CA PHE M 189 -6.64 10.43 16.36
C PHE M 189 -6.30 10.84 17.79
N TYR M 190 -5.40 11.81 17.95
CA TYR M 190 -5.15 12.44 19.25
C TYR M 190 -5.75 13.83 19.36
N VAL M 191 -5.77 14.59 18.26
CA VAL M 191 -6.34 15.93 18.23
C VAL M 191 -7.24 16.04 17.01
N ASN M 192 -8.14 17.01 17.07
CA ASN M 192 -9.13 17.14 16.00
C ASN M 192 -8.53 17.67 14.71
N GLN M 193 -7.67 18.68 14.81
CA GLN M 193 -7.12 19.31 13.63
C GLN M 193 -6.01 18.45 13.01
N LYS M 194 -5.61 18.83 11.80
CA LYS M 194 -4.50 18.22 11.09
C LYS M 194 -3.53 19.34 10.76
N ILE M 195 -2.59 19.63 11.67
CA ILE M 195 -1.74 20.80 11.52
C ILE M 195 -0.76 20.65 10.37
N LEU M 196 -0.49 19.43 9.91
CA LEU M 196 0.41 19.27 8.78
C LEU M 196 -0.24 19.62 7.46
N ASP M 197 -1.56 19.83 7.43
CA ASP M 197 -2.26 20.35 6.27
C ASP M 197 -2.53 21.83 6.38
N ASN M 198 -1.89 22.52 7.33
CA ASN M 198 -2.27 23.86 7.73
C ASN M 198 -0.98 24.59 8.13
N ASP M 199 -1.13 25.66 8.91
CA ASP M 199 -0.01 26.51 9.29
C ASP M 199 0.83 25.91 10.41
N GLY M 200 0.76 24.60 10.62
CA GLY M 200 1.61 23.97 11.61
C GLY M 200 1.22 24.36 13.03
N LEU M 201 2.23 24.67 13.84
CA LEU M 201 1.98 25.03 15.23
C LEU M 201 1.42 26.43 15.40
N HIS M 202 1.55 27.28 14.38
CA HIS M 202 1.09 28.66 14.51
C HIS M 202 -0.42 28.70 14.58
N GLY M 203 -0.94 29.25 15.68
CA GLY M 203 -2.38 29.34 15.87
C GLY M 203 -3.04 28.07 16.34
N MET M 204 -2.27 27.02 16.63
CA MET M 204 -2.84 25.77 17.09
C MET M 204 -3.24 25.88 18.56
N THR M 205 -4.34 25.24 18.91
CA THR M 205 -4.79 25.12 20.29
C THR M 205 -4.56 23.70 20.78
N PHE M 206 -3.87 23.57 21.90
CA PHE M 206 -3.56 22.26 22.46
C PHE M 206 -3.73 22.34 23.97
N LEU M 207 -4.59 21.48 24.52
CA LEU M 207 -4.88 21.46 25.95
C LEU M 207 -5.40 22.81 26.44
N GLY M 208 -6.07 23.55 25.56
CA GLY M 208 -6.61 24.84 25.91
C GLY M 208 -5.63 25.99 25.82
N MET M 209 -4.43 25.75 25.31
CA MET M 209 -3.40 26.78 25.19
C MET M 209 -3.19 27.14 23.72
N ASN M 210 -3.01 28.42 23.45
CA ASN M 210 -2.80 28.92 22.09
C ASN M 210 -1.31 29.08 21.83
N PHE M 211 -0.86 28.58 20.69
CA PHE M 211 0.56 28.63 20.32
C PHE M 211 0.81 29.81 19.41
N ILE M 212 1.86 30.58 19.70
CA ILE M 212 2.31 31.68 18.88
C ILE M 212 3.77 31.45 18.55
N VAL M 213 4.12 31.49 17.27
CA VAL M 213 5.49 31.29 16.83
C VAL M 213 6.11 32.64 16.53
N ILE M 214 7.15 32.99 17.28
CA ILE M 214 7.84 34.27 17.12
C ILE M 214 8.98 34.10 16.13
N PRO M 215 8.98 34.84 15.03
CA PRO M 215 10.11 34.79 14.09
C PRO M 215 11.31 35.52 14.66
N SER M 216 12.45 35.34 14.00
CA SER M 216 13.65 36.07 14.39
C SER M 216 13.47 37.54 14.08
N MET M 217 13.77 38.38 15.07
CA MET M 217 13.64 39.82 14.94
C MET M 217 14.97 40.48 15.24
N GLN M 218 15.31 41.51 14.46
CA GLN M 218 16.53 42.25 14.74
C GLN M 218 16.45 43.01 16.06
N GLU M 219 15.24 43.24 16.56
CA GLU M 219 15.09 43.80 17.90
C GLU M 219 15.54 42.83 18.98
N GLY M 220 15.67 41.54 18.65
CA GLY M 220 16.18 40.56 19.58
C GLY M 220 15.42 39.26 19.55
N GLY M 221 14.11 39.32 19.34
CA GLY M 221 13.31 38.12 19.30
C GLY M 221 13.31 37.39 20.63
N LEU M 222 13.02 36.10 20.56
CA LEU M 222 13.05 35.26 21.75
C LEU M 222 14.50 34.98 22.14
N PRO M 223 14.89 35.25 23.39
CA PRO M 223 16.29 35.09 23.77
C PRO M 223 16.70 33.63 23.84
N THR M 224 18.00 33.41 23.71
CA THR M 224 18.60 32.09 23.85
C THR M 224 19.49 32.07 25.08
N THR M 225 19.97 30.88 25.44
CA THR M 225 20.81 30.72 26.61
C THR M 225 21.78 29.57 26.36
N GLY M 226 22.68 29.36 27.31
CA GLY M 226 23.69 28.33 27.18
C GLY M 226 24.68 28.57 26.06
N GLY M 227 25.06 29.82 25.84
CA GLY M 227 25.97 30.14 24.75
C GLY M 227 25.39 29.88 23.38
N GLY M 228 24.09 30.13 23.20
CA GLY M 228 23.47 29.96 21.91
C GLY M 228 23.14 28.52 21.54
N THR M 229 23.15 27.61 22.51
CA THR M 229 22.85 26.21 22.23
C THR M 229 21.55 25.74 22.87
N VAL M 230 20.96 26.52 23.77
CA VAL M 230 19.73 26.14 24.46
C VAL M 230 18.68 27.20 24.16
N GLY M 231 17.55 26.77 23.61
CA GLY M 231 16.44 27.66 23.38
C GLY M 231 15.51 27.74 24.57
N ARG M 232 14.71 28.80 24.60
CA ARG M 232 13.78 29.04 25.70
C ARG M 232 12.38 29.27 25.14
N ALA M 233 11.40 28.58 25.71
CA ALA M 233 10.00 28.76 25.39
C ALA M 233 9.24 29.10 26.66
N PHE M 234 8.11 29.79 26.51
CA PHE M 234 7.41 30.33 27.67
C PHE M 234 5.92 30.03 27.57
N PHE M 235 5.35 29.63 28.71
CA PHE M 235 3.93 29.42 28.87
C PHE M 235 3.41 30.50 29.80
N ILE M 236 2.46 31.30 29.32
CA ILE M 236 2.02 32.50 30.02
C ILE M 236 0.52 32.43 30.24
N ASN M 237 0.10 32.52 31.49
CA ASN M 237 -1.29 32.84 31.77
C ASN M 237 -1.53 34.32 31.55
N GLU M 238 -2.70 34.67 31.02
CA GLU M 238 -2.95 36.05 30.61
C GLU M 238 -2.83 37.00 31.80
N MET M 239 -3.36 36.61 32.96
CA MET M 239 -3.31 37.46 34.13
C MET M 239 -1.91 37.58 34.73
N ALA M 240 -0.95 36.78 34.27
CA ALA M 240 0.36 36.76 34.91
C ALA M 240 1.19 37.98 34.58
N VAL M 241 0.97 38.60 33.41
CA VAL M 241 1.80 39.70 32.95
C VAL M 241 0.90 40.89 32.63
N GLY M 242 1.32 42.07 33.07
CA GLY M 242 0.58 43.30 32.83
C GLY M 242 1.30 44.18 31.83
N TYR M 243 0.54 44.74 30.91
CA TYR M 243 1.06 45.59 29.84
C TYR M 243 0.31 46.91 29.86
N ALA M 244 1.03 47.99 30.15
CA ALA M 244 0.46 49.33 30.19
C ALA M 244 0.80 50.04 28.90
N GLN M 245 -0.22 50.53 28.21
CA GLN M 245 -0.07 51.09 26.87
C GLN M 245 -0.59 52.52 26.88
N SER M 246 0.32 53.49 27.01
CA SER M 246 -0.08 54.89 26.97
C SER M 246 -0.43 55.33 25.56
N GLU M 247 0.36 54.92 24.57
CA GLU M 247 0.08 55.26 23.18
C GLU M 247 0.50 54.07 22.32
N ARG M 248 -0.46 53.48 21.61
CA ARG M 248 -0.15 52.31 20.80
C ARG M 248 0.64 52.68 19.56
N LEU M 249 0.12 53.60 18.75
CA LEU M 249 0.78 53.99 17.51
C LEU M 249 0.36 55.41 17.17
N GLY M 250 1.20 56.38 17.52
CA GLY M 250 1.02 57.75 17.11
C GLY M 250 2.06 58.14 16.07
N GLY M 251 1.93 59.36 15.58
CA GLY M 251 2.89 59.83 14.59
C GLY M 251 2.44 61.12 13.94
N ASP M 252 3.30 61.59 13.04
CA ASP M 252 3.08 62.84 12.34
C ASP M 252 3.99 62.87 11.12
N ILE M 253 3.42 63.12 9.95
CA ILE M 253 4.17 63.31 8.71
C ILE M 253 4.14 64.78 8.37
N SER M 254 5.31 65.40 8.33
CA SER M 254 5.41 66.84 8.14
C SER M 254 6.39 67.17 7.03
N TRP M 255 6.17 68.32 6.40
CA TRP M 255 7.08 68.82 5.38
C TRP M 255 8.10 69.74 6.05
N GLU M 256 9.37 69.39 5.96
CA GLU M 256 10.45 70.18 6.53
C GLU M 256 11.09 70.96 5.39
N ASN M 257 10.79 72.26 5.33
CA ASN M 257 11.28 73.08 4.22
C ASN M 257 12.79 73.26 4.27
N ILE M 258 13.37 73.33 5.46
CA ILE M 258 14.81 73.54 5.58
C ILE M 258 15.57 72.37 4.97
N LYS M 259 15.13 71.15 5.23
CA LYS M 259 15.75 69.96 4.66
C LYS M 259 15.12 69.52 3.36
N THR M 260 14.10 70.24 2.89
CA THR M 260 13.39 69.92 1.64
C THR M 260 12.99 68.45 1.58
N SER M 261 12.53 67.92 2.70
CA SER M 261 12.18 66.52 2.81
C SER M 261 10.91 66.37 3.63
N TYR M 262 10.23 65.25 3.41
CA TYR M 262 9.14 64.85 4.28
C TYR M 262 9.70 64.01 5.42
N LEU M 263 9.23 64.29 6.63
CA LEU M 263 9.67 63.56 7.82
C LEU M 263 8.52 62.66 8.25
N ILE M 264 8.68 61.36 8.06
CA ILE M 264 7.73 60.37 8.55
C ILE M 264 8.15 59.98 9.95
N ASN M 265 7.31 60.29 10.94
CA ASN M 265 7.63 60.06 12.34
C ASN M 265 6.52 59.26 12.97
N MET M 266 6.87 58.19 13.67
CA MET M 266 5.92 57.39 14.43
C MET M 266 6.51 57.08 15.79
N TRP M 267 5.64 56.86 16.77
CA TRP M 267 6.09 56.64 18.13
C TRP M 267 5.11 55.75 18.88
N MET M 268 5.58 55.22 20.01
CA MET M 268 4.76 54.42 20.90
C MET M 268 5.22 54.67 22.33
N GLU M 269 4.33 54.36 23.27
CA GLU M 269 4.58 54.62 24.69
C GLU M 269 3.98 53.47 25.47
N ALA M 270 4.83 52.57 25.99
CA ALA M 270 4.31 51.41 26.69
C ALA M 270 5.37 50.84 27.61
N GLY M 271 4.91 49.98 28.52
CA GLY M 271 5.80 49.25 29.41
C GLY M 271 5.07 48.03 29.94
N ALA M 272 5.84 47.08 30.44
CA ALA M 272 5.28 45.82 30.90
C ALA M 272 5.96 45.41 32.20
N VAL M 273 5.28 44.54 32.95
CA VAL M 273 5.78 44.05 34.23
C VAL M 273 5.18 42.68 34.49
N VAL M 274 5.91 41.86 35.23
CA VAL M 274 5.40 40.56 35.66
C VAL M 274 4.58 40.74 36.93
N ILE M 275 3.31 40.38 36.86
CA ILE M 275 2.42 40.52 38.01
C ILE M 275 2.48 39.31 38.92
N ASP M 276 2.33 38.11 38.35
CA ASP M 276 2.30 36.87 39.12
C ASP M 276 3.19 35.84 38.45
N PRO M 277 4.38 35.59 39.00
CA PRO M 277 5.26 34.57 38.40
C PRO M 277 4.68 33.17 38.44
N LYS M 278 3.67 32.92 39.28
CA LYS M 278 3.08 31.59 39.35
C LYS M 278 2.41 31.17 38.05
N GLY M 279 2.12 32.13 37.16
CA GLY M 279 1.56 31.84 35.86
C GLY M 279 2.56 31.78 34.73
N LEU M 280 3.86 31.71 35.03
CA LEU M 280 4.90 31.69 34.02
C LEU M 280 5.68 30.39 34.12
N VAL M 281 5.87 29.73 32.99
CA VAL M 281 6.66 28.50 32.90
C VAL M 281 7.65 28.65 31.75
N GLU M 282 8.89 28.26 31.98
CA GLU M 282 9.92 28.26 30.95
C GLU M 282 10.32 26.83 30.64
N VAL M 283 10.43 26.52 29.36
CA VAL M 283 10.87 25.22 28.89
C VAL M 283 12.19 25.41 28.15
N ASP M 284 13.20 24.64 28.55
CA ASP M 284 14.52 24.70 27.93
C ASP M 284 14.74 23.46 27.08
N TYR M 285 15.36 23.65 25.92
CA TYR M 285 15.59 22.55 24.99
C TYR M 285 16.86 22.82 24.22
N LEU M 286 17.46 21.76 23.70
CA LEU M 286 18.67 21.88 22.91
C LEU M 286 18.32 22.26 21.48
N LEU M 287 19.03 23.25 20.94
CA LEU M 287 18.80 23.66 19.56
C LEU M 287 19.23 22.59 18.57
N GLU M 288 20.18 21.73 18.94
CA GLU M 288 20.58 20.57 18.14
C GLU M 288 20.53 19.35 19.03
N PRO M 289 19.34 18.75 19.21
CA PRO M 289 19.13 17.60 20.09
C PRO M 289 20.05 16.43 19.77
N ALA N 2 1.46 14.60 74.73
CA ALA N 2 1.76 15.34 73.52
C ALA N 2 1.20 16.76 73.60
N PHE N 3 1.33 17.50 72.50
CA PHE N 3 0.81 18.86 72.48
C PHE N 3 -0.71 18.86 72.55
N GLY N 4 -1.25 19.74 73.38
CA GLY N 4 -2.68 19.93 73.45
C GLY N 4 -3.04 21.36 73.17
N ILE N 5 -3.87 21.60 72.14
CA ILE N 5 -4.18 22.96 71.74
C ILE N 5 -4.93 23.69 72.85
N ASN N 6 -5.65 22.95 73.70
CA ASN N 6 -6.41 23.58 74.76
C ASN N 6 -5.52 24.18 75.85
N TYR N 7 -4.23 23.83 75.86
CA TYR N 7 -3.30 24.33 76.87
C TYR N 7 -2.43 25.47 76.37
N MET N 8 -2.65 25.95 75.15
CA MET N 8 -1.89 27.05 74.60
C MET N 8 -2.76 28.30 74.52
N GLY N 9 -2.18 29.43 74.91
CA GLY N 9 -2.91 30.69 74.89
C GLY N 9 -2.00 31.83 74.53
N ARG N 10 -2.61 32.90 74.00
CA ARG N 10 -1.87 34.10 73.66
C ARG N 10 -1.67 34.97 74.88
N VAL N 11 -0.52 35.63 74.93
CA VAL N 11 -0.19 36.59 75.97
C VAL N 11 -0.18 38.00 75.42
N SER N 12 0.50 38.21 74.29
CA SER N 12 0.56 39.54 73.70
C SER N 12 -0.79 39.92 73.12
N THR N 13 -1.29 41.09 73.51
CA THR N 13 -2.58 41.55 73.04
C THR N 13 -2.52 42.18 71.66
N SER N 14 -1.34 42.56 71.19
CA SER N 14 -1.23 43.30 69.95
C SER N 14 -1.53 42.41 68.75
N ALA N 15 -2.20 42.97 67.76
CA ALA N 15 -2.45 42.30 66.49
C ALA N 15 -1.44 42.69 65.43
N ASN N 16 -0.46 43.51 65.76
CA ASN N 16 0.59 43.87 64.83
C ASN N 16 1.41 42.64 64.47
N ASN N 17 1.46 42.31 63.19
CA ASN N 17 2.17 41.12 62.73
C ASN N 17 3.61 41.40 62.32
N ASP N 18 4.04 42.66 62.37
CA ASP N 18 5.43 43.00 62.10
C ASP N 18 6.32 42.83 63.34
N THR N 19 5.74 42.48 64.47
CA THR N 19 6.47 42.20 65.69
C THR N 19 6.13 40.79 66.15
N GLN N 20 6.90 40.30 67.12
CA GLN N 20 6.75 38.94 67.60
C GLN N 20 5.56 38.81 68.54
N LYS N 21 5.20 37.57 68.84
CA LYS N 21 4.10 37.26 69.74
C LYS N 21 4.62 36.52 70.96
N VAL N 22 3.83 36.55 72.02
CA VAL N 22 4.15 35.87 73.26
C VAL N 22 3.04 34.86 73.55
N TRP N 23 3.43 33.62 73.82
CA TRP N 23 2.51 32.54 74.13
C TRP N 23 2.79 32.03 75.53
N ILE N 24 1.86 31.24 76.04
CA ILE N 24 2.02 30.54 77.32
C ILE N 24 1.46 29.14 77.16
N TYR N 25 2.19 28.14 77.65
CA TYR N 25 1.77 26.75 77.54
C TYR N 25 1.66 26.14 78.92
N ASN N 26 0.57 25.41 79.15
CA ASN N 26 0.28 24.80 80.44
C ASN N 26 0.65 23.32 80.38
N GLY N 27 1.88 23.00 80.76
CA GLY N 27 2.33 21.62 80.87
C GLY N 27 2.33 21.07 82.27
N THR N 28 1.71 21.76 83.23
CA THR N 28 1.71 21.30 84.62
C THR N 28 0.72 20.14 84.77
N ALA N 29 0.47 19.75 86.02
CA ALA N 29 -0.42 18.62 86.28
C ALA N 29 -1.83 18.91 85.77
N THR N 30 -2.29 20.15 85.90
CA THR N 30 -3.59 20.52 85.38
C THR N 30 -3.61 20.64 83.86
N GLY N 31 -2.45 20.59 83.21
CA GLY N 31 -2.39 20.69 81.78
C GLY N 31 -1.99 19.38 81.11
N SER N 32 -0.95 19.43 80.29
CA SER N 32 -0.49 18.23 79.59
C SER N 32 0.37 17.33 80.46
N ASN N 33 0.85 17.82 81.60
CA ASN N 33 1.56 17.01 82.60
C ASN N 33 2.82 16.38 82.01
N GLU N 34 3.73 17.24 81.55
CA GLU N 34 5.03 16.78 81.07
C GLU N 34 6.10 17.76 81.54
N THR N 35 7.35 17.27 81.51
CA THR N 35 8.46 18.07 81.97
C THR N 35 8.81 19.15 80.96
N VAL N 36 9.57 20.15 81.42
CA VAL N 36 10.02 21.22 80.54
C VAL N 36 10.90 20.66 79.42
N ALA N 37 11.73 19.68 79.75
CA ALA N 37 12.60 19.08 78.74
C ALA N 37 11.79 18.40 77.64
N THR N 38 10.71 17.72 78.00
CA THR N 38 9.86 17.07 77.01
C THR N 38 9.22 18.11 76.09
N ILE N 39 8.69 19.18 76.67
CA ILE N 39 8.02 20.22 75.87
C ILE N 39 9.03 20.95 75.00
N ALA N 40 10.25 21.15 75.48
CA ALA N 40 11.26 21.88 74.74
C ALA N 40 11.98 21.01 73.73
N ALA N 41 11.64 19.72 73.64
CA ALA N 41 12.25 18.85 72.64
C ALA N 41 11.84 19.29 71.24
N SER N 42 12.69 18.96 70.27
CA SER N 42 12.45 19.37 68.90
C SER N 42 11.19 18.70 68.35
N GLY N 43 10.36 19.48 67.66
CA GLY N 43 9.17 18.96 67.03
C GLY N 43 7.99 18.76 67.93
N TYR N 44 8.07 19.17 69.20
CA TYR N 44 6.93 18.99 70.10
C TYR N 44 5.74 19.83 69.66
N PHE N 45 5.99 21.07 69.23
CA PHE N 45 4.93 21.99 68.82
C PHE N 45 4.56 21.84 67.36
N ASN N 46 4.87 20.71 66.73
CA ASN N 46 4.52 20.52 65.33
C ASN N 46 3.02 20.46 65.12
N ALA N 47 2.28 19.94 66.10
CA ALA N 47 0.83 19.83 65.97
C ALA N 47 0.15 21.20 65.97
N PHE N 48 0.81 22.23 66.50
CA PHE N 48 0.21 23.55 66.52
C PHE N 48 0.22 24.21 65.15
N MET N 49 1.13 23.82 64.27
CA MET N 49 1.23 24.43 62.96
C MET N 49 0.28 23.77 61.97
N VAL N 50 -0.19 24.57 61.02
CA VAL N 50 -1.07 24.04 59.98
C VAL N 50 -0.30 23.11 59.05
N ASN N 51 0.88 23.53 58.60
CA ASN N 51 1.75 22.74 57.74
C ASN N 51 3.18 23.02 58.14
N VAL N 52 3.73 22.19 59.03
CA VAL N 52 5.07 22.43 59.54
C VAL N 52 6.12 22.18 58.46
N ALA N 53 5.80 21.40 57.42
CA ALA N 53 6.75 21.17 56.34
C ALA N 53 7.03 22.47 55.59
N LEU N 54 6.01 23.27 55.36
CA LEU N 54 6.15 24.56 54.69
C LEU N 54 6.31 25.72 55.67
N GLY N 55 6.32 25.45 56.97
CA GLY N 55 6.43 26.51 57.95
C GLY N 55 5.24 27.44 58.01
N LYS N 56 4.03 26.90 57.95
CA LYS N 56 2.81 27.69 58.02
C LYS N 56 2.08 27.37 59.32
N GLY N 57 1.92 28.36 60.18
CA GLY N 57 1.22 28.18 61.42
C GLY N 57 1.19 29.44 62.26
N PRO N 58 0.49 29.38 63.39
CA PRO N 58 0.43 30.56 64.27
C PRO N 58 1.78 30.99 64.80
N LEU N 59 2.70 30.05 65.03
CA LEU N 59 4.00 30.39 65.59
C LEU N 59 4.89 31.01 64.53
N GLY N 60 5.68 32.01 64.94
CA GLY N 60 6.64 32.61 64.06
C GLY N 60 8.03 32.60 64.67
N VAL N 61 9.06 32.75 63.84
CA VAL N 61 10.42 32.71 64.34
C VAL N 61 10.67 33.91 65.23
N GLY N 62 11.19 33.65 66.43
CA GLY N 62 11.41 34.70 67.41
C GLY N 62 10.33 34.85 68.43
N ASP N 63 9.24 34.09 68.31
CA ASP N 63 8.16 34.17 69.30
C ASP N 63 8.67 33.66 70.65
N LEU N 64 8.12 34.24 71.71
CA LEU N 64 8.48 33.87 73.07
C LEU N 64 7.37 33.01 73.66
N ILE N 65 7.74 31.82 74.14
CA ILE N 65 6.80 30.88 74.73
C ILE N 65 7.15 30.72 76.20
N ILE N 66 6.17 30.95 77.06
CA ILE N 66 6.32 30.71 78.50
C ILE N 66 5.88 29.28 78.78
N ILE N 67 6.84 28.40 79.01
CA ILE N 67 6.55 26.99 79.22
C ILE N 67 6.46 26.72 80.71
N ASN N 68 5.34 26.19 81.15
CA ASN N 68 5.12 25.81 82.55
C ASN N 68 5.07 24.29 82.61
N GLY N 69 6.23 23.67 82.79
CA GLY N 69 6.27 22.24 82.95
C GLY N 69 5.80 21.80 84.32
N ASN N 70 5.69 20.49 84.50
CA ASN N 70 5.24 19.96 85.77
C ASN N 70 6.32 19.98 86.85
N ASP N 71 7.55 20.35 86.51
CA ASP N 71 8.63 20.46 87.48
C ASP N 71 9.24 21.85 87.57
N ALA N 72 9.16 22.65 86.52
CA ALA N 72 9.76 23.98 86.53
C ALA N 72 9.11 24.81 85.43
N SER N 73 9.59 26.04 85.28
CA SER N 73 9.11 26.93 84.24
C SER N 73 10.29 27.69 83.66
N ALA N 74 10.20 28.02 82.37
CA ALA N 74 11.30 28.72 81.72
C ALA N 74 10.78 29.42 80.47
N PHE N 75 11.36 30.58 80.18
CA PHE N 75 11.09 31.25 78.93
C PHE N 75 11.83 30.55 77.79
N TYR N 76 11.18 30.48 76.63
CA TYR N 76 11.76 29.84 75.47
C TYR N 76 11.48 30.68 74.24
N THR N 77 12.33 30.54 73.23
CA THR N 77 12.20 31.32 72.01
C THR N 77 12.21 30.38 70.81
N VAL N 78 11.26 30.58 69.90
CA VAL N 78 11.19 29.78 68.69
C VAL N 78 12.35 30.15 67.78
N GLN N 79 13.08 29.13 67.31
CA GLN N 79 14.21 29.33 66.41
C GLN N 79 13.89 28.97 64.97
N THR N 80 13.27 27.81 64.75
CA THR N 80 12.86 27.40 63.43
C THR N 80 11.42 26.93 63.47
N ILE N 81 10.71 27.14 62.36
CA ILE N 81 9.36 26.62 62.20
C ILE N 81 9.26 25.58 61.10
N THR N 82 10.28 25.42 60.26
CA THR N 82 10.32 24.36 59.27
C THR N 82 11.72 23.76 59.23
N PRO N 83 11.83 22.43 59.07
CA PRO N 83 10.75 21.44 58.94
C PRO N 83 10.25 20.98 60.30
N ASN N 84 10.80 21.53 61.38
CA ASN N 84 10.35 21.24 62.73
C ASN N 84 10.34 22.52 63.54
N VAL N 85 9.46 22.58 64.52
CA VAL N 85 9.43 23.70 65.46
C VAL N 85 10.39 23.38 66.59
N THR N 86 11.47 24.15 66.68
CA THR N 86 12.48 23.98 67.70
C THR N 86 12.61 25.25 68.52
N VAL N 87 12.84 25.08 69.81
CA VAL N 87 12.97 26.20 70.74
C VAL N 87 14.27 26.04 71.52
N SER N 88 14.77 27.17 72.01
CA SER N 88 15.92 27.19 72.89
C SER N 88 15.65 28.11 74.06
N VAL N 89 16.41 27.91 75.14
CA VAL N 89 16.11 28.58 76.40
C VAL N 89 16.29 30.09 76.24
N PHE N 90 15.69 30.82 77.18
CA PHE N 90 15.75 32.28 77.21
C PHE N 90 15.54 32.76 78.63
#